data_8QQP
#
_entry.id   8QQP
#
_cell.length_a   1.00
_cell.length_b   1.00
_cell.length_c   1.00
_cell.angle_alpha   90.00
_cell.angle_beta   90.00
_cell.angle_gamma   90.00
#
_symmetry.space_group_name_H-M   'P 1'
#
loop_
_entity.id
_entity.type
_entity.pdbx_description
1 polymer "Inosine-5'-monophosphate dehydrogenase"
2 non-polymer "ADENOSINE-5'-TRIPHOSPHATE"
3 non-polymer "GUANOSINE-5'-TRIPHOSPHATE"
4 non-polymer 'MAGNESIUM ION'
5 water water
#
_entity_poly.entity_id   1
_entity_poly.type   'polypeptide(L)'
_entity_poly.pdbx_seq_one_letter_code
;MSIAESSVPIAVPVPTGGDDPTKVAMLGLTFDDVLLLPAASDVVPATADTSSQLTKRIRLRVPLVSSAMDTVTESRMAIA
MARAGGMGVLHRNLPVAEQAGQVETVKRSEAGMVTDPVTCSPDNTLAEVDAMCARFRISGLPVVDDTGELVGIITNRDMR
FEVDQSKPVSEVMTKAPLITAKEGVSAEAALGLLRRHKIEKLPIVDGHGKLTGLITVKDFVKTEQFPLSTKDSDGRLLVG
AAVGVGDDAWTRAMTLVDAGVDVLIVDTAHAHNRGVLDMVSRLKQAVGERVDVVGGNVATRAAAAALVEAGADAVKVGVG
PGSICTTRVVAGVGAPQITAILEAVAACKPYGVPVIADGGLQYSGDIAKALAAGASTAMLGSLLAGTAESPGELIFVNGK
QFKSYRGMGSLGAMQGRGAAKSYSKDRYFQDDVLSEDKLVPEGIEGRVPFRGPLGTVIHQLTGGLRAAMGYTGSATIEQL
QQAQFVQITAAGLKESHPHDITMTVEAPNYYTR
;
_entity_poly.pdbx_strand_id   A,B,C,D,E,F,G,H
#
loop_
_chem_comp.id
_chem_comp.type
_chem_comp.name
_chem_comp.formula
ATP non-polymer ADENOSINE-5'-TRIPHOSPHATE 'C10 H16 N5 O13 P3'
GTP non-polymer GUANOSINE-5'-TRIPHOSPHATE 'C10 H16 N5 O14 P3'
MG non-polymer 'MAGNESIUM ION' 'Mg 2'
#
# COMPACT_ATOMS: atom_id res chain seq x y z
N VAL A 12 -28.40 7.04 41.08
CA VAL A 12 -29.21 8.18 40.65
C VAL A 12 -28.72 8.76 39.30
N PRO A 13 -27.42 9.06 39.17
CA PRO A 13 -26.93 9.52 37.87
C PRO A 13 -27.08 8.43 36.80
N VAL A 14 -27.41 8.86 35.58
CA VAL A 14 -27.45 7.95 34.44
C VAL A 14 -26.04 7.43 34.18
N PRO A 15 -25.87 6.14 33.86
CA PRO A 15 -24.50 5.62 33.68
C PRO A 15 -23.72 6.25 32.52
N THR A 16 -24.40 6.85 31.54
CA THR A 16 -23.73 7.57 30.48
C THR A 16 -23.70 9.07 30.68
N GLY A 17 -24.19 9.56 31.82
CA GLY A 17 -24.01 10.97 32.16
C GLY A 17 -25.31 11.72 32.33
N GLY A 18 -25.32 12.68 33.24
CA GLY A 18 -26.50 13.48 33.50
C GLY A 18 -27.47 12.78 34.43
N ASP A 19 -28.69 13.32 34.47
CA ASP A 19 -29.75 12.80 35.32
C ASP A 19 -31.01 12.43 34.56
N ASP A 20 -31.06 12.65 33.25
CA ASP A 20 -32.25 12.36 32.46
C ASP A 20 -32.08 11.00 31.79
N PRO A 21 -32.81 9.97 32.22
CA PRO A 21 -32.63 8.64 31.62
C PRO A 21 -33.19 8.50 30.22
N THR A 22 -33.93 9.48 29.71
CA THR A 22 -34.42 9.46 28.34
C THR A 22 -33.61 10.33 27.40
N LYS A 23 -32.52 10.95 27.88
CA LYS A 23 -31.65 11.73 27.00
C LYS A 23 -31.05 10.85 25.91
N VAL A 24 -30.53 9.69 26.28
CA VAL A 24 -30.15 8.64 25.33
C VAL A 24 -31.33 7.69 25.26
N ALA A 25 -32.16 7.84 24.22
CA ALA A 25 -33.46 7.19 24.21
C ALA A 25 -33.35 5.69 24.00
N MET A 26 -32.42 5.23 23.17
CA MET A 26 -32.33 3.80 22.86
C MET A 26 -30.98 3.50 22.23
N LEU A 27 -30.68 2.21 22.16
CA LEU A 27 -29.55 1.69 21.40
C LEU A 27 -30.05 1.21 20.04
N GLY A 28 -29.49 1.78 18.98
CA GLY A 28 -29.94 1.48 17.63
C GLY A 28 -29.11 0.39 16.97
N LEU A 29 -29.80 -0.61 16.43
CA LEU A 29 -29.18 -1.71 15.72
C LEU A 29 -29.28 -1.49 14.22
N THR A 30 -28.18 -1.76 13.51
CA THR A 30 -28.16 -1.78 12.06
C THR A 30 -28.08 -3.22 11.57
N PHE A 31 -28.09 -3.38 10.23
CA PHE A 31 -28.17 -4.73 9.64
C PHE A 31 -27.02 -5.60 10.08
N ASP A 32 -25.80 -5.05 10.12
CA ASP A 32 -24.63 -5.80 10.53
C ASP A 32 -24.67 -6.24 11.98
N ASP A 33 -25.57 -5.70 12.80
CA ASP A 33 -25.62 -6.08 14.21
C ASP A 33 -26.36 -7.39 14.47
N VAL A 34 -27.14 -7.89 13.51
CA VAL A 34 -28.03 -9.01 13.76
C VAL A 34 -27.85 -10.09 12.70
N LEU A 35 -28.25 -11.31 13.06
CA LEU A 35 -28.37 -12.41 12.14
C LEU A 35 -29.68 -13.14 12.39
N LEU A 36 -30.20 -13.80 11.36
CA LEU A 36 -31.43 -14.57 11.51
C LEU A 36 -31.13 -15.96 12.05
N LEU A 37 -31.87 -16.36 13.07
CA LEU A 37 -31.67 -17.66 13.71
C LEU A 37 -32.42 -18.76 12.93
N PRO A 38 -31.78 -19.90 12.68
CA PRO A 38 -32.50 -21.02 12.06
C PRO A 38 -33.60 -21.55 12.97
N ALA A 39 -34.67 -22.05 12.35
CA ALA A 39 -35.81 -22.58 13.07
C ALA A 39 -36.32 -23.81 12.36
N ALA A 40 -37.31 -24.47 12.97
CA ALA A 40 -37.90 -25.67 12.39
C ALA A 40 -38.51 -25.35 11.03
N SER A 41 -38.09 -26.10 10.01
CA SER A 41 -38.44 -25.75 8.64
C SER A 41 -38.84 -26.99 7.85
N ASP A 42 -39.95 -26.88 7.13
CA ASP A 42 -40.26 -27.78 6.02
C ASP A 42 -40.39 -27.02 4.71
N VAL A 43 -39.78 -25.84 4.62
CA VAL A 43 -39.89 -24.98 3.46
C VAL A 43 -38.72 -25.26 2.53
N VAL A 44 -39.03 -25.49 1.25
CA VAL A 44 -38.02 -25.63 0.21
C VAL A 44 -37.83 -24.26 -0.43
N PRO A 45 -36.60 -23.82 -0.66
CA PRO A 45 -36.39 -22.46 -1.20
C PRO A 45 -37.12 -22.18 -2.50
N ALA A 46 -37.28 -23.17 -3.37
CA ALA A 46 -37.95 -22.94 -4.65
C ALA A 46 -39.47 -22.83 -4.52
N THR A 47 -40.05 -23.37 -3.45
CA THR A 47 -41.49 -23.37 -3.25
C THR A 47 -41.98 -22.26 -2.33
N ALA A 48 -41.08 -21.49 -1.75
CA ALA A 48 -41.49 -20.42 -0.84
C ALA A 48 -42.18 -19.29 -1.59
N ASP A 49 -43.24 -18.76 -0.99
CA ASP A 49 -44.04 -17.70 -1.57
C ASP A 49 -43.49 -16.34 -1.12
N THR A 50 -43.00 -15.55 -2.07
CA THR A 50 -42.37 -14.27 -1.77
C THR A 50 -43.29 -13.08 -1.99
N SER A 51 -44.58 -13.29 -2.16
CA SER A 51 -45.50 -12.19 -2.36
C SER A 51 -45.72 -11.40 -1.07
N SER A 52 -45.94 -10.10 -1.21
CA SER A 52 -46.11 -9.23 -0.06
C SER A 52 -46.93 -8.00 -0.44
N GLN A 53 -47.45 -7.32 0.57
CA GLN A 53 -48.24 -6.11 0.37
C GLN A 53 -47.31 -4.91 0.19
N LEU A 54 -47.49 -4.18 -0.91
CA LEU A 54 -46.85 -2.87 -1.04
C LEU A 54 -47.64 -1.82 -0.29
N THR A 55 -48.91 -1.68 -0.63
CA THR A 55 -49.86 -0.89 0.14
C THR A 55 -51.02 -1.79 0.55
N LYS A 56 -52.06 -1.20 1.13
CA LYS A 56 -53.19 -2.00 1.60
C LYS A 56 -53.97 -2.63 0.46
N ARG A 57 -53.83 -2.13 -0.77
CA ARG A 57 -54.57 -2.65 -1.91
C ARG A 57 -53.71 -3.35 -2.95
N ILE A 58 -52.40 -3.18 -2.92
CA ILE A 58 -51.52 -3.70 -3.96
C ILE A 58 -50.59 -4.74 -3.35
N ARG A 59 -50.66 -5.97 -3.89
CA ARG A 59 -49.78 -7.06 -3.49
C ARG A 59 -48.81 -7.35 -4.63
N LEU A 60 -47.52 -7.42 -4.31
CA LEU A 60 -46.48 -7.69 -5.29
C LEU A 60 -46.08 -9.16 -5.22
N ARG A 61 -45.65 -9.71 -6.36
CA ARG A 61 -45.10 -11.05 -6.37
C ARG A 61 -43.67 -11.09 -5.84
N VAL A 62 -42.92 -10.02 -6.05
CA VAL A 62 -41.56 -9.88 -5.54
C VAL A 62 -41.52 -8.62 -4.69
N PRO A 63 -41.12 -8.69 -3.42
CA PRO A 63 -41.30 -7.57 -2.48
C PRO A 63 -40.23 -6.49 -2.61
N LEU A 64 -39.98 -6.04 -3.83
CA LEU A 64 -38.92 -5.10 -4.13
C LEU A 64 -39.46 -3.96 -4.96
N VAL A 65 -38.97 -2.76 -4.69
CA VAL A 65 -39.39 -1.54 -5.38
C VAL A 65 -38.14 -0.73 -5.71
N SER A 66 -38.11 -0.13 -6.89
CA SER A 66 -36.98 0.70 -7.29
C SER A 66 -37.17 2.13 -6.83
N SER A 67 -36.06 2.78 -6.52
CA SER A 67 -36.07 4.07 -5.82
C SER A 67 -36.33 5.22 -6.78
N ALA A 68 -36.89 6.30 -6.24
CA ALA A 68 -37.23 7.49 -7.02
C ALA A 68 -36.03 8.42 -7.13
N MET A 69 -34.96 7.90 -7.72
CA MET A 69 -33.72 8.65 -7.94
C MET A 69 -33.51 8.81 -9.43
N ASP A 70 -32.98 9.97 -9.84
CA ASP A 70 -32.83 10.26 -11.26
C ASP A 70 -31.78 9.38 -11.94
N THR A 71 -30.96 8.67 -11.17
CA THR A 71 -30.03 7.69 -11.72
C THR A 71 -30.55 6.27 -11.64
N VAL A 72 -31.82 6.08 -11.27
CA VAL A 72 -32.34 4.72 -11.09
C VAL A 72 -33.58 4.46 -11.92
N THR A 73 -34.66 5.22 -11.72
CA THR A 73 -35.97 4.87 -12.24
C THR A 73 -36.47 5.90 -13.23
N GLU A 74 -36.60 5.49 -14.49
CA GLU A 74 -37.44 6.15 -15.49
C GLU A 74 -38.34 5.08 -16.10
N SER A 75 -39.01 5.38 -17.21
CA SER A 75 -39.98 4.45 -17.79
C SER A 75 -39.38 3.06 -17.99
N ARG A 76 -38.17 2.98 -18.53
CA ARG A 76 -37.56 1.70 -18.85
C ARG A 76 -37.37 0.86 -17.59
N MET A 77 -36.85 1.47 -16.53
CA MET A 77 -36.69 0.77 -15.26
C MET A 77 -38.03 0.36 -14.67
N ALA A 78 -39.04 1.24 -14.78
CA ALA A 78 -40.34 0.92 -14.19
C ALA A 78 -40.98 -0.26 -14.90
N ILE A 79 -40.87 -0.31 -16.23
CA ILE A 79 -41.40 -1.44 -16.99
C ILE A 79 -40.67 -2.72 -16.62
N ALA A 80 -39.33 -2.66 -16.54
CA ALA A 80 -38.58 -3.86 -16.18
C ALA A 80 -38.91 -4.34 -14.77
N MET A 81 -39.06 -3.41 -13.82
CA MET A 81 -39.40 -3.77 -12.46
C MET A 81 -40.78 -4.39 -12.37
N ALA A 82 -41.76 -3.81 -13.06
CA ALA A 82 -43.11 -4.37 -13.02
C ALA A 82 -43.15 -5.75 -13.65
N ARG A 83 -42.38 -5.95 -14.73
CA ARG A 83 -42.33 -7.27 -15.35
C ARG A 83 -41.69 -8.30 -14.42
N ALA A 84 -40.65 -7.90 -13.70
CA ALA A 84 -39.96 -8.82 -12.79
C ALA A 84 -40.79 -9.18 -11.57
N GLY A 85 -41.92 -8.52 -11.33
CA GLY A 85 -42.78 -8.83 -10.22
C GLY A 85 -42.82 -7.77 -9.14
N GLY A 86 -42.07 -6.69 -9.28
CA GLY A 86 -42.08 -5.60 -8.33
C GLY A 86 -42.78 -4.37 -8.87
N MET A 87 -42.25 -3.19 -8.55
CA MET A 87 -42.77 -1.94 -9.09
C MET A 87 -41.65 -0.91 -9.04
N GLY A 88 -41.78 0.11 -9.90
CA GLY A 88 -40.86 1.21 -9.93
C GLY A 88 -41.55 2.49 -9.50
N VAL A 89 -40.78 3.40 -8.91
CA VAL A 89 -41.26 4.74 -8.56
C VAL A 89 -40.47 5.74 -9.39
N LEU A 90 -41.16 6.41 -10.31
CA LEU A 90 -40.53 7.40 -11.16
C LEU A 90 -40.06 8.61 -10.35
N HIS A 91 -38.82 9.02 -10.56
CA HIS A 91 -38.27 10.17 -9.86
C HIS A 91 -38.93 11.46 -10.33
N ARG A 92 -38.80 12.51 -9.52
CA ARG A 92 -39.48 13.77 -9.75
C ARG A 92 -38.54 14.92 -10.08
N ASN A 93 -37.27 14.65 -10.38
CA ASN A 93 -36.31 15.70 -10.71
C ASN A 93 -36.36 16.05 -12.20
N LEU A 94 -37.54 16.49 -12.63
CA LEU A 94 -37.81 16.74 -14.04
C LEU A 94 -39.17 17.45 -14.14
N PRO A 95 -39.43 18.14 -15.25
CA PRO A 95 -40.69 18.89 -15.38
C PRO A 95 -41.90 17.97 -15.29
N VAL A 96 -43.04 18.58 -14.90
CA VAL A 96 -44.27 17.82 -14.70
C VAL A 96 -44.67 17.09 -15.97
N ALA A 97 -44.57 17.76 -17.13
CA ALA A 97 -44.99 17.16 -18.38
C ALA A 97 -44.15 15.93 -18.72
N GLU A 98 -42.84 16.01 -18.50
CA GLU A 98 -41.97 14.86 -18.75
C GLU A 98 -42.34 13.69 -17.84
N GLN A 99 -42.60 13.96 -16.55
CA GLN A 99 -42.93 12.88 -15.62
C GLN A 99 -44.25 12.22 -15.99
N ALA A 100 -45.27 13.03 -16.35
CA ALA A 100 -46.54 12.47 -16.78
C ALA A 100 -46.37 11.66 -18.07
N GLY A 101 -45.51 12.14 -18.98
CA GLY A 101 -45.23 11.37 -20.18
C GLY A 101 -44.60 10.03 -19.89
N GLN A 102 -43.69 9.99 -18.91
CA GLN A 102 -43.10 8.71 -18.52
C GLN A 102 -44.14 7.79 -17.89
N VAL A 103 -45.06 8.35 -17.11
CA VAL A 103 -46.16 7.55 -16.57
C VAL A 103 -46.97 6.95 -17.71
N GLU A 104 -47.29 7.76 -18.72
CA GLU A 104 -48.05 7.28 -19.87
C GLU A 104 -47.30 6.20 -20.63
N THR A 105 -45.99 6.38 -20.79
CA THR A 105 -45.16 5.35 -21.43
C THR A 105 -45.24 4.03 -20.69
N VAL A 106 -45.15 4.07 -19.36
CA VAL A 106 -45.24 2.83 -18.59
C VAL A 106 -46.62 2.20 -18.75
N LYS A 107 -47.67 3.01 -18.65
CA LYS A 107 -49.03 2.47 -18.67
C LYS A 107 -49.42 1.88 -20.02
N ARG A 108 -48.73 2.26 -21.09
CA ARG A 108 -49.06 1.83 -22.44
C ARG A 108 -48.26 0.61 -22.91
N SER A 109 -47.36 0.09 -22.07
CA SER A 109 -46.45 -0.95 -22.52
C SER A 109 -47.18 -2.21 -22.95
N GLU A 110 -48.18 -2.64 -22.18
CA GLU A 110 -48.99 -3.78 -22.55
C GLU A 110 -50.36 -3.65 -21.91
N ALA A 111 -51.32 -4.39 -22.45
CA ALA A 111 -52.68 -4.36 -21.95
C ALA A 111 -53.41 -5.60 -22.43
N GLY A 112 -54.55 -5.90 -21.79
CA GLY A 112 -55.43 -6.92 -22.32
C GLY A 112 -56.03 -6.53 -23.65
N MET A 113 -56.28 -5.24 -23.84
CA MET A 113 -56.72 -4.70 -25.12
C MET A 113 -56.28 -3.25 -25.19
N VAL A 114 -55.69 -2.86 -26.32
CA VAL A 114 -55.27 -1.47 -26.54
C VAL A 114 -56.53 -0.66 -26.83
N THR A 115 -57.02 0.08 -25.83
CA THR A 115 -58.29 0.79 -25.96
C THR A 115 -58.17 2.07 -26.78
N ASP A 116 -56.96 2.59 -26.99
CA ASP A 116 -56.76 3.88 -27.65
C ASP A 116 -55.75 3.75 -28.78
N PRO A 117 -56.06 2.97 -29.82
CA PRO A 117 -55.06 2.69 -30.86
C PRO A 117 -54.65 3.95 -31.60
N VAL A 118 -53.40 3.95 -32.06
CA VAL A 118 -52.87 5.04 -32.87
C VAL A 118 -53.28 4.83 -34.32
N THR A 119 -54.43 5.37 -34.71
CA THR A 119 -54.92 5.22 -36.07
C THR A 119 -54.33 6.30 -36.97
N CYS A 120 -54.38 6.05 -38.28
CA CYS A 120 -53.95 6.99 -39.30
C CYS A 120 -55.10 7.22 -40.29
N SER A 121 -54.80 7.97 -41.35
CA SER A 121 -55.76 8.29 -42.40
C SER A 121 -55.18 7.89 -43.75
N PRO A 122 -56.04 7.56 -44.72
CA PRO A 122 -55.53 7.14 -46.04
C PRO A 122 -54.73 8.22 -46.75
N ASP A 123 -54.92 9.49 -46.40
CA ASP A 123 -54.16 10.57 -47.03
C ASP A 123 -52.74 10.66 -46.50
N ASN A 124 -52.43 9.98 -45.40
CA ASN A 124 -51.11 10.06 -44.81
C ASN A 124 -50.07 9.39 -45.70
N THR A 125 -48.89 9.99 -45.78
CA THR A 125 -47.79 9.39 -46.51
C THR A 125 -47.14 8.29 -45.67
N LEU A 126 -46.21 7.56 -46.29
CA LEU A 126 -45.48 6.54 -45.56
C LEU A 126 -44.54 7.16 -44.52
N ALA A 127 -43.97 8.32 -44.82
CA ALA A 127 -43.12 8.98 -43.84
C ALA A 127 -43.91 9.38 -42.60
N GLU A 128 -45.13 9.89 -42.79
CA GLU A 128 -45.96 10.31 -41.66
C GLU A 128 -46.25 9.15 -40.72
N VAL A 129 -46.69 8.02 -41.27
CA VAL A 129 -47.03 6.88 -40.43
C VAL A 129 -45.77 6.26 -39.83
N ASP A 130 -44.67 6.25 -40.56
CA ASP A 130 -43.41 5.72 -40.00
C ASP A 130 -42.96 6.57 -38.82
N ALA A 131 -43.08 7.89 -38.94
CA ALA A 131 -42.74 8.78 -37.83
C ALA A 131 -43.67 8.54 -36.64
N MET A 132 -44.96 8.33 -36.90
CA MET A 132 -45.89 7.98 -35.82
C MET A 132 -45.44 6.70 -35.12
N CYS A 133 -45.09 5.68 -35.90
CA CYS A 133 -44.65 4.40 -35.34
C CYS A 133 -43.43 4.59 -34.44
N ALA A 134 -42.40 5.27 -34.97
CA ALA A 134 -41.19 5.48 -34.19
C ALA A 134 -41.43 6.41 -33.00
N ARG A 135 -42.47 7.25 -33.06
CA ARG A 135 -42.85 8.07 -31.91
C ARG A 135 -43.41 7.20 -30.80
N PHE A 136 -44.35 6.30 -31.13
CA PHE A 136 -45.00 5.47 -30.13
C PHE A 136 -44.32 4.12 -29.93
N ARG A 137 -43.24 3.82 -30.66
CA ARG A 137 -42.53 2.55 -30.57
C ARG A 137 -43.47 1.37 -30.82
N ILE A 138 -44.13 1.42 -31.96
CA ILE A 138 -45.07 0.38 -32.38
C ILE A 138 -44.77 0.02 -33.84
N SER A 139 -45.53 -0.92 -34.36
CA SER A 139 -45.29 -1.46 -35.70
C SER A 139 -46.43 -1.23 -36.67
N GLY A 140 -47.67 -1.17 -36.23
CA GLY A 140 -48.80 -1.14 -37.14
C GLY A 140 -49.87 -0.19 -36.65
N LEU A 141 -50.63 0.34 -37.62
CA LEU A 141 -51.64 1.35 -37.38
C LEU A 141 -52.88 1.00 -38.20
N PRO A 142 -54.06 0.91 -37.58
CA PRO A 142 -55.30 0.93 -38.35
C PRO A 142 -55.46 2.28 -39.03
N VAL A 143 -56.30 2.30 -40.06
CA VAL A 143 -56.51 3.50 -40.86
C VAL A 143 -58.01 3.80 -40.90
N VAL A 144 -58.36 5.07 -40.67
CA VAL A 144 -59.75 5.50 -40.69
C VAL A 144 -59.89 6.70 -41.62
N ASP A 145 -61.07 6.82 -42.21
CA ASP A 145 -61.40 7.97 -43.04
C ASP A 145 -61.75 9.17 -42.17
N ASP A 146 -62.05 10.29 -42.82
CA ASP A 146 -62.31 11.54 -42.09
C ASP A 146 -63.54 11.45 -41.19
N THR A 147 -64.45 10.51 -41.46
CA THR A 147 -65.50 10.21 -40.49
C THR A 147 -64.98 9.40 -39.32
N GLY A 148 -64.02 8.52 -39.56
CA GLY A 148 -63.58 7.57 -38.56
C GLY A 148 -63.97 6.13 -38.82
N GLU A 149 -64.42 5.80 -40.03
CA GLU A 149 -64.83 4.45 -40.38
C GLU A 149 -63.63 3.66 -40.91
N LEU A 150 -63.43 2.46 -40.37
CA LEU A 150 -62.20 1.73 -40.59
C LEU A 150 -62.09 1.25 -42.04
N VAL A 151 -60.94 1.51 -42.65
CA VAL A 151 -60.76 1.24 -44.08
C VAL A 151 -59.49 0.45 -44.35
N GLY A 152 -58.86 -0.09 -43.32
CA GLY A 152 -57.71 -0.94 -43.51
C GLY A 152 -56.72 -0.83 -42.36
N ILE A 153 -55.57 -1.47 -42.56
CA ILE A 153 -54.50 -1.49 -41.58
C ILE A 153 -53.18 -1.52 -42.32
N ILE A 154 -52.18 -0.83 -41.78
CA ILE A 154 -50.84 -0.80 -42.36
C ILE A 154 -49.84 -1.22 -41.29
N THR A 155 -49.04 -2.23 -41.61
CA THR A 155 -48.07 -2.80 -40.68
C THR A 155 -46.67 -2.72 -41.28
N ASN A 156 -45.68 -3.11 -40.49
CA ASN A 156 -44.29 -2.89 -40.90
C ASN A 156 -43.87 -3.83 -42.03
N ARG A 157 -44.59 -4.94 -42.22
CA ARG A 157 -44.33 -5.79 -43.37
C ARG A 157 -44.72 -5.10 -44.67
N ASP A 158 -45.87 -4.41 -44.66
CA ASP A 158 -46.30 -3.66 -45.84
C ASP A 158 -45.29 -2.57 -46.20
N MET A 159 -44.84 -1.81 -45.20
CA MET A 159 -43.90 -0.73 -45.44
C MET A 159 -42.48 -1.21 -45.65
N ARG A 160 -42.17 -2.45 -45.26
CA ARG A 160 -40.86 -3.02 -45.57
C ARG A 160 -40.75 -3.36 -47.04
N PHE A 161 -41.88 -3.59 -47.71
CA PHE A 161 -41.90 -4.05 -49.09
C PHE A 161 -42.41 -2.98 -50.05
N GLU A 162 -42.38 -1.72 -49.65
CA GLU A 162 -42.62 -0.58 -50.52
C GLU A 162 -41.40 0.31 -50.48
N VAL A 163 -40.74 0.48 -51.63
CA VAL A 163 -39.48 1.21 -51.68
C VAL A 163 -39.72 2.71 -51.78
N ASP A 164 -40.75 3.12 -52.52
CA ASP A 164 -41.06 4.54 -52.68
C ASP A 164 -41.55 5.09 -51.34
N GLN A 165 -40.77 5.98 -50.75
CA GLN A 165 -41.09 6.53 -49.43
C GLN A 165 -42.05 7.71 -49.48
N SER A 166 -42.47 8.12 -50.68
CA SER A 166 -43.42 9.22 -50.82
C SER A 166 -44.85 8.74 -51.00
N LYS A 167 -45.07 7.43 -51.02
CA LYS A 167 -46.40 6.90 -51.30
C LYS A 167 -47.37 7.22 -50.16
N PRO A 168 -48.64 7.40 -50.47
CA PRO A 168 -49.66 7.50 -49.43
C PRO A 168 -49.97 6.13 -48.82
N VAL A 169 -50.72 6.17 -47.72
CA VAL A 169 -51.13 4.93 -47.07
C VAL A 169 -52.12 4.15 -47.94
N SER A 170 -53.00 4.86 -48.65
CA SER A 170 -54.05 4.21 -49.42
C SER A 170 -53.49 3.24 -50.46
N GLU A 171 -52.26 3.48 -50.93
CA GLU A 171 -51.66 2.60 -51.94
C GLU A 171 -51.02 1.36 -51.34
N VAL A 172 -50.72 1.37 -50.05
CA VAL A 172 -49.93 0.32 -49.41
C VAL A 172 -50.79 -0.54 -48.49
N MET A 173 -51.76 0.06 -47.81
CA MET A 173 -52.48 -0.60 -46.74
C MET A 173 -53.24 -1.82 -47.23
N THR A 174 -53.39 -2.80 -46.33
CA THR A 174 -54.30 -3.91 -46.58
C THR A 174 -55.74 -3.42 -46.41
N LYS A 175 -56.51 -3.46 -47.50
CA LYS A 175 -57.77 -2.76 -47.56
C LYS A 175 -58.90 -3.59 -46.93
N ALA A 176 -59.98 -2.89 -46.59
CA ALA A 176 -61.13 -3.52 -45.95
C ALA A 176 -61.87 -4.41 -46.95
N PRO A 177 -62.61 -5.42 -46.47
CA PRO A 177 -62.84 -5.80 -45.07
C PRO A 177 -61.69 -6.58 -44.44
N LEU A 178 -61.21 -6.12 -43.29
CA LEU A 178 -60.15 -6.81 -42.55
C LEU A 178 -60.74 -7.93 -41.70
N ILE A 179 -59.85 -8.75 -41.17
CA ILE A 179 -60.22 -9.64 -40.07
C ILE A 179 -60.36 -8.77 -38.82
N THR A 180 -61.59 -8.59 -38.35
CA THR A 180 -61.87 -7.80 -37.17
C THR A 180 -62.73 -8.62 -36.21
N ALA A 181 -63.09 -8.00 -35.08
CA ALA A 181 -64.01 -8.61 -34.14
C ALA A 181 -64.80 -7.50 -33.47
N LYS A 182 -65.93 -7.89 -32.87
CA LYS A 182 -66.80 -6.94 -32.20
C LYS A 182 -66.37 -6.76 -30.75
N GLU A 183 -66.89 -5.71 -30.11
CA GLU A 183 -66.66 -5.49 -28.69
C GLU A 183 -67.15 -6.68 -27.88
N GLY A 184 -66.52 -6.88 -26.72
CA GLY A 184 -66.90 -7.98 -25.84
C GLY A 184 -66.34 -9.33 -26.22
N VAL A 185 -65.58 -9.43 -27.31
CA VAL A 185 -64.93 -10.68 -27.65
C VAL A 185 -63.89 -11.00 -26.59
N SER A 186 -63.89 -12.24 -26.12
CA SER A 186 -62.95 -12.64 -25.09
C SER A 186 -61.55 -12.72 -25.66
N ALA A 187 -60.56 -12.75 -24.75
CA ALA A 187 -59.18 -12.93 -25.18
C ALA A 187 -59.00 -14.28 -25.87
N GLU A 188 -59.80 -15.28 -25.49
CA GLU A 188 -59.68 -16.60 -26.08
C GLU A 188 -60.14 -16.60 -27.54
N ALA A 189 -61.29 -15.99 -27.82
CA ALA A 189 -61.77 -15.95 -29.19
C ALA A 189 -60.90 -15.03 -30.06
N ALA A 190 -60.41 -13.94 -29.48
CA ALA A 190 -59.50 -13.07 -30.23
C ALA A 190 -58.21 -13.81 -30.59
N LEU A 191 -57.66 -14.55 -29.63
CA LEU A 191 -56.46 -15.33 -29.91
C LEU A 191 -56.75 -16.42 -30.94
N GLY A 192 -57.93 -17.04 -30.86
CA GLY A 192 -58.29 -18.05 -31.85
C GLY A 192 -58.38 -17.49 -33.25
N LEU A 193 -58.95 -16.29 -33.39
CA LEU A 193 -59.00 -15.65 -34.70
C LEU A 193 -57.60 -15.31 -35.21
N LEU A 194 -56.76 -14.75 -34.34
CA LEU A 194 -55.40 -14.43 -34.74
C LEU A 194 -54.62 -15.67 -35.13
N ARG A 195 -54.92 -16.81 -34.50
CA ARG A 195 -54.26 -18.06 -34.85
C ARG A 195 -54.80 -18.62 -36.17
N ARG A 196 -56.10 -18.48 -36.40
CA ARG A 196 -56.68 -18.99 -37.63
C ARG A 196 -56.18 -18.23 -38.85
N HIS A 197 -56.12 -16.90 -38.77
CA HIS A 197 -55.81 -16.10 -39.95
C HIS A 197 -54.35 -15.69 -40.04
N LYS A 198 -53.51 -16.17 -39.12
CA LYS A 198 -52.05 -15.98 -39.20
C LYS A 198 -51.66 -14.50 -39.28
N ILE A 199 -52.27 -13.69 -38.41
CA ILE A 199 -51.99 -12.27 -38.32
C ILE A 199 -51.73 -11.92 -36.87
N GLU A 200 -51.06 -10.79 -36.65
CA GLU A 200 -50.64 -10.35 -35.33
C GLU A 200 -51.55 -9.29 -34.73
N LYS A 201 -52.44 -8.68 -35.51
CA LYS A 201 -53.26 -7.57 -35.03
C LYS A 201 -54.73 -7.86 -35.31
N LEU A 202 -55.59 -7.27 -34.49
CA LEU A 202 -57.03 -7.51 -34.58
C LEU A 202 -57.75 -6.23 -34.18
N PRO A 203 -58.24 -5.45 -35.14
CA PRO A 203 -59.15 -4.36 -34.81
C PRO A 203 -60.40 -4.86 -34.11
N ILE A 204 -60.86 -4.10 -33.12
CA ILE A 204 -62.10 -4.36 -32.40
C ILE A 204 -63.03 -3.20 -32.68
N VAL A 205 -64.20 -3.49 -33.24
CA VAL A 205 -65.15 -2.48 -33.66
C VAL A 205 -66.47 -2.68 -32.93
N ASP A 206 -67.24 -1.60 -32.83
CA ASP A 206 -68.51 -1.62 -32.13
C ASP A 206 -69.63 -2.07 -33.07
N GLY A 207 -70.87 -1.91 -32.64
CA GLY A 207 -72.03 -2.33 -33.42
C GLY A 207 -72.24 -1.55 -34.71
N HIS A 208 -71.58 -0.41 -34.86
CA HIS A 208 -71.74 0.44 -36.03
C HIS A 208 -70.52 0.42 -36.95
N GLY A 209 -69.55 -0.46 -36.68
CA GLY A 209 -68.35 -0.53 -37.48
C GLY A 209 -67.25 0.43 -37.08
N LYS A 210 -67.43 1.18 -36.00
CA LYS A 210 -66.41 2.12 -35.55
C LYS A 210 -65.36 1.40 -34.71
N LEU A 211 -64.10 1.72 -34.96
CA LEU A 211 -63.00 1.09 -34.24
C LEU A 211 -63.00 1.52 -32.78
N THR A 212 -62.97 0.56 -31.86
CA THR A 212 -62.94 0.85 -30.44
C THR A 212 -61.81 0.14 -29.69
N GLY A 213 -61.03 -0.70 -30.35
CA GLY A 213 -59.91 -1.33 -29.68
C GLY A 213 -58.98 -2.00 -30.67
N LEU A 214 -57.86 -2.49 -30.14
CA LEU A 214 -56.90 -3.23 -30.95
C LEU A 214 -56.26 -4.29 -30.07
N ILE A 215 -56.37 -5.55 -30.48
CA ILE A 215 -55.80 -6.68 -29.74
C ILE A 215 -54.63 -7.23 -30.53
N THR A 216 -53.51 -7.45 -29.84
CA THR A 216 -52.28 -7.93 -30.46
C THR A 216 -51.89 -9.27 -29.85
N VAL A 217 -51.24 -10.11 -30.66
CA VAL A 217 -50.72 -11.38 -30.16
C VAL A 217 -49.50 -11.15 -29.26
N LYS A 218 -48.83 -10.01 -29.42
CA LYS A 218 -47.69 -9.70 -28.58
C LYS A 218 -48.10 -9.59 -27.12
N ASP A 219 -49.35 -9.20 -26.86
CA ASP A 219 -49.79 -9.10 -25.47
C ASP A 219 -49.88 -10.48 -24.82
N PHE A 220 -50.48 -11.44 -25.52
CA PHE A 220 -50.51 -12.82 -25.01
C PHE A 220 -49.10 -13.35 -24.84
N VAL A 221 -48.22 -13.06 -25.81
CA VAL A 221 -46.83 -13.51 -25.72
C VAL A 221 -46.14 -12.93 -24.49
N LYS A 222 -46.35 -11.63 -24.24
CA LYS A 222 -45.76 -11.00 -23.06
C LYS A 222 -46.33 -11.59 -21.77
N THR A 223 -47.63 -11.89 -21.76
CA THR A 223 -48.24 -12.45 -20.57
C THR A 223 -47.68 -13.82 -20.26
N GLU A 224 -47.43 -14.64 -21.28
CA GLU A 224 -46.80 -15.93 -21.04
C GLU A 224 -45.32 -15.78 -20.70
N GLN A 225 -44.66 -14.76 -21.23
CA GLN A 225 -43.23 -14.58 -21.00
C GLN A 225 -42.92 -13.99 -19.63
N PHE A 226 -43.82 -13.17 -19.09
CA PHE A 226 -43.62 -12.48 -17.81
C PHE A 226 -44.79 -12.84 -16.89
N PRO A 227 -44.77 -14.03 -16.30
CA PRO A 227 -45.95 -14.47 -15.52
C PRO A 227 -46.09 -13.78 -14.17
N LEU A 228 -45.04 -13.12 -13.67
CA LEU A 228 -45.08 -12.45 -12.37
C LEU A 228 -45.43 -10.97 -12.46
N SER A 229 -45.80 -10.49 -13.64
CA SER A 229 -45.96 -9.06 -13.86
C SER A 229 -46.97 -8.44 -12.90
N THR A 230 -46.69 -7.21 -12.47
CA THR A 230 -47.58 -6.45 -11.60
C THR A 230 -48.51 -5.63 -12.49
N LYS A 231 -49.79 -5.97 -12.49
CA LYS A 231 -50.75 -5.41 -13.44
C LYS A 231 -52.03 -5.00 -12.74
N ASP A 232 -52.73 -4.04 -13.35
CA ASP A 232 -54.06 -3.66 -12.90
C ASP A 232 -55.10 -4.55 -13.58
N SER A 233 -56.39 -4.24 -13.37
CA SER A 233 -57.47 -5.07 -13.89
C SER A 233 -57.53 -5.03 -15.42
N ASP A 234 -57.03 -3.97 -16.05
CA ASP A 234 -57.00 -3.90 -17.51
C ASP A 234 -55.80 -4.62 -18.11
N GLY A 235 -54.95 -5.23 -17.28
CA GLY A 235 -53.75 -5.87 -17.77
C GLY A 235 -52.57 -4.95 -17.99
N ARG A 236 -52.63 -3.73 -17.48
CA ARG A 236 -51.55 -2.76 -17.66
C ARG A 236 -50.63 -2.76 -16.44
N LEU A 237 -49.35 -2.55 -16.70
CA LEU A 237 -48.35 -2.53 -15.64
C LEU A 237 -48.63 -1.41 -14.64
N LEU A 238 -48.51 -1.72 -13.36
CA LEU A 238 -48.60 -0.72 -12.31
C LEU A 238 -47.32 0.12 -12.27
N VAL A 239 -47.45 1.34 -11.77
CA VAL A 239 -46.31 2.25 -11.67
C VAL A 239 -46.62 3.28 -10.59
N GLY A 240 -45.56 3.77 -9.94
CA GLY A 240 -45.68 4.85 -8.98
C GLY A 240 -44.84 6.05 -9.36
N ALA A 241 -45.11 7.19 -8.75
CA ALA A 241 -44.33 8.40 -8.99
C ALA A 241 -44.22 9.19 -7.69
N ALA A 242 -43.14 9.96 -7.58
CA ALA A 242 -42.87 10.76 -6.38
C ALA A 242 -43.30 12.20 -6.60
N VAL A 243 -43.87 12.80 -5.56
CA VAL A 243 -44.21 14.22 -5.54
C VAL A 243 -43.71 14.83 -4.23
N GLY A 244 -43.47 16.13 -4.27
CA GLY A 244 -43.03 16.88 -3.11
C GLY A 244 -44.18 17.50 -2.35
N VAL A 245 -43.91 18.63 -1.71
CA VAL A 245 -44.91 19.36 -0.94
C VAL A 245 -44.97 20.80 -1.44
N GLY A 246 -46.18 21.34 -1.54
CA GLY A 246 -46.41 22.66 -2.08
C GLY A 246 -47.49 22.66 -3.15
N ASP A 247 -47.69 23.84 -3.75
CA ASP A 247 -48.69 24.00 -4.79
C ASP A 247 -48.23 23.40 -6.12
N ASP A 248 -46.97 23.62 -6.49
CA ASP A 248 -46.40 22.92 -7.63
C ASP A 248 -46.54 21.42 -7.46
N ALA A 249 -46.35 20.93 -6.23
CA ALA A 249 -46.52 19.52 -5.95
C ALA A 249 -47.95 19.07 -6.18
N TRP A 250 -48.92 19.89 -5.78
CA TRP A 250 -50.32 19.52 -5.99
C TRP A 250 -50.66 19.44 -7.47
N THR A 251 -50.20 20.42 -8.25
CA THR A 251 -50.42 20.37 -9.70
C THR A 251 -49.77 19.15 -10.32
N ARG A 252 -48.53 18.85 -9.90
CA ARG A 252 -47.84 17.65 -10.38
C ARG A 252 -48.63 16.39 -10.06
N ALA A 253 -49.11 16.27 -8.83
CA ALA A 253 -49.85 15.10 -8.42
C ALA A 253 -51.13 14.93 -9.22
N MET A 254 -51.86 16.03 -9.45
CA MET A 254 -53.10 15.94 -10.22
C MET A 254 -52.81 15.52 -11.66
N THR A 255 -51.75 16.07 -12.26
CA THR A 255 -51.37 15.64 -13.60
C THR A 255 -51.03 14.15 -13.64
N LEU A 256 -50.29 13.67 -12.64
CA LEU A 256 -49.91 12.27 -12.61
C LEU A 256 -51.12 11.36 -12.44
N VAL A 257 -52.11 11.80 -11.65
CA VAL A 257 -53.33 11.03 -11.49
C VAL A 257 -54.13 11.01 -12.81
N ASP A 258 -54.12 12.13 -13.54
CA ASP A 258 -54.75 12.15 -14.85
C ASP A 258 -54.06 11.18 -15.81
N ALA A 259 -52.73 11.11 -15.75
CA ALA A 259 -51.98 10.24 -16.66
C ALA A 259 -52.11 8.76 -16.34
N GLY A 260 -52.70 8.40 -15.22
CA GLY A 260 -52.99 7.02 -14.89
C GLY A 260 -52.12 6.36 -13.85
N VAL A 261 -51.46 7.13 -12.98
CA VAL A 261 -50.56 6.55 -11.98
C VAL A 261 -51.37 5.74 -10.97
N ASP A 262 -50.73 4.73 -10.39
CA ASP A 262 -51.38 3.87 -9.41
C ASP A 262 -50.95 4.14 -7.98
N VAL A 263 -49.74 4.66 -7.76
CA VAL A 263 -49.23 4.98 -6.42
C VAL A 263 -48.58 6.35 -6.47
N LEU A 264 -48.93 7.20 -5.51
CA LEU A 264 -48.25 8.46 -5.29
C LEU A 264 -47.41 8.35 -4.02
N ILE A 265 -46.16 8.77 -4.10
CA ILE A 265 -45.26 8.78 -2.96
C ILE A 265 -44.94 10.23 -2.61
N VAL A 266 -45.42 10.68 -1.46
CA VAL A 266 -45.01 11.99 -0.95
C VAL A 266 -43.59 11.83 -0.42
N ASP A 267 -42.62 12.36 -1.15
CA ASP A 267 -41.22 11.98 -1.05
C ASP A 267 -40.43 13.12 -0.41
N THR A 268 -40.18 13.00 0.90
CA THR A 268 -39.46 14.03 1.66
C THR A 268 -38.42 13.35 2.53
N ALA A 269 -37.40 14.13 2.91
CA ALA A 269 -36.37 13.60 3.79
C ALA A 269 -36.86 13.44 5.22
N HIS A 270 -37.85 14.23 5.64
CA HIS A 270 -38.31 14.25 7.03
C HIS A 270 -39.83 14.46 7.01
N ALA A 271 -40.56 13.34 7.04
CA ALA A 271 -42.01 13.38 6.91
C ALA A 271 -42.73 13.70 8.20
N HIS A 272 -42.03 13.76 9.34
CA HIS A 272 -42.63 14.17 10.61
C HIS A 272 -42.74 15.70 10.63
N ASN A 273 -43.64 16.20 9.81
CA ASN A 273 -43.76 17.63 9.55
C ASN A 273 -45.19 17.92 9.12
N ARG A 274 -45.76 19.00 9.66
CA ARG A 274 -47.18 19.29 9.45
C ARG A 274 -47.51 19.46 7.96
N GLY A 275 -46.60 20.03 7.19
CA GLY A 275 -46.85 20.17 5.76
C GLY A 275 -46.99 18.84 5.04
N VAL A 276 -46.07 17.91 5.32
CA VAL A 276 -46.14 16.60 4.69
C VAL A 276 -47.42 15.87 5.07
N LEU A 277 -47.79 15.93 6.36
CA LEU A 277 -49.00 15.27 6.81
C LEU A 277 -50.24 15.88 6.16
N ASP A 278 -50.27 17.21 6.04
CA ASP A 278 -51.40 17.86 5.38
C ASP A 278 -51.48 17.49 3.90
N MET A 279 -50.32 17.40 3.23
CA MET A 279 -50.31 16.97 1.83
C MET A 279 -50.86 15.56 1.69
N VAL A 280 -50.44 14.65 2.58
CA VAL A 280 -50.94 13.28 2.53
C VAL A 280 -52.46 13.27 2.74
N SER A 281 -52.95 14.04 3.71
CA SER A 281 -54.39 14.09 3.96
C SER A 281 -55.15 14.63 2.77
N ARG A 282 -54.66 15.71 2.15
CA ARG A 282 -55.34 16.28 1.00
C ARG A 282 -55.39 15.30 -0.16
N LEU A 283 -54.27 14.63 -0.45
CA LEU A 283 -54.24 13.67 -1.54
C LEU A 283 -55.18 12.49 -1.26
N LYS A 284 -55.20 12.00 -0.02
CA LYS A 284 -56.10 10.91 0.33
C LYS A 284 -57.56 11.34 0.17
N GLN A 285 -57.88 12.58 0.54
CA GLN A 285 -59.25 13.06 0.38
C GLN A 285 -59.62 13.18 -1.10
N ALA A 286 -58.70 13.68 -1.93
CA ALA A 286 -59.06 14.05 -3.29
C ALA A 286 -59.04 12.86 -4.25
N VAL A 287 -58.01 12.03 -4.20
CA VAL A 287 -57.87 10.96 -5.19
C VAL A 287 -57.68 9.61 -4.53
N GLY A 288 -58.18 9.45 -3.30
CA GLY A 288 -57.87 8.26 -2.53
C GLY A 288 -58.61 7.01 -2.99
N GLU A 289 -59.75 7.17 -3.67
CA GLU A 289 -60.47 6.01 -4.18
C GLU A 289 -59.82 5.41 -5.41
N ARG A 290 -58.97 6.16 -6.10
CA ARG A 290 -58.28 5.70 -7.29
C ARG A 290 -56.83 5.31 -7.02
N VAL A 291 -56.14 6.06 -6.17
CA VAL A 291 -54.69 6.02 -6.07
C VAL A 291 -54.32 5.78 -4.61
N ASP A 292 -53.21 5.06 -4.41
CA ASP A 292 -52.64 4.90 -3.09
C ASP A 292 -51.66 6.03 -2.81
N VAL A 293 -51.62 6.48 -1.56
CA VAL A 293 -50.73 7.55 -1.13
C VAL A 293 -49.79 6.99 -0.07
N VAL A 294 -48.49 7.07 -0.35
CA VAL A 294 -47.45 6.59 0.55
C VAL A 294 -46.74 7.79 1.16
N GLY A 295 -46.50 7.72 2.47
CA GLY A 295 -45.87 8.82 3.19
C GLY A 295 -44.37 8.72 3.27
N GLY A 296 -43.72 9.87 3.40
CA GLY A 296 -42.29 10.00 3.29
C GLY A 296 -41.54 9.29 4.40
N ASN A 297 -40.26 9.63 4.50
CA ASN A 297 -39.34 8.84 5.31
C ASN A 297 -39.43 9.25 6.78
N VAL A 298 -39.66 8.26 7.63
CA VAL A 298 -39.71 8.42 9.07
C VAL A 298 -38.72 7.45 9.69
N ALA A 299 -38.39 7.67 10.96
CA ALA A 299 -37.47 6.79 11.64
C ALA A 299 -37.86 6.51 13.08
N THR A 300 -39.04 6.94 13.53
CA THR A 300 -39.49 6.75 14.90
C THR A 300 -40.93 6.23 14.89
N ARG A 301 -41.35 5.75 16.05
CA ARG A 301 -42.73 5.27 16.21
C ARG A 301 -43.73 6.42 16.11
N ALA A 302 -43.40 7.57 16.70
CA ALA A 302 -44.34 8.69 16.69
C ALA A 302 -44.59 9.22 15.28
N ALA A 303 -43.54 9.29 14.45
CA ALA A 303 -43.72 9.79 13.09
C ALA A 303 -44.55 8.83 12.24
N ALA A 304 -44.31 7.52 12.39
CA ALA A 304 -45.14 6.54 11.69
C ALA A 304 -46.59 6.62 12.15
N ALA A 305 -46.80 6.80 13.45
CA ALA A 305 -48.16 6.98 13.96
C ALA A 305 -48.82 8.22 13.35
N ALA A 306 -48.06 9.32 13.21
CA ALA A 306 -48.60 10.52 12.61
C ALA A 306 -48.99 10.29 11.15
N LEU A 307 -48.14 9.58 10.40
CA LEU A 307 -48.47 9.28 9.02
C LEU A 307 -49.70 8.38 8.91
N VAL A 308 -49.81 7.40 9.81
CA VAL A 308 -50.98 6.52 9.80
C VAL A 308 -52.25 7.30 10.12
N GLU A 309 -52.16 8.22 11.08
CA GLU A 309 -53.29 9.09 11.40
C GLU A 309 -53.68 9.93 10.18
N ALA A 310 -52.69 10.43 9.44
CA ALA A 310 -52.98 11.24 8.26
C ALA A 310 -53.62 10.45 7.13
N GLY A 311 -53.63 9.12 7.19
CA GLY A 311 -54.26 8.32 6.18
C GLY A 311 -53.34 7.67 5.16
N ALA A 312 -52.07 7.48 5.46
CA ALA A 312 -51.15 6.86 4.52
C ALA A 312 -51.51 5.40 4.29
N ASP A 313 -51.37 4.96 3.05
CA ASP A 313 -51.57 3.56 2.70
C ASP A 313 -50.32 2.71 2.90
N ALA A 314 -49.17 3.34 3.08
CA ALA A 314 -47.92 2.67 3.41
C ALA A 314 -46.97 3.73 3.96
N VAL A 315 -45.99 3.28 4.74
CA VAL A 315 -45.08 4.17 5.42
C VAL A 315 -43.66 3.76 5.06
N LYS A 316 -42.88 4.70 4.54
CA LYS A 316 -41.52 4.44 4.10
C LYS A 316 -40.56 4.85 5.21
N VAL A 317 -39.56 4.01 5.48
CA VAL A 317 -38.72 4.12 6.67
C VAL A 317 -37.28 4.32 6.26
N GLY A 318 -36.62 5.29 6.89
CA GLY A 318 -35.20 5.45 6.80
C GLY A 318 -34.77 6.90 6.75
N VAL A 319 -33.94 7.30 7.72
CA VAL A 319 -33.43 8.66 7.85
C VAL A 319 -31.99 8.52 8.29
N GLY A 320 -31.06 8.83 7.38
CA GLY A 320 -29.66 8.56 7.61
C GLY A 320 -29.38 7.12 7.99
N PRO A 321 -29.76 6.16 7.13
CA PRO A 321 -29.51 4.75 7.47
C PRO A 321 -28.09 4.29 7.19
N GLY A 322 -27.33 4.99 6.36
CA GLY A 322 -25.97 4.58 6.07
C GLY A 322 -24.98 4.97 7.15
N SER A 323 -23.88 4.22 7.20
CA SER A 323 -22.92 4.37 8.28
C SER A 323 -22.20 5.72 8.22
N ILE A 324 -21.67 6.08 7.06
CA ILE A 324 -20.93 7.33 6.90
C ILE A 324 -21.79 8.32 6.13
N CYS A 325 -23.11 8.16 6.25
CA CYS A 325 -24.08 8.97 5.54
C CYS A 325 -23.77 10.45 5.64
N THR A 326 -24.12 11.20 4.59
CA THR A 326 -23.89 12.64 4.58
C THR A 326 -24.74 13.32 5.64
N THR A 327 -25.97 12.84 5.85
CA THR A 327 -26.81 13.39 6.91
C THR A 327 -26.16 13.21 8.28
N ARG A 328 -25.59 12.04 8.55
CA ARG A 328 -24.95 11.79 9.84
C ARG A 328 -23.74 12.69 10.04
N VAL A 329 -22.92 12.86 9.00
CA VAL A 329 -21.68 13.61 9.17
C VAL A 329 -21.96 15.11 9.25
N VAL A 330 -22.86 15.62 8.42
CA VAL A 330 -23.06 17.06 8.31
C VAL A 330 -24.05 17.56 9.35
N ALA A 331 -25.17 16.88 9.54
CA ALA A 331 -26.19 17.32 10.47
C ALA A 331 -26.12 16.61 11.82
N GLY A 332 -25.42 15.49 11.91
CA GLY A 332 -25.41 14.71 13.12
C GLY A 332 -26.70 13.95 13.40
N VAL A 333 -27.48 13.67 12.37
CA VAL A 333 -28.83 13.13 12.51
C VAL A 333 -28.87 11.77 11.83
N GLY A 334 -29.53 10.81 12.48
CA GLY A 334 -29.75 9.52 11.85
C GLY A 334 -30.40 8.55 12.80
N ALA A 335 -30.71 7.37 12.27
CA ALA A 335 -31.29 6.29 13.05
C ALA A 335 -30.92 4.94 12.43
N PRO A 336 -30.30 4.05 13.20
CA PRO A 336 -30.00 2.70 12.67
C PRO A 336 -31.27 1.98 12.23
N GLN A 337 -31.16 1.26 11.11
CA GLN A 337 -32.33 0.90 10.32
C GLN A 337 -33.15 -0.25 10.92
N ILE A 338 -32.51 -1.21 11.59
CA ILE A 338 -33.27 -2.31 12.18
C ILE A 338 -34.17 -1.80 13.29
N THR A 339 -33.62 -0.98 14.18
CA THR A 339 -34.43 -0.38 15.24
C THR A 339 -35.53 0.52 14.67
N ALA A 340 -35.20 1.29 13.64
CA ALA A 340 -36.19 2.17 13.01
C ALA A 340 -37.34 1.36 12.44
N ILE A 341 -37.04 0.25 11.76
CA ILE A 341 -38.08 -0.60 11.21
C ILE A 341 -38.92 -1.20 12.33
N LEU A 342 -38.28 -1.67 13.40
CA LEU A 342 -39.03 -2.27 14.50
C LEU A 342 -40.01 -1.26 15.11
N GLU A 343 -39.55 -0.01 15.31
CA GLU A 343 -40.43 1.02 15.88
C GLU A 343 -41.57 1.37 14.94
N ALA A 344 -41.26 1.59 13.65
CA ALA A 344 -42.30 1.95 12.69
C ALA A 344 -43.33 0.82 12.56
N VAL A 345 -42.88 -0.43 12.57
CA VAL A 345 -43.81 -1.55 12.50
C VAL A 345 -44.67 -1.59 13.75
N ALA A 346 -44.08 -1.35 14.92
CA ALA A 346 -44.88 -1.28 16.14
C ALA A 346 -45.99 -0.24 16.02
N ALA A 347 -45.73 0.86 15.32
CA ALA A 347 -46.78 1.85 15.12
C ALA A 347 -47.80 1.42 14.05
N CYS A 348 -47.35 0.74 12.99
CA CYS A 348 -48.17 0.56 11.79
C CYS A 348 -48.94 -0.75 11.75
N LYS A 349 -48.41 -1.82 12.33
CA LYS A 349 -49.02 -3.15 12.18
C LYS A 349 -50.43 -3.26 12.74
N PRO A 350 -50.78 -2.68 13.90
CA PRO A 350 -52.18 -2.78 14.37
C PRO A 350 -53.19 -2.21 13.40
N TYR A 351 -52.82 -1.28 12.54
CA TYR A 351 -53.76 -0.70 11.59
C TYR A 351 -53.64 -1.29 10.18
N GLY A 352 -52.80 -2.30 9.99
CA GLY A 352 -52.68 -2.93 8.69
C GLY A 352 -51.97 -2.12 7.63
N VAL A 353 -51.10 -1.19 8.03
CA VAL A 353 -50.37 -0.34 7.10
C VAL A 353 -48.99 -0.94 6.86
N PRO A 354 -48.64 -1.28 5.62
CA PRO A 354 -47.33 -1.86 5.36
C PRO A 354 -46.20 -0.86 5.55
N VAL A 355 -45.02 -1.39 5.87
CA VAL A 355 -43.80 -0.59 6.04
C VAL A 355 -42.86 -0.90 4.89
N ILE A 356 -42.29 0.16 4.30
CA ILE A 356 -41.31 0.04 3.22
C ILE A 356 -39.95 0.42 3.78
N ALA A 357 -39.02 -0.53 3.79
CA ALA A 357 -37.66 -0.26 4.24
C ALA A 357 -36.87 0.37 3.12
N ASP A 358 -36.32 1.56 3.35
CA ASP A 358 -35.68 2.36 2.32
C ASP A 358 -34.32 2.84 2.83
N GLY A 359 -33.26 2.16 2.41
CA GLY A 359 -31.92 2.66 2.65
C GLY A 359 -31.02 1.74 3.45
N GLY A 360 -29.74 1.72 3.11
CA GLY A 360 -28.77 0.93 3.83
C GLY A 360 -28.64 -0.51 3.39
N LEU A 361 -29.43 -0.95 2.42
CA LEU A 361 -29.40 -2.34 1.98
C LEU A 361 -28.23 -2.56 1.03
N GLN A 362 -27.33 -3.47 1.38
CA GLN A 362 -26.17 -3.76 0.56
C GLN A 362 -26.12 -5.18 0.03
N TYR A 363 -26.78 -6.14 0.67
CA TYR A 363 -26.80 -7.52 0.22
C TYR A 363 -28.20 -8.06 0.33
N SER A 364 -28.43 -9.22 -0.31
CA SER A 364 -29.73 -9.88 -0.22
C SER A 364 -30.04 -10.32 1.20
N GLY A 365 -29.00 -10.65 1.98
CA GLY A 365 -29.21 -10.95 3.38
C GLY A 365 -29.78 -9.77 4.14
N ASP A 366 -29.38 -8.55 3.76
CA ASP A 366 -29.96 -7.36 4.38
C ASP A 366 -31.43 -7.21 4.04
N ILE A 367 -31.83 -7.57 2.82
CA ILE A 367 -33.24 -7.57 2.45
C ILE A 367 -34.02 -8.55 3.32
N ALA A 368 -33.48 -9.75 3.51
CA ALA A 368 -34.13 -10.73 4.37
C ALA A 368 -34.25 -10.20 5.80
N LYS A 369 -33.19 -9.59 6.32
CA LYS A 369 -33.24 -9.03 7.68
C LYS A 369 -34.26 -7.92 7.79
N ALA A 370 -34.37 -7.07 6.75
CA ALA A 370 -35.32 -5.97 6.79
C ALA A 370 -36.75 -6.48 6.79
N LEU A 371 -37.05 -7.49 5.98
CA LEU A 371 -38.40 -8.07 5.99
C LEU A 371 -38.68 -8.75 7.32
N ALA A 372 -37.68 -9.42 7.89
CA ALA A 372 -37.88 -10.10 9.18
C ALA A 372 -38.13 -9.10 10.31
N ALA A 373 -37.54 -7.91 10.26
CA ALA A 373 -37.80 -6.89 11.27
C ALA A 373 -39.22 -6.36 11.22
N GLY A 374 -39.97 -6.64 10.16
CA GLY A 374 -41.37 -6.26 10.11
C GLY A 374 -41.80 -5.55 8.84
N ALA A 375 -40.85 -5.19 7.97
CA ALA A 375 -41.21 -4.51 6.75
C ALA A 375 -41.91 -5.47 5.78
N SER A 376 -42.69 -4.90 4.87
CA SER A 376 -43.34 -5.68 3.83
C SER A 376 -42.62 -5.64 2.49
N THR A 377 -41.96 -4.54 2.15
CA THR A 377 -41.19 -4.43 0.92
C THR A 377 -39.89 -3.67 1.22
N ALA A 378 -38.98 -3.71 0.25
CA ALA A 378 -37.72 -2.98 0.35
C ALA A 378 -37.48 -2.17 -0.91
N MET A 379 -36.93 -0.97 -0.74
CA MET A 379 -36.59 -0.07 -1.83
C MET A 379 -35.08 -0.13 -2.05
N LEU A 380 -34.65 -0.24 -3.31
CA LEU A 380 -33.29 -0.69 -3.62
C LEU A 380 -32.29 0.44 -3.85
N GLY A 381 -32.51 1.28 -4.85
CA GLY A 381 -31.58 2.37 -5.05
C GLY A 381 -30.27 1.98 -5.71
N SER A 382 -29.16 2.09 -4.99
CA SER A 382 -27.84 2.01 -5.61
C SER A 382 -27.50 0.62 -6.12
N LEU A 383 -28.18 -0.43 -5.63
CA LEU A 383 -27.98 -1.75 -6.20
C LEU A 383 -28.45 -1.83 -7.64
N LEU A 384 -29.31 -0.92 -8.07
CA LEU A 384 -29.87 -0.95 -9.41
C LEU A 384 -29.26 0.10 -10.34
N ALA A 385 -28.34 0.92 -9.84
CA ALA A 385 -27.93 2.13 -10.56
C ALA A 385 -27.25 1.80 -11.88
N GLY A 386 -26.40 0.78 -11.91
CA GLY A 386 -25.65 0.50 -13.11
C GLY A 386 -26.28 -0.46 -14.10
N THR A 387 -27.54 -0.84 -13.91
CA THR A 387 -28.14 -1.84 -14.78
C THR A 387 -28.45 -1.25 -16.16
N ALA A 388 -28.73 -2.14 -17.10
CA ALA A 388 -29.02 -1.70 -18.48
C ALA A 388 -30.29 -0.86 -18.54
N GLU A 389 -31.25 -1.12 -17.66
CA GLU A 389 -32.54 -0.45 -17.69
C GLU A 389 -32.53 0.89 -16.98
N SER A 390 -31.46 1.22 -16.26
CA SER A 390 -31.36 2.49 -15.57
C SER A 390 -30.94 3.59 -16.53
N PRO A 391 -31.22 4.85 -16.19
CA PRO A 391 -30.82 5.96 -17.06
C PRO A 391 -29.30 6.07 -17.16
N GLY A 392 -28.87 6.77 -18.20
CA GLY A 392 -27.46 6.85 -18.55
C GLY A 392 -27.15 6.05 -19.81
N GLU A 393 -26.03 6.41 -20.43
CA GLU A 393 -25.64 5.84 -21.70
C GLU A 393 -24.48 4.88 -21.51
N LEU A 394 -24.48 3.80 -22.30
CA LEU A 394 -23.43 2.79 -22.22
C LEU A 394 -22.23 3.21 -23.06
N ILE A 395 -21.04 3.20 -22.45
CA ILE A 395 -19.79 3.50 -23.14
C ILE A 395 -18.77 2.41 -22.81
N PHE A 396 -17.75 2.31 -23.65
CA PHE A 396 -16.72 1.29 -23.53
C PHE A 396 -15.38 1.97 -23.31
N VAL A 397 -14.76 1.72 -22.16
CA VAL A 397 -13.51 2.36 -21.77
C VAL A 397 -12.59 1.30 -21.17
N ASN A 398 -11.34 1.27 -21.63
CA ASN A 398 -10.28 0.47 -21.01
C ASN A 398 -10.65 -1.00 -20.90
N GLY A 399 -11.31 -1.53 -21.91
CA GLY A 399 -11.68 -2.93 -21.91
C GLY A 399 -12.87 -3.27 -21.05
N LYS A 400 -13.66 -2.28 -20.63
CA LYS A 400 -14.80 -2.51 -19.75
C LYS A 400 -15.96 -1.65 -20.21
N GLN A 401 -17.16 -2.02 -19.76
CA GLN A 401 -18.35 -1.24 -20.02
C GLN A 401 -18.66 -0.35 -18.82
N PHE A 402 -19.14 0.86 -19.11
CA PHE A 402 -19.52 1.82 -18.08
C PHE A 402 -20.83 2.47 -18.45
N LYS A 403 -21.52 2.98 -17.44
CA LYS A 403 -22.69 3.81 -17.63
C LYS A 403 -22.34 5.24 -17.27
N SER A 404 -22.70 6.18 -18.13
CA SER A 404 -22.32 7.58 -17.97
C SER A 404 -23.56 8.47 -18.03
N TYR A 405 -23.42 9.66 -17.48
CA TYR A 405 -24.51 10.64 -17.42
C TYR A 405 -24.20 11.87 -18.28
N ARG A 406 -23.57 11.64 -19.43
CA ARG A 406 -23.27 12.71 -20.37
C ARG A 406 -24.55 13.31 -20.95
N ARG A 427 -17.89 17.78 -29.69
CA ARG A 427 -18.99 18.69 -29.37
C ARG A 427 -19.27 19.64 -30.53
N TYR A 428 -19.85 20.80 -30.23
CA TYR A 428 -20.30 21.72 -31.28
C TYR A 428 -19.14 22.48 -31.90
N PHE A 429 -18.43 23.26 -31.10
CA PHE A 429 -17.42 24.18 -31.63
C PHE A 429 -16.05 23.53 -31.81
N GLN A 430 -15.91 22.25 -31.49
CA GLN A 430 -14.64 21.53 -31.62
C GLN A 430 -14.64 20.80 -32.95
N ASP A 431 -14.18 21.49 -33.99
CA ASP A 431 -14.19 20.98 -35.35
C ASP A 431 -12.88 20.29 -35.75
N ASP A 432 -11.94 20.15 -34.82
CA ASP A 432 -10.66 19.51 -35.13
C ASP A 432 -10.84 18.00 -35.18
N VAL A 433 -10.52 17.40 -36.34
CA VAL A 433 -10.79 15.98 -36.56
C VAL A 433 -9.73 15.06 -35.95
N LEU A 434 -8.61 15.62 -35.46
CA LEU A 434 -7.55 14.81 -34.89
C LEU A 434 -7.28 15.13 -33.43
N SER A 435 -8.15 15.87 -32.77
CA SER A 435 -7.92 16.29 -31.40
C SER A 435 -8.13 15.13 -30.43
N GLU A 436 -7.54 15.26 -29.25
CA GLU A 436 -7.60 14.18 -28.26
C GLU A 436 -9.03 13.95 -27.78
N ASP A 437 -9.89 14.96 -27.84
CA ASP A 437 -11.28 14.77 -27.45
C ASP A 437 -12.03 13.88 -28.42
N LYS A 438 -11.56 13.73 -29.65
CA LYS A 438 -12.17 12.80 -30.58
C LYS A 438 -11.67 11.37 -30.40
N LEU A 439 -10.62 11.17 -29.60
CA LEU A 439 -10.01 9.86 -29.43
C LEU A 439 -10.58 9.08 -28.25
N VAL A 440 -11.49 9.67 -27.48
CA VAL A 440 -12.06 8.99 -26.31
C VAL A 440 -13.55 9.24 -26.27
N PRO A 441 -14.29 8.32 -25.63
CA PRO A 441 -15.73 8.53 -25.48
C PRO A 441 -16.05 9.71 -24.59
N GLU A 442 -17.23 10.29 -24.81
CA GLU A 442 -17.77 11.30 -23.91
C GLU A 442 -18.35 10.63 -22.67
N GLY A 443 -18.14 11.27 -21.52
CA GLY A 443 -18.60 10.72 -20.26
C GLY A 443 -17.58 9.89 -19.51
N ILE A 444 -16.30 9.98 -19.85
CA ILE A 444 -15.29 9.11 -19.26
C ILE A 444 -15.03 9.44 -17.79
N GLU A 445 -15.55 10.56 -17.30
CA GLU A 445 -15.28 11.04 -15.96
C GLU A 445 -16.52 10.86 -15.09
N GLY A 446 -16.33 10.28 -13.90
CA GLY A 446 -17.45 9.99 -13.03
C GLY A 446 -18.33 8.87 -13.51
N ARG A 447 -17.78 7.95 -14.31
CA ARG A 447 -18.56 6.87 -14.90
C ARG A 447 -18.88 5.81 -13.87
N VAL A 448 -20.01 5.13 -14.08
CA VAL A 448 -20.51 4.12 -13.15
C VAL A 448 -20.24 2.74 -13.76
N PRO A 449 -19.89 1.74 -12.97
CA PRO A 449 -19.75 0.39 -13.52
C PRO A 449 -21.06 -0.13 -14.10
N PHE A 450 -20.95 -0.89 -15.17
CA PHE A 450 -22.11 -1.51 -15.79
C PHE A 450 -22.45 -2.82 -15.09
N ARG A 451 -23.72 -3.03 -14.79
CA ARG A 451 -24.16 -4.19 -14.02
C ARG A 451 -24.85 -5.26 -14.87
N GLY A 452 -25.26 -4.95 -16.09
CA GLY A 452 -25.99 -5.90 -16.90
C GLY A 452 -27.48 -5.75 -16.76
N PRO A 453 -28.23 -6.76 -17.21
CA PRO A 453 -29.69 -6.68 -17.13
C PRO A 453 -30.21 -6.74 -15.71
N LEU A 454 -31.34 -6.05 -15.50
CA LEU A 454 -31.95 -5.95 -14.17
C LEU A 454 -32.43 -7.31 -13.66
N GLY A 455 -32.95 -8.14 -14.56
CA GLY A 455 -33.52 -9.42 -14.15
C GLY A 455 -32.54 -10.31 -13.43
N THR A 456 -31.27 -10.29 -13.83
CA THR A 456 -30.28 -11.12 -13.17
C THR A 456 -30.03 -10.65 -11.73
N VAL A 457 -29.97 -9.34 -11.51
CA VAL A 457 -29.82 -8.79 -10.16
C VAL A 457 -31.02 -9.19 -9.31
N ILE A 458 -32.23 -9.04 -9.87
CA ILE A 458 -33.43 -9.39 -9.12
C ILE A 458 -33.44 -10.86 -8.78
N HIS A 459 -33.01 -11.71 -9.72
CA HIS A 459 -32.96 -13.15 -9.48
C HIS A 459 -32.01 -13.49 -8.35
N GLN A 460 -30.83 -12.86 -8.34
CA GLN A 460 -29.89 -13.09 -7.24
C GLN A 460 -30.49 -12.70 -5.90
N LEU A 461 -31.11 -11.52 -5.84
CA LEU A 461 -31.69 -11.06 -4.58
C LEU A 461 -32.80 -11.99 -4.09
N THR A 462 -33.67 -12.42 -5.02
CA THR A 462 -34.75 -13.30 -4.64
C THR A 462 -34.24 -14.68 -4.21
N GLY A 463 -33.17 -15.17 -4.85
CA GLY A 463 -32.56 -16.40 -4.38
C GLY A 463 -32.06 -16.29 -2.94
N GLY A 464 -31.41 -15.18 -2.61
CA GLY A 464 -30.99 -14.98 -1.23
C GLY A 464 -32.17 -14.95 -0.26
N LEU A 465 -33.24 -14.24 -0.64
CA LEU A 465 -34.43 -14.18 0.21
C LEU A 465 -35.05 -15.56 0.40
N ARG A 466 -35.11 -16.36 -0.67
CA ARG A 466 -35.68 -17.70 -0.57
C ARG A 466 -34.83 -18.59 0.33
N ALA A 467 -33.51 -18.45 0.25
CA ALA A 467 -32.64 -19.20 1.16
C ALA A 467 -32.91 -18.83 2.62
N ALA A 468 -33.09 -17.54 2.90
CA ALA A 468 -33.44 -17.13 4.26
C ALA A 468 -34.77 -17.71 4.69
N MET A 469 -35.76 -17.73 3.79
CA MET A 469 -37.06 -18.29 4.11
C MET A 469 -36.96 -19.78 4.41
N GLY A 470 -36.14 -20.50 3.64
CA GLY A 470 -35.91 -21.91 3.93
C GLY A 470 -35.26 -22.13 5.27
N TYR A 471 -34.27 -21.31 5.61
CA TYR A 471 -33.57 -21.48 6.88
C TYR A 471 -34.48 -21.19 8.07
N THR A 472 -35.33 -20.16 7.97
CA THR A 472 -36.18 -19.78 9.09
C THR A 472 -37.53 -20.50 9.10
N GLY A 473 -37.79 -21.37 8.13
CA GLY A 473 -39.06 -22.07 8.07
C GLY A 473 -40.25 -21.19 7.76
N SER A 474 -40.08 -20.22 6.88
CA SER A 474 -41.11 -19.24 6.54
C SER A 474 -41.68 -19.59 5.17
N ALA A 475 -42.93 -20.06 5.14
CA ALA A 475 -43.57 -20.36 3.87
C ALA A 475 -44.00 -19.10 3.15
N THR A 476 -44.28 -18.02 3.89
CA THR A 476 -44.73 -16.76 3.33
C THR A 476 -43.93 -15.62 3.97
N ILE A 477 -44.03 -14.44 3.36
CA ILE A 477 -43.38 -13.24 3.92
C ILE A 477 -43.99 -12.88 5.27
N GLU A 478 -45.29 -13.11 5.45
CA GLU A 478 -45.92 -12.85 6.73
C GLU A 478 -45.33 -13.73 7.83
N GLN A 479 -45.00 -14.97 7.51
CA GLN A 479 -44.32 -15.83 8.48
C GLN A 479 -42.89 -15.37 8.72
N LEU A 480 -42.20 -14.91 7.67
CA LEU A 480 -40.85 -14.38 7.84
C LEU A 480 -40.83 -13.17 8.75
N GLN A 481 -41.92 -12.40 8.78
CA GLN A 481 -42.02 -11.25 9.67
C GLN A 481 -42.05 -11.64 11.15
N GLN A 482 -42.21 -12.92 11.47
CA GLN A 482 -42.21 -13.39 12.84
C GLN A 482 -40.90 -14.04 13.27
N ALA A 483 -39.86 -13.98 12.43
CA ALA A 483 -38.60 -14.64 12.73
C ALA A 483 -37.82 -13.89 13.79
N GLN A 484 -36.93 -14.60 14.47
CA GLN A 484 -36.13 -14.07 15.57
C GLN A 484 -34.71 -13.76 15.12
N PHE A 485 -34.09 -12.80 15.79
CA PHE A 485 -32.71 -12.41 15.54
C PHE A 485 -31.80 -12.89 16.66
N VAL A 486 -30.50 -12.91 16.35
CA VAL A 486 -29.44 -13.00 17.34
C VAL A 486 -28.53 -11.80 17.13
N GLN A 487 -28.20 -11.11 18.22
CA GLN A 487 -27.27 -9.99 18.17
C GLN A 487 -25.84 -10.49 18.28
N ILE A 488 -24.98 -10.01 17.39
CA ILE A 488 -23.58 -10.41 17.37
C ILE A 488 -22.72 -9.21 17.77
N THR A 489 -21.50 -9.50 18.20
CA THR A 489 -20.59 -8.48 18.70
C THR A 489 -19.63 -8.05 17.59
N ALA A 490 -18.68 -7.18 17.95
CA ALA A 490 -17.72 -6.69 16.98
C ALA A 490 -16.80 -7.80 16.48
N ALA A 491 -16.46 -8.75 17.34
CA ALA A 491 -15.64 -9.89 16.92
C ALA A 491 -16.31 -10.71 15.83
N GLY A 492 -17.64 -10.63 15.71
CA GLY A 492 -18.34 -11.30 14.64
C GLY A 492 -18.22 -10.64 13.29
N LEU A 493 -17.72 -9.40 13.25
CA LEU A 493 -17.55 -8.68 11.99
C LEU A 493 -16.09 -8.61 11.56
N LYS A 494 -15.20 -9.36 12.22
CA LYS A 494 -13.78 -9.30 11.96
C LYS A 494 -13.41 -10.39 10.97
N GLU A 495 -12.80 -10.01 9.85
CA GLU A 495 -12.48 -10.95 8.81
C GLU A 495 -11.18 -11.69 9.08
N VAL B 12 -21.51 -10.94 44.26
CA VAL B 12 -20.81 -9.99 45.13
C VAL B 12 -19.68 -9.25 44.39
N PRO B 13 -18.84 -9.95 43.63
CA PRO B 13 -17.84 -9.24 42.82
C PRO B 13 -18.48 -8.40 41.72
N VAL B 14 -17.84 -7.28 41.43
CA VAL B 14 -18.24 -6.44 40.30
C VAL B 14 -17.92 -7.19 39.00
N PRO B 15 -18.79 -7.15 37.99
CA PRO B 15 -18.52 -7.93 36.77
C PRO B 15 -17.22 -7.58 36.07
N THR B 16 -16.73 -6.34 36.22
CA THR B 16 -15.45 -5.97 35.63
C THR B 16 -14.28 -6.10 36.60
N GLY B 17 -14.51 -6.59 37.82
CA GLY B 17 -13.42 -6.90 38.71
C GLY B 17 -13.45 -6.14 40.02
N GLY B 18 -12.95 -6.75 41.08
CA GLY B 18 -12.90 -6.12 42.37
C GLY B 18 -14.24 -6.15 43.08
N ASP B 19 -14.31 -5.40 44.19
CA ASP B 19 -15.51 -5.31 44.99
C ASP B 19 -16.13 -3.93 45.05
N ASP B 20 -15.43 -2.90 44.57
CA ASP B 20 -15.95 -1.53 44.62
C ASP B 20 -16.81 -1.29 43.39
N PRO B 21 -18.12 -1.10 43.53
CA PRO B 21 -18.95 -0.80 42.35
C PRO B 21 -18.70 0.58 41.74
N THR B 22 -17.96 1.46 42.41
CA THR B 22 -17.67 2.78 41.87
C THR B 22 -16.23 2.93 41.39
N LYS B 23 -15.44 1.87 41.39
CA LYS B 23 -14.08 1.96 40.85
C LYS B 23 -14.12 2.39 39.39
N VAL B 24 -14.94 1.72 38.58
CA VAL B 24 -15.25 2.18 37.23
C VAL B 24 -16.50 3.05 37.37
N ALA B 25 -16.31 4.37 37.35
CA ALA B 25 -17.37 5.28 37.74
C ALA B 25 -18.51 5.30 36.73
N MET B 26 -18.19 5.31 35.44
CA MET B 26 -19.24 5.41 34.42
C MET B 26 -18.68 4.96 33.08
N LEU B 27 -19.57 4.92 32.08
CA LEU B 27 -19.22 4.62 30.70
C LEU B 27 -19.30 5.91 29.89
N GLY B 28 -18.17 6.29 29.29
CA GLY B 28 -18.08 7.57 28.62
C GLY B 28 -18.40 7.48 27.14
N LEU B 29 -19.30 8.35 26.68
CA LEU B 29 -19.69 8.41 25.29
C LEU B 29 -18.98 9.57 24.60
N THR B 30 -18.45 9.31 23.40
CA THR B 30 -17.88 10.33 22.55
C THR B 30 -18.87 10.70 21.45
N PHE B 31 -18.47 11.61 20.57
CA PHE B 31 -19.38 12.11 19.54
C PHE B 31 -19.81 11.00 18.59
N ASP B 32 -18.88 10.09 18.23
CA ASP B 32 -19.21 9.00 17.33
C ASP B 32 -20.13 7.97 17.95
N ASP B 33 -20.36 8.02 19.26
CA ASP B 33 -21.22 7.06 19.92
C ASP B 33 -22.71 7.35 19.78
N VAL B 34 -23.08 8.56 19.35
CA VAL B 34 -24.48 8.98 19.38
C VAL B 34 -24.88 9.63 18.05
N LEU B 35 -26.20 9.66 17.81
CA LEU B 35 -26.80 10.41 16.72
C LEU B 35 -28.05 11.11 17.24
N LEU B 36 -28.39 12.23 16.60
CA LEU B 36 -29.61 12.95 16.95
C LEU B 36 -30.81 12.28 16.30
N LEU B 37 -31.85 12.05 17.08
CA LEU B 37 -33.08 11.45 16.56
C LEU B 37 -33.97 12.51 15.92
N PRO B 38 -34.56 12.21 14.77
CA PRO B 38 -35.53 13.14 14.17
C PRO B 38 -36.79 13.24 15.02
N ALA B 39 -37.40 14.41 15.01
CA ALA B 39 -38.57 14.70 15.83
C ALA B 39 -39.55 15.54 15.03
N ALA B 40 -40.74 15.73 15.60
CA ALA B 40 -41.77 16.53 14.93
C ALA B 40 -41.29 17.97 14.76
N SER B 41 -41.39 18.47 13.54
CA SER B 41 -40.73 19.72 13.19
C SER B 41 -41.63 20.57 12.29
N ASP B 42 -41.74 21.85 12.63
CA ASP B 42 -42.24 22.88 11.73
C ASP B 42 -41.17 23.92 11.44
N VAL B 43 -39.90 23.50 11.49
CA VAL B 43 -38.76 24.41 11.46
C VAL B 43 -38.10 24.33 10.09
N VAL B 44 -37.98 25.48 9.43
CA VAL B 44 -37.24 25.60 8.18
C VAL B 44 -35.79 25.94 8.55
N PRO B 45 -34.81 25.22 7.99
CA PRO B 45 -33.41 25.53 8.34
C PRO B 45 -33.01 26.97 8.11
N ALA B 46 -33.54 27.63 7.10
CA ALA B 46 -33.21 29.03 6.85
C ALA B 46 -33.75 29.95 7.94
N THR B 47 -34.91 29.62 8.51
CA THR B 47 -35.51 30.44 9.56
C THR B 47 -35.08 30.04 10.96
N ALA B 48 -34.21 29.04 11.09
CA ALA B 48 -33.75 28.63 12.42
C ALA B 48 -32.94 29.75 13.07
N ASP B 49 -33.04 29.83 14.39
CA ASP B 49 -32.39 30.87 15.18
C ASP B 49 -31.23 30.24 15.94
N THR B 50 -30.00 30.61 15.57
CA THR B 50 -28.80 30.00 16.12
C THR B 50 -28.17 30.82 17.24
N SER B 51 -28.84 31.86 17.73
CA SER B 51 -28.25 32.68 18.78
C SER B 51 -28.20 31.92 20.10
N SER B 52 -27.16 32.19 20.89
CA SER B 52 -26.94 31.46 22.14
C SER B 52 -26.11 32.32 23.09
N GLN B 53 -26.24 32.01 24.38
CA GLN B 53 -25.51 32.72 25.43
C GLN B 53 -24.06 32.23 25.49
N LEU B 54 -23.11 33.14 25.32
CA LEU B 54 -21.71 32.82 25.58
C LEU B 54 -21.44 32.79 27.08
N THR B 55 -21.74 33.88 27.77
CA THR B 55 -21.76 33.95 29.22
C THR B 55 -23.17 34.36 29.65
N LYS B 56 -23.33 34.65 30.93
CA LYS B 56 -24.64 35.04 31.44
C LYS B 56 -25.06 36.42 30.93
N ARG B 57 -24.12 37.24 30.47
CA ARG B 57 -24.43 38.59 30.00
C ARG B 57 -24.24 38.80 28.51
N ILE B 58 -23.54 37.90 27.82
CA ILE B 58 -23.21 38.07 26.41
C ILE B 58 -23.93 37.00 25.60
N ARG B 59 -24.65 37.43 24.56
CA ARG B 59 -25.36 36.54 23.66
C ARG B 59 -24.79 36.71 22.26
N LEU B 60 -24.47 35.59 21.62
CA LEU B 60 -23.88 35.59 20.28
C LEU B 60 -24.96 35.27 19.24
N ARG B 61 -24.77 35.79 18.02
CA ARG B 61 -25.65 35.41 16.92
C ARG B 61 -25.32 34.04 16.37
N VAL B 62 -24.05 33.64 16.39
CA VAL B 62 -23.59 32.34 15.94
C VAL B 62 -22.81 31.71 17.09
N PRO B 63 -23.17 30.51 17.56
CA PRO B 63 -22.66 29.99 18.83
C PRO B 63 -21.27 29.35 18.72
N LEU B 64 -20.32 30.10 18.16
CA LEU B 64 -18.98 29.58 17.89
C LEU B 64 -17.95 30.57 18.41
N VAL B 65 -16.86 30.04 18.95
CA VAL B 65 -15.77 30.82 19.51
C VAL B 65 -14.45 30.18 19.07
N SER B 66 -13.49 31.00 18.69
CA SER B 66 -12.20 30.50 18.24
C SER B 66 -11.25 30.32 19.41
N SER B 67 -10.49 29.23 19.38
CA SER B 67 -9.68 28.80 20.51
C SER B 67 -8.53 29.77 20.77
N ALA B 68 -8.10 29.83 22.04
CA ALA B 68 -6.97 30.65 22.45
C ALA B 68 -5.65 29.92 22.19
N MET B 69 -5.39 29.64 20.92
CA MET B 69 -4.16 29.00 20.48
C MET B 69 -3.36 29.95 19.61
N ASP B 70 -2.04 29.88 19.72
CA ASP B 70 -1.18 30.81 19.01
C ASP B 70 -1.18 30.59 17.49
N THR B 71 -1.69 29.45 17.02
CA THR B 71 -1.90 29.21 15.61
C THR B 71 -3.32 29.46 15.17
N VAL B 72 -4.16 30.04 16.03
CA VAL B 72 -5.57 30.24 15.68
C VAL B 72 -5.98 31.70 15.79
N THR B 73 -5.90 32.28 16.99
CA THR B 73 -6.55 33.56 17.28
C THR B 73 -5.53 34.64 17.63
N GLU B 74 -5.42 35.63 16.75
CA GLU B 74 -4.82 36.92 17.05
C GLU B 74 -5.82 38.00 16.60
N SER B 75 -5.38 39.25 16.52
CA SER B 75 -6.31 40.35 16.21
C SER B 75 -7.17 40.07 14.99
N ARG B 76 -6.54 39.59 13.90
CA ARG B 76 -7.26 39.38 12.65
C ARG B 76 -8.38 38.35 12.81
N MET B 77 -8.07 37.23 13.47
CA MET B 77 -9.08 36.20 13.69
C MET B 77 -10.18 36.71 14.62
N ALA B 78 -9.82 37.47 15.65
CA ALA B 78 -10.82 37.99 16.56
C ALA B 78 -11.79 38.93 15.85
N ILE B 79 -11.26 39.80 14.99
CA ILE B 79 -12.11 40.70 14.22
C ILE B 79 -13.04 39.90 13.31
N ALA B 80 -12.48 38.92 12.59
CA ALA B 80 -13.29 38.12 11.66
C ALA B 80 -14.38 37.35 12.40
N MET B 81 -14.04 36.78 13.57
CA MET B 81 -15.02 36.01 14.33
C MET B 81 -16.13 36.90 14.87
N ALA B 82 -15.78 38.06 15.42
CA ALA B 82 -16.80 38.96 15.93
C ALA B 82 -17.72 39.44 14.81
N ARG B 83 -17.14 39.74 13.64
CA ARG B 83 -17.97 40.16 12.51
C ARG B 83 -18.89 39.03 12.05
N ALA B 84 -18.41 37.79 12.11
CA ALA B 84 -19.21 36.67 11.63
C ALA B 84 -20.36 36.31 12.55
N GLY B 85 -20.40 36.84 13.77
CA GLY B 85 -21.45 36.52 14.73
C GLY B 85 -20.98 35.75 15.94
N GLY B 86 -19.73 35.30 15.96
CA GLY B 86 -19.13 34.64 17.09
C GLY B 86 -18.19 35.55 17.86
N MET B 87 -17.14 34.97 18.43
CA MET B 87 -16.14 35.75 19.13
C MET B 87 -14.81 35.01 19.07
N GLY B 88 -13.73 35.76 19.30
CA GLY B 88 -12.41 35.18 19.39
C GLY B 88 -11.83 35.37 20.79
N VAL B 89 -10.98 34.44 21.20
CA VAL B 89 -10.24 34.53 22.46
C VAL B 89 -8.76 34.60 22.13
N LEU B 90 -8.13 35.72 22.45
CA LEU B 90 -6.73 35.92 22.13
C LEU B 90 -5.84 35.01 22.97
N HIS B 91 -4.89 34.35 22.32
CA HIS B 91 -3.96 33.48 23.02
C HIS B 91 -2.99 34.30 23.87
N ARG B 92 -2.42 33.65 24.88
CA ARG B 92 -1.58 34.32 25.86
C ARG B 92 -0.11 33.91 25.79
N ASN B 93 0.32 33.24 24.71
CA ASN B 93 1.70 32.80 24.56
C ASN B 93 2.57 33.92 23.98
N LEU B 94 2.55 35.06 24.67
CA LEU B 94 3.19 36.27 24.18
C LEU B 94 3.25 37.28 25.32
N PRO B 95 4.07 38.33 25.20
CA PRO B 95 4.19 39.31 26.28
C PRO B 95 2.88 40.03 26.55
N VAL B 96 2.75 40.53 27.79
CA VAL B 96 1.53 41.22 28.21
C VAL B 96 1.25 42.42 27.32
N ALA B 97 2.29 43.18 26.98
CA ALA B 97 2.09 44.38 26.17
C ALA B 97 1.54 44.04 24.79
N GLU B 98 2.03 42.96 24.17
CA GLU B 98 1.53 42.56 22.86
C GLU B 98 0.09 42.09 22.93
N GLN B 99 -0.27 41.33 23.97
CA GLN B 99 -1.65 40.88 24.10
C GLN B 99 -2.60 42.05 24.31
N ALA B 100 -2.20 43.03 25.14
CA ALA B 100 -3.03 44.21 25.32
C ALA B 100 -3.14 45.01 24.02
N GLY B 101 -2.04 45.10 23.26
CA GLY B 101 -2.10 45.77 21.98
C GLY B 101 -3.05 45.09 21.01
N GLN B 102 -3.09 43.76 21.04
CA GLN B 102 -4.03 43.03 20.21
C GLN B 102 -5.47 43.27 20.64
N VAL B 103 -5.71 43.33 21.95
CA VAL B 103 -7.04 43.71 22.45
C VAL B 103 -7.44 45.08 21.91
N GLU B 104 -6.52 46.04 21.99
CA GLU B 104 -6.81 47.39 21.53
C GLU B 104 -7.05 47.44 20.02
N THR B 105 -6.25 46.69 19.26
CA THR B 105 -6.46 46.58 17.82
C THR B 105 -7.86 46.05 17.49
N VAL B 106 -8.33 45.05 18.25
CA VAL B 106 -9.68 44.55 18.00
C VAL B 106 -10.72 45.59 18.39
N LYS B 107 -10.54 46.25 19.53
CA LYS B 107 -11.55 47.19 20.00
C LYS B 107 -11.64 48.45 19.14
N ARG B 108 -10.58 48.78 18.41
CA ARG B 108 -10.55 50.00 17.61
C ARG B 108 -10.98 49.77 16.15
N SER B 109 -11.30 48.53 15.79
CA SER B 109 -11.58 48.21 14.38
C SER B 109 -12.79 48.98 13.87
N GLU B 110 -13.85 49.08 14.67
CA GLU B 110 -15.04 49.82 14.27
C GLU B 110 -15.77 50.28 15.52
N ALA B 111 -16.61 51.30 15.35
CA ALA B 111 -17.36 51.85 16.47
C ALA B 111 -18.49 52.71 15.92
N GLY B 112 -19.45 53.00 16.79
CA GLY B 112 -20.46 53.99 16.46
C GLY B 112 -19.86 55.38 16.29
N MET B 113 -18.81 55.68 17.05
CA MET B 113 -18.11 56.95 16.97
C MET B 113 -16.70 56.76 17.51
N VAL B 114 -15.71 57.17 16.74
CA VAL B 114 -14.32 57.14 17.19
C VAL B 114 -14.18 58.19 18.29
N THR B 115 -13.93 57.75 19.53
CA THR B 115 -13.85 58.65 20.66
C THR B 115 -12.44 59.15 20.95
N ASP B 116 -11.42 58.56 20.34
CA ASP B 116 -10.04 59.01 20.48
C ASP B 116 -9.42 59.15 19.09
N PRO B 117 -9.90 60.11 18.29
CA PRO B 117 -9.40 60.21 16.92
C PRO B 117 -7.90 60.50 16.89
N VAL B 118 -7.23 59.92 15.90
CA VAL B 118 -5.81 60.16 15.68
C VAL B 118 -5.66 61.49 14.98
N THR B 119 -5.19 62.51 15.71
CA THR B 119 -5.03 63.85 15.17
C THR B 119 -3.56 64.13 14.87
N CYS B 120 -3.33 65.16 14.05
CA CYS B 120 -1.98 65.60 13.71
C CYS B 120 -1.88 67.11 13.93
N SER B 121 -0.72 67.65 13.58
CA SER B 121 -0.44 69.08 13.71
C SER B 121 -0.03 69.66 12.36
N PRO B 122 -0.29 70.94 12.11
CA PRO B 122 0.08 71.53 10.81
C PRO B 122 1.57 71.48 10.54
N ASP B 123 2.41 71.39 11.57
CA ASP B 123 3.85 71.37 11.38
C ASP B 123 4.37 70.02 10.90
N ASN B 124 3.57 68.96 11.05
CA ASN B 124 4.02 67.63 10.69
C ASN B 124 4.20 67.51 9.19
N THR B 125 5.28 66.84 8.78
CA THR B 125 5.49 66.57 7.36
C THR B 125 4.54 65.48 6.89
N LEU B 126 4.47 65.29 5.58
CA LEU B 126 3.58 64.28 5.03
C LEU B 126 4.04 62.88 5.42
N ALA B 127 5.35 62.63 5.45
CA ALA B 127 5.84 61.32 5.84
C ALA B 127 5.44 60.98 7.27
N GLU B 128 5.43 61.98 8.15
CA GLU B 128 5.05 61.76 9.54
C GLU B 128 3.59 61.29 9.66
N VAL B 129 2.66 62.02 9.04
CA VAL B 129 1.25 61.65 9.12
C VAL B 129 1.00 60.35 8.37
N ASP B 130 1.73 60.12 7.27
CA ASP B 130 1.64 58.84 6.57
C ASP B 130 2.05 57.68 7.47
N ALA B 131 3.13 57.86 8.22
CA ALA B 131 3.55 56.85 9.18
C ALA B 131 2.50 56.62 10.25
N MET B 132 1.86 57.71 10.72
CA MET B 132 0.79 57.55 11.69
C MET B 132 -0.36 56.73 11.12
N CYS B 133 -0.73 57.01 9.86
CA CYS B 133 -1.79 56.25 9.20
C CYS B 133 -1.41 54.78 9.07
N ALA B 134 -0.16 54.50 8.71
CA ALA B 134 0.27 53.11 8.60
C ALA B 134 0.29 52.43 9.97
N ARG B 135 0.61 53.17 11.03
CA ARG B 135 0.64 52.58 12.36
C ARG B 135 -0.76 52.20 12.84
N PHE B 136 -1.73 53.09 12.63
CA PHE B 136 -3.11 52.81 13.04
C PHE B 136 -3.97 52.24 11.93
N ARG B 137 -3.39 51.97 10.76
CA ARG B 137 -4.12 51.39 9.62
C ARG B 137 -5.39 52.19 9.31
N ILE B 138 -5.23 53.50 9.21
CA ILE B 138 -6.35 54.39 8.90
C ILE B 138 -6.02 55.20 7.66
N SER B 139 -6.89 56.13 7.30
CA SER B 139 -6.73 56.91 6.08
C SER B 139 -6.69 58.42 6.28
N GLY B 140 -7.34 58.95 7.30
CA GLY B 140 -7.48 60.38 7.43
C GLY B 140 -7.34 60.82 8.87
N LEU B 141 -6.77 62.02 9.04
CA LEU B 141 -6.43 62.58 10.34
C LEU B 141 -6.95 64.01 10.42
N PRO B 142 -7.70 64.37 11.46
CA PRO B 142 -7.91 65.78 11.76
C PRO B 142 -6.58 66.42 12.15
N VAL B 143 -6.55 67.75 12.12
CA VAL B 143 -5.33 68.48 12.43
C VAL B 143 -5.65 69.58 13.43
N VAL B 144 -4.85 69.67 14.49
CA VAL B 144 -5.03 70.67 15.53
C VAL B 144 -3.71 71.39 15.72
N ASP B 145 -3.80 72.65 16.16
CA ASP B 145 -2.62 73.46 16.42
C ASP B 145 -2.13 73.23 17.85
N ASP B 146 -1.05 73.94 18.22
CA ASP B 146 -0.46 73.78 19.53
C ASP B 146 -1.36 74.26 20.66
N THR B 147 -2.36 75.08 20.36
CA THR B 147 -3.34 75.47 21.37
C THR B 147 -4.35 74.35 21.62
N GLY B 148 -4.69 73.60 20.60
CA GLY B 148 -5.71 72.56 20.70
C GLY B 148 -6.98 72.81 19.93
N GLU B 149 -6.95 73.63 18.89
CA GLU B 149 -8.14 73.96 18.13
C GLU B 149 -8.05 73.35 16.74
N LEU B 150 -9.18 72.85 16.24
CA LEU B 150 -9.20 72.11 14.99
C LEU B 150 -9.04 73.08 13.82
N VAL B 151 -8.00 72.87 13.01
CA VAL B 151 -7.69 73.75 11.90
C VAL B 151 -7.86 73.09 10.55
N GLY B 152 -8.33 71.85 10.51
CA GLY B 152 -8.61 71.20 9.25
C GLY B 152 -8.53 69.69 9.36
N ILE B 153 -8.42 69.05 8.21
CA ILE B 153 -8.40 67.59 8.11
C ILE B 153 -7.63 67.22 6.85
N ILE B 154 -6.79 66.19 6.95
CA ILE B 154 -6.03 65.69 5.81
C ILE B 154 -6.33 64.21 5.64
N THR B 155 -6.77 63.83 4.44
CA THR B 155 -7.14 62.48 4.10
C THR B 155 -6.25 61.97 2.98
N ASN B 156 -6.32 60.66 2.72
CA ASN B 156 -5.37 60.07 1.79
C ASN B 156 -5.60 60.53 0.36
N ARG B 157 -6.78 61.08 0.05
CA ARG B 157 -6.95 61.72 -1.26
C ARG B 157 -6.10 62.98 -1.36
N ASP B 158 -6.04 63.77 -0.28
CA ASP B 158 -5.15 64.93 -0.26
C ASP B 158 -3.69 64.53 -0.39
N MET B 159 -3.28 63.48 0.33
CA MET B 159 -1.90 63.02 0.24
C MET B 159 -1.61 62.32 -1.07
N ARG B 160 -2.64 61.88 -1.80
CA ARG B 160 -2.43 61.12 -3.02
C ARG B 160 -1.96 62.02 -4.15
N PHE B 161 -2.45 63.26 -4.18
CA PHE B 161 -2.20 64.19 -5.26
C PHE B 161 -1.00 65.10 -4.99
N GLU B 162 -0.13 64.72 -4.05
CA GLU B 162 1.01 65.52 -3.66
C GLU B 162 2.30 64.79 -4.02
N VAL B 163 3.19 65.49 -4.71
CA VAL B 163 4.45 64.90 -5.13
C VAL B 163 5.59 65.20 -4.16
N ASP B 164 5.50 66.28 -3.39
CA ASP B 164 6.53 66.64 -2.42
C ASP B 164 6.21 65.96 -1.08
N GLN B 165 7.07 65.03 -0.67
CA GLN B 165 6.86 64.30 0.57
C GLN B 165 7.39 65.04 1.79
N SER B 166 8.18 66.10 1.59
CA SER B 166 8.68 66.91 2.70
C SER B 166 7.73 68.03 3.11
N LYS B 167 6.60 68.18 2.42
CA LYS B 167 5.71 69.31 2.69
C LYS B 167 5.09 69.19 4.08
N PRO B 168 4.82 70.32 4.73
CA PRO B 168 4.06 70.28 5.97
C PRO B 168 2.58 70.02 5.71
N VAL B 169 1.88 69.61 6.77
CA VAL B 169 0.45 69.34 6.66
C VAL B 169 -0.32 70.61 6.35
N SER B 170 0.13 71.75 6.86
CA SER B 170 -0.56 73.01 6.63
C SER B 170 -0.63 73.39 5.16
N GLU B 171 0.29 72.89 4.34
CA GLU B 171 0.29 73.19 2.91
C GLU B 171 -0.57 72.22 2.10
N VAL B 172 -0.98 71.11 2.70
CA VAL B 172 -1.75 70.09 2.01
C VAL B 172 -3.16 69.96 2.55
N MET B 173 -3.35 70.16 3.86
CA MET B 173 -4.61 69.88 4.53
C MET B 173 -5.74 70.74 3.98
N THR B 174 -6.95 70.18 3.99
CA THR B 174 -8.15 70.98 3.83
C THR B 174 -8.35 71.82 5.07
N LYS B 175 -8.33 73.14 4.90
CA LYS B 175 -8.31 74.06 6.03
C LYS B 175 -9.71 74.31 6.57
N ALA B 176 -9.76 74.68 7.86
CA ALA B 176 -11.01 75.02 8.49
C ALA B 176 -11.58 76.31 7.90
N PRO B 177 -12.91 76.49 7.92
CA PRO B 177 -13.93 75.66 8.56
C PRO B 177 -14.20 74.35 7.83
N LEU B 178 -14.54 73.31 8.59
CA LEU B 178 -14.81 71.97 8.07
C LEU B 178 -16.30 71.66 8.19
N ILE B 179 -16.69 70.57 7.56
CA ILE B 179 -18.01 69.98 7.78
C ILE B 179 -17.93 69.24 9.10
N THR B 180 -18.50 69.82 10.16
CA THR B 180 -18.41 69.26 11.50
C THR B 180 -19.78 69.31 12.17
N ALA B 181 -19.85 68.72 13.36
CA ALA B 181 -21.09 68.68 14.13
C ALA B 181 -20.77 68.72 15.62
N LYS B 182 -21.78 69.05 16.41
CA LYS B 182 -21.64 69.16 17.84
C LYS B 182 -21.82 67.80 18.52
N GLU B 183 -21.49 67.74 19.80
CA GLU B 183 -21.66 66.51 20.57
C GLU B 183 -23.13 66.14 20.68
N GLY B 184 -23.40 64.84 20.71
CA GLY B 184 -24.75 64.35 20.83
C GLY B 184 -25.53 64.23 19.54
N VAL B 185 -24.92 64.55 18.40
CA VAL B 185 -25.61 64.43 17.12
C VAL B 185 -25.88 62.97 16.82
N SER B 186 -27.13 62.65 16.50
CA SER B 186 -27.51 61.27 16.26
C SER B 186 -26.87 60.74 14.98
N ALA B 187 -26.84 59.42 14.86
CA ALA B 187 -26.23 58.79 13.69
C ALA B 187 -26.97 59.14 12.41
N GLU B 188 -28.29 59.27 12.48
CA GLU B 188 -29.07 59.62 11.30
C GLU B 188 -28.69 61.00 10.77
N ALA B 189 -28.51 61.97 11.67
CA ALA B 189 -28.10 63.30 11.24
C ALA B 189 -26.68 63.31 10.69
N ALA B 190 -25.78 62.54 11.32
CA ALA B 190 -24.40 62.48 10.85
C ALA B 190 -24.34 61.87 9.45
N LEU B 191 -25.11 60.80 9.22
CA LEU B 191 -25.17 60.22 7.89
C LEU B 191 -25.79 61.19 6.90
N GLY B 192 -26.79 61.96 7.33
CA GLY B 192 -27.35 62.96 6.44
C GLY B 192 -26.33 64.00 6.02
N LEU B 193 -25.51 64.46 6.97
CA LEU B 193 -24.47 65.43 6.64
C LEU B 193 -23.42 64.82 5.72
N LEU B 194 -22.96 63.60 6.02
CA LEU B 194 -21.96 62.97 5.17
C LEU B 194 -22.50 62.70 3.77
N ARG B 195 -23.82 62.53 3.64
CA ARG B 195 -24.44 62.36 2.33
C ARG B 195 -24.59 63.69 1.59
N ARG B 196 -24.87 64.77 2.31
CA ARG B 196 -25.09 66.05 1.66
C ARG B 196 -23.81 66.60 1.04
N HIS B 197 -22.69 66.54 1.76
CA HIS B 197 -21.45 67.13 1.32
C HIS B 197 -20.52 66.15 0.62
N LYS B 198 -20.95 64.90 0.45
CA LYS B 198 -20.21 63.91 -0.35
C LYS B 198 -18.78 63.72 0.17
N ILE B 199 -18.67 63.51 1.48
CA ILE B 199 -17.39 63.27 2.14
C ILE B 199 -17.52 62.02 3.00
N GLU B 200 -16.37 61.46 3.38
CA GLU B 200 -16.34 60.22 4.14
C GLU B 200 -16.16 60.42 5.64
N LYS B 201 -15.67 61.57 6.08
CA LYS B 201 -15.33 61.81 7.47
C LYS B 201 -16.07 63.02 8.00
N LEU B 202 -16.34 63.00 9.30
CA LEU B 202 -17.05 64.10 9.96
C LEU B 202 -16.49 64.32 11.35
N PRO B 203 -15.72 65.38 11.56
CA PRO B 203 -15.25 65.69 12.91
C PRO B 203 -16.39 66.09 13.83
N ILE B 204 -16.21 65.84 15.12
CA ILE B 204 -17.20 66.13 16.15
C ILE B 204 -16.53 67.00 17.21
N VAL B 205 -17.07 68.20 17.40
CA VAL B 205 -16.52 69.18 18.31
C VAL B 205 -17.49 69.38 19.46
N ASP B 206 -16.98 69.98 20.54
CA ASP B 206 -17.78 70.28 21.71
C ASP B 206 -18.27 71.73 21.65
N GLY B 207 -18.80 72.22 22.77
CA GLY B 207 -19.32 73.57 22.84
C GLY B 207 -18.28 74.66 22.67
N HIS B 208 -17.00 74.31 22.62
CA HIS B 208 -15.93 75.27 22.41
C HIS B 208 -15.13 75.01 21.14
N GLY B 209 -15.61 74.15 20.26
CA GLY B 209 -14.87 73.81 19.06
C GLY B 209 -13.71 72.88 19.26
N LYS B 210 -13.67 72.16 20.38
CA LYS B 210 -12.61 71.19 20.65
C LYS B 210 -13.04 69.82 20.12
N LEU B 211 -12.15 69.18 19.37
CA LEU B 211 -12.48 67.91 18.73
C LEU B 211 -12.70 66.83 19.78
N THR B 212 -13.88 66.21 19.74
CA THR B 212 -14.22 65.15 20.68
C THR B 212 -14.73 63.88 20.00
N GLY B 213 -14.75 63.83 18.67
CA GLY B 213 -15.13 62.60 18.00
C GLY B 213 -14.89 62.66 16.51
N LEU B 214 -15.13 61.52 15.86
CA LEU B 214 -15.00 61.44 14.41
C LEU B 214 -15.92 60.34 13.90
N ILE B 215 -16.90 60.71 13.09
CA ILE B 215 -17.87 59.76 12.54
C ILE B 215 -17.55 59.57 11.07
N THR B 216 -17.34 58.32 10.67
CA THR B 216 -17.07 57.97 9.28
C THR B 216 -18.26 57.24 8.67
N VAL B 217 -18.28 57.18 7.35
CA VAL B 217 -19.31 56.42 6.65
C VAL B 217 -18.90 54.96 6.47
N LYS B 218 -17.61 54.66 6.61
CA LYS B 218 -17.17 53.27 6.59
C LYS B 218 -17.78 52.48 7.72
N ASP B 219 -18.09 53.14 8.85
CA ASP B 219 -18.76 52.45 9.94
C ASP B 219 -20.16 52.00 9.54
N PHE B 220 -20.90 52.87 8.86
CA PHE B 220 -22.22 52.48 8.35
C PHE B 220 -22.10 51.37 7.32
N VAL B 221 -21.10 51.47 6.44
CA VAL B 221 -20.87 50.43 5.44
C VAL B 221 -20.60 49.09 6.13
N LYS B 222 -19.74 49.11 7.14
CA LYS B 222 -19.40 47.88 7.87
C LYS B 222 -20.61 47.32 8.60
N THR B 223 -21.42 48.18 9.21
CA THR B 223 -22.63 47.72 9.89
C THR B 223 -23.58 47.05 8.92
N GLU B 224 -23.75 47.62 7.73
CA GLU B 224 -24.66 47.03 6.76
C GLU B 224 -24.06 45.78 6.11
N GLN B 225 -22.74 45.69 6.04
CA GLN B 225 -22.08 44.55 5.42
C GLN B 225 -21.96 43.35 6.36
N PHE B 226 -21.89 43.60 7.68
CA PHE B 226 -21.73 42.54 8.67
C PHE B 226 -22.86 42.69 9.69
N PRO B 227 -24.09 42.30 9.34
CA PRO B 227 -25.25 42.58 10.20
C PRO B 227 -25.33 41.69 11.44
N LEU B 228 -24.44 40.70 11.59
CA LEU B 228 -24.46 39.82 12.75
C LEU B 228 -23.36 40.14 13.77
N SER B 229 -22.63 41.24 13.58
CA SER B 229 -21.42 41.49 14.36
C SER B 229 -21.71 41.51 15.85
N THR B 230 -20.84 40.85 16.62
CA THR B 230 -20.96 40.83 18.08
C THR B 230 -20.35 42.12 18.62
N LYS B 231 -21.18 42.98 19.19
CA LYS B 231 -20.77 44.34 19.50
C LYS B 231 -21.27 44.75 20.89
N ASP B 232 -20.61 45.74 21.47
CA ASP B 232 -20.99 46.28 22.76
C ASP B 232 -21.96 47.45 22.58
N SER B 233 -22.24 48.16 23.67
CA SER B 233 -23.15 49.29 23.63
C SER B 233 -22.60 50.47 22.84
N ASP B 234 -21.29 50.53 22.63
CA ASP B 234 -20.68 51.57 21.81
C ASP B 234 -20.48 51.15 20.36
N GLY B 235 -21.01 50.01 19.95
CA GLY B 235 -20.82 49.55 18.59
C GLY B 235 -19.44 49.02 18.27
N ARG B 236 -18.65 48.71 19.29
CA ARG B 236 -17.33 48.12 19.09
C ARG B 236 -17.42 46.60 19.22
N LEU B 237 -16.59 45.90 18.46
CA LEU B 237 -16.57 44.45 18.49
C LEU B 237 -16.16 43.94 19.86
N LEU B 238 -16.70 42.78 20.23
CA LEU B 238 -16.31 42.10 21.46
C LEU B 238 -15.10 41.22 21.23
N VAL B 239 -14.31 41.02 22.28
CA VAL B 239 -13.12 40.19 22.20
C VAL B 239 -12.85 39.57 23.57
N GLY B 240 -12.29 38.37 23.56
CA GLY B 240 -11.86 37.71 24.78
C GLY B 240 -10.36 37.52 24.82
N ALA B 241 -9.82 37.24 26.01
CA ALA B 241 -8.39 36.95 26.15
C ALA B 241 -8.21 35.94 27.27
N ALA B 242 -7.15 35.13 27.14
CA ALA B 242 -6.84 34.08 28.10
C ALA B 242 -5.76 34.53 29.06
N VAL B 243 -5.87 34.10 30.31
CA VAL B 243 -4.85 34.31 31.33
C VAL B 243 -4.63 33.00 32.07
N GLY B 244 -3.49 32.92 32.75
CA GLY B 244 -3.14 31.78 33.57
C GLY B 244 -3.39 32.04 35.04
N VAL B 245 -2.55 31.44 35.88
CA VAL B 245 -2.66 31.57 37.33
C VAL B 245 -1.32 32.03 37.89
N GLY B 246 -1.37 32.96 38.85
CA GLY B 246 -0.19 33.50 39.49
C GLY B 246 -0.21 35.01 39.54
N ASP B 247 0.92 35.58 39.93
CA ASP B 247 1.06 37.04 40.00
C ASP B 247 1.22 37.67 38.62
N ASP B 248 2.07 37.07 37.78
CA ASP B 248 2.18 37.54 36.40
C ASP B 248 0.83 37.47 35.70
N ALA B 249 0.05 36.42 35.97
CA ALA B 249 -1.29 36.31 35.41
C ALA B 249 -2.18 37.45 35.88
N TRP B 250 -2.07 37.83 37.16
CA TRP B 250 -2.87 38.93 37.69
C TRP B 250 -2.51 40.25 37.01
N THR B 251 -1.21 40.52 36.84
CA THR B 251 -0.80 41.72 36.13
C THR B 251 -1.30 41.71 34.69
N ARG B 252 -1.21 40.55 34.03
CA ARG B 252 -1.70 40.41 32.67
C ARG B 252 -3.20 40.71 32.60
N ALA B 253 -3.97 40.15 33.53
CA ALA B 253 -5.41 40.36 33.54
C ALA B 253 -5.77 41.82 33.75
N MET B 254 -5.08 42.50 34.67
CA MET B 254 -5.34 43.92 34.88
C MET B 254 -5.02 44.73 33.64
N THR B 255 -3.90 44.45 32.98
CA THR B 255 -3.56 45.16 31.75
C THR B 255 -4.60 44.91 30.67
N LEU B 256 -5.05 43.66 30.52
CA LEU B 256 -6.04 43.34 29.51
C LEU B 256 -7.37 44.04 29.78
N VAL B 257 -7.75 44.16 31.06
CA VAL B 257 -8.95 44.89 31.41
C VAL B 257 -8.81 46.37 31.08
N ASP B 258 -7.63 46.94 31.33
CA ASP B 258 -7.41 48.34 30.97
C ASP B 258 -7.51 48.57 29.47
N ALA B 259 -7.10 47.58 28.67
CA ALA B 259 -7.21 47.69 27.21
C ALA B 259 -8.65 47.56 26.71
N GLY B 260 -9.59 47.21 27.59
CA GLY B 260 -10.97 47.11 27.18
C GLY B 260 -11.45 45.73 26.76
N VAL B 261 -10.85 44.67 27.32
CA VAL B 261 -11.30 43.32 27.00
C VAL B 261 -12.69 43.10 27.58
N ASP B 262 -13.44 42.22 26.92
CA ASP B 262 -14.83 41.95 27.32
C ASP B 262 -15.00 40.66 28.12
N VAL B 263 -14.18 39.65 27.86
CA VAL B 263 -14.21 38.40 28.61
C VAL B 263 -12.79 38.02 28.96
N LEU B 264 -12.59 37.60 30.20
CA LEU B 264 -11.35 36.94 30.62
C LEU B 264 -11.62 35.45 30.75
N ILE B 265 -10.72 34.64 30.20
CA ILE B 265 -10.78 33.20 30.33
C ILE B 265 -9.59 32.76 31.17
N VAL B 266 -9.85 32.24 32.36
CA VAL B 266 -8.81 31.59 33.15
C VAL B 266 -8.62 30.21 32.51
N ASP B 267 -7.48 30.02 31.86
CA ASP B 267 -7.31 28.97 30.86
C ASP B 267 -6.23 28.00 31.32
N THR B 268 -6.63 26.87 31.89
CA THR B 268 -5.71 25.86 32.38
C THR B 268 -6.15 24.49 31.88
N ALA B 269 -5.22 23.53 31.96
CA ALA B 269 -5.55 22.16 31.58
C ALA B 269 -6.44 21.48 32.61
N HIS B 270 -6.39 21.93 33.87
CA HIS B 270 -7.08 21.26 34.97
C HIS B 270 -7.56 22.33 35.95
N ALA B 271 -8.82 22.75 35.77
CA ALA B 271 -9.37 23.83 36.58
C ALA B 271 -9.88 23.39 37.94
N HIS B 272 -10.01 22.07 38.18
CA HIS B 272 -10.40 21.56 39.50
C HIS B 272 -9.21 21.67 40.45
N ASN B 273 -8.83 22.91 40.74
CA ASN B 273 -7.60 23.22 41.45
C ASN B 273 -7.83 24.49 42.26
N ARG B 274 -7.33 24.49 43.50
CA ARG B 274 -7.58 25.61 44.40
C ARG B 274 -7.02 26.92 43.85
N GLY B 275 -5.85 26.87 43.21
CA GLY B 275 -5.30 28.07 42.62
C GLY B 275 -6.19 28.68 41.55
N VAL B 276 -6.74 27.84 40.67
CA VAL B 276 -7.59 28.32 39.59
C VAL B 276 -8.88 28.92 40.16
N LEU B 277 -9.49 28.23 41.12
CA LEU B 277 -10.72 28.73 41.74
C LEU B 277 -10.47 30.04 42.47
N ASP B 278 -9.34 30.16 43.15
CA ASP B 278 -8.98 31.43 43.79
C ASP B 278 -8.80 32.53 42.76
N MET B 279 -8.17 32.22 41.62
CA MET B 279 -8.01 33.23 40.58
C MET B 279 -9.36 33.69 40.06
N VAL B 280 -10.28 32.74 39.85
CA VAL B 280 -11.61 33.09 39.37
C VAL B 280 -12.32 34.00 40.37
N SER B 281 -12.26 33.65 41.65
CA SER B 281 -12.92 34.46 42.68
C SER B 281 -12.32 35.86 42.76
N ARG B 282 -10.98 35.95 42.72
CA ARG B 282 -10.33 37.26 42.78
C ARG B 282 -10.71 38.13 41.59
N LEU B 283 -10.70 37.54 40.39
CA LEU B 283 -11.07 38.31 39.20
C LEU B 283 -12.52 38.77 39.27
N LYS B 284 -13.41 37.88 39.73
CA LYS B 284 -14.82 38.24 39.83
C LYS B 284 -15.04 39.36 40.83
N GLN B 285 -14.27 39.38 41.92
CA GLN B 285 -14.34 40.49 42.84
C GLN B 285 -13.81 41.78 42.23
N ALA B 286 -12.63 41.72 41.60
CA ALA B 286 -11.95 42.94 41.20
C ALA B 286 -12.61 43.60 39.99
N VAL B 287 -12.95 42.83 38.97
CA VAL B 287 -13.42 43.43 37.72
C VAL B 287 -14.72 42.79 37.25
N GLY B 288 -15.44 42.14 38.17
CA GLY B 288 -16.63 41.41 37.79
C GLY B 288 -17.78 42.28 37.33
N GLU B 289 -17.76 43.58 37.67
CA GLU B 289 -18.85 44.45 37.25
C GLU B 289 -18.77 44.80 35.77
N ARG B 290 -17.58 44.74 35.18
CA ARG B 290 -17.36 45.11 33.79
C ARG B 290 -17.12 43.90 32.88
N VAL B 291 -16.32 42.94 33.33
CA VAL B 291 -15.83 41.86 32.50
C VAL B 291 -16.44 40.55 32.98
N ASP B 292 -16.79 39.69 32.02
CA ASP B 292 -17.16 38.32 32.34
C ASP B 292 -15.92 37.46 32.50
N VAL B 293 -15.96 36.57 33.49
CA VAL B 293 -14.85 35.67 33.80
C VAL B 293 -15.30 34.25 33.52
N VAL B 294 -14.52 33.53 32.69
CA VAL B 294 -14.81 32.16 32.29
C VAL B 294 -13.78 31.24 32.94
N GLY B 295 -14.25 30.13 33.49
CA GLY B 295 -13.39 29.20 34.21
C GLY B 295 -12.92 28.06 33.33
N GLY B 296 -11.68 27.64 33.55
CA GLY B 296 -10.97 26.72 32.69
C GLY B 296 -11.53 25.32 32.61
N ASN B 297 -10.79 24.41 31.99
CA ASN B 297 -11.37 23.18 31.47
C ASN B 297 -11.64 22.19 32.60
N VAL B 298 -12.88 21.71 32.65
CA VAL B 298 -13.31 20.68 33.57
C VAL B 298 -13.87 19.53 32.75
N ALA B 299 -14.05 18.39 33.41
CA ALA B 299 -14.66 17.25 32.73
C ALA B 299 -15.62 16.46 33.62
N THR B 300 -15.90 16.93 34.84
CA THR B 300 -16.76 16.22 35.78
C THR B 300 -17.78 17.18 36.36
N ARG B 301 -18.81 16.60 37.00
CA ARG B 301 -19.85 17.42 37.61
C ARG B 301 -19.33 18.20 38.81
N ALA B 302 -18.51 17.57 39.64
CA ALA B 302 -17.99 18.24 40.83
C ALA B 302 -17.09 19.42 40.48
N ALA B 303 -16.27 19.27 39.43
CA ALA B 303 -15.42 20.38 38.99
C ALA B 303 -16.26 21.55 38.50
N ALA B 304 -17.31 21.27 37.73
CA ALA B 304 -18.18 22.33 37.24
C ALA B 304 -18.91 23.02 38.39
N ALA B 305 -19.34 22.24 39.38
CA ALA B 305 -19.99 22.82 40.55
C ALA B 305 -19.03 23.71 41.33
N ALA B 306 -17.76 23.29 41.43
CA ALA B 306 -16.76 24.11 42.10
C ALA B 306 -16.54 25.42 41.35
N LEU B 307 -16.45 25.37 40.02
CA LEU B 307 -16.32 26.60 39.24
C LEU B 307 -17.53 27.50 39.41
N VAL B 308 -18.74 26.92 39.41
CA VAL B 308 -19.95 27.72 39.58
C VAL B 308 -19.95 28.41 40.93
N GLU B 309 -19.60 27.66 41.99
CA GLU B 309 -19.54 28.25 43.33
C GLU B 309 -18.46 29.33 43.42
N ALA B 310 -17.36 29.17 42.68
CA ALA B 310 -16.32 30.19 42.66
C ALA B 310 -16.77 31.47 41.96
N GLY B 311 -17.88 31.46 41.24
CA GLY B 311 -18.41 32.65 40.61
C GLY B 311 -18.18 32.78 39.13
N ALA B 312 -17.83 31.70 38.44
CA ALA B 312 -17.58 31.77 37.01
C ALA B 312 -18.85 32.13 36.24
N ASP B 313 -18.68 32.91 35.18
CA ASP B 313 -19.80 33.28 34.32
C ASP B 313 -20.04 32.27 33.20
N ALA B 314 -19.09 31.37 32.96
CA ALA B 314 -19.26 30.25 32.05
C ALA B 314 -18.22 29.20 32.40
N VAL B 315 -18.47 27.97 31.96
CA VAL B 315 -17.62 26.84 32.29
C VAL B 315 -17.21 26.15 30.99
N LYS B 316 -15.91 26.01 30.78
CA LYS B 316 -15.39 25.39 29.57
C LYS B 316 -15.08 23.93 29.86
N VAL B 317 -15.51 23.04 28.97
CA VAL B 317 -15.50 21.60 29.21
C VAL B 317 -14.55 20.92 28.23
N GLY B 318 -13.74 20.00 28.74
CA GLY B 318 -12.93 19.14 27.92
C GLY B 318 -11.55 18.89 28.47
N VAL B 319 -11.23 17.62 28.71
CA VAL B 319 -9.96 17.17 29.26
C VAL B 319 -9.62 15.87 28.54
N GLY B 320 -8.65 15.92 27.63
CA GLY B 320 -8.33 14.80 26.77
C GLY B 320 -9.54 14.23 26.06
N PRO B 321 -10.25 15.04 25.27
CA PRO B 321 -11.45 14.53 24.59
C PRO B 321 -11.15 13.78 23.31
N GLY B 322 -9.95 13.91 22.74
CA GLY B 322 -9.62 13.20 21.52
C GLY B 322 -9.16 11.77 21.78
N SER B 323 -9.33 10.94 20.75
CA SER B 323 -9.14 9.50 20.93
C SER B 323 -7.69 9.16 21.27
N ILE B 324 -6.74 9.62 20.46
CA ILE B 324 -5.33 9.30 20.72
C ILE B 324 -4.56 10.52 21.21
N CYS B 325 -5.25 11.47 21.84
CA CYS B 325 -4.60 12.68 22.30
C CYS B 325 -3.42 12.34 23.21
N THR B 326 -2.49 13.29 23.32
CA THR B 326 -1.29 13.07 24.11
C THR B 326 -1.59 12.86 25.59
N THR B 327 -2.64 13.52 26.12
CA THR B 327 -2.97 13.31 27.53
C THR B 327 -3.36 11.87 27.82
N ARG B 328 -4.16 11.26 26.95
CA ARG B 328 -4.55 9.86 27.14
C ARG B 328 -3.35 8.93 27.04
N VAL B 329 -2.48 9.16 26.06
CA VAL B 329 -1.37 8.24 25.82
C VAL B 329 -0.31 8.37 26.92
N VAL B 330 0.06 9.59 27.27
CA VAL B 330 1.17 9.81 28.18
C VAL B 330 0.73 9.75 29.63
N ALA B 331 -0.40 10.36 29.99
CA ALA B 331 -0.84 10.40 31.38
C ALA B 331 -1.93 9.38 31.70
N GLY B 332 -2.55 8.77 30.69
CA GLY B 332 -3.66 7.89 30.95
C GLY B 332 -4.92 8.58 31.44
N VAL B 333 -5.05 9.87 31.16
CA VAL B 333 -6.12 10.71 31.72
C VAL B 333 -6.98 11.21 30.58
N GLY B 334 -8.29 11.17 30.77
CA GLY B 334 -9.19 11.67 29.76
C GLY B 334 -10.63 11.56 30.19
N ALA B 335 -11.51 12.09 29.36
CA ALA B 335 -12.95 12.00 29.57
C ALA B 335 -13.69 12.17 28.25
N PRO B 336 -14.46 11.17 27.82
CA PRO B 336 -15.25 11.32 26.59
C PRO B 336 -16.20 12.51 26.68
N GLN B 337 -16.30 13.25 25.58
CA GLN B 337 -16.77 14.62 25.62
C GLN B 337 -18.28 14.74 25.80
N ILE B 338 -19.06 13.82 25.20
CA ILE B 338 -20.52 13.88 25.35
C ILE B 338 -20.91 13.68 26.82
N THR B 339 -20.34 12.67 27.47
CA THR B 339 -20.62 12.42 28.87
C THR B 339 -20.14 13.57 29.76
N ALA B 340 -18.97 14.13 29.44
CA ALA B 340 -18.46 15.25 30.22
C ALA B 340 -19.38 16.46 30.10
N ILE B 341 -19.88 16.73 28.90
CA ILE B 341 -20.83 17.83 28.72
C ILE B 341 -22.11 17.57 29.51
N LEU B 342 -22.62 16.33 29.48
CA LEU B 342 -23.84 16.04 30.22
C LEU B 342 -23.65 16.26 31.72
N GLU B 343 -22.53 15.81 32.26
CA GLU B 343 -22.26 16.01 33.69
C GLU B 343 -22.10 17.50 34.04
N ALA B 344 -21.33 18.22 33.22
CA ALA B 344 -21.13 19.65 33.48
C ALA B 344 -22.44 20.41 33.39
N VAL B 345 -23.30 20.05 32.44
CA VAL B 345 -24.59 20.74 32.31
C VAL B 345 -25.47 20.41 33.50
N ALA B 346 -25.43 19.16 33.98
CA ALA B 346 -26.16 18.82 35.19
C ALA B 346 -25.72 19.69 36.37
N ALA B 347 -24.43 20.03 36.43
CA ALA B 347 -23.98 20.92 37.49
C ALA B 347 -24.35 22.39 37.24
N CYS B 348 -24.34 22.84 35.99
CA CYS B 348 -24.37 24.26 35.67
C CYS B 348 -25.76 24.81 35.38
N LYS B 349 -26.63 24.03 34.75
CA LYS B 349 -27.92 24.54 34.29
C LYS B 349 -28.79 25.15 35.39
N PRO B 350 -28.89 24.59 36.60
CA PRO B 350 -29.75 25.22 37.62
C PRO B 350 -29.35 26.65 37.97
N TYR B 351 -28.09 27.01 37.81
CA TYR B 351 -27.63 28.35 38.13
C TYR B 351 -27.56 29.29 36.92
N GLY B 352 -28.00 28.83 35.76
CA GLY B 352 -27.95 29.66 34.56
C GLY B 352 -26.57 29.94 34.03
N VAL B 353 -25.61 29.05 34.28
CA VAL B 353 -24.24 29.22 33.82
C VAL B 353 -24.09 28.48 32.49
N PRO B 354 -23.72 29.16 31.40
CA PRO B 354 -23.53 28.47 30.13
C PRO B 354 -22.29 27.59 30.13
N VAL B 355 -22.36 26.51 29.35
CA VAL B 355 -21.27 25.56 29.21
C VAL B 355 -20.69 25.70 27.81
N ILE B 356 -19.36 25.83 27.73
CA ILE B 356 -18.64 25.90 26.46
C ILE B 356 -17.98 24.56 26.21
N ALA B 357 -18.26 23.97 25.03
CA ALA B 357 -17.66 22.70 24.64
C ALA B 357 -16.37 22.96 23.88
N ASP B 358 -15.26 22.45 24.39
CA ASP B 358 -13.92 22.75 23.88
C ASP B 358 -13.15 21.46 23.63
N GLY B 359 -13.14 20.99 22.39
CA GLY B 359 -12.26 19.91 22.01
C GLY B 359 -12.95 18.70 21.44
N GLY B 360 -12.29 18.03 20.50
CA GLY B 360 -12.80 16.82 19.90
C GLY B 360 -13.73 17.02 18.73
N LEU B 361 -14.07 18.26 18.39
CA LEU B 361 -14.98 18.52 17.28
C LEU B 361 -14.26 18.36 15.96
N GLN B 362 -14.82 17.54 15.07
CA GLN B 362 -14.25 17.34 13.75
C GLN B 362 -15.16 17.76 12.62
N TYR B 363 -16.48 17.77 12.82
CA TYR B 363 -17.43 18.15 11.79
C TYR B 363 -18.54 19.00 12.41
N SER B 364 -19.40 19.53 11.54
CA SER B 364 -20.54 20.33 12.01
C SER B 364 -21.57 19.47 12.73
N GLY B 365 -21.70 18.20 12.35
CA GLY B 365 -22.58 17.31 13.08
C GLY B 365 -22.16 17.16 14.54
N ASP B 366 -20.85 17.19 14.80
CA ASP B 366 -20.37 17.17 16.18
C ASP B 366 -20.77 18.44 16.92
N ILE B 367 -20.75 19.59 16.24
CA ILE B 367 -21.20 20.83 16.87
C ILE B 367 -22.66 20.71 17.28
N ALA B 368 -23.49 20.16 16.38
CA ALA B 368 -24.89 19.94 16.70
C ALA B 368 -25.05 19.00 17.88
N LYS B 369 -24.28 17.90 17.90
CA LYS B 369 -24.38 16.94 19.01
C LYS B 369 -23.97 17.59 20.33
N ALA B 370 -22.90 18.36 20.32
CA ALA B 370 -22.43 19.01 21.55
C ALA B 370 -23.44 20.01 22.07
N LEU B 371 -24.05 20.80 21.19
CA LEU B 371 -25.09 21.73 21.64
C LEU B 371 -26.32 21.00 22.14
N ALA B 372 -26.68 19.88 21.51
CA ALA B 372 -27.81 19.09 21.97
C ALA B 372 -27.54 18.44 23.32
N ALA B 373 -26.28 18.08 23.60
CA ALA B 373 -25.93 17.53 24.89
C ALA B 373 -26.09 18.53 26.02
N GLY B 374 -26.21 19.83 25.70
CA GLY B 374 -26.48 20.82 26.72
C GLY B 374 -25.56 22.02 26.71
N ALA B 375 -24.52 22.00 25.88
CA ALA B 375 -23.62 23.13 25.81
C ALA B 375 -24.28 24.30 25.08
N SER B 376 -23.83 25.50 25.38
CA SER B 376 -24.38 26.71 24.76
C SER B 376 -23.54 27.23 23.61
N THR B 377 -22.23 26.99 23.61
CA THR B 377 -21.34 27.37 22.53
C THR B 377 -20.31 26.27 22.32
N ALA B 378 -19.60 26.35 21.21
CA ALA B 378 -18.52 25.43 20.91
C ALA B 378 -17.25 26.22 20.56
N MET B 379 -16.11 25.74 21.06
CA MET B 379 -14.82 26.33 20.75
C MET B 379 -14.14 25.48 19.67
N LEU B 380 -13.64 26.13 18.63
CA LEU B 380 -13.36 25.41 17.38
C LEU B 380 -11.93 24.89 17.28
N GLY B 381 -10.94 25.78 17.29
CA GLY B 381 -9.57 25.28 17.27
C GLY B 381 -9.06 24.89 15.89
N SER B 382 -8.74 23.60 15.71
CA SER B 382 -8.02 23.15 14.53
C SER B 382 -8.81 23.29 13.25
N LEU B 383 -10.14 23.35 13.32
CA LEU B 383 -10.93 23.64 12.13
C LEU B 383 -10.59 24.99 11.53
N LEU B 384 -10.15 25.94 12.35
CA LEU B 384 -9.87 27.30 11.93
C LEU B 384 -8.38 27.56 11.71
N ALA B 385 -7.52 26.56 11.85
CA ALA B 385 -6.09 26.80 11.93
C ALA B 385 -5.51 27.26 10.60
N GLY B 386 -5.99 26.72 9.48
CA GLY B 386 -5.42 27.06 8.20
C GLY B 386 -6.04 28.21 7.47
N THR B 387 -6.98 28.93 8.09
CA THR B 387 -7.73 29.95 7.38
C THR B 387 -6.87 31.20 7.16
N ALA B 388 -7.35 32.08 6.28
CA ALA B 388 -6.61 33.27 5.91
C ALA B 388 -6.38 34.19 7.11
N GLU B 389 -7.40 34.33 7.96
CA GLU B 389 -7.28 35.21 9.11
C GLU B 389 -6.45 34.63 10.24
N SER B 390 -6.18 33.33 10.22
CA SER B 390 -5.35 32.72 11.24
C SER B 390 -3.90 33.18 11.08
N PRO B 391 -3.12 33.13 12.15
CA PRO B 391 -1.72 33.56 12.06
C PRO B 391 -0.90 32.64 11.16
N GLY B 392 0.17 33.18 10.62
CA GLY B 392 1.03 32.47 9.70
C GLY B 392 1.06 33.13 8.34
N GLU B 393 1.98 32.64 7.52
CA GLU B 393 2.29 33.22 6.23
C GLU B 393 1.88 32.29 5.11
N LEU B 394 1.30 32.86 4.06
CA LEU B 394 0.87 32.09 2.89
C LEU B 394 2.05 31.85 1.96
N ILE B 395 2.30 30.59 1.63
CA ILE B 395 3.34 30.21 0.68
C ILE B 395 2.71 29.35 -0.41
N PHE B 396 3.39 29.31 -1.56
CA PHE B 396 2.97 28.51 -2.71
C PHE B 396 4.04 27.45 -2.98
N VAL B 397 3.66 26.19 -2.82
CA VAL B 397 4.56 25.06 -2.95
C VAL B 397 3.87 23.96 -3.77
N ASN B 398 4.57 23.46 -4.78
CA ASN B 398 4.12 22.28 -5.54
C ASN B 398 2.70 22.45 -6.08
N GLY B 399 2.41 23.66 -6.57
CA GLY B 399 1.12 23.93 -7.16
C GLY B 399 -0.02 24.16 -6.19
N LYS B 400 0.26 24.18 -4.89
CA LYS B 400 -0.78 24.38 -3.88
C LYS B 400 -0.35 25.48 -2.91
N GLN B 401 -1.31 25.93 -2.11
CA GLN B 401 -1.06 26.95 -1.11
C GLN B 401 -0.95 26.31 0.27
N PHE B 402 -0.11 26.90 1.10
CA PHE B 402 0.09 26.43 2.47
C PHE B 402 0.22 27.61 3.41
N LYS B 403 0.04 27.34 4.69
CA LYS B 403 0.33 28.29 5.75
C LYS B 403 1.51 27.79 6.55
N SER B 404 2.48 28.68 6.81
CA SER B 404 3.69 28.31 7.51
C SER B 404 3.94 29.30 8.65
N TYR B 405 4.70 28.86 9.65
CA TYR B 405 4.97 29.63 10.85
C TYR B 405 6.43 30.07 10.91
N ARG B 406 6.99 30.49 9.78
CA ARG B 406 8.37 30.95 9.71
C ARG B 406 8.55 32.25 10.50
N ARG B 427 19.07 33.79 4.11
CA ARG B 427 18.84 34.67 5.25
C ARG B 427 19.90 35.77 5.30
N TYR B 428 20.32 36.16 6.51
CA TYR B 428 21.34 37.20 6.62
C TYR B 428 22.69 36.73 6.09
N PHE B 429 23.15 35.56 6.52
CA PHE B 429 24.48 35.10 6.19
C PHE B 429 24.53 34.19 4.96
N GLN B 430 23.38 33.81 4.41
CA GLN B 430 23.34 33.06 3.15
C GLN B 430 23.14 34.08 2.03
N ASP B 431 24.25 34.63 1.55
CA ASP B 431 24.24 35.65 0.51
C ASP B 431 24.60 35.10 -0.86
N ASP B 432 24.62 33.78 -1.02
CA ASP B 432 24.86 33.15 -2.32
C ASP B 432 23.58 33.23 -3.15
N VAL B 433 23.64 33.98 -4.26
CA VAL B 433 22.43 34.24 -5.04
C VAL B 433 21.92 32.99 -5.75
N LEU B 434 22.80 32.03 -6.05
CA LEU B 434 22.41 30.84 -6.79
C LEU B 434 22.22 29.61 -5.90
N SER B 435 22.22 29.78 -4.59
CA SER B 435 22.10 28.66 -3.68
C SER B 435 20.71 28.04 -3.79
N GLU B 436 20.61 26.76 -3.41
CA GLU B 436 19.34 26.06 -3.51
C GLU B 436 18.31 26.63 -2.54
N ASP B 437 18.76 27.21 -1.43
CA ASP B 437 17.83 27.82 -0.48
C ASP B 437 17.11 29.01 -1.08
N LYS B 438 17.74 29.68 -2.05
CA LYS B 438 17.05 30.75 -2.77
C LYS B 438 15.97 30.22 -3.70
N LEU B 439 16.12 29.00 -4.19
CA LEU B 439 15.17 28.44 -5.15
C LEU B 439 13.85 28.01 -4.50
N VAL B 440 13.81 27.84 -3.19
CA VAL B 440 12.59 27.35 -2.55
C VAL B 440 12.18 28.28 -1.41
N PRO B 441 10.89 28.39 -1.12
CA PRO B 441 10.45 29.36 -0.10
C PRO B 441 10.91 28.99 1.30
N GLU B 442 11.05 30.00 2.13
CA GLU B 442 11.25 29.79 3.57
C GLU B 442 9.98 29.25 4.20
N GLY B 443 10.15 28.30 5.11
CA GLY B 443 9.01 27.68 5.76
C GLY B 443 8.43 26.47 5.07
N ILE B 444 9.19 25.83 4.17
CA ILE B 444 8.68 24.69 3.42
C ILE B 444 8.35 23.52 4.34
N GLU B 445 9.12 23.33 5.40
CA GLU B 445 8.98 22.17 6.27
C GLU B 445 7.98 22.43 7.38
N GLY B 446 7.15 21.44 7.67
CA GLY B 446 6.14 21.57 8.71
C GLY B 446 5.03 22.56 8.40
N ARG B 447 4.63 22.66 7.14
CA ARG B 447 3.64 23.63 6.71
C ARG B 447 2.22 23.09 6.90
N VAL B 448 1.26 24.01 6.89
CA VAL B 448 -0.14 23.71 7.19
C VAL B 448 -0.99 24.02 5.97
N PRO B 449 -1.94 23.16 5.60
CA PRO B 449 -2.77 23.43 4.41
C PRO B 449 -3.60 24.70 4.57
N PHE B 450 -3.73 25.44 3.47
CA PHE B 450 -4.46 26.69 3.44
C PHE B 450 -5.94 26.43 3.20
N ARG B 451 -6.80 27.10 3.98
CA ARG B 451 -8.23 26.86 3.92
C ARG B 451 -9.03 28.01 3.32
N GLY B 452 -8.42 29.17 3.12
CA GLY B 452 -9.14 30.31 2.59
C GLY B 452 -9.87 31.09 3.67
N PRO B 453 -10.83 31.91 3.26
CA PRO B 453 -11.47 32.82 4.21
C PRO B 453 -12.26 32.10 5.29
N LEU B 454 -12.32 32.73 6.47
CA LEU B 454 -13.01 32.16 7.62
C LEU B 454 -14.53 32.14 7.41
N GLY B 455 -15.06 33.15 6.72
CA GLY B 455 -16.50 33.23 6.55
C GLY B 455 -17.10 32.01 5.89
N THR B 456 -16.40 31.44 4.91
CA THR B 456 -16.91 30.24 4.24
C THR B 456 -16.97 29.05 5.19
N VAL B 457 -15.92 28.85 5.99
CA VAL B 457 -15.90 27.74 6.96
C VAL B 457 -17.05 27.89 7.95
N ILE B 458 -17.22 29.11 8.48
CA ILE B 458 -18.29 29.35 9.44
C ILE B 458 -19.65 29.13 8.79
N HIS B 459 -19.79 29.52 7.53
CA HIS B 459 -21.06 29.33 6.81
C HIS B 459 -21.38 27.85 6.66
N GLN B 460 -20.37 27.04 6.34
CA GLN B 460 -20.59 25.59 6.27
C GLN B 460 -21.03 25.03 7.62
N LEU B 461 -20.34 25.40 8.69
CA LEU B 461 -20.70 24.88 10.01
C LEU B 461 -22.12 25.28 10.39
N THR B 462 -22.49 26.54 10.14
CA THR B 462 -23.83 27.01 10.46
C THR B 462 -24.89 26.34 9.60
N GLY B 463 -24.58 26.02 8.34
CA GLY B 463 -25.51 25.24 7.54
C GLY B 463 -25.76 23.87 8.12
N GLY B 464 -24.70 23.19 8.57
CA GLY B 464 -24.89 21.90 9.22
C GLY B 464 -25.74 22.00 10.47
N LEU B 465 -25.47 23.01 11.30
CA LEU B 465 -26.26 23.21 12.51
C LEU B 465 -27.73 23.48 12.18
N ARG B 466 -27.99 24.31 11.17
CA ARG B 466 -29.36 24.60 10.78
C ARG B 466 -30.08 23.36 10.27
N ALA B 467 -29.37 22.50 9.54
CA ALA B 467 -29.97 21.23 9.13
C ALA B 467 -30.35 20.38 10.34
N ALA B 468 -29.46 20.30 11.33
CA ALA B 468 -29.79 19.55 12.53
C ALA B 468 -31.02 20.12 13.24
N MET B 469 -31.10 21.45 13.32
CA MET B 469 -32.25 22.08 13.97
C MET B 469 -33.53 21.78 13.20
N GLY B 470 -33.46 21.78 11.86
CA GLY B 470 -34.62 21.41 11.08
C GLY B 470 -35.05 19.97 11.33
N TYR B 471 -34.09 19.06 11.44
CA TYR B 471 -34.42 17.65 11.65
C TYR B 471 -35.03 17.41 13.03
N THR B 472 -34.57 18.14 14.05
CA THR B 472 -35.07 17.91 15.40
C THR B 472 -36.26 18.79 15.77
N GLY B 473 -36.68 19.71 14.91
CA GLY B 473 -37.75 20.63 15.25
C GLY B 473 -37.38 21.63 16.33
N SER B 474 -36.14 22.12 16.32
CA SER B 474 -35.64 23.06 17.33
C SER B 474 -35.60 24.45 16.72
N ALA B 475 -36.54 25.31 17.14
CA ALA B 475 -36.56 26.67 16.62
C ALA B 475 -35.44 27.52 17.17
N THR B 476 -34.91 27.17 18.35
CA THR B 476 -33.82 27.90 18.98
C THR B 476 -32.83 26.90 19.55
N ILE B 477 -31.67 27.42 19.96
CA ILE B 477 -30.64 26.58 20.58
C ILE B 477 -31.15 26.00 21.90
N GLU B 478 -31.94 26.77 22.64
CA GLU B 478 -32.49 26.29 23.91
C GLU B 478 -33.43 25.11 23.70
N GLN B 479 -34.18 25.11 22.59
CA GLN B 479 -34.97 23.91 22.26
C GLN B 479 -34.07 22.78 21.76
N LEU B 480 -32.98 23.09 21.07
CA LEU B 480 -32.06 22.04 20.62
C LEU B 480 -31.43 21.32 21.81
N GLN B 481 -31.24 22.02 22.93
CA GLN B 481 -30.65 21.42 24.12
C GLN B 481 -31.55 20.37 24.75
N GLN B 482 -32.80 20.24 24.31
CA GLN B 482 -33.71 19.22 24.81
C GLN B 482 -33.82 18.00 23.89
N ALA B 483 -33.08 17.96 22.78
CA ALA B 483 -33.22 16.89 21.82
C ALA B 483 -32.61 15.59 22.35
N GLN B 484 -33.09 14.47 21.81
CA GLN B 484 -32.73 13.14 22.27
C GLN B 484 -31.68 12.50 21.37
N PHE B 485 -30.93 11.57 21.95
CA PHE B 485 -29.91 10.81 21.24
C PHE B 485 -30.36 9.38 21.01
N VAL B 486 -29.73 8.74 20.04
CA VAL B 486 -29.71 7.29 19.91
C VAL B 486 -28.25 6.85 19.95
N GLN B 487 -27.96 5.85 20.77
CA GLN B 487 -26.62 5.28 20.85
C GLN B 487 -26.47 4.20 19.79
N ILE B 488 -25.35 4.22 19.07
CA ILE B 488 -25.10 3.27 18.00
C ILE B 488 -23.93 2.37 18.39
N THR B 489 -23.81 1.26 17.67
CA THR B 489 -22.77 0.27 17.92
C THR B 489 -21.59 0.47 16.98
N ALA B 490 -20.59 -0.41 17.12
CA ALA B 490 -19.41 -0.34 16.26
C ALA B 490 -19.75 -0.60 14.80
N ALA B 491 -20.73 -1.48 14.55
CA ALA B 491 -21.19 -1.70 13.18
C ALA B 491 -21.67 -0.41 12.52
N GLY B 492 -22.13 0.55 13.32
CA GLY B 492 -22.56 1.83 12.78
C GLY B 492 -21.44 2.73 12.34
N LEU B 493 -20.20 2.42 12.70
CA LEU B 493 -19.04 3.22 12.34
C LEU B 493 -18.19 2.60 11.23
N LYS B 494 -18.63 1.48 10.66
CA LYS B 494 -17.89 0.78 9.63
C LYS B 494 -18.28 1.31 8.26
N GLU B 495 -17.31 1.85 7.52
CA GLU B 495 -17.58 2.43 6.20
C GLU B 495 -17.95 1.35 5.20
N VAL C 12 -35.04 -17.67 32.13
CA VAL C 12 -34.12 -18.65 32.71
C VAL C 12 -32.78 -18.74 31.95
N PRO C 13 -32.79 -18.83 30.62
CA PRO C 13 -31.53 -18.96 29.89
C PRO C 13 -30.63 -17.75 30.10
N VAL C 14 -29.34 -18.01 30.17
CA VAL C 14 -28.34 -16.94 30.14
C VAL C 14 -28.35 -16.29 28.76
N PRO C 15 -28.30 -14.96 28.64
CA PRO C 15 -28.41 -14.33 27.32
C PRO C 15 -27.28 -14.71 26.36
N THR C 16 -26.14 -15.17 26.85
CA THR C 16 -25.05 -15.62 25.99
C THR C 16 -25.01 -17.13 25.81
N GLY C 17 -26.00 -17.86 26.34
CA GLY C 17 -26.13 -19.26 26.03
C GLY C 17 -26.04 -20.18 27.24
N GLY C 18 -26.74 -21.31 27.18
CA GLY C 18 -26.73 -22.26 28.27
C GLY C 18 -27.54 -21.80 29.46
N ASP C 19 -27.49 -22.62 30.52
CA ASP C 19 -28.24 -22.35 31.74
C ASP C 19 -27.35 -21.91 32.90
N ASP C 20 -26.03 -22.04 32.78
CA ASP C 20 -25.13 -21.72 33.88
C ASP C 20 -24.73 -20.26 33.80
N PRO C 21 -25.10 -19.43 34.78
CA PRO C 21 -24.70 -18.01 34.73
C PRO C 21 -23.24 -17.76 35.06
N THR C 22 -22.53 -18.74 35.60
CA THR C 22 -21.11 -18.58 35.92
C THR C 22 -20.20 -19.16 34.85
N LYS C 23 -20.74 -19.71 33.77
CA LYS C 23 -19.91 -20.22 32.69
C LYS C 23 -19.03 -19.10 32.11
N VAL C 24 -19.64 -17.95 31.83
CA VAL C 24 -18.91 -16.74 31.48
C VAL C 24 -18.78 -15.94 32.76
N ALA C 25 -17.62 -16.06 33.41
CA ALA C 25 -17.47 -15.57 34.79
C ALA C 25 -17.58 -14.06 34.88
N MET C 26 -16.99 -13.32 33.95
CA MET C 26 -16.92 -11.86 34.08
C MET C 26 -16.53 -11.26 32.75
N LEU C 27 -16.50 -9.93 32.71
CA LEU C 27 -16.08 -9.16 31.54
C LEU C 27 -14.73 -8.52 31.84
N GLY C 28 -13.72 -8.84 31.04
CA GLY C 28 -12.35 -8.43 31.32
C GLY C 28 -11.99 -7.13 30.61
N LEU C 29 -11.44 -6.20 31.37
CA LEU C 29 -11.00 -4.90 30.86
C LEU C 29 -9.49 -4.88 30.71
N THR C 30 -9.02 -4.41 29.56
CA THR C 30 -7.61 -4.17 29.34
C THR C 30 -7.33 -2.67 29.50
N PHE C 31 -6.08 -2.28 29.29
CA PHE C 31 -5.67 -0.90 29.53
C PHE C 31 -6.42 0.07 28.62
N ASP C 32 -6.62 -0.30 27.36
CA ASP C 32 -7.28 0.57 26.40
C ASP C 32 -8.76 0.80 26.69
N ASP C 33 -9.36 0.00 27.57
CA ASP C 33 -10.79 0.14 27.87
C ASP C 33 -11.10 1.25 28.86
N VAL C 34 -10.11 1.78 29.58
CA VAL C 34 -10.37 2.71 30.68
C VAL C 34 -9.48 3.94 30.55
N LEU C 35 -9.92 5.00 31.21
CA LEU C 35 -9.12 6.22 31.40
C LEU C 35 -9.25 6.67 32.83
N LEU C 36 -8.24 7.40 33.32
CA LEU C 36 -8.31 8.01 34.64
C LEU C 36 -9.11 9.30 34.59
N LEU C 37 -10.03 9.46 35.53
CA LEU C 37 -10.84 10.67 35.59
C LEU C 37 -10.11 11.78 36.33
N PRO C 38 -10.17 13.02 35.84
CA PRO C 38 -9.65 14.14 36.62
C PRO C 38 -10.43 14.32 37.93
N ALA C 39 -9.70 14.76 38.96
CA ALA C 39 -10.29 14.94 40.28
C ALA C 39 -9.68 16.19 40.92
N ALA C 40 -10.33 16.65 41.99
CA ALA C 40 -9.85 17.83 42.72
C ALA C 40 -8.39 17.65 43.13
N SER C 41 -7.57 18.64 42.81
CA SER C 41 -6.12 18.46 42.88
C SER C 41 -5.45 19.72 43.41
N ASP C 42 -4.56 19.54 44.39
CA ASP C 42 -3.58 20.54 44.78
C ASP C 42 -2.16 20.00 44.62
N VAL C 43 -1.93 19.14 43.63
CA VAL C 43 -0.69 18.41 43.48
C VAL C 43 0.07 18.95 42.27
N VAL C 44 1.31 19.33 42.50
CA VAL C 44 2.22 19.77 41.44
C VAL C 44 3.00 18.55 40.96
N PRO C 45 2.99 18.24 39.66
CA PRO C 45 3.67 17.02 39.20
C PRO C 45 5.12 16.91 39.61
N ALA C 46 5.85 18.03 39.63
CA ALA C 46 7.25 17.99 40.07
C ALA C 46 7.37 17.59 41.54
N THR C 47 6.36 17.87 42.36
CA THR C 47 6.41 17.60 43.78
C THR C 47 5.71 16.31 44.18
N ALA C 48 5.16 15.56 43.23
CA ALA C 48 4.51 14.30 43.56
C ALA C 48 5.53 13.27 44.07
N ASP C 49 5.06 12.38 44.93
CA ASP C 49 5.90 11.35 45.55
C ASP C 49 5.59 10.01 44.88
N THR C 50 6.56 9.50 44.12
CA THR C 50 6.37 8.26 43.37
C THR C 50 6.93 7.03 44.08
N SER C 51 7.25 7.13 45.37
CA SER C 51 7.78 5.99 46.09
C SER C 51 6.68 4.97 46.37
N SER C 52 7.05 3.68 46.33
CA SER C 52 6.08 2.61 46.44
C SER C 52 6.74 1.37 47.03
N GLN C 53 5.91 0.49 47.58
CA GLN C 53 6.38 -0.76 48.15
C GLN C 53 6.60 -1.81 47.07
N LEU C 54 7.82 -2.32 46.96
CA LEU C 54 8.06 -3.49 46.10
C LEU C 54 7.63 -4.78 46.79
N THR C 55 8.08 -4.98 48.04
CA THR C 55 7.57 -6.05 48.88
C THR C 55 7.13 -5.45 50.21
N LYS C 56 6.77 -6.30 51.16
CA LYS C 56 6.36 -5.81 52.47
C LYS C 56 7.47 -5.02 53.16
N ARG C 57 8.73 -5.31 52.85
CA ARG C 57 9.85 -4.70 53.55
C ARG C 57 10.71 -3.78 52.69
N ILE C 58 10.51 -3.74 51.38
CA ILE C 58 11.35 -2.96 50.47
C ILE C 58 10.50 -1.88 49.81
N ARG C 59 10.95 -0.64 49.89
CA ARG C 59 10.29 0.50 49.26
C ARG C 59 11.21 1.12 48.23
N LEU C 60 10.69 1.33 47.02
CA LEU C 60 11.45 1.92 45.94
C LEU C 60 11.13 3.41 45.81
N ARG C 61 12.12 4.17 45.33
CA ARG C 61 11.87 5.57 45.00
C ARG C 61 11.12 5.73 43.68
N VAL C 62 11.33 4.80 42.76
CA VAL C 62 10.66 4.78 41.47
C VAL C 62 9.98 3.43 41.33
N PRO C 63 8.65 3.36 41.16
CA PRO C 63 7.93 2.09 41.28
C PRO C 63 8.03 1.20 40.05
N LEU C 64 9.26 0.93 39.61
CA LEU C 64 9.51 0.24 38.36
C LEU C 64 10.58 -0.84 38.56
N VAL C 65 10.41 -1.96 37.88
CA VAL C 65 11.31 -3.10 37.96
C VAL C 65 11.51 -3.66 36.56
N SER C 66 12.75 -4.03 36.23
CA SER C 66 13.02 -4.64 34.94
C SER C 66 12.76 -6.14 34.99
N SER C 67 12.35 -6.68 33.84
CA SER C 67 11.84 -8.04 33.78
C SER C 67 12.97 -9.06 33.72
N ALA C 68 12.68 -10.26 34.26
CA ALA C 68 13.65 -11.35 34.28
C ALA C 68 13.68 -12.07 32.92
N MET C 69 14.09 -11.34 31.91
CA MET C 69 14.26 -11.87 30.57
C MET C 69 15.71 -11.74 30.14
N ASP C 70 16.18 -12.70 29.34
CA ASP C 70 17.59 -12.70 28.94
C ASP C 70 17.92 -11.61 27.94
N THR C 71 16.93 -10.94 27.36
CA THR C 71 17.14 -9.74 26.55
C THR C 71 16.95 -8.45 27.34
N VAL C 72 16.72 -8.53 28.65
CA VAL C 72 16.45 -7.32 29.42
C VAL C 72 17.46 -7.13 30.55
N THR C 73 17.54 -8.06 31.49
CA THR C 73 18.24 -7.81 32.75
C THR C 73 19.44 -8.74 32.91
N GLU C 74 20.63 -8.14 32.93
CA GLU C 74 21.85 -8.74 33.48
C GLU C 74 22.46 -7.72 34.43
N SER C 75 23.71 -7.92 34.85
CA SER C 75 24.32 -7.07 35.88
C SER C 75 24.19 -5.59 35.54
N ARG C 76 24.48 -5.22 34.30
CA ARG C 76 24.50 -3.81 33.92
C ARG C 76 23.11 -3.20 34.05
N MET C 77 22.09 -3.90 33.58
CA MET C 77 20.72 -3.42 33.71
C MET C 77 20.31 -3.31 35.17
N ALA C 78 20.68 -4.30 35.99
CA ALA C 78 20.28 -4.26 37.40
C ALA C 78 20.93 -3.09 38.12
N ILE C 79 22.21 -2.84 37.84
CA ILE C 79 22.88 -1.70 38.45
C ILE C 79 22.22 -0.39 38.03
N ALA C 80 21.97 -0.23 36.72
CA ALA C 80 21.38 1.00 36.24
C ALA C 80 19.97 1.21 36.80
N MET C 81 19.17 0.14 36.87
CA MET C 81 17.83 0.23 37.44
C MET C 81 17.86 0.61 38.91
N ALA C 82 18.79 0.02 39.67
CA ALA C 82 18.88 0.34 41.09
C ALA C 82 19.32 1.79 41.30
N ARG C 83 20.24 2.28 40.47
CA ARG C 83 20.64 3.68 40.58
C ARG C 83 19.50 4.62 40.23
N ALA C 84 18.64 4.23 39.29
CA ALA C 84 17.54 5.08 38.84
C ALA C 84 16.39 5.16 39.84
N GLY C 85 16.43 4.38 40.91
CA GLY C 85 15.38 4.39 41.92
C GLY C 85 14.47 3.18 41.89
N GLY C 86 14.66 2.26 40.95
CA GLY C 86 13.90 1.03 40.90
C GLY C 86 14.73 -0.19 41.26
N MET C 87 14.58 -1.28 40.51
CA MET C 87 15.34 -2.49 40.77
C MET C 87 15.29 -3.39 39.54
N GLY C 88 16.26 -4.28 39.45
CA GLY C 88 16.30 -5.27 38.39
C GLY C 88 16.17 -6.67 38.95
N VAL C 89 15.60 -7.57 38.14
CA VAL C 89 15.50 -8.98 38.47
C VAL C 89 16.32 -9.75 37.44
N LEU C 90 17.38 -10.40 37.90
CA LEU C 90 18.25 -11.15 37.00
C LEU C 90 17.55 -12.38 36.46
N HIS C 91 17.69 -12.61 35.16
CA HIS C 91 17.08 -13.76 34.52
C HIS C 91 17.82 -15.04 34.89
N ARG C 92 17.16 -16.18 34.66
CA ARG C 92 17.69 -17.48 35.05
C ARG C 92 17.94 -18.41 33.86
N ASN C 93 18.06 -17.86 32.65
CA ASN C 93 18.36 -18.67 31.48
C ASN C 93 19.87 -18.80 31.29
N LEU C 94 20.52 -19.29 32.33
CA LEU C 94 21.98 -19.39 32.38
C LEU C 94 22.36 -20.27 33.56
N PRO C 95 23.59 -20.79 33.58
CA PRO C 95 24.00 -21.67 34.69
C PRO C 95 24.00 -20.93 36.01
N VAL C 96 23.86 -21.71 37.09
CA VAL C 96 23.75 -21.15 38.43
C VAL C 96 24.96 -20.28 38.76
N ALA C 97 26.16 -20.74 38.41
CA ALA C 97 27.37 -20.03 38.76
C ALA C 97 27.41 -18.65 38.13
N GLU C 98 27.01 -18.53 36.86
CA GLU C 98 27.00 -17.23 36.20
C GLU C 98 25.97 -16.29 36.84
N GLN C 99 24.80 -16.81 37.18
CA GLN C 99 23.79 -15.97 37.82
C GLN C 99 24.26 -15.46 39.18
N ALA C 100 24.90 -16.33 39.96
CA ALA C 100 25.46 -15.90 41.24
C ALA C 100 26.58 -14.89 41.04
N GLY C 101 27.39 -15.08 40.00
CA GLY C 101 28.42 -14.10 39.69
C GLY C 101 27.83 -12.73 39.35
N GLN C 102 26.72 -12.72 38.62
CA GLN C 102 26.06 -11.45 38.30
C GLN C 102 25.48 -10.80 39.55
N VAL C 103 24.92 -11.60 40.46
CA VAL C 103 24.48 -11.07 41.74
C VAL C 103 25.65 -10.41 42.48
N GLU C 104 26.80 -11.11 42.52
CA GLU C 104 27.98 -10.57 43.18
C GLU C 104 28.47 -9.30 42.51
N THR C 105 28.40 -9.24 41.18
CA THR C 105 28.76 -8.04 40.44
C THR C 105 27.88 -6.86 40.86
N VAL C 106 26.57 -7.08 40.93
CA VAL C 106 25.67 -6.00 41.31
C VAL C 106 25.94 -5.55 42.74
N LYS C 107 26.14 -6.50 43.66
CA LYS C 107 26.33 -6.13 45.06
C LYS C 107 27.65 -5.42 45.32
N ARG C 108 28.65 -5.61 44.47
CA ARG C 108 29.96 -5.00 44.64
C ARG C 108 30.10 -3.66 43.93
N SER C 109 29.05 -3.20 43.25
CA SER C 109 29.16 -1.96 42.46
C SER C 109 29.55 -0.78 43.34
N GLU C 110 28.86 -0.59 44.45
CA GLU C 110 29.19 0.51 45.36
C GLU C 110 28.80 0.10 46.78
N ALA C 111 29.34 0.83 47.75
CA ALA C 111 29.15 0.49 49.16
C ALA C 111 29.57 1.69 50.00
N GLY C 112 29.21 1.64 51.28
CA GLY C 112 29.77 2.58 52.23
C GLY C 112 31.25 2.33 52.49
N MET C 113 31.65 1.06 52.52
CA MET C 113 33.03 0.68 52.75
C MET C 113 33.23 -0.73 52.21
N VAL C 114 34.22 -0.90 51.35
CA VAL C 114 34.50 -2.20 50.74
C VAL C 114 35.05 -3.12 51.83
N THR C 115 34.23 -4.05 52.30
CA THR C 115 34.61 -4.90 53.43
C THR C 115 35.50 -6.07 53.03
N ASP C 116 35.67 -6.32 51.73
CA ASP C 116 36.55 -7.39 51.24
C ASP C 116 37.37 -6.87 50.06
N PRO C 117 38.26 -5.91 50.30
CA PRO C 117 39.00 -5.32 49.18
C PRO C 117 39.93 -6.33 48.53
N VAL C 118 40.13 -6.15 47.23
CA VAL C 118 41.04 -7.01 46.46
C VAL C 118 42.47 -6.54 46.71
N THR C 119 43.27 -7.40 47.32
CA THR C 119 44.64 -7.06 47.70
C THR C 119 45.63 -7.89 46.90
N CYS C 120 46.83 -7.34 46.72
CA CYS C 120 47.92 -8.00 46.01
C CYS C 120 49.10 -8.22 46.96
N SER C 121 50.16 -8.83 46.43
CA SER C 121 51.38 -9.08 47.17
C SER C 121 52.56 -8.38 46.51
N PRO C 122 53.58 -7.98 47.28
CA PRO C 122 54.69 -7.23 46.68
C PRO C 122 55.47 -8.02 45.64
N ASP C 123 55.40 -9.34 45.67
CA ASP C 123 56.07 -10.17 44.67
C ASP C 123 55.29 -10.29 43.36
N ASN C 124 54.08 -9.74 43.30
CA ASN C 124 53.30 -9.78 42.06
C ASN C 124 53.91 -8.85 41.02
N THR C 125 53.65 -9.18 39.75
CA THR C 125 54.09 -8.36 38.64
C THR C 125 53.03 -7.30 38.31
N LEU C 126 53.43 -6.33 37.49
CA LEU C 126 52.49 -5.29 37.06
C LEU C 126 51.40 -5.89 36.18
N ALA C 127 51.74 -6.87 35.35
CA ALA C 127 50.73 -7.54 34.54
C ALA C 127 49.71 -8.26 35.41
N GLU C 128 50.15 -8.90 36.49
CA GLU C 128 49.23 -9.62 37.37
C GLU C 128 48.22 -8.69 38.01
N VAL C 129 48.70 -7.58 38.58
CA VAL C 129 47.78 -6.66 39.24
C VAL C 129 46.89 -5.95 38.23
N ASP C 130 47.42 -5.65 37.04
CA ASP C 130 46.58 -5.12 35.97
C ASP C 130 45.44 -6.09 35.62
N ALA C 131 45.76 -7.37 35.48
CA ALA C 131 44.75 -8.36 35.14
C ALA C 131 43.73 -8.51 36.25
N MET C 132 44.17 -8.47 37.51
CA MET C 132 43.23 -8.51 38.63
C MET C 132 42.29 -7.32 38.60
N CYS C 133 42.84 -6.12 38.37
CA CYS C 133 42.02 -4.91 38.30
C CYS C 133 40.99 -5.03 37.19
N ALA C 134 41.41 -5.48 36.00
CA ALA C 134 40.47 -5.65 34.89
C ALA C 134 39.43 -6.72 35.22
N ARG C 135 39.81 -7.75 35.97
CA ARG C 135 38.86 -8.77 36.38
C ARG C 135 37.77 -8.19 37.27
N PHE C 136 38.14 -7.33 38.21
CA PHE C 136 37.15 -6.74 39.11
C PHE C 136 36.77 -5.32 38.76
N ARG C 137 37.29 -4.76 37.67
CA ARG C 137 36.96 -3.41 37.22
C ARG C 137 37.24 -2.38 38.30
N ILE C 138 38.45 -2.43 38.85
CA ILE C 138 38.89 -1.51 39.89
C ILE C 138 40.21 -0.88 39.46
N SER C 139 40.61 0.17 40.18
CA SER C 139 41.78 0.95 39.83
C SER C 139 42.97 0.73 40.76
N GLY C 140 42.74 0.48 42.04
CA GLY C 140 43.83 0.42 42.99
C GLY C 140 43.65 -0.66 44.04
N LEU C 141 44.76 -1.29 44.42
CA LEU C 141 44.77 -2.40 45.35
C LEU C 141 45.71 -2.10 46.51
N PRO C 142 45.28 -2.33 47.75
CA PRO C 142 46.25 -2.45 48.84
C PRO C 142 47.11 -3.68 48.64
N VAL C 143 48.31 -3.66 49.22
CA VAL C 143 49.25 -4.76 49.11
C VAL C 143 49.59 -5.28 50.50
N VAL C 144 49.63 -6.60 50.65
CA VAL C 144 49.87 -7.24 51.93
C VAL C 144 50.94 -8.30 51.77
N ASP C 145 51.56 -8.64 52.91
CA ASP C 145 52.65 -9.60 52.97
C ASP C 145 52.11 -11.01 53.25
N ASP C 146 53.03 -11.97 53.40
CA ASP C 146 52.68 -13.36 53.62
C ASP C 146 52.09 -13.61 55.00
N THR C 147 52.12 -12.63 55.90
CA THR C 147 51.39 -12.71 57.16
C THR C 147 50.02 -12.04 57.06
N GLY C 148 49.96 -10.87 56.43
CA GLY C 148 48.73 -10.08 56.46
C GLY C 148 48.89 -8.70 57.06
N GLU C 149 50.09 -8.13 56.98
CA GLU C 149 50.32 -6.74 57.36
C GLU C 149 50.39 -5.85 56.13
N LEU C 150 49.77 -4.68 56.20
CA LEU C 150 49.62 -3.79 55.07
C LEU C 150 50.94 -3.09 54.79
N VAL C 151 51.56 -3.39 53.64
CA VAL C 151 52.88 -2.85 53.30
C VAL C 151 52.81 -1.73 52.27
N GLY C 152 51.63 -1.35 51.80
CA GLY C 152 51.52 -0.27 50.86
C GLY C 152 50.24 -0.35 50.03
N ILE C 153 50.16 0.53 49.05
CA ILE C 153 49.00 0.63 48.15
C ILE C 153 49.51 0.96 46.75
N ILE C 154 48.89 0.38 45.74
CA ILE C 154 49.26 0.64 44.35
C ILE C 154 48.01 1.03 43.57
N THR C 155 48.09 2.14 42.84
CA THR C 155 46.97 2.69 42.09
C THR C 155 47.38 2.90 40.64
N ASN C 156 46.40 3.29 39.82
CA ASN C 156 46.64 3.34 38.38
C ASN C 156 47.48 4.54 37.96
N ARG C 157 47.63 5.55 38.82
CA ARG C 157 48.60 6.60 38.55
C ARG C 157 50.02 6.09 38.70
N ASP C 158 50.22 5.09 39.58
CA ASP C 158 51.54 4.48 39.71
C ASP C 158 51.90 3.67 38.47
N MET C 159 50.97 2.83 38.00
CA MET C 159 51.22 2.01 36.83
C MET C 159 51.15 2.78 35.52
N ARG C 160 50.46 3.92 35.51
CA ARG C 160 50.41 4.74 34.31
C ARG C 160 51.76 5.38 34.02
N PHE C 161 52.57 5.58 35.06
CA PHE C 161 53.87 6.22 34.94
C PHE C 161 55.03 5.24 35.05
N GLU C 162 54.76 3.94 35.05
CA GLU C 162 55.79 2.91 35.02
C GLU C 162 55.58 2.08 33.75
N VAL C 163 56.62 2.03 32.90
CA VAL C 163 56.53 1.34 31.63
C VAL C 163 56.85 -0.14 31.76
N ASP C 164 57.83 -0.50 32.58
CA ASP C 164 58.29 -1.88 32.69
C ASP C 164 57.21 -2.73 33.36
N GLN C 165 56.49 -3.50 32.54
CA GLN C 165 55.41 -4.35 33.04
C GLN C 165 55.91 -5.53 33.87
N SER C 166 57.21 -5.82 33.85
CA SER C 166 57.76 -6.90 34.64
C SER C 166 58.23 -6.45 36.02
N LYS C 167 58.13 -5.15 36.31
CA LYS C 167 58.55 -4.67 37.62
C LYS C 167 57.64 -5.27 38.70
N PRO C 168 58.20 -5.66 39.85
CA PRO C 168 57.35 -6.09 40.95
C PRO C 168 56.58 -4.90 41.52
N VAL C 169 55.49 -5.22 42.21
CA VAL C 169 54.67 -4.16 42.80
C VAL C 169 55.50 -3.36 43.80
N SER C 170 56.37 -4.04 44.54
CA SER C 170 57.22 -3.36 45.52
C SER C 170 58.04 -2.23 44.89
N GLU C 171 58.44 -2.38 43.62
CA GLU C 171 59.14 -1.30 42.94
C GLU C 171 58.21 -0.16 42.55
N VAL C 172 56.97 -0.47 42.19
CA VAL C 172 56.06 0.53 41.64
C VAL C 172 55.14 1.08 42.72
N MET C 173 54.81 0.26 43.72
CA MET C 173 53.82 0.64 44.71
C MET C 173 54.26 1.87 45.49
N THR C 174 53.30 2.50 46.15
CA THR C 174 53.57 3.53 47.14
C THR C 174 53.71 2.86 48.50
N LYS C 175 54.89 2.93 49.07
CA LYS C 175 55.21 2.12 50.25
C LYS C 175 54.63 2.75 51.51
N ALA C 176 54.52 1.91 52.54
CA ALA C 176 54.01 2.37 53.82
C ALA C 176 55.05 3.25 54.51
N PRO C 177 54.62 4.15 55.41
CA PRO C 177 53.27 4.34 55.97
C PRO C 177 52.28 4.95 54.99
N LEU C 178 51.02 4.54 55.05
CA LEU C 178 49.96 5.05 54.20
C LEU C 178 49.00 5.91 55.02
N ILE C 179 48.30 6.80 54.32
CA ILE C 179 47.16 7.48 54.91
C ILE C 179 46.06 6.45 55.15
N THR C 180 45.85 6.09 56.42
CA THR C 180 44.89 5.06 56.80
C THR C 180 43.99 5.60 57.90
N ALA C 181 43.01 4.78 58.28
CA ALA C 181 42.13 5.10 59.40
C ALA C 181 41.72 3.81 60.09
N LYS C 182 41.29 3.93 61.34
CA LYS C 182 40.95 2.76 62.13
C LYS C 182 39.47 2.43 62.00
N GLU C 183 39.12 1.21 62.39
CA GLU C 183 37.75 0.73 62.29
C GLU C 183 36.79 1.63 63.07
N GLY C 184 35.62 1.87 62.50
CA GLY C 184 34.63 2.70 63.11
C GLY C 184 34.75 4.18 62.82
N VAL C 185 35.69 4.58 61.97
CA VAL C 185 35.78 5.98 61.56
C VAL C 185 34.49 6.38 60.85
N SER C 186 33.93 7.50 61.25
CA SER C 186 32.71 8.00 60.60
C SER C 186 33.02 8.38 59.16
N ALA C 187 31.96 8.40 58.35
CA ALA C 187 32.13 8.79 56.95
C ALA C 187 32.63 10.22 56.83
N GLU C 188 32.18 11.10 57.74
CA GLU C 188 32.63 12.49 57.69
C GLU C 188 34.11 12.62 57.98
N ALA C 189 34.60 11.90 59.00
CA ALA C 189 36.03 11.92 59.30
C ALA C 189 36.85 11.31 58.19
N ALA C 190 36.39 10.18 57.65
CA ALA C 190 37.12 9.53 56.56
C ALA C 190 37.18 10.43 55.33
N LEU C 191 36.09 11.16 55.06
CA LEU C 191 36.09 12.07 53.93
C LEU C 191 36.99 13.27 54.18
N GLY C 192 37.01 13.77 55.41
CA GLY C 192 37.95 14.83 55.76
C GLY C 192 39.39 14.39 55.54
N LEU C 193 39.70 13.15 55.90
CA LEU C 193 41.03 12.62 55.66
C LEU C 193 41.32 12.52 54.16
N LEU C 194 40.39 11.94 53.40
CA LEU C 194 40.58 11.82 51.95
C LEU C 194 40.78 13.18 51.29
N ARG C 195 40.07 14.20 51.77
CA ARG C 195 40.19 15.54 51.20
C ARG C 195 41.50 16.22 51.60
N ARG C 196 41.89 16.10 52.86
CA ARG C 196 43.11 16.76 53.34
C ARG C 196 44.35 16.27 52.60
N HIS C 197 44.46 14.96 52.39
CA HIS C 197 45.66 14.40 51.79
C HIS C 197 45.56 14.26 50.28
N LYS C 198 44.45 14.72 49.69
CA LYS C 198 44.30 14.79 48.23
C LYS C 198 44.53 13.43 47.58
N ILE C 199 43.94 12.39 48.16
CA ILE C 199 43.98 11.04 47.63
C ILE C 199 42.55 10.53 47.49
N GLU C 200 42.39 9.46 46.72
CA GLU C 200 41.08 8.91 46.41
C GLU C 200 40.73 7.68 47.24
N LYS C 201 41.70 6.96 47.76
CA LYS C 201 41.47 5.70 48.47
C LYS C 201 41.97 5.81 49.91
N LEU C 202 41.36 5.02 50.79
CA LEU C 202 41.72 5.05 52.20
C LEU C 202 41.55 3.67 52.81
N PRO C 203 42.66 2.96 53.08
CA PRO C 203 42.56 1.69 53.81
C PRO C 203 42.02 1.90 55.22
N ILE C 204 41.33 0.89 55.72
CA ILE C 204 40.78 0.87 57.07
C ILE C 204 41.30 -0.38 57.75
N VAL C 205 42.02 -0.21 58.86
CA VAL C 205 42.71 -1.30 59.53
C VAL C 205 42.17 -1.46 60.94
N ASP C 206 42.43 -2.62 61.52
CA ASP C 206 41.99 -2.95 62.87
C ASP C 206 43.03 -2.47 63.88
N GLY C 207 42.81 -2.80 65.16
CA GLY C 207 43.68 -2.34 66.22
C GLY C 207 45.11 -2.82 66.10
N HIS C 208 45.36 -3.86 65.32
CA HIS C 208 46.69 -4.41 65.12
C HIS C 208 47.28 -4.05 63.76
N GLY C 209 46.61 -3.18 63.00
CA GLY C 209 47.12 -2.76 61.70
C GLY C 209 46.72 -3.63 60.53
N LYS C 210 45.99 -4.72 60.77
CA LYS C 210 45.56 -5.59 59.69
C LYS C 210 44.44 -4.92 58.90
N LEU C 211 44.56 -4.95 57.57
CA LEU C 211 43.56 -4.33 56.71
C LEU C 211 42.22 -5.05 56.83
N THR C 212 41.16 -4.28 57.08
CA THR C 212 39.82 -4.84 57.19
C THR C 212 38.78 -4.11 56.35
N GLY C 213 39.15 -3.04 55.64
CA GLY C 213 38.20 -2.36 54.80
C GLY C 213 38.86 -1.30 53.95
N LEU C 214 38.05 -0.66 53.12
CA LEU C 214 38.54 0.38 52.22
C LEU C 214 37.41 1.38 51.94
N ILE C 215 37.71 2.67 52.07
CA ILE C 215 36.77 3.74 51.80
C ILE C 215 37.31 4.59 50.66
N THR C 216 36.49 4.83 49.65
CA THR C 216 36.89 5.60 48.47
C THR C 216 35.98 6.79 48.30
N VAL C 217 36.51 7.84 47.67
CA VAL C 217 35.72 9.04 47.43
C VAL C 217 34.71 8.82 46.32
N LYS C 218 34.93 7.82 45.46
CA LYS C 218 33.99 7.55 44.39
C LYS C 218 32.64 7.11 44.93
N ASP C 219 32.61 6.48 46.09
CA ASP C 219 31.33 6.11 46.69
C ASP C 219 30.55 7.34 47.11
N PHE C 220 31.23 8.34 47.67
CA PHE C 220 30.56 9.60 47.99
C PHE C 220 30.08 10.30 46.73
N VAL C 221 30.90 10.27 45.67
CA VAL C 221 30.50 10.90 44.41
C VAL C 221 29.27 10.21 43.83
N LYS C 222 29.25 8.88 43.83
CA LYS C 222 28.10 8.14 43.35
C LYS C 222 26.86 8.42 44.18
N THR C 223 27.02 8.51 45.51
CA THR C 223 25.88 8.82 46.37
C THR C 223 25.31 10.20 46.06
N GLU C 224 26.17 11.18 45.78
CA GLU C 224 25.68 12.49 45.39
C GLU C 224 25.02 12.46 44.02
N GLN C 225 25.59 11.68 43.09
CA GLN C 225 25.13 11.68 41.71
C GLN C 225 23.84 10.87 41.52
N PHE C 226 23.59 9.87 42.36
CA PHE C 226 22.40 9.03 42.26
C PHE C 226 21.66 9.05 43.59
N PRO C 227 20.95 10.14 43.89
CA PRO C 227 20.30 10.25 45.20
C PRO C 227 19.11 9.33 45.39
N LEU C 228 18.58 8.72 44.33
CA LEU C 228 17.41 7.86 44.43
C LEU C 228 17.77 6.38 44.56
N SER C 229 19.05 6.06 44.70
CA SER C 229 19.53 4.69 44.61
C SER C 229 18.83 3.78 45.61
N THR C 230 18.51 2.57 45.16
CA THR C 230 17.88 1.55 45.99
C THR C 230 19.00 0.76 46.68
N LYS C 231 19.13 0.95 48.00
CA LYS C 231 20.29 0.47 48.72
C LYS C 231 19.86 -0.15 50.05
N ASP C 232 20.67 -1.09 50.53
CA ASP C 232 20.44 -1.71 51.83
C ASP C 232 21.12 -0.89 52.92
N SER C 233 21.18 -1.44 54.13
CA SER C 233 21.76 -0.71 55.26
C SER C 233 23.25 -0.45 55.06
N ASP C 234 23.95 -1.34 54.36
CA ASP C 234 25.38 -1.15 54.10
C ASP C 234 25.67 -0.28 52.89
N GLY C 235 24.64 0.29 52.27
CA GLY C 235 24.84 1.17 51.13
C GLY C 235 25.03 0.48 49.80
N ARG C 236 24.71 -0.80 49.69
CA ARG C 236 24.86 -1.55 48.46
C ARG C 236 23.54 -1.63 47.70
N LEU C 237 23.64 -1.66 46.37
CA LEU C 237 22.45 -1.70 45.53
C LEU C 237 21.67 -3.00 45.74
N LEU C 238 20.35 -2.86 45.86
CA LEU C 238 19.49 -4.03 45.92
C LEU C 238 19.37 -4.70 44.55
N VAL C 239 19.11 -6.00 44.56
CA VAL C 239 18.98 -6.77 43.33
C VAL C 239 18.11 -7.99 43.60
N GLY C 240 17.36 -8.42 42.58
CA GLY C 240 16.58 -9.63 42.65
C GLY C 240 17.04 -10.66 41.63
N ALA C 241 16.55 -11.89 41.80
CA ALA C 241 16.86 -12.96 40.87
C ALA C 241 15.67 -13.91 40.79
N ALA C 242 15.47 -14.50 39.62
CA ALA C 242 14.40 -15.44 39.37
C ALA C 242 14.86 -16.87 39.56
N VAL C 243 13.95 -17.71 40.06
CA VAL C 243 14.16 -19.15 40.15
C VAL C 243 12.91 -19.87 39.65
N GLY C 244 13.11 -21.11 39.24
CA GLY C 244 12.02 -21.99 38.86
C GLY C 244 11.52 -22.81 40.02
N VAL C 245 10.98 -24.00 39.70
CA VAL C 245 10.57 -24.97 40.70
C VAL C 245 11.32 -26.26 40.46
N GLY C 246 11.60 -26.98 41.55
CA GLY C 246 12.35 -28.22 41.50
C GLY C 246 13.56 -28.18 42.41
N ASP C 247 14.33 -29.27 42.36
CA ASP C 247 15.50 -29.42 43.21
C ASP C 247 16.68 -28.61 42.70
N ASP C 248 16.90 -28.60 41.38
CA ASP C 248 17.91 -27.71 40.81
C ASP C 248 17.56 -26.25 41.11
N ALA C 249 16.28 -25.92 41.11
CA ALA C 249 15.85 -24.58 41.48
C ALA C 249 16.19 -24.27 42.93
N TRP C 250 16.04 -25.26 43.82
CA TRP C 250 16.39 -25.05 45.22
C TRP C 250 17.88 -24.81 45.40
N THR C 251 18.71 -25.58 44.70
CA THR C 251 20.15 -25.34 44.77
C THR C 251 20.50 -23.96 44.22
N ARG C 252 19.87 -23.58 43.11
CA ARG C 252 20.07 -22.24 42.55
C ARG C 252 19.71 -21.17 43.55
N ALA C 253 18.56 -21.32 44.23
CA ALA C 253 18.11 -20.32 45.19
C ALA C 253 19.07 -20.21 46.36
N MET C 254 19.55 -21.35 46.88
CA MET C 254 20.50 -21.30 47.99
C MET C 254 21.80 -20.62 47.58
N THR C 255 22.30 -20.93 46.38
CA THR C 255 23.51 -20.28 45.89
C THR C 255 23.31 -18.77 45.75
N LEU C 256 22.17 -18.35 45.20
CA LEU C 256 21.89 -16.93 45.06
C LEU C 256 21.79 -16.24 46.42
N VAL C 257 21.17 -16.90 47.40
CA VAL C 257 21.09 -16.32 48.74
C VAL C 257 22.49 -16.17 49.34
N ASP C 258 23.36 -17.15 49.09
CA ASP C 258 24.74 -17.03 49.55
C ASP C 258 25.45 -15.86 48.87
N ALA C 259 25.19 -15.65 47.58
CA ALA C 259 25.80 -14.54 46.85
C ALA C 259 25.30 -13.18 47.33
N GLY C 260 24.23 -13.13 48.11
CA GLY C 260 23.76 -11.88 48.67
C GLY C 260 22.54 -11.27 48.02
N VAL C 261 21.70 -12.06 47.36
CA VAL C 261 20.52 -11.52 46.69
C VAL C 261 19.55 -10.99 47.74
N ASP C 262 18.76 -10.01 47.35
CA ASP C 262 17.78 -9.40 48.26
C ASP C 262 16.37 -9.88 48.04
N VAL C 263 15.99 -10.20 46.80
CA VAL C 263 14.65 -10.64 46.45
C VAL C 263 14.76 -11.89 45.60
N LEU C 264 13.97 -12.90 45.93
CA LEU C 264 13.83 -14.10 45.11
C LEU C 264 12.44 -14.10 44.49
N ILE C 265 12.37 -14.33 43.18
CA ILE C 265 11.10 -14.41 42.46
C ILE C 265 10.95 -15.84 41.96
N VAL C 266 9.96 -16.56 42.46
CA VAL C 266 9.60 -17.87 41.93
C VAL C 266 8.79 -17.60 40.66
N ASP C 267 9.43 -17.78 39.51
CA ASP C 267 9.00 -17.18 38.25
C ASP C 267 8.49 -18.26 37.31
N THR C 268 7.16 -18.40 37.24
CA THR C 268 6.53 -19.40 36.38
C THR C 268 5.36 -18.77 35.64
N ALA C 269 4.89 -19.47 34.61
CA ALA C 269 3.78 -18.96 33.81
C ALA C 269 2.44 -19.12 34.53
N HIS C 270 2.30 -20.15 35.35
CA HIS C 270 1.01 -20.49 35.99
C HIS C 270 1.32 -20.83 37.46
N ALA C 271 1.19 -19.83 38.32
CA ALA C 271 1.56 -19.99 39.73
C ALA C 271 0.49 -20.67 40.57
N HIS C 272 -0.75 -20.77 40.07
CA HIS C 272 -1.81 -21.47 40.80
C HIS C 272 -1.62 -22.98 40.69
N ASN C 273 -0.49 -23.44 41.23
CA ASN C 273 -0.04 -24.82 41.13
C ASN C 273 0.57 -25.21 42.46
N ARG C 274 0.32 -26.44 42.89
CA ARG C 274 0.75 -26.84 44.23
C ARG C 274 2.26 -26.82 44.38
N GLY C 275 3.00 -27.16 43.31
CA GLY C 275 4.45 -27.15 43.40
C GLY C 275 5.01 -25.76 43.64
N VAL C 276 4.47 -24.75 42.95
CA VAL C 276 4.94 -23.38 43.12
C VAL C 276 4.64 -22.89 44.53
N LEU C 277 3.45 -23.20 45.05
CA LEU C 277 3.10 -22.79 46.41
C LEU C 277 4.01 -23.47 47.42
N ASP C 278 4.34 -24.74 47.21
CA ASP C 278 5.25 -25.45 48.12
C ASP C 278 6.65 -24.85 48.05
N MET C 279 7.11 -24.49 46.85
CA MET C 279 8.41 -23.83 46.72
C MET C 279 8.44 -22.49 47.46
N VAL C 280 7.37 -21.71 47.34
CA VAL C 280 7.31 -20.42 48.03
C VAL C 280 7.34 -20.63 49.54
N SER C 281 6.56 -21.58 50.04
CA SER C 281 6.55 -21.85 51.48
C SER C 281 7.91 -22.32 51.98
N ARG C 282 8.55 -23.22 51.23
CA ARG C 282 9.87 -23.71 51.62
C ARG C 282 10.89 -22.58 51.68
N LEU C 283 10.89 -21.72 50.66
CA LEU C 283 11.85 -20.61 50.64
C LEU C 283 11.59 -19.66 51.80
N LYS C 284 10.32 -19.35 52.09
CA LYS C 284 10.01 -18.46 53.19
C LYS C 284 10.46 -19.05 54.51
N GLN C 285 10.28 -20.36 54.70
CA GLN C 285 10.74 -21.00 55.92
C GLN C 285 12.26 -20.99 56.02
N ALA C 286 12.96 -21.26 54.92
CA ALA C 286 14.41 -21.43 54.98
C ALA C 286 15.15 -20.11 55.11
N VAL C 287 14.84 -19.13 54.26
CA VAL C 287 15.65 -17.92 54.15
C VAL C 287 14.80 -16.67 54.25
N GLY C 288 13.59 -16.80 54.79
CA GLY C 288 12.68 -15.66 54.83
C GLY C 288 13.21 -14.49 55.65
N GLU C 289 13.92 -14.78 56.73
CA GLU C 289 14.39 -13.71 57.61
C GLU C 289 15.44 -12.83 56.95
N ARG C 290 16.08 -13.31 55.88
CA ARG C 290 17.05 -12.53 55.12
C ARG C 290 16.47 -11.96 53.83
N VAL C 291 15.71 -12.76 53.08
CA VAL C 291 15.39 -12.49 51.70
C VAL C 291 13.88 -12.48 51.53
N ASP C 292 13.37 -11.53 50.75
CA ASP C 292 11.97 -11.53 50.37
C ASP C 292 11.72 -12.55 49.27
N VAL C 293 10.56 -13.19 49.32
CA VAL C 293 10.15 -14.18 48.32
C VAL C 293 8.89 -13.67 47.62
N VAL C 294 8.98 -13.53 46.30
CA VAL C 294 7.87 -13.07 45.47
C VAL C 294 7.34 -14.27 44.68
N GLY C 295 6.02 -14.37 44.58
CA GLY C 295 5.37 -15.50 43.95
C GLY C 295 4.88 -15.18 42.54
N GLY C 296 5.01 -16.18 41.66
CA GLY C 296 4.85 -16.01 40.23
C GLY C 296 3.48 -15.60 39.75
N ASN C 297 3.24 -15.72 38.44
CA ASN C 297 2.19 -14.96 37.80
C ASN C 297 0.83 -15.59 38.01
N VAL C 298 -0.11 -14.80 38.52
CA VAL C 298 -1.49 -15.19 38.73
C VAL C 298 -2.37 -14.22 37.94
N ALA C 299 -3.65 -14.59 37.80
CA ALA C 299 -4.60 -13.71 37.13
C ALA C 299 -5.97 -13.73 37.79
N THR C 300 -6.14 -14.38 38.94
CA THR C 300 -7.44 -14.48 39.60
C THR C 300 -7.29 -14.16 41.07
N ARG C 301 -8.43 -13.86 41.71
CA ARG C 301 -8.45 -13.64 43.15
C ARG C 301 -8.03 -14.88 43.91
N ALA C 302 -8.49 -16.06 43.49
CA ALA C 302 -8.19 -17.29 44.20
C ALA C 302 -6.71 -17.61 44.19
N ALA C 303 -6.04 -17.46 43.04
CA ALA C 303 -4.61 -17.73 42.96
C ALA C 303 -3.81 -16.76 43.82
N ALA C 304 -4.19 -15.47 43.81
CA ALA C 304 -3.50 -14.50 44.65
C ALA C 304 -3.69 -14.83 46.13
N ALA C 305 -4.90 -15.25 46.50
CA ALA C 305 -5.13 -15.67 47.88
C ALA C 305 -4.29 -16.89 48.25
N ALA C 306 -4.15 -17.83 47.32
CA ALA C 306 -3.32 -19.01 47.58
C ALA C 306 -1.86 -18.62 47.79
N LEU C 307 -1.36 -17.69 46.98
CA LEU C 307 0.02 -17.22 47.17
C LEU C 307 0.19 -16.50 48.49
N VAL C 308 -0.79 -15.66 48.87
CA VAL C 308 -0.75 -14.99 50.16
C VAL C 308 -0.71 -16.02 51.29
N GLU C 309 -1.57 -17.03 51.20
CA GLU C 309 -1.59 -18.13 52.17
C GLU C 309 -0.23 -18.81 52.25
N ALA C 310 0.42 -18.99 51.10
CA ALA C 310 1.73 -19.66 51.09
C ALA C 310 2.84 -18.82 51.71
N GLY C 311 2.60 -17.53 51.98
CA GLY C 311 3.59 -16.69 52.60
C GLY C 311 4.33 -15.75 51.68
N ALA C 312 3.83 -15.52 50.47
CA ALA C 312 4.51 -14.64 49.53
C ALA C 312 4.58 -13.22 50.06
N ASP C 313 5.72 -12.56 49.84
CA ASP C 313 5.91 -11.17 50.21
C ASP C 313 5.43 -10.21 49.14
N ALA C 314 5.15 -10.70 47.93
CA ALA C 314 4.56 -9.92 46.85
C ALA C 314 3.96 -10.89 45.85
N VAL C 315 3.05 -10.38 45.04
CA VAL C 315 2.30 -11.18 44.07
C VAL C 315 2.41 -10.53 42.71
N LYS C 316 2.90 -11.28 41.73
CA LYS C 316 3.07 -10.79 40.37
C LYS C 316 1.87 -11.21 39.53
N VAL C 317 1.30 -10.27 38.78
CA VAL C 317 0.04 -10.47 38.09
C VAL C 317 0.26 -10.42 36.58
N GLY C 318 -0.31 -11.39 35.88
CA GLY C 318 -0.40 -11.38 34.44
C GLY C 318 -0.18 -12.72 33.78
N VAL C 319 -1.19 -13.18 33.04
CA VAL C 319 -1.18 -14.45 32.34
C VAL C 319 -1.80 -14.19 30.97
N GLY C 320 -0.97 -14.21 29.92
CA GLY C 320 -1.41 -13.82 28.60
C GLY C 320 -2.11 -12.48 28.55
N PRO C 321 -1.43 -11.39 28.94
CA PRO C 321 -2.08 -10.07 28.94
C PRO C 321 -2.06 -9.33 27.61
N GLY C 322 -1.26 -9.76 26.63
CA GLY C 322 -1.24 -9.11 25.34
C GLY C 322 -2.44 -9.48 24.48
N SER C 323 -2.75 -8.61 23.53
CA SER C 323 -3.94 -8.79 22.71
C SER C 323 -3.86 -10.05 21.85
N ILE C 324 -2.78 -10.20 21.08
CA ILE C 324 -2.61 -11.39 20.25
C ILE C 324 -1.40 -12.18 20.71
N CYS C 325 -1.14 -12.17 22.01
CA CYS C 325 -0.03 -12.94 22.57
C CYS C 325 -0.17 -14.43 22.24
N THR C 326 0.95 -15.14 22.36
CA THR C 326 1.00 -16.54 21.94
C THR C 326 0.11 -17.42 22.81
N THR C 327 0.04 -17.15 24.11
CA THR C 327 -0.82 -17.93 25.00
C THR C 327 -2.28 -17.89 24.54
N ARG C 328 -2.76 -16.69 24.18
CA ARG C 328 -4.14 -16.55 23.76
C ARG C 328 -4.42 -17.26 22.44
N VAL C 329 -3.48 -17.19 21.49
CA VAL C 329 -3.70 -17.80 20.17
C VAL C 329 -3.58 -19.31 20.24
N VAL C 330 -2.54 -19.81 20.89
CA VAL C 330 -2.22 -21.24 20.86
C VAL C 330 -3.01 -22.03 21.90
N ALA C 331 -3.04 -21.56 23.14
CA ALA C 331 -3.76 -22.26 24.20
C ALA C 331 -5.18 -21.75 24.41
N GLY C 332 -5.53 -20.58 23.88
CA GLY C 332 -6.83 -20.01 24.14
C GLY C 332 -7.03 -19.48 25.55
N VAL C 333 -5.96 -19.13 26.24
CA VAL C 333 -5.98 -18.76 27.65
C VAL C 333 -5.49 -17.33 27.80
N GLY C 334 -6.12 -16.58 28.69
CA GLY C 334 -5.68 -15.22 28.96
C GLY C 334 -6.55 -14.57 30.01
N ALA C 335 -6.18 -13.35 30.36
CA ALA C 335 -6.93 -12.51 31.27
C ALA C 335 -6.58 -11.04 31.05
N PRO C 336 -7.56 -10.19 30.72
CA PRO C 336 -7.26 -8.76 30.55
C PRO C 336 -6.72 -8.15 31.84
N GLN C 337 -5.72 -7.27 31.69
CA GLN C 337 -4.83 -6.96 32.80
C GLN C 337 -5.50 -6.09 33.88
N ILE C 338 -6.36 -5.15 33.50
CA ILE C 338 -7.01 -4.30 34.50
C ILE C 338 -7.87 -5.15 35.45
N THR C 339 -8.69 -6.04 34.89
CA THR C 339 -9.53 -6.90 35.71
C THR C 339 -8.69 -7.84 36.58
N ALA C 340 -7.61 -8.39 36.01
CA ALA C 340 -6.75 -9.29 36.78
C ALA C 340 -6.11 -8.56 37.96
N ILE C 341 -5.65 -7.33 37.74
CA ILE C 341 -5.07 -6.56 38.82
C ILE C 341 -6.12 -6.24 39.89
N LEU C 342 -7.33 -5.87 39.46
CA LEU C 342 -8.38 -5.58 40.43
C LEU C 342 -8.69 -6.79 41.30
N GLU C 343 -8.80 -7.97 40.70
CA GLU C 343 -9.08 -9.19 41.45
C GLU C 343 -7.93 -9.54 42.40
N ALA C 344 -6.69 -9.49 41.89
CA ALA C 344 -5.54 -9.83 42.72
C ALA C 344 -5.40 -8.85 43.88
N VAL C 345 -5.67 -7.57 43.65
CA VAL C 345 -5.61 -6.59 44.73
C VAL C 345 -6.70 -6.85 45.76
N ALA C 346 -7.91 -7.20 45.29
CA ALA C 346 -8.96 -7.58 46.23
C ALA C 346 -8.52 -8.74 47.11
N ALA C 347 -7.72 -9.65 46.56
CA ALA C 347 -7.19 -10.75 47.39
C ALA C 347 -6.08 -10.29 48.33
N CYS C 348 -5.21 -9.37 47.87
CA CYS C 348 -3.93 -9.12 48.56
C CYS C 348 -3.96 -7.93 49.50
N LYS C 349 -4.71 -6.87 49.18
CA LYS C 349 -4.67 -5.64 49.97
C LYS C 349 -5.03 -5.81 51.44
N PRO C 350 -6.04 -6.61 51.83
CA PRO C 350 -6.30 -6.78 53.26
C PRO C 350 -5.11 -7.28 54.06
N TYR C 351 -4.19 -8.03 53.45
CA TYR C 351 -3.05 -8.59 54.15
C TYR C 351 -1.77 -7.78 53.97
N GLY C 352 -1.85 -6.62 53.33
CA GLY C 352 -0.67 -5.79 53.17
C GLY C 352 0.37 -6.31 52.20
N VAL C 353 -0.02 -7.14 51.24
CA VAL C 353 0.91 -7.75 50.28
C VAL C 353 0.87 -6.94 48.99
N PRO C 354 1.99 -6.37 48.54
CA PRO C 354 1.99 -5.59 47.30
C PRO C 354 1.75 -6.47 46.08
N VAL C 355 1.24 -5.84 45.03
CA VAL C 355 0.97 -6.49 43.76
C VAL C 355 1.86 -5.87 42.68
N ILE C 356 2.54 -6.71 41.91
CA ILE C 356 3.39 -6.29 40.81
C ILE C 356 2.67 -6.61 39.50
N ALA C 357 2.45 -5.58 38.68
CA ALA C 357 1.79 -5.75 37.39
C ALA C 357 2.83 -6.07 36.32
N ASP C 358 2.66 -7.21 35.66
CA ASP C 358 3.68 -7.74 34.74
C ASP C 358 3.03 -8.08 33.41
N GLY C 359 3.27 -7.25 32.40
CA GLY C 359 2.90 -7.59 31.05
C GLY C 359 1.82 -6.70 30.48
N GLY C 360 1.97 -6.32 29.21
CA GLY C 360 0.97 -5.55 28.50
C GLY C 360 1.14 -4.05 28.54
N LEU C 361 2.26 -3.54 29.02
CA LEU C 361 2.46 -2.10 29.13
C LEU C 361 3.15 -1.59 27.86
N GLN C 362 2.51 -0.63 27.19
CA GLN C 362 3.07 -0.01 26.00
C GLN C 362 3.46 1.44 26.20
N TYR C 363 2.77 2.16 27.08
CA TYR C 363 2.99 3.59 27.29
C TYR C 363 2.97 3.88 28.78
N SER C 364 3.45 5.07 29.14
CA SER C 364 3.46 5.48 30.55
C SER C 364 2.04 5.62 31.10
N GLY C 365 1.08 5.94 30.23
CA GLY C 365 -0.31 5.95 30.66
C GLY C 365 -0.77 4.60 31.17
N ASP C 366 -0.30 3.51 30.54
CA ASP C 366 -0.61 2.19 31.03
C ASP C 366 -0.06 1.96 32.43
N ILE C 367 1.13 2.51 32.71
CA ILE C 367 1.71 2.39 34.05
C ILE C 367 0.83 3.11 35.06
N ALA C 368 0.40 4.32 34.71
CA ALA C 368 -0.48 5.06 35.60
C ALA C 368 -1.79 4.31 35.85
N LYS C 369 -2.37 3.72 34.79
CA LYS C 369 -3.60 2.94 34.95
C LYS C 369 -3.37 1.72 35.82
N ALA C 370 -2.26 1.01 35.62
CA ALA C 370 -1.98 -0.20 36.38
C ALA C 370 -1.83 0.12 37.86
N LEU C 371 -1.16 1.23 38.18
CA LEU C 371 -1.04 1.61 39.59
C LEU C 371 -2.37 2.09 40.16
N ALA C 372 -3.19 2.76 39.34
CA ALA C 372 -4.50 3.18 39.82
C ALA C 372 -5.43 1.99 40.05
N ALA C 373 -5.26 0.91 39.30
CA ALA C 373 -6.06 -0.29 39.50
C ALA C 373 -5.73 -0.99 40.81
N GLY C 374 -4.62 -0.64 41.47
CA GLY C 374 -4.30 -1.22 42.75
C GLY C 374 -2.89 -1.78 42.87
N ALA C 375 -2.16 -1.83 41.76
CA ALA C 375 -0.80 -2.34 41.83
C ALA C 375 0.12 -1.33 42.51
N SER C 376 1.20 -1.84 43.08
CA SER C 376 2.20 -0.98 43.70
C SER C 376 3.42 -0.73 42.82
N THR C 377 3.80 -1.69 41.98
CA THR C 377 4.89 -1.52 41.03
C THR C 377 4.49 -2.08 39.69
N ALA C 378 5.32 -1.82 38.68
CA ALA C 378 5.12 -2.33 37.33
C ALA C 378 6.43 -2.91 36.82
N MET C 379 6.34 -4.06 36.16
CA MET C 379 7.48 -4.70 35.53
C MET C 379 7.48 -4.34 34.05
N LEU C 380 8.63 -3.94 33.51
CA LEU C 380 8.65 -3.26 32.22
C LEU C 380 8.84 -4.21 31.04
N GLY C 381 9.99 -4.86 30.95
CA GLY C 381 10.17 -5.80 29.86
C GLY C 381 10.57 -5.18 28.54
N SER C 382 9.68 -5.24 27.55
CA SER C 382 10.04 -4.86 26.17
C SER C 382 10.37 -3.38 26.03
N LEU C 383 9.82 -2.53 26.91
CA LEU C 383 10.20 -1.12 26.91
C LEU C 383 11.70 -0.91 27.14
N LEU C 384 12.37 -1.89 27.74
CA LEU C 384 13.78 -1.78 28.08
C LEU C 384 14.67 -2.67 27.21
N ALA C 385 14.10 -3.30 26.19
CA ALA C 385 14.82 -4.36 25.47
C ALA C 385 16.04 -3.82 24.72
N GLY C 386 15.92 -2.65 24.10
CA GLY C 386 17.00 -2.13 23.29
C GLY C 386 17.84 -1.02 23.88
N THR C 387 17.77 -0.83 25.20
CA THR C 387 18.57 0.23 25.81
C THR C 387 20.05 -0.15 25.85
N ALA C 388 20.89 0.84 26.15
CA ALA C 388 22.33 0.62 26.18
C ALA C 388 22.72 -0.38 27.25
N GLU C 389 21.99 -0.42 28.37
CA GLU C 389 22.33 -1.28 29.49
C GLU C 389 21.80 -2.71 29.34
N SER C 390 20.91 -2.95 28.38
CA SER C 390 20.40 -4.29 28.16
C SER C 390 21.45 -5.15 27.45
N PRO C 391 21.36 -6.47 27.58
CA PRO C 391 22.33 -7.33 26.91
C PRO C 391 22.23 -7.23 25.39
N GLY C 392 23.33 -7.60 24.73
CA GLY C 392 23.43 -7.45 23.29
C GLY C 392 24.52 -6.48 22.87
N GLU C 393 24.97 -6.59 21.64
CA GLU C 393 26.05 -5.77 21.10
C GLU C 393 25.47 -4.64 20.25
N LEU C 394 26.15 -3.49 20.27
CA LEU C 394 25.77 -2.36 19.44
C LEU C 394 26.41 -2.51 18.07
N ILE C 395 25.58 -2.38 17.01
CA ILE C 395 26.06 -2.43 15.65
C ILE C 395 25.48 -1.27 14.87
N PHE C 396 26.13 -0.96 13.74
CA PHE C 396 25.77 0.17 12.89
C PHE C 396 25.40 -0.38 11.51
N VAL C 397 24.13 -0.24 11.13
CA VAL C 397 23.60 -0.82 9.91
C VAL C 397 22.77 0.22 9.19
N ASN C 398 23.08 0.44 7.91
CA ASN C 398 22.31 1.33 7.03
C ASN C 398 22.09 2.70 7.65
N GLY C 399 23.13 3.24 8.27
CA GLY C 399 23.06 4.56 8.84
C GLY C 399 22.31 4.66 10.16
N LYS C 400 22.04 3.54 10.81
CA LYS C 400 21.29 3.52 12.06
C LYS C 400 22.00 2.62 13.06
N GLN C 401 21.61 2.75 14.32
CA GLN C 401 22.13 1.90 15.39
C GLN C 401 21.14 0.79 15.68
N PHE C 402 21.66 -0.41 15.94
CA PHE C 402 20.83 -1.53 16.34
C PHE C 402 21.54 -2.31 17.44
N LYS C 403 20.75 -3.07 18.19
CA LYS C 403 21.26 -4.02 19.18
C LYS C 403 21.04 -5.43 18.65
N SER C 404 22.08 -6.25 18.72
CA SER C 404 22.02 -7.60 18.19
C SER C 404 22.45 -8.61 19.24
N TYR C 405 22.01 -9.85 19.06
CA TYR C 405 22.30 -10.93 20.00
C TYR C 405 23.16 -11.99 19.34
N ARG C 406 24.18 -11.55 18.62
CA ARG C 406 25.12 -12.43 17.94
C ARG C 406 26.00 -13.20 18.93
N ARG C 427 35.01 -15.15 10.67
CA ARG C 427 34.89 -16.30 11.55
C ARG C 427 36.16 -17.14 11.58
N TYR C 428 36.04 -18.36 12.11
CA TYR C 428 37.20 -19.23 12.27
C TYR C 428 37.62 -19.81 10.93
N PHE C 429 36.67 -20.29 10.13
CA PHE C 429 36.96 -20.94 8.87
C PHE C 429 36.77 -20.02 7.68
N GLN C 430 36.34 -18.78 7.91
CA GLN C 430 36.12 -17.82 6.83
C GLN C 430 37.30 -16.85 6.81
N ASP C 431 38.40 -17.30 6.22
CA ASP C 431 39.63 -16.54 6.16
C ASP C 431 39.77 -15.74 4.88
N ASP C 432 38.71 -15.63 4.08
CA ASP C 432 38.74 -14.87 2.84
C ASP C 432 38.50 -13.39 3.15
N VAL C 433 39.51 -12.56 2.87
CA VAL C 433 39.48 -11.16 3.29
C VAL C 433 38.51 -10.32 2.46
N LEU C 434 38.20 -10.73 1.24
CA LEU C 434 37.34 -9.96 0.35
C LEU C 434 35.92 -10.49 0.27
N SER C 435 35.58 -11.50 1.07
CA SER C 435 34.25 -12.08 1.00
C SER C 435 33.21 -11.12 1.58
N GLU C 436 31.97 -11.29 1.14
CA GLU C 436 30.91 -10.36 1.53
C GLU C 436 30.67 -10.37 3.04
N ASP C 437 30.94 -11.49 3.71
CA ASP C 437 30.75 -11.55 5.15
C ASP C 437 31.69 -10.60 5.89
N LYS C 438 32.79 -10.17 5.25
CA LYS C 438 33.63 -9.13 5.81
C LYS C 438 33.04 -7.73 5.62
N LEU C 439 32.14 -7.56 4.65
CA LEU C 439 31.61 -6.25 4.31
C LEU C 439 30.39 -5.86 5.13
N VAL C 440 29.86 -6.75 5.94
CA VAL C 440 28.69 -6.46 6.77
C VAL C 440 28.96 -6.85 8.22
N PRO C 441 28.41 -6.15 9.20
CA PRO C 441 28.63 -6.52 10.59
C PRO C 441 27.95 -7.84 10.94
N GLU C 442 28.49 -8.51 11.95
CA GLU C 442 27.87 -9.72 12.46
C GLU C 442 26.57 -9.38 13.19
N GLY C 443 25.63 -10.34 13.17
CA GLY C 443 24.36 -10.15 13.84
C GLY C 443 23.36 -9.32 13.09
N ILE C 444 23.56 -9.12 11.79
CA ILE C 444 22.73 -8.20 11.02
C ILE C 444 21.31 -8.71 10.81
N GLU C 445 21.04 -9.97 11.16
CA GLU C 445 19.73 -10.57 10.97
C GLU C 445 18.94 -10.51 12.27
N GLY C 446 17.73 -9.99 12.20
CA GLY C 446 16.89 -9.89 13.38
C GLY C 446 17.43 -8.96 14.44
N ARG C 447 17.98 -7.81 14.03
CA ARG C 447 18.51 -6.84 14.97
C ARG C 447 17.37 -6.07 15.64
N VAL C 448 17.63 -5.61 16.86
CA VAL C 448 16.65 -4.89 17.67
C VAL C 448 16.97 -3.41 17.63
N PRO C 449 15.99 -2.53 17.45
CA PRO C 449 16.28 -1.10 17.40
C PRO C 449 16.92 -0.61 18.69
N PHE C 450 17.90 0.29 18.54
CA PHE C 450 18.62 0.84 19.67
C PHE C 450 17.83 1.98 20.30
N ARG C 451 17.82 2.03 21.64
CA ARG C 451 16.98 2.97 22.36
C ARG C 451 17.74 4.04 23.12
N GLY C 452 19.04 3.85 23.38
CA GLY C 452 19.80 4.80 24.14
C GLY C 452 19.87 4.44 25.61
N PRO C 453 20.27 5.39 26.44
CA PRO C 453 20.46 5.10 27.86
C PRO C 453 19.15 4.83 28.58
N LEU C 454 19.23 4.01 29.62
CA LEU C 454 18.06 3.65 30.41
C LEU C 454 17.47 4.86 31.13
N GLY C 455 18.33 5.77 31.60
CA GLY C 455 17.86 6.90 32.38
C GLY C 455 16.85 7.76 31.65
N THR C 456 17.04 7.97 30.34
CA THR C 456 16.09 8.78 29.59
C THR C 456 14.72 8.12 29.52
N VAL C 457 14.69 6.80 29.29
CA VAL C 457 13.41 6.08 29.22
C VAL C 457 12.71 6.14 30.58
N ILE C 458 13.45 5.89 31.65
CA ILE C 458 12.87 5.93 32.99
C ILE C 458 12.33 7.32 33.29
N HIS C 459 13.07 8.37 32.90
CA HIS C 459 12.65 9.73 33.17
C HIS C 459 11.36 10.07 32.41
N GLN C 460 11.24 9.61 31.17
CA GLN C 460 10.00 9.83 30.43
C GLN C 460 8.82 9.12 31.09
N LEU C 461 9.02 7.86 31.50
CA LEU C 461 7.94 7.13 32.16
C LEU C 461 7.51 7.82 33.46
N THR C 462 8.49 8.30 34.23
CA THR C 462 8.16 8.96 35.49
C THR C 462 7.49 10.31 35.26
N GLY C 463 7.84 11.01 34.19
CA GLY C 463 7.11 12.22 33.84
C GLY C 463 5.66 11.94 33.52
N GLY C 464 5.39 10.87 32.77
CA GLY C 464 4.00 10.48 32.53
C GLY C 464 3.25 10.15 33.81
N LEU C 465 3.89 9.38 34.70
CA LEU C 465 3.24 9.03 35.96
C LEU C 465 2.96 10.27 36.81
N ARG C 466 3.91 11.20 36.86
CA ARG C 466 3.71 12.43 37.63
C ARG C 466 2.59 13.27 37.04
N ALA C 467 2.47 13.30 35.72
CA ALA C 467 1.33 14.00 35.11
C ALA C 467 0.01 13.37 35.54
N ALA C 468 -0.06 12.04 35.53
CA ALA C 468 -1.29 11.38 35.98
C ALA C 468 -1.60 11.72 37.44
N MET C 469 -0.57 11.70 38.30
CA MET C 469 -0.78 12.02 39.71
C MET C 469 -1.27 13.45 39.88
N GLY C 470 -0.74 14.38 39.08
CA GLY C 470 -1.22 15.76 39.13
C GLY C 470 -2.67 15.88 38.69
N TYR C 471 -3.04 15.15 37.63
CA TYR C 471 -4.41 15.22 37.14
C TYR C 471 -5.40 14.64 38.14
N THR C 472 -5.02 13.57 38.83
CA THR C 472 -5.93 12.92 39.77
C THR C 472 -5.86 13.50 41.17
N GLY C 473 -4.94 14.43 41.43
CA GLY C 473 -4.75 14.95 42.77
C GLY C 473 -4.22 13.96 43.77
N SER C 474 -3.30 13.10 43.34
CA SER C 474 -2.69 12.08 44.19
C SER C 474 -1.31 12.55 44.61
N ALA C 475 -1.12 12.78 45.91
CA ALA C 475 0.17 13.20 46.42
C ALA C 475 1.15 12.03 46.53
N THR C 476 0.63 10.82 46.73
CA THR C 476 1.44 9.61 46.84
C THR C 476 0.85 8.52 45.95
N ILE C 477 1.61 7.45 45.79
CA ILE C 477 1.12 6.29 45.04
C ILE C 477 -0.06 5.64 45.75
N GLU C 478 -0.03 5.64 47.09
CA GLU C 478 -1.14 5.07 47.85
C GLU C 478 -2.44 5.83 47.60
N GLN C 479 -2.35 7.14 47.39
CA GLN C 479 -3.54 7.90 47.01
C GLN C 479 -3.93 7.66 45.56
N LEU C 480 -2.94 7.49 44.68
CA LEU C 480 -3.23 7.16 43.28
C LEU C 480 -3.96 5.84 43.16
N GLN C 481 -3.72 4.92 44.10
CA GLN C 481 -4.42 3.64 44.09
C GLN C 481 -5.90 3.76 44.42
N GLN C 482 -6.37 4.94 44.82
CA GLN C 482 -7.79 5.18 45.07
C GLN C 482 -8.50 5.88 43.92
N ALA C 483 -7.82 6.13 42.80
CA ALA C 483 -8.41 6.89 41.70
C ALA C 483 -9.52 6.09 41.02
N GLN C 484 -10.39 6.82 40.32
CA GLN C 484 -11.53 6.24 39.61
C GLN C 484 -11.31 6.24 38.10
N PHE C 485 -11.92 5.27 37.44
CA PHE C 485 -11.83 5.10 35.99
C PHE C 485 -13.12 5.54 35.32
N VAL C 486 -13.01 5.80 34.01
CA VAL C 486 -14.15 5.84 33.10
C VAL C 486 -13.91 4.79 32.03
N GLN C 487 -14.94 4.00 31.73
CA GLN C 487 -14.87 3.01 30.67
C GLN C 487 -15.30 3.64 29.35
N ILE C 488 -14.52 3.40 28.30
CA ILE C 488 -14.77 4.02 27.01
C ILE C 488 -15.19 2.96 25.99
N THR C 489 -15.96 3.39 25.00
CA THR C 489 -16.40 2.52 23.93
C THR C 489 -15.32 2.39 22.86
N ALA C 490 -15.57 1.51 21.90
CA ALA C 490 -14.63 1.32 20.80
C ALA C 490 -14.47 2.59 19.96
N ALA C 491 -15.52 3.40 19.87
CA ALA C 491 -15.43 4.67 19.16
C ALA C 491 -14.33 5.55 19.74
N GLY C 492 -14.05 5.43 21.03
CA GLY C 492 -13.00 6.19 21.66
C GLY C 492 -11.60 5.76 21.30
N LEU C 493 -11.43 4.69 20.55
CA LEU C 493 -10.12 4.25 20.10
C LEU C 493 -9.87 4.55 18.62
N LYS C 494 -10.86 5.10 17.92
CA LYS C 494 -10.74 5.37 16.50
C LYS C 494 -9.98 6.67 16.27
N GLU C 495 -8.87 6.60 15.53
CA GLU C 495 -8.05 7.78 15.27
C GLU C 495 -8.76 8.76 14.33
N VAL D 12 -41.70 0.44 28.62
CA VAL D 12 -42.47 -0.53 27.85
C VAL D 12 -41.73 -0.98 26.58
N PRO D 13 -41.16 -0.05 25.79
CA PRO D 13 -40.38 -0.47 24.63
C PRO D 13 -39.11 -1.22 25.03
N VAL D 14 -38.72 -2.15 24.17
CA VAL D 14 -37.40 -2.77 24.27
C VAL D 14 -36.35 -1.75 23.85
N PRO D 15 -35.22 -1.64 24.56
CA PRO D 15 -34.22 -0.62 24.20
C PRO D 15 -33.67 -0.75 22.78
N THR D 16 -33.72 -1.92 22.16
CA THR D 16 -33.28 -2.07 20.78
C THR D 16 -34.41 -1.95 19.77
N GLY D 17 -35.63 -1.68 20.21
CA GLY D 17 -36.74 -1.41 19.31
C GLY D 17 -37.89 -2.38 19.46
N GLY D 18 -39.11 -1.90 19.21
CA GLY D 18 -40.28 -2.74 19.26
C GLY D 18 -40.80 -2.95 20.67
N ASP D 19 -41.78 -3.85 20.76
CA ASP D 19 -42.41 -4.19 22.03
C ASP D 19 -42.21 -5.65 22.44
N ASP D 20 -41.51 -6.45 21.63
CA ASP D 20 -41.34 -7.87 21.92
C ASP D 20 -39.96 -8.10 22.48
N PRO D 21 -39.83 -8.53 23.75
CA PRO D 21 -38.48 -8.79 24.29
C PRO D 21 -37.78 -9.99 23.67
N THR D 22 -38.49 -10.86 22.97
CA THR D 22 -37.86 -12.03 22.36
C THR D 22 -37.53 -11.86 20.88
N LYS D 23 -37.81 -10.68 20.30
CA LYS D 23 -37.48 -10.48 18.89
C LYS D 23 -35.99 -10.63 18.65
N VAL D 24 -35.17 -9.96 19.46
CA VAL D 24 -33.74 -10.22 19.52
C VAL D 24 -33.54 -11.25 20.62
N ALA D 25 -33.39 -12.52 20.24
CA ALA D 25 -33.47 -13.61 21.21
C ALA D 25 -32.30 -13.59 22.19
N MET D 26 -31.09 -13.35 21.70
CA MET D 26 -29.92 -13.50 22.55
C MET D 26 -28.73 -12.80 21.89
N LEU D 27 -27.65 -12.67 22.66
CA LEU D 27 -26.39 -12.12 22.19
C LEU D 27 -25.41 -13.25 21.94
N GLY D 28 -24.96 -13.39 20.69
CA GLY D 28 -24.12 -14.50 20.29
C GLY D 28 -22.65 -14.19 20.44
N LEU D 29 -21.94 -15.08 21.14
CA LEU D 29 -20.50 -14.98 21.30
C LEU D 29 -19.79 -15.91 20.32
N THR D 30 -18.75 -15.41 19.68
CA THR D 30 -17.88 -16.20 18.84
C THR D 30 -16.60 -16.54 19.61
N PHE D 31 -15.70 -17.27 18.94
CA PHE D 31 -14.46 -17.70 19.59
C PHE D 31 -13.62 -16.51 20.03
N ASP D 32 -13.57 -15.45 19.20
CA ASP D 32 -12.80 -14.27 19.52
C ASP D 32 -13.34 -13.50 20.72
N ASP D 33 -14.55 -13.79 21.18
CA ASP D 33 -15.15 -13.06 22.28
C ASP D 33 -14.69 -13.55 23.65
N VAL D 34 -14.13 -14.75 23.76
CA VAL D 34 -13.89 -15.36 25.06
C VAL D 34 -12.45 -15.82 25.18
N LEU D 35 -12.01 -15.95 26.42
CA LEU D 35 -10.75 -16.59 26.76
C LEU D 35 -10.98 -17.56 27.91
N LEU D 36 -10.14 -18.59 27.98
CA LEU D 36 -10.18 -19.50 29.12
C LEU D 36 -9.46 -18.89 30.31
N LEU D 37 -10.04 -19.06 31.50
CA LEU D 37 -9.42 -18.53 32.71
C LEU D 37 -8.49 -19.57 33.33
N PRO D 38 -7.32 -19.15 33.78
CA PRO D 38 -6.46 -20.06 34.56
C PRO D 38 -7.12 -20.46 35.86
N ALA D 39 -6.85 -21.70 36.29
CA ALA D 39 -7.44 -22.24 37.50
C ALA D 39 -6.40 -23.10 38.21
N ALA D 40 -6.75 -23.54 39.42
CA ALA D 40 -5.84 -24.39 40.19
C ALA D 40 -5.49 -25.64 39.43
N SER D 41 -4.19 -25.90 39.27
CA SER D 41 -3.73 -26.93 38.36
C SER D 41 -2.59 -27.73 38.97
N ASP D 42 -2.76 -29.05 39.00
CA ASP D 42 -1.66 -29.99 39.23
C ASP D 42 -1.39 -30.81 37.98
N VAL D 43 -1.87 -30.36 36.81
CA VAL D 43 -1.84 -31.12 35.57
C VAL D 43 -0.62 -30.69 34.76
N VAL D 44 0.15 -31.67 34.31
CA VAL D 44 1.28 -31.44 33.41
C VAL D 44 0.78 -31.62 31.99
N PRO D 45 1.10 -30.71 31.07
CA PRO D 45 0.59 -30.84 29.69
C PRO D 45 0.94 -32.17 29.03
N ALA D 46 2.11 -32.73 29.31
CA ALA D 46 2.48 -34.01 28.72
C ALA D 46 1.67 -35.17 29.31
N THR D 47 1.18 -35.02 30.53
CA THR D 47 0.42 -36.06 31.20
C THR D 47 -1.09 -36.00 30.91
N ALA D 48 -1.57 -34.91 30.32
CA ALA D 48 -3.01 -34.71 30.16
C ALA D 48 -3.60 -35.75 29.21
N ASP D 49 -4.79 -36.24 29.55
CA ASP D 49 -5.49 -37.25 28.78
C ASP D 49 -6.46 -36.57 27.83
N THR D 50 -6.19 -36.64 26.54
CA THR D 50 -6.98 -35.94 25.53
C THR D 50 -8.11 -36.79 24.94
N SER D 51 -8.35 -37.99 25.47
CA SER D 51 -9.35 -38.86 24.88
C SER D 51 -10.76 -38.33 25.15
N SER D 52 -11.68 -38.62 24.22
CA SER D 52 -13.02 -38.06 24.28
C SER D 52 -13.98 -38.95 23.49
N GLN D 53 -15.26 -38.75 23.72
CA GLN D 53 -16.32 -39.52 23.06
C GLN D 53 -16.68 -38.88 21.73
N LEU D 54 -16.59 -39.67 20.66
CA LEU D 54 -17.15 -39.21 19.39
C LEU D 54 -18.66 -39.46 19.34
N THR D 55 -19.08 -40.67 19.65
CA THR D 55 -20.49 -40.98 19.84
C THR D 55 -20.66 -41.65 21.19
N LYS D 56 -21.86 -42.15 21.48
CA LYS D 56 -22.09 -42.85 22.73
C LYS D 56 -21.29 -44.14 22.84
N ARG D 57 -20.84 -44.70 21.72
CA ARG D 57 -20.15 -45.98 21.71
C ARG D 57 -18.70 -45.91 21.25
N ILE D 58 -18.23 -44.79 20.71
CA ILE D 58 -16.88 -44.69 20.16
C ILE D 58 -16.13 -43.61 20.91
N ARG D 59 -14.95 -43.97 21.43
CA ARG D 59 -14.05 -43.04 22.11
C ARG D 59 -12.77 -42.89 21.29
N LEU D 60 -12.40 -41.65 20.98
CA LEU D 60 -11.18 -41.33 20.27
C LEU D 60 -10.08 -40.96 21.25
N ARG D 61 -8.83 -41.28 20.89
CA ARG D 61 -7.68 -40.83 21.68
C ARG D 61 -7.41 -39.35 21.48
N VAL D 62 -7.60 -38.86 20.26
CA VAL D 62 -7.42 -37.45 19.92
C VAL D 62 -8.78 -36.92 19.46
N PRO D 63 -9.33 -35.88 20.08
CA PRO D 63 -10.72 -35.47 19.83
C PRO D 63 -10.90 -34.62 18.57
N LEU D 64 -10.40 -35.13 17.45
CA LEU D 64 -10.42 -34.41 16.19
C LEU D 64 -10.95 -35.32 15.09
N VAL D 65 -11.74 -34.75 14.19
CA VAL D 65 -12.33 -35.47 13.07
C VAL D 65 -12.19 -34.61 11.82
N SER D 66 -11.83 -35.22 10.71
CA SER D 66 -11.67 -34.49 9.47
C SER D 66 -13.01 -34.37 8.74
N SER D 67 -13.19 -33.24 8.06
CA SER D 67 -14.47 -32.87 7.51
C SER D 67 -14.83 -33.68 6.26
N ALA D 68 -16.14 -33.82 6.03
CA ALA D 68 -16.65 -34.52 4.85
C ALA D 68 -16.70 -33.58 3.64
N MET D 69 -15.52 -33.13 3.23
CA MET D 69 -15.36 -32.24 2.09
C MET D 69 -14.48 -32.90 1.04
N ASP D 70 -14.79 -32.65 -0.23
CA ASP D 70 -14.05 -33.29 -1.32
C ASP D 70 -12.63 -32.77 -1.45
N THR D 71 -12.28 -31.68 -0.77
CA THR D 71 -10.89 -31.23 -0.70
C THR D 71 -10.23 -31.60 0.62
N VAL D 72 -10.89 -32.42 1.46
CA VAL D 72 -10.30 -32.77 2.74
C VAL D 72 -10.14 -34.28 2.89
N THR D 73 -11.23 -35.04 2.87
CA THR D 73 -11.20 -36.43 3.31
C THR D 73 -11.56 -37.38 2.18
N GLU D 74 -10.58 -38.18 1.76
CA GLU D 74 -10.80 -39.43 1.05
C GLU D 74 -10.06 -40.53 1.81
N SER D 75 -9.87 -41.70 1.19
CA SER D 75 -9.31 -42.85 1.89
C SER D 75 -8.01 -42.54 2.62
N ARG D 76 -7.09 -41.86 1.93
CA ARG D 76 -5.77 -41.58 2.49
C ARG D 76 -5.88 -40.73 3.75
N MET D 77 -6.71 -39.69 3.70
CA MET D 77 -6.94 -38.85 4.88
C MET D 77 -7.59 -39.64 6.00
N ALA D 78 -8.56 -40.49 5.68
CA ALA D 78 -9.23 -41.26 6.73
C ALA D 78 -8.26 -42.21 7.42
N ILE D 79 -7.40 -42.88 6.64
CA ILE D 79 -6.40 -43.77 7.21
C ILE D 79 -5.47 -42.99 8.13
N ALA D 80 -4.98 -41.84 7.66
CA ALA D 80 -4.06 -41.03 8.47
C ALA D 80 -4.73 -40.53 9.75
N MET D 81 -5.98 -40.06 9.65
CA MET D 81 -6.67 -39.56 10.83
C MET D 81 -6.90 -40.68 11.84
N ALA D 82 -7.28 -41.86 11.38
CA ALA D 82 -7.45 -42.99 12.30
C ALA D 82 -6.13 -43.37 12.95
N ARG D 83 -5.04 -43.33 12.20
CA ARG D 83 -3.72 -43.64 12.78
C ARG D 83 -3.32 -42.62 13.84
N ALA D 84 -3.62 -41.34 13.59
CA ALA D 84 -3.25 -40.28 14.52
C ALA D 84 -4.06 -40.28 15.81
N GLY D 85 -5.13 -41.06 15.88
CA GLY D 85 -5.95 -41.11 17.08
C GLY D 85 -7.31 -40.44 16.96
N GLY D 86 -7.64 -39.91 15.78
CA GLY D 86 -8.96 -39.37 15.54
C GLY D 86 -9.75 -40.23 14.58
N MET D 87 -10.45 -39.59 13.64
CA MET D 87 -11.21 -40.31 12.63
C MET D 87 -11.48 -39.37 11.47
N GLY D 88 -11.77 -39.96 10.31
CA GLY D 88 -12.13 -39.20 9.13
C GLY D 88 -13.53 -39.55 8.67
N VAL D 89 -14.21 -38.57 8.09
CA VAL D 89 -15.54 -38.76 7.52
C VAL D 89 -15.42 -38.57 6.00
N LEU D 90 -15.71 -39.63 5.25
CA LEU D 90 -15.59 -39.60 3.80
C LEU D 90 -16.69 -38.74 3.18
N HIS D 91 -16.31 -37.89 2.24
CA HIS D 91 -17.27 -37.01 1.59
C HIS D 91 -18.17 -37.80 0.63
N ARG D 92 -19.31 -37.20 0.31
CA ARG D 92 -20.35 -37.88 -0.47
C ARG D 92 -20.56 -37.24 -1.85
N ASN D 93 -19.62 -36.43 -2.31
CA ASN D 93 -19.71 -35.79 -3.62
C ASN D 93 -19.10 -36.67 -4.72
N LEU D 94 -19.66 -37.87 -4.86
CA LEU D 94 -19.14 -38.89 -5.76
C LEU D 94 -20.14 -40.04 -5.79
N PRO D 95 -20.05 -40.90 -6.81
CA PRO D 95 -21.00 -42.02 -6.91
C PRO D 95 -20.92 -42.95 -5.71
N VAL D 96 -22.04 -43.67 -5.49
CA VAL D 96 -22.14 -44.58 -4.36
C VAL D 96 -21.03 -45.63 -4.40
N ALA D 97 -20.75 -46.17 -5.59
CA ALA D 97 -19.77 -47.25 -5.70
C ALA D 97 -18.38 -46.77 -5.29
N GLU D 98 -17.99 -45.57 -5.68
CA GLU D 98 -16.67 -45.06 -5.32
C GLU D 98 -16.57 -44.79 -3.82
N GLN D 99 -17.64 -44.25 -3.21
CA GLN D 99 -17.62 -44.03 -1.77
C GLN D 99 -17.51 -45.35 -1.01
N ALA D 100 -18.26 -46.37 -1.45
CA ALA D 100 -18.15 -47.68 -0.81
C ALA D 100 -16.77 -48.29 -1.02
N GLY D 101 -16.18 -48.05 -2.19
CA GLY D 101 -14.82 -48.50 -2.43
C GLY D 101 -13.82 -47.85 -1.50
N GLN D 102 -13.99 -46.54 -1.25
CA GLN D 102 -13.12 -45.85 -0.32
C GLN D 102 -13.32 -46.36 1.11
N VAL D 103 -14.56 -46.68 1.48
CA VAL D 103 -14.81 -47.31 2.79
C VAL D 103 -14.04 -48.63 2.89
N GLU D 104 -14.14 -49.46 1.84
CA GLU D 104 -13.45 -50.75 1.84
C GLU D 104 -11.94 -50.57 1.91
N THR D 105 -11.41 -49.58 1.17
CA THR D 105 -9.98 -49.31 1.19
C THR D 105 -9.52 -48.92 2.59
N VAL D 106 -10.28 -48.09 3.29
CA VAL D 106 -9.91 -47.73 4.65
C VAL D 106 -9.98 -48.95 5.56
N LYS D 107 -11.05 -49.76 5.43
CA LYS D 107 -11.23 -50.89 6.33
C LYS D 107 -10.20 -51.99 6.13
N ARG D 108 -9.54 -52.03 4.98
CA ARG D 108 -8.58 -53.08 4.65
C ARG D 108 -7.13 -52.66 4.91
N SER D 109 -6.90 -51.46 5.43
CA SER D 109 -5.53 -50.97 5.56
C SER D 109 -4.71 -51.83 6.51
N GLU D 110 -5.28 -52.20 7.65
CA GLU D 110 -4.59 -53.06 8.61
C GLU D 110 -5.63 -53.81 9.43
N ALA D 111 -5.17 -54.83 10.16
CA ALA D 111 -6.05 -55.67 10.95
C ALA D 111 -5.20 -56.48 11.93
N GLY D 112 -5.89 -57.12 12.87
CA GLY D 112 -5.24 -58.18 13.62
C GLY D 112 -4.96 -59.41 12.78
N MET D 113 -5.89 -59.73 11.87
CA MET D 113 -5.72 -60.85 10.96
C MET D 113 -6.52 -60.60 9.69
N VAL D 114 -5.89 -60.81 8.53
CA VAL D 114 -6.59 -60.70 7.26
C VAL D 114 -7.51 -61.91 7.10
N THR D 115 -8.82 -61.65 7.06
CA THR D 115 -9.78 -62.74 6.97
C THR D 115 -10.10 -63.16 5.54
N ASP D 116 -9.75 -62.34 4.55
CA ASP D 116 -10.20 -62.55 3.17
C ASP D 116 -9.05 -62.28 2.21
N PRO D 117 -7.99 -63.09 2.26
CA PRO D 117 -6.77 -62.76 1.51
C PRO D 117 -6.99 -62.82 0.01
N VAL D 118 -6.22 -61.99 -0.70
CA VAL D 118 -6.25 -61.96 -2.16
C VAL D 118 -5.39 -63.10 -2.71
N THR D 119 -6.02 -64.24 -2.96
CA THR D 119 -5.34 -65.44 -3.43
C THR D 119 -5.21 -65.44 -4.96
N CYS D 120 -4.22 -66.19 -5.44
CA CYS D 120 -4.03 -66.47 -6.86
C CYS D 120 -4.05 -67.97 -7.10
N SER D 121 -3.84 -68.36 -8.35
CA SER D 121 -3.83 -69.75 -8.76
C SER D 121 -2.51 -70.08 -9.46
N PRO D 122 -2.05 -71.32 -9.38
CA PRO D 122 -0.73 -71.65 -9.94
C PRO D 122 -0.62 -71.41 -11.43
N ASP D 123 -1.74 -71.43 -12.15
CA ASP D 123 -1.71 -71.22 -13.59
C ASP D 123 -1.61 -69.75 -13.96
N ASN D 124 -1.80 -68.85 -13.00
CA ASN D 124 -1.68 -67.42 -13.26
C ASN D 124 -0.25 -67.05 -13.61
N THR D 125 -0.10 -66.00 -14.41
CA THR D 125 1.21 -65.54 -14.84
C THR D 125 1.82 -64.59 -13.80
N LEU D 126 3.04 -64.15 -14.07
CA LEU D 126 3.66 -63.14 -13.21
C LEU D 126 3.01 -61.77 -13.40
N ALA D 127 2.71 -61.41 -14.65
CA ALA D 127 2.06 -60.12 -14.90
C ALA D 127 0.70 -60.04 -14.23
N GLU D 128 -0.02 -61.16 -14.16
CA GLU D 128 -1.36 -61.16 -13.58
C GLU D 128 -1.30 -60.90 -12.07
N VAL D 129 -0.41 -61.60 -11.37
CA VAL D 129 -0.29 -61.39 -9.94
C VAL D 129 0.31 -60.02 -9.64
N ASP D 130 1.21 -59.53 -10.50
CA ASP D 130 1.70 -58.16 -10.36
C ASP D 130 0.56 -57.15 -10.51
N ALA D 131 -0.34 -57.38 -11.46
CA ALA D 131 -1.49 -56.50 -11.62
C ALA D 131 -2.38 -56.53 -10.38
N MET D 132 -2.59 -57.72 -9.82
CA MET D 132 -3.37 -57.81 -8.57
C MET D 132 -2.68 -57.07 -7.43
N CYS D 133 -1.36 -57.22 -7.32
CA CYS D 133 -0.62 -56.55 -6.25
C CYS D 133 -0.69 -55.03 -6.39
N ALA D 134 -0.57 -54.53 -7.62
CA ALA D 134 -0.70 -53.09 -7.84
C ALA D 134 -2.13 -52.61 -7.61
N ARG D 135 -3.12 -53.45 -7.90
CA ARG D 135 -4.51 -53.10 -7.63
C ARG D 135 -4.75 -52.93 -6.14
N PHE D 136 -4.30 -53.88 -5.33
CA PHE D 136 -4.60 -53.89 -3.91
C PHE D 136 -3.49 -53.30 -3.05
N ARG D 137 -2.37 -52.86 -3.64
CA ARG D 137 -1.22 -52.35 -2.89
C ARG D 137 -0.75 -53.33 -1.83
N ILE D 138 -0.61 -54.59 -2.23
CA ILE D 138 -0.07 -55.64 -1.38
C ILE D 138 1.21 -56.18 -2.03
N SER D 139 1.93 -57.01 -1.29
CA SER D 139 3.23 -57.49 -1.71
C SER D 139 3.24 -58.95 -2.16
N GLY D 140 2.53 -59.84 -1.46
CA GLY D 140 2.57 -61.24 -1.80
C GLY D 140 1.23 -61.91 -1.59
N LEU D 141 1.01 -62.98 -2.36
CA LEU D 141 -0.27 -63.67 -2.44
C LEU D 141 -0.09 -65.15 -2.14
N PRO D 142 -1.04 -65.77 -1.43
CA PRO D 142 -1.12 -67.23 -1.41
C PRO D 142 -1.67 -67.75 -2.73
N VAL D 143 -1.52 -69.06 -2.93
CA VAL D 143 -1.90 -69.69 -4.19
C VAL D 143 -2.80 -70.89 -3.89
N VAL D 144 -3.93 -70.98 -4.60
CA VAL D 144 -4.93 -72.02 -4.39
C VAL D 144 -5.19 -72.74 -5.70
N ASP D 145 -5.58 -74.01 -5.60
CA ASP D 145 -5.80 -74.83 -6.79
C ASP D 145 -7.24 -74.69 -7.29
N ASP D 146 -7.57 -75.50 -8.30
CA ASP D 146 -8.92 -75.46 -8.88
C ASP D 146 -9.97 -75.95 -7.90
N THR D 147 -9.61 -76.92 -7.05
CA THR D 147 -10.47 -77.28 -5.94
C THR D 147 -10.45 -76.21 -4.86
N GLY D 148 -9.35 -75.50 -4.72
CA GLY D 148 -9.22 -74.44 -3.74
C GLY D 148 -8.27 -74.70 -2.59
N GLU D 149 -7.39 -75.69 -2.69
CA GLU D 149 -6.46 -76.01 -1.61
C GLU D 149 -5.15 -75.25 -1.77
N LEU D 150 -4.54 -74.91 -0.65
CA LEU D 150 -3.33 -74.10 -0.63
C LEU D 150 -2.13 -74.93 -1.04
N VAL D 151 -1.33 -74.41 -1.98
CA VAL D 151 -0.17 -75.13 -2.47
C VAL D 151 1.08 -74.25 -2.48
N GLY D 152 1.01 -73.10 -1.83
CA GLY D 152 2.20 -72.28 -1.69
C GLY D 152 1.86 -70.81 -1.56
N ILE D 153 2.91 -70.01 -1.40
CA ILE D 153 2.82 -68.56 -1.30
C ILE D 153 3.93 -67.95 -2.14
N ILE D 154 3.61 -66.84 -2.81
CA ILE D 154 4.57 -66.14 -3.67
C ILE D 154 4.58 -64.67 -3.27
N THR D 155 5.76 -64.15 -2.94
CA THR D 155 5.90 -62.78 -2.45
C THR D 155 6.83 -62.00 -3.39
N ASN D 156 7.00 -60.72 -3.08
CA ASN D 156 7.73 -59.85 -4.00
C ASN D 156 9.22 -60.15 -4.03
N ARG D 157 9.77 -60.80 -3.01
CA ARG D 157 11.16 -61.23 -3.11
C ARG D 157 11.31 -62.35 -4.11
N ASP D 158 10.24 -63.13 -4.34
CA ASP D 158 10.26 -64.13 -5.40
C ASP D 158 10.26 -63.47 -6.78
N MET D 159 9.35 -62.51 -6.99
CA MET D 159 9.17 -61.93 -8.32
C MET D 159 10.22 -60.88 -8.67
N ARG D 160 10.90 -60.31 -7.67
CA ARG D 160 11.97 -59.37 -7.96
C ARG D 160 13.13 -60.03 -8.68
N PHE D 161 13.30 -61.34 -8.48
CA PHE D 161 14.41 -62.09 -9.03
C PHE D 161 14.05 -62.89 -10.29
N GLU D 162 12.88 -62.64 -10.88
CA GLU D 162 12.46 -63.31 -12.11
C GLU D 162 12.32 -62.29 -13.22
N VAL D 163 13.18 -62.39 -14.24
CA VAL D 163 13.21 -61.40 -15.30
C VAL D 163 12.11 -61.66 -16.33
N ASP D 164 11.77 -62.92 -16.58
CA ASP D 164 10.75 -63.28 -17.54
C ASP D 164 9.37 -63.05 -16.91
N GLN D 165 8.66 -62.04 -17.39
CA GLN D 165 7.35 -61.71 -16.84
C GLN D 165 6.20 -62.50 -17.46
N SER D 166 6.51 -63.45 -18.35
CA SER D 166 5.49 -64.38 -18.80
C SER D 166 5.40 -65.64 -17.92
N LYS D 167 6.31 -65.78 -16.96
CA LYS D 167 6.38 -67.01 -16.19
C LYS D 167 5.11 -67.24 -15.40
N PRO D 168 4.74 -68.50 -15.16
CA PRO D 168 3.60 -68.81 -14.31
C PRO D 168 4.00 -68.88 -12.84
N VAL D 169 2.99 -68.80 -11.98
CA VAL D 169 3.23 -68.70 -10.54
C VAL D 169 3.94 -69.95 -10.04
N SER D 170 3.60 -71.12 -10.61
CA SER D 170 4.20 -72.37 -10.18
C SER D 170 5.70 -72.41 -10.42
N GLU D 171 6.22 -71.62 -11.37
CA GLU D 171 7.66 -71.58 -11.59
C GLU D 171 8.38 -70.64 -10.63
N VAL D 172 7.67 -69.75 -9.95
CA VAL D 172 8.29 -68.78 -9.08
C VAL D 172 7.97 -69.02 -7.61
N MET D 173 6.77 -69.49 -7.29
CA MET D 173 6.29 -69.53 -5.92
C MET D 173 7.11 -70.47 -5.05
N THR D 174 6.97 -70.31 -3.74
CA THR D 174 7.49 -71.25 -2.75
C THR D 174 6.43 -72.29 -2.46
N LYS D 175 6.74 -73.56 -2.73
CA LYS D 175 5.74 -74.60 -2.75
C LYS D 175 5.47 -75.15 -1.35
N ALA D 176 4.33 -75.82 -1.20
CA ALA D 176 3.88 -76.36 0.07
C ALA D 176 4.67 -77.62 0.42
N PRO D 177 4.76 -77.97 1.72
CA PRO D 177 4.11 -77.35 2.88
C PRO D 177 4.77 -76.04 3.30
N LEU D 178 3.98 -74.98 3.43
CA LEU D 178 4.46 -73.69 3.89
C LEU D 178 4.56 -73.66 5.41
N ILE D 179 5.04 -72.54 5.93
CA ILE D 179 4.95 -72.26 7.35
C ILE D 179 3.57 -71.67 7.62
N THR D 180 2.74 -72.41 8.35
CA THR D 180 1.36 -72.01 8.59
C THR D 180 1.03 -72.12 10.07
N ALA D 181 -0.20 -71.79 10.41
CA ALA D 181 -0.75 -71.99 11.73
C ALA D 181 -2.23 -72.28 11.60
N LYS D 182 -2.79 -72.91 12.64
CA LYS D 182 -4.20 -73.26 12.61
C LYS D 182 -5.06 -72.07 13.00
N GLU D 183 -6.37 -72.22 12.85
CA GLU D 183 -7.30 -71.20 13.32
C GLU D 183 -7.28 -71.13 14.84
N GLY D 184 -7.64 -69.96 15.37
CA GLY D 184 -7.65 -69.76 16.80
C GLY D 184 -6.31 -69.52 17.42
N VAL D 185 -5.24 -69.43 16.62
CA VAL D 185 -3.90 -69.25 17.15
C VAL D 185 -3.76 -67.84 17.72
N SER D 186 -3.19 -67.73 18.91
CA SER D 186 -2.98 -66.43 19.52
C SER D 186 -1.97 -65.62 18.73
N ALA D 187 -2.07 -64.30 18.83
CA ALA D 187 -1.13 -63.43 18.13
C ALA D 187 0.30 -63.64 18.62
N GLU D 188 0.46 -64.04 19.89
CA GLU D 188 1.79 -64.32 20.42
C GLU D 188 2.45 -65.48 19.69
N ALA D 189 1.71 -66.58 19.49
CA ALA D 189 2.25 -67.72 18.79
C ALA D 189 2.54 -67.39 17.33
N ALA D 190 1.67 -66.61 16.68
CA ALA D 190 1.91 -66.21 15.31
C ALA D 190 3.18 -65.37 15.19
N LEU D 191 3.36 -64.43 16.12
CA LEU D 191 4.57 -63.63 16.13
C LEU D 191 5.79 -64.50 16.36
N GLY D 192 5.68 -65.48 17.25
CA GLY D 192 6.80 -66.37 17.51
C GLY D 192 7.20 -67.17 16.28
N LEU D 193 6.21 -67.71 15.56
CA LEU D 193 6.51 -68.46 14.34
C LEU D 193 7.14 -67.55 13.28
N LEU D 194 6.58 -66.35 13.10
CA LEU D 194 7.15 -65.43 12.12
C LEU D 194 8.59 -65.08 12.48
N ARG D 195 8.86 -64.90 13.77
CA ARG D 195 10.22 -64.61 14.21
C ARG D 195 11.15 -65.78 13.98
N ARG D 196 10.68 -67.00 14.28
CA ARG D 196 11.50 -68.19 14.16
C ARG D 196 11.89 -68.47 12.72
N HIS D 197 10.96 -68.32 11.78
CA HIS D 197 11.19 -68.74 10.41
C HIS D 197 11.66 -67.61 9.50
N LYS D 198 11.89 -66.42 10.04
CA LYS D 198 12.51 -65.32 9.30
C LYS D 198 11.72 -64.95 8.04
N ILE D 199 10.40 -64.88 8.18
CA ILE D 199 9.51 -64.52 7.09
C ILE D 199 8.56 -63.43 7.57
N GLU D 200 7.72 -62.96 6.66
CA GLU D 200 6.81 -61.85 6.93
C GLU D 200 5.34 -62.26 6.91
N LYS D 201 5.00 -63.45 6.41
CA LYS D 201 3.63 -63.85 6.21
C LYS D 201 3.38 -65.22 6.83
N LEU D 202 2.13 -65.45 7.23
CA LEU D 202 1.75 -66.71 7.86
C LEU D 202 0.31 -67.01 7.45
N PRO D 203 0.11 -67.86 6.45
CA PRO D 203 -1.25 -68.32 6.12
C PRO D 203 -1.87 -69.09 7.28
N ILE D 204 -3.16 -68.88 7.49
CA ILE D 204 -3.93 -69.53 8.55
C ILE D 204 -4.94 -70.45 7.88
N VAL D 205 -4.84 -71.74 8.18
CA VAL D 205 -5.64 -72.76 7.53
C VAL D 205 -6.59 -73.38 8.56
N ASP D 206 -7.65 -74.00 8.04
CA ASP D 206 -8.62 -74.69 8.88
C ASP D 206 -8.20 -76.14 9.09
N GLY D 207 -9.02 -76.89 9.83
CA GLY D 207 -8.73 -78.29 10.11
C GLY D 207 -8.63 -79.17 8.89
N HIS D 208 -9.26 -78.77 7.78
CA HIS D 208 -9.18 -79.49 6.52
C HIS D 208 -8.19 -78.87 5.54
N GLY D 209 -7.34 -77.97 6.00
CA GLY D 209 -6.28 -77.42 5.18
C GLY D 209 -6.69 -76.31 4.24
N LYS D 210 -7.98 -75.96 4.22
CA LYS D 210 -8.44 -74.86 3.39
C LYS D 210 -7.98 -73.53 3.97
N LEU D 211 -7.57 -72.60 3.10
CA LEU D 211 -7.03 -71.33 3.56
C LEU D 211 -8.16 -70.44 4.07
N THR D 212 -8.03 -69.98 5.32
CA THR D 212 -9.06 -69.16 5.95
C THR D 212 -8.54 -67.84 6.50
N GLY D 213 -7.26 -67.54 6.37
CA GLY D 213 -6.77 -66.25 6.83
C GLY D 213 -5.30 -66.07 6.50
N LEU D 214 -4.80 -64.88 6.86
CA LEU D 214 -3.40 -64.55 6.68
C LEU D 214 -2.98 -63.54 7.74
N ILE D 215 -1.84 -63.80 8.39
CA ILE D 215 -1.29 -62.91 9.40
C ILE D 215 0.07 -62.42 8.93
N THR D 216 0.25 -61.11 8.89
CA THR D 216 1.52 -60.52 8.48
C THR D 216 2.17 -59.81 9.65
N VAL D 217 3.50 -59.71 9.61
CA VAL D 217 4.24 -59.02 10.66
C VAL D 217 4.08 -57.51 10.53
N LYS D 218 3.78 -57.01 9.33
CA LYS D 218 3.57 -55.59 9.13
C LYS D 218 2.43 -55.07 10.00
N ASP D 219 1.45 -55.92 10.32
CA ASP D 219 0.38 -55.50 11.20
C ASP D 219 0.92 -55.21 12.60
N PHE D 220 1.78 -56.10 13.12
CA PHE D 220 2.43 -55.84 14.40
C PHE D 220 3.27 -54.57 14.34
N VAL D 221 4.00 -54.38 13.23
CA VAL D 221 4.84 -53.19 13.09
C VAL D 221 3.99 -51.93 13.09
N LYS D 222 2.87 -51.96 12.37
CA LYS D 222 1.97 -50.80 12.34
C LYS D 222 1.38 -50.52 13.72
N THR D 223 1.01 -51.58 14.45
CA THR D 223 0.45 -51.39 15.78
C THR D 223 1.47 -50.77 16.72
N GLU D 224 2.74 -51.18 16.61
CA GLU D 224 3.77 -50.55 17.43
C GLU D 224 4.04 -49.12 16.98
N GLN D 225 3.93 -48.83 15.68
CA GLN D 225 4.28 -47.53 15.14
C GLN D 225 3.19 -46.49 15.37
N PHE D 226 1.92 -46.93 15.45
CA PHE D 226 0.78 -46.04 15.62
C PHE D 226 -0.01 -46.50 16.84
N PRO D 227 0.47 -46.21 18.04
CA PRO D 227 -0.21 -46.73 19.25
C PRO D 227 -1.55 -46.08 19.54
N LEU D 228 -1.87 -44.94 18.95
CA LEU D 228 -3.13 -44.26 19.22
C LEU D 228 -4.23 -44.61 18.22
N SER D 229 -4.00 -45.57 17.33
CA SER D 229 -4.92 -45.85 16.25
C SER D 229 -6.33 -46.12 16.76
N THR D 230 -7.31 -45.52 16.08
CA THR D 230 -8.72 -45.77 16.37
C THR D 230 -9.14 -47.05 15.64
N LYS D 231 -9.42 -48.11 16.38
CA LYS D 231 -9.65 -49.43 15.81
C LYS D 231 -10.89 -50.07 16.42
N ASP D 232 -11.52 -50.96 15.66
CA ASP D 232 -12.62 -51.76 16.16
C ASP D 232 -12.07 -53.04 16.81
N SER D 233 -12.97 -53.96 17.14
CA SER D 233 -12.58 -55.16 17.88
C SER D 233 -11.66 -56.07 17.08
N ASP D 234 -11.70 -56.00 15.74
CA ASP D 234 -10.85 -56.82 14.89
C ASP D 234 -9.50 -56.18 14.59
N GLY D 235 -9.20 -55.03 15.18
CA GLY D 235 -7.97 -54.32 14.87
C GLY D 235 -7.99 -53.53 13.59
N ARG D 236 -9.16 -53.27 13.02
CA ARG D 236 -9.27 -52.51 11.78
C ARG D 236 -9.59 -51.06 12.08
N LEU D 237 -9.05 -50.17 11.25
CA LEU D 237 -9.27 -48.74 11.44
C LEU D 237 -10.75 -48.39 11.34
N LEU D 238 -11.17 -47.41 12.12
CA LEU D 238 -12.53 -46.88 12.04
C LEU D 238 -12.62 -45.81 10.97
N VAL D 239 -13.83 -45.64 10.42
CA VAL D 239 -14.07 -44.65 9.39
C VAL D 239 -15.55 -44.29 9.41
N GLY D 240 -15.85 -43.03 9.05
CA GLY D 240 -17.21 -42.57 8.90
C GLY D 240 -17.46 -42.11 7.47
N ALA D 241 -18.74 -41.93 7.14
CA ALA D 241 -19.12 -41.50 5.81
C ALA D 241 -20.37 -40.63 5.90
N ALA D 242 -20.50 -39.69 4.98
CA ALA D 242 -21.63 -38.77 4.94
C ALA D 242 -22.68 -39.25 3.96
N VAL D 243 -23.94 -39.00 4.29
CA VAL D 243 -25.08 -39.27 3.40
C VAL D 243 -26.05 -38.10 3.45
N GLY D 244 -26.78 -37.90 2.37
CA GLY D 244 -27.82 -36.90 2.28
C GLY D 244 -29.15 -37.40 2.79
N VAL D 245 -30.23 -36.90 2.17
CA VAL D 245 -31.59 -37.29 2.52
C VAL D 245 -32.32 -37.68 1.23
N GLY D 246 -33.14 -38.72 1.31
CA GLY D 246 -33.94 -39.20 0.20
C GLY D 246 -33.75 -40.68 -0.06
N ASP D 247 -34.25 -41.12 -1.22
CA ASP D 247 -34.16 -42.53 -1.60
C ASP D 247 -32.74 -42.91 -2.02
N ASP D 248 -32.12 -42.07 -2.85
CA ASP D 248 -30.73 -42.32 -3.22
C ASP D 248 -29.84 -42.30 -1.99
N ALA D 249 -30.14 -41.42 -1.04
CA ALA D 249 -29.41 -41.40 0.23
C ALA D 249 -29.56 -42.72 0.96
N TRP D 250 -30.76 -43.29 0.97
CA TRP D 250 -30.98 -44.56 1.65
C TRP D 250 -30.20 -45.69 0.99
N THR D 251 -30.21 -45.75 -0.34
CA THR D 251 -29.44 -46.78 -1.03
C THR D 251 -27.95 -46.61 -0.77
N ARG D 252 -27.47 -45.37 -0.77
CA ARG D 252 -26.08 -45.11 -0.45
C ARG D 252 -25.74 -45.58 0.96
N ALA D 253 -26.60 -45.29 1.93
CA ALA D 253 -26.35 -45.68 3.31
C ALA D 253 -26.31 -47.20 3.44
N MET D 254 -27.21 -47.90 2.75
CA MET D 254 -27.19 -49.36 2.81
C MET D 254 -25.90 -49.91 2.20
N THR D 255 -25.48 -49.38 1.06
CA THR D 255 -24.23 -49.83 0.45
C THR D 255 -23.04 -49.57 1.37
N LEU D 256 -23.00 -48.41 2.02
CA LEU D 256 -21.90 -48.10 2.93
C LEU D 256 -21.90 -49.01 4.14
N VAL D 257 -23.07 -49.31 4.70
CA VAL D 257 -23.15 -50.24 5.82
C VAL D 257 -22.68 -51.63 5.39
N ASP D 258 -22.98 -52.02 4.14
CA ASP D 258 -22.48 -53.28 3.63
C ASP D 258 -20.95 -53.27 3.53
N ALA D 259 -20.38 -52.13 3.10
CA ALA D 259 -18.93 -52.04 2.96
C ALA D 259 -18.20 -52.05 4.30
N GLY D 260 -18.90 -51.93 5.42
CA GLY D 260 -18.28 -51.97 6.73
C GLY D 260 -18.05 -50.63 7.40
N VAL D 261 -18.86 -49.61 7.11
CA VAL D 261 -18.68 -48.31 7.74
C VAL D 261 -19.09 -48.40 9.20
N ASP D 262 -18.45 -47.58 10.04
CA ASP D 262 -18.73 -47.56 11.47
C ASP D 262 -19.66 -46.42 11.86
N VAL D 263 -19.55 -45.26 11.22
CA VAL D 263 -20.32 -44.07 11.58
C VAL D 263 -20.99 -43.54 10.32
N LEU D 264 -22.28 -43.24 10.40
CA LEU D 264 -23.00 -42.55 9.34
C LEU D 264 -23.34 -41.14 9.81
N ILE D 265 -22.96 -40.15 9.01
CA ILE D 265 -23.27 -38.74 9.29
C ILE D 265 -24.32 -38.29 8.29
N VAL D 266 -25.49 -37.92 8.79
CA VAL D 266 -26.55 -37.36 7.94
C VAL D 266 -26.20 -35.89 7.71
N ASP D 267 -25.68 -35.56 6.54
CA ASP D 267 -24.96 -34.33 6.28
C ASP D 267 -25.87 -33.34 5.56
N THR D 268 -26.42 -32.39 6.31
CA THR D 268 -27.28 -31.35 5.74
C THR D 268 -26.89 -30.01 6.34
N ALA D 269 -27.20 -28.94 5.59
CA ALA D 269 -26.95 -27.59 6.08
C ALA D 269 -27.89 -27.22 7.22
N HIS D 270 -29.13 -27.71 7.20
CA HIS D 270 -30.15 -27.31 8.17
C HIS D 270 -30.87 -28.57 8.62
N ALA D 271 -30.44 -29.13 9.75
CA ALA D 271 -30.96 -30.40 10.23
C ALA D 271 -32.29 -30.28 10.96
N HIS D 272 -32.70 -29.07 11.34
CA HIS D 272 -33.99 -28.88 12.01
C HIS D 272 -35.13 -28.95 10.98
N ASN D 273 -35.22 -30.11 10.34
CA ASN D 273 -36.11 -30.34 9.21
C ASN D 273 -36.70 -31.72 9.36
N ARG D 274 -37.98 -31.86 9.03
CA ARG D 274 -38.69 -33.11 9.28
C ARG D 274 -38.09 -34.27 8.52
N GLY D 275 -37.65 -34.03 7.28
CA GLY D 275 -37.04 -35.10 6.50
C GLY D 275 -35.74 -35.61 7.07
N VAL D 276 -34.91 -34.70 7.58
CA VAL D 276 -33.64 -35.10 8.18
C VAL D 276 -33.88 -35.95 9.43
N LEU D 277 -34.81 -35.52 10.28
CA LEU D 277 -35.13 -36.26 11.49
C LEU D 277 -35.68 -37.65 11.16
N ASP D 278 -36.55 -37.73 10.15
CA ASP D 278 -37.08 -39.03 9.74
C ASP D 278 -35.99 -39.93 9.19
N MET D 279 -35.06 -39.37 8.42
CA MET D 279 -33.94 -40.17 7.92
C MET D 279 -33.10 -40.71 9.07
N VAL D 280 -32.85 -39.87 10.08
CA VAL D 280 -32.09 -40.32 11.25
C VAL D 280 -32.80 -41.47 11.95
N SER D 281 -34.12 -41.34 12.14
CA SER D 281 -34.88 -42.39 12.81
C SER D 281 -34.87 -43.68 11.99
N ARG D 282 -35.03 -43.57 10.68
CA ARG D 282 -35.01 -44.74 9.81
C ARG D 282 -33.68 -45.48 9.89
N LEU D 283 -32.57 -44.73 9.75
CA LEU D 283 -31.25 -45.36 9.85
C LEU D 283 -31.04 -45.99 11.21
N LYS D 284 -31.48 -45.32 12.27
CA LYS D 284 -31.31 -45.86 13.62
C LYS D 284 -32.07 -47.16 13.79
N GLN D 285 -33.26 -47.27 13.19
CA GLN D 285 -34.00 -48.52 13.29
C GLN D 285 -33.38 -49.61 12.43
N ALA D 286 -32.88 -49.26 11.24
CA ALA D 286 -32.41 -50.29 10.31
C ALA D 286 -31.05 -50.84 10.69
N VAL D 287 -30.07 -49.96 10.98
CA VAL D 287 -28.69 -50.40 11.17
C VAL D 287 -28.14 -49.90 12.51
N GLY D 288 -29.00 -49.35 13.36
CA GLY D 288 -28.54 -48.71 14.57
C GLY D 288 -27.73 -49.59 15.49
N GLU D 289 -28.06 -50.88 15.56
CA GLU D 289 -27.30 -51.79 16.42
C GLU D 289 -25.87 -51.99 15.91
N ARG D 290 -25.65 -51.87 14.60
CA ARG D 290 -24.33 -52.05 14.02
C ARG D 290 -23.56 -50.74 13.83
N VAL D 291 -24.26 -49.64 13.57
CA VAL D 291 -23.63 -48.40 13.11
C VAL D 291 -24.17 -47.24 13.93
N ASP D 292 -23.30 -46.30 14.27
CA ASP D 292 -23.71 -45.06 14.90
C ASP D 292 -24.22 -44.08 13.85
N VAL D 293 -25.23 -43.30 14.23
CA VAL D 293 -25.86 -42.33 13.34
C VAL D 293 -25.69 -40.95 13.94
N VAL D 294 -25.03 -40.06 13.19
CA VAL D 294 -24.78 -38.68 13.62
C VAL D 294 -25.68 -37.76 12.80
N GLY D 295 -26.32 -36.82 13.48
CA GLY D 295 -27.25 -35.91 12.84
C GLY D 295 -26.61 -34.59 12.45
N GLY D 296 -27.13 -34.00 11.38
CA GLY D 296 -26.54 -32.84 10.73
C GLY D 296 -26.53 -31.57 11.53
N ASN D 297 -26.30 -30.44 10.87
CA ASN D 297 -25.88 -29.24 11.56
C ASN D 297 -27.07 -28.48 12.13
N VAL D 298 -26.98 -28.18 13.42
CA VAL D 298 -27.97 -27.40 14.15
C VAL D 298 -27.26 -26.24 14.82
N ALA D 299 -28.03 -25.27 15.30
CA ALA D 299 -27.46 -24.12 15.96
C ALA D 299 -28.26 -23.65 17.17
N THR D 300 -29.32 -24.35 17.56
CA THR D 300 -30.17 -23.94 18.65
C THR D 300 -30.42 -25.12 19.58
N ARG D 301 -30.95 -24.81 20.76
CA ARG D 301 -31.30 -25.86 21.72
C ARG D 301 -32.45 -26.72 21.21
N ALA D 302 -33.46 -26.10 20.59
CA ALA D 302 -34.61 -26.85 20.10
C ALA D 302 -34.22 -27.87 19.03
N ALA D 303 -33.37 -27.46 18.09
CA ALA D 303 -32.94 -28.38 17.03
C ALA D 303 -32.13 -29.54 17.59
N ALA D 304 -31.23 -29.27 18.54
CA ALA D 304 -30.47 -30.34 19.16
C ALA D 304 -31.38 -31.30 19.91
N ALA D 305 -32.37 -30.77 20.63
CA ALA D 305 -33.34 -31.61 21.32
C ALA D 305 -34.12 -32.48 20.34
N ALA D 306 -34.49 -31.91 19.19
CA ALA D 306 -35.22 -32.68 18.18
C ALA D 306 -34.35 -33.81 17.62
N LEU D 307 -33.08 -33.53 17.36
CA LEU D 307 -32.18 -34.57 16.88
C LEU D 307 -32.00 -35.67 17.92
N VAL D 308 -31.87 -35.29 19.20
CA VAL D 308 -31.75 -36.28 20.26
C VAL D 308 -33.01 -37.14 20.33
N GLU D 309 -34.18 -36.51 20.22
CA GLU D 309 -35.44 -37.26 20.21
C GLU D 309 -35.50 -38.23 19.04
N ALA D 310 -35.01 -37.82 17.87
CA ALA D 310 -35.00 -38.71 16.71
C ALA D 310 -34.04 -39.88 16.87
N GLY D 311 -33.16 -39.86 17.85
CA GLY D 311 -32.29 -40.98 18.13
C GLY D 311 -30.84 -40.83 17.69
N ALA D 312 -30.38 -39.61 17.43
CA ALA D 312 -29.02 -39.41 16.97
C ALA D 312 -28.01 -39.79 18.07
N ASP D 313 -26.93 -40.44 17.67
CA ASP D 313 -25.86 -40.80 18.60
C ASP D 313 -24.84 -39.69 18.79
N ALA D 314 -24.91 -38.63 17.99
CA ALA D 314 -24.12 -37.43 18.17
C ALA D 314 -24.77 -36.31 17.38
N VAL D 315 -24.53 -35.08 17.82
CA VAL D 315 -25.15 -33.90 17.22
C VAL D 315 -24.04 -32.96 16.77
N LYS D 316 -24.04 -32.61 15.49
CA LYS D 316 -23.02 -31.74 14.92
C LYS D 316 -23.55 -30.31 14.88
N VAL D 317 -22.70 -29.37 15.28
CA VAL D 317 -23.14 -28.00 15.56
C VAL D 317 -22.41 -27.04 14.63
N GLY D 318 -23.16 -26.11 14.05
CA GLY D 318 -22.62 -25.01 13.28
C GLY D 318 -23.44 -24.70 12.04
N VAL D 319 -23.93 -23.47 11.98
CA VAL D 319 -24.73 -22.98 10.85
C VAL D 319 -24.28 -21.55 10.60
N GLY D 320 -23.47 -21.35 9.56
CA GLY D 320 -22.85 -20.07 9.33
C GLY D 320 -22.05 -19.55 10.51
N PRO D 321 -21.06 -20.31 10.99
CA PRO D 321 -20.27 -19.84 12.12
C PRO D 321 -19.12 -18.92 11.76
N GLY D 322 -18.77 -18.81 10.47
CA GLY D 322 -17.73 -17.89 10.06
C GLY D 322 -18.22 -16.46 9.98
N SER D 323 -17.30 -15.51 10.13
CA SER D 323 -17.69 -14.11 10.29
C SER D 323 -18.35 -13.57 9.03
N ILE D 324 -17.68 -13.69 7.89
CA ILE D 324 -18.27 -13.21 6.63
C ILE D 324 -18.63 -14.36 5.71
N CYS D 325 -19.00 -15.51 6.28
CA CYS D 325 -19.34 -16.67 5.47
C CYS D 325 -20.45 -16.34 4.49
N THR D 326 -20.55 -17.16 3.44
CA THR D 326 -21.52 -16.90 2.38
C THR D 326 -22.95 -16.98 2.91
N THR D 327 -23.22 -17.88 3.85
CA THR D 327 -24.56 -17.96 4.43
C THR D 327 -24.99 -16.63 5.06
N ARG D 328 -24.08 -15.99 5.81
CA ARG D 328 -24.41 -14.73 6.46
C ARG D 328 -24.65 -13.61 5.46
N VAL D 329 -23.80 -13.51 4.44
CA VAL D 329 -23.90 -12.40 3.50
C VAL D 329 -25.08 -12.58 2.56
N VAL D 330 -25.27 -13.79 2.03
CA VAL D 330 -26.29 -14.01 1.02
C VAL D 330 -27.67 -14.17 1.66
N ALA D 331 -27.78 -14.98 2.71
CA ALA D 331 -29.09 -15.26 3.29
C ALA D 331 -29.37 -14.49 4.57
N GLY D 332 -28.37 -13.84 5.16
CA GLY D 332 -28.56 -13.18 6.44
C GLY D 332 -28.74 -14.10 7.61
N VAL D 333 -28.27 -15.35 7.53
CA VAL D 333 -28.51 -16.37 8.52
C VAL D 333 -27.19 -16.80 9.14
N GLY D 334 -27.19 -17.01 10.44
CA GLY D 334 -25.99 -17.51 11.10
C GLY D 334 -26.20 -17.65 12.59
N ALA D 335 -25.17 -18.13 13.26
CA ALA D 335 -25.16 -18.26 14.71
C ALA D 335 -23.72 -18.31 15.22
N PRO D 336 -23.31 -17.37 16.07
CA PRO D 336 -21.96 -17.44 16.66
C PRO D 336 -21.76 -18.75 17.41
N GLN D 337 -20.57 -19.33 17.25
CA GLN D 337 -20.36 -20.75 17.51
C GLN D 337 -20.27 -21.09 19.00
N ILE D 338 -19.72 -20.20 19.82
CA ILE D 338 -19.66 -20.49 21.27
C ILE D 338 -21.07 -20.59 21.85
N THR D 339 -21.94 -19.64 21.52
CA THR D 339 -23.31 -19.67 22.01
C THR D 339 -24.08 -20.87 21.46
N ALA D 340 -23.86 -21.20 20.18
CA ALA D 340 -24.52 -22.36 19.59
C ALA D 340 -24.10 -23.65 20.28
N ILE D 341 -22.80 -23.78 20.60
CA ILE D 341 -22.33 -24.96 21.31
C ILE D 341 -22.94 -25.01 22.71
N LEU D 342 -22.98 -23.87 23.40
CA LEU D 342 -23.56 -23.87 24.75
C LEU D 342 -25.02 -24.30 24.73
N GLU D 343 -25.79 -23.80 23.77
CA GLU D 343 -27.22 -24.16 23.69
C GLU D 343 -27.40 -25.63 23.32
N ALA D 344 -26.67 -26.11 22.31
CA ALA D 344 -26.78 -27.50 21.91
C ALA D 344 -26.35 -28.44 23.03
N VAL D 345 -25.30 -28.08 23.76
CA VAL D 345 -24.86 -28.91 24.88
C VAL D 345 -25.91 -28.90 25.99
N ALA D 346 -26.50 -27.73 26.26
CA ALA D 346 -27.60 -27.68 27.22
C ALA D 346 -28.70 -28.66 26.86
N ALA D 347 -28.96 -28.84 25.56
CA ALA D 347 -29.95 -29.82 25.15
C ALA D 347 -29.44 -31.27 25.22
N CYS D 348 -28.16 -31.50 24.92
CA CYS D 348 -27.66 -32.84 24.66
C CYS D 348 -27.07 -33.53 25.89
N LYS D 349 -26.41 -32.78 26.77
CA LYS D 349 -25.71 -33.37 27.91
C LYS D 349 -26.60 -34.20 28.83
N PRO D 350 -27.84 -33.79 29.15
CA PRO D 350 -28.67 -34.64 30.03
C PRO D 350 -28.88 -36.06 29.52
N TYR D 351 -28.93 -36.27 28.21
CA TYR D 351 -29.11 -37.60 27.66
C TYR D 351 -27.79 -38.28 27.29
N GLY D 352 -26.65 -37.66 27.60
CA GLY D 352 -25.37 -38.27 27.30
C GLY D 352 -25.00 -38.29 25.83
N VAL D 353 -25.58 -37.42 25.02
CA VAL D 353 -25.30 -37.37 23.59
C VAL D 353 -24.15 -36.40 23.35
N PRO D 354 -23.04 -36.84 22.75
CA PRO D 354 -21.92 -35.93 22.52
C PRO D 354 -22.26 -34.88 21.46
N VAL D 355 -21.54 -33.77 21.53
CA VAL D 355 -21.68 -32.67 20.59
C VAL D 355 -20.36 -32.50 19.82
N ILE D 356 -20.47 -32.34 18.51
CA ILE D 356 -19.33 -32.11 17.62
C ILE D 356 -19.35 -30.65 17.17
N ALA D 357 -18.22 -29.97 17.35
CA ALA D 357 -18.09 -28.58 16.91
C ALA D 357 -17.57 -28.55 15.48
N ASP D 358 -18.36 -27.99 14.56
CA ASP D 358 -18.05 -28.00 13.13
C ASP D 358 -18.11 -26.58 12.61
N GLY D 359 -16.93 -25.96 12.41
CA GLY D 359 -16.86 -24.70 11.69
C GLY D 359 -16.30 -23.54 12.50
N GLY D 360 -15.55 -22.68 11.83
CA GLY D 360 -15.02 -21.49 12.47
C GLY D 360 -13.72 -21.67 13.23
N LEU D 361 -13.07 -22.83 13.12
CA LEU D 361 -11.86 -23.10 13.88
C LEU D 361 -10.65 -22.69 13.06
N GLN D 362 -9.86 -21.77 13.61
CA GLN D 362 -8.65 -21.29 12.95
C GLN D 362 -7.36 -21.66 13.67
N TYR D 363 -7.39 -21.74 15.00
CA TYR D 363 -6.21 -22.02 15.79
C TYR D 363 -6.53 -23.09 16.82
N SER D 364 -5.48 -23.67 17.42
CA SER D 364 -5.67 -24.69 18.43
C SER D 364 -6.36 -24.14 19.67
N GLY D 365 -6.13 -22.85 19.97
CA GLY D 365 -6.83 -22.22 21.07
C GLY D 365 -8.34 -22.21 20.87
N ASP D 366 -8.78 -22.07 19.61
CA ASP D 366 -10.20 -22.16 19.31
C ASP D 366 -10.72 -23.57 19.58
N ILE D 367 -9.90 -24.59 19.33
CA ILE D 367 -10.30 -25.96 19.65
C ILE D 367 -10.49 -26.12 21.16
N ALA D 368 -9.54 -25.58 21.93
CA ALA D 368 -9.68 -25.61 23.39
C ALA D 368 -10.95 -24.88 23.83
N LYS D 369 -11.24 -23.73 23.23
CA LYS D 369 -12.45 -22.99 23.59
C LYS D 369 -13.71 -23.79 23.24
N ALA D 370 -13.71 -24.46 22.09
CA ALA D 370 -14.88 -25.24 21.69
C ALA D 370 -15.12 -26.41 22.63
N LEU D 371 -14.06 -27.08 23.06
CA LEU D 371 -14.23 -28.20 23.99
C LEU D 371 -14.66 -27.70 25.36
N ALA D 372 -14.12 -26.56 25.80
CA ALA D 372 -14.51 -26.02 27.10
C ALA D 372 -15.98 -25.59 27.14
N ALA D 373 -16.54 -25.17 26.01
CA ALA D 373 -17.95 -24.80 25.96
C ALA D 373 -18.87 -25.99 26.04
N GLY D 374 -18.35 -27.22 25.96
CA GLY D 374 -19.17 -28.40 26.16
C GLY D 374 -19.06 -29.44 25.08
N ALA D 375 -18.43 -29.12 23.95
CA ALA D 375 -18.30 -30.09 22.89
C ALA D 375 -17.32 -31.19 23.28
N SER D 376 -17.47 -32.34 22.62
CA SER D 376 -16.59 -33.48 22.88
C SER D 376 -15.52 -33.67 21.81
N THR D 377 -15.79 -33.29 20.57
CA THR D 377 -14.81 -33.35 19.50
C THR D 377 -14.95 -32.09 18.65
N ALA D 378 -13.99 -31.90 17.74
CA ALA D 378 -14.05 -30.83 16.77
C ALA D 378 -13.81 -31.37 15.37
N MET D 379 -14.57 -30.88 14.41
CA MET D 379 -14.38 -31.19 13.00
C MET D 379 -13.57 -30.07 12.37
N LEU D 380 -12.51 -30.42 11.65
CA LEU D 380 -11.46 -29.46 11.33
C LEU D 380 -11.69 -28.71 10.02
N GLY D 381 -11.72 -29.41 8.90
CA GLY D 381 -11.97 -28.73 7.65
C GLY D 381 -10.76 -28.08 7.01
N SER D 382 -10.81 -26.75 6.87
CA SER D 382 -9.81 -26.02 6.08
C SER D 382 -8.41 -26.08 6.69
N LEU D 383 -8.28 -26.45 7.95
CA LEU D 383 -6.95 -26.64 8.54
C LEU D 383 -6.20 -27.79 7.88
N LEU D 384 -6.90 -28.74 7.29
CA LEU D 384 -6.29 -29.95 6.75
C LEU D 384 -6.27 -29.99 5.23
N ALA D 385 -6.76 -28.96 4.55
CA ALA D 385 -6.99 -29.05 3.11
C ALA D 385 -5.68 -29.17 2.34
N GLY D 386 -4.62 -28.48 2.78
CA GLY D 386 -3.39 -28.52 2.02
C GLY D 386 -2.42 -29.62 2.38
N THR D 387 -2.79 -30.54 3.27
CA THR D 387 -1.86 -31.54 3.75
C THR D 387 -1.54 -32.56 2.67
N ALA D 388 -0.50 -33.36 2.93
CA ALA D 388 -0.06 -34.37 1.97
C ALA D 388 -1.12 -35.44 1.75
N GLU D 389 -1.87 -35.78 2.81
CA GLU D 389 -2.85 -36.87 2.74
C GLU D 389 -4.18 -36.46 2.15
N SER D 390 -4.45 -35.17 2.04
CA SER D 390 -5.70 -34.70 1.45
C SER D 390 -5.69 -34.90 -0.06
N PRO D 391 -6.87 -34.91 -0.69
CA PRO D 391 -6.90 -35.09 -2.14
C PRO D 391 -6.28 -33.92 -2.88
N GLY D 392 -5.75 -34.20 -4.06
CA GLY D 392 -5.11 -33.21 -4.89
C GLY D 392 -3.69 -33.60 -5.27
N GLU D 393 -3.16 -32.88 -6.24
CA GLU D 393 -1.84 -33.14 -6.80
C GLU D 393 -0.82 -32.15 -6.28
N LEU D 394 0.36 -32.65 -5.96
CA LEU D 394 1.46 -31.80 -5.52
C LEU D 394 2.21 -31.26 -6.74
N ILE D 395 2.34 -29.94 -6.81
CA ILE D 395 3.02 -29.27 -7.91
C ILE D 395 4.05 -28.32 -7.33
N PHE D 396 4.98 -27.90 -8.19
CA PHE D 396 6.07 -27.01 -7.80
C PHE D 396 6.06 -25.80 -8.72
N VAL D 397 5.71 -24.64 -8.16
CA VAL D 397 5.63 -23.39 -8.89
C VAL D 397 6.43 -22.33 -8.13
N ASN D 398 7.30 -21.62 -8.85
CA ASN D 398 8.00 -20.45 -8.31
C ASN D 398 8.72 -20.76 -7.01
N GLY D 399 9.41 -21.89 -6.98
CA GLY D 399 10.17 -22.27 -5.80
C GLY D 399 9.33 -22.65 -4.59
N LYS D 400 8.07 -23.03 -4.80
CA LYS D 400 7.17 -23.38 -3.71
C LYS D 400 6.31 -24.56 -4.12
N GLN D 401 5.89 -25.34 -3.12
CA GLN D 401 4.98 -26.45 -3.35
C GLN D 401 3.54 -26.00 -3.19
N PHE D 402 2.66 -26.55 -4.01
CA PHE D 402 1.25 -26.25 -3.99
C PHE D 402 0.46 -27.53 -4.20
N LYS D 403 -0.82 -27.48 -3.84
CA LYS D 403 -1.75 -28.58 -4.05
C LYS D 403 -2.87 -28.12 -4.97
N SER D 404 -2.99 -28.76 -6.13
CA SER D 404 -3.99 -28.36 -7.11
C SER D 404 -5.04 -29.45 -7.28
N TYR D 405 -6.23 -29.04 -7.73
CA TYR D 405 -7.36 -29.92 -7.93
C TYR D 405 -7.72 -30.06 -9.40
N ARG D 406 -6.70 -30.20 -10.24
CA ARG D 406 -6.84 -30.32 -11.69
C ARG D 406 -7.49 -31.64 -12.10
N ARG D 427 -2.17 -31.50 -23.24
CA ARG D 427 -3.30 -32.43 -23.14
C ARG D 427 -3.36 -33.38 -24.33
N TYR D 428 -4.54 -33.49 -24.93
CA TYR D 428 -4.76 -34.41 -26.04
C TYR D 428 -4.44 -33.75 -27.38
N PHE D 429 -5.08 -32.63 -27.67
CA PHE D 429 -4.95 -31.96 -28.95
C PHE D 429 -3.83 -30.93 -28.98
N GLN D 430 -3.12 -30.75 -27.86
CA GLN D 430 -2.02 -29.79 -27.76
C GLN D 430 -0.71 -30.52 -28.05
N ASP D 431 -0.47 -30.77 -29.33
CA ASP D 431 0.64 -31.59 -29.79
C ASP D 431 1.91 -30.80 -30.08
N ASP D 432 1.94 -29.51 -29.76
CA ASP D 432 3.10 -28.68 -30.05
C ASP D 432 4.12 -28.83 -28.91
N VAL D 433 5.33 -29.27 -29.25
CA VAL D 433 6.33 -29.55 -28.22
C VAL D 433 6.86 -28.27 -27.59
N LEU D 434 6.84 -27.15 -28.31
CA LEU D 434 7.42 -25.91 -27.82
C LEU D 434 6.40 -24.93 -27.28
N SER D 435 5.15 -25.36 -27.10
CA SER D 435 4.10 -24.45 -26.66
C SER D 435 4.35 -24.02 -25.21
N GLU D 436 3.78 -22.87 -24.86
CA GLU D 436 4.00 -22.33 -23.51
C GLU D 436 3.40 -23.22 -22.44
N ASP D 437 2.25 -23.84 -22.73
CA ASP D 437 1.63 -24.75 -21.76
C ASP D 437 2.53 -25.95 -21.46
N LYS D 438 3.49 -26.24 -22.33
CA LYS D 438 4.51 -27.25 -22.02
C LYS D 438 5.52 -26.75 -21.01
N LEU D 439 5.70 -25.44 -20.88
CA LEU D 439 6.73 -24.88 -20.01
C LEU D 439 6.27 -24.67 -18.57
N VAL D 440 4.98 -24.77 -18.29
CA VAL D 440 4.45 -24.51 -16.96
C VAL D 440 3.60 -25.70 -16.53
N PRO D 441 3.44 -25.94 -15.23
CA PRO D 441 2.62 -27.09 -14.80
C PRO D 441 1.16 -26.90 -15.16
N GLU D 442 0.50 -28.02 -15.46
CA GLU D 442 -0.93 -28.03 -15.71
C GLU D 442 -1.69 -27.90 -14.40
N GLY D 443 -2.76 -27.10 -14.43
CA GLY D 443 -3.52 -26.87 -13.22
C GLY D 443 -2.98 -25.79 -12.32
N ILE D 444 -2.14 -24.90 -12.85
CA ILE D 444 -1.47 -23.89 -12.05
C ILE D 444 -2.45 -22.88 -11.45
N GLU D 445 -3.62 -22.69 -12.05
CA GLU D 445 -4.51 -21.60 -11.69
C GLU D 445 -5.45 -22.01 -10.57
N GLY D 446 -5.50 -21.20 -9.52
CA GLY D 446 -6.31 -21.51 -8.35
C GLY D 446 -5.74 -22.55 -7.43
N ARG D 447 -4.42 -22.71 -7.41
CA ARG D 447 -3.78 -23.75 -6.62
C ARG D 447 -3.87 -23.42 -5.13
N VAL D 448 -3.58 -24.42 -4.31
CA VAL D 448 -3.71 -24.33 -2.86
C VAL D 448 -2.35 -24.55 -2.22
N PRO D 449 -1.98 -23.78 -1.19
CA PRO D 449 -0.68 -23.98 -0.55
C PRO D 449 -0.54 -25.35 0.08
N PHE D 450 0.70 -25.84 0.09
CA PHE D 450 1.02 -27.17 0.61
C PHE D 450 1.41 -27.06 2.09
N ARG D 451 0.84 -27.95 2.91
CA ARG D 451 1.03 -27.92 4.36
C ARG D 451 1.88 -29.05 4.91
N GLY D 452 2.27 -30.02 4.09
CA GLY D 452 3.10 -31.10 4.55
C GLY D 452 2.30 -32.22 5.19
N PRO D 453 2.97 -33.09 5.93
CA PRO D 453 2.29 -34.25 6.51
C PRO D 453 1.25 -33.88 7.57
N LEU D 454 0.18 -34.67 7.60
CA LEU D 454 -0.95 -34.42 8.50
C LEU D 454 -0.51 -34.51 9.96
N GLY D 455 0.34 -35.48 10.29
CA GLY D 455 0.68 -35.73 11.68
C GLY D 455 1.32 -34.54 12.37
N THR D 456 2.09 -33.73 11.63
CA THR D 456 2.68 -32.54 12.22
C THR D 456 1.61 -31.52 12.61
N VAL D 457 0.62 -31.31 11.73
CA VAL D 457 -0.49 -30.42 12.05
C VAL D 457 -1.24 -30.94 13.28
N ILE D 458 -1.52 -32.24 13.31
CA ILE D 458 -2.23 -32.82 14.45
C ILE D 458 -1.43 -32.64 15.73
N HIS D 459 -0.10 -32.81 15.64
CA HIS D 459 0.74 -32.67 16.83
C HIS D 459 0.74 -31.25 17.35
N GLN D 460 0.79 -30.25 16.47
CA GLN D 460 0.69 -28.86 16.91
C GLN D 460 -0.63 -28.60 17.60
N LEU D 461 -1.73 -29.05 16.99
CA LEU D 461 -3.05 -28.80 17.58
C LEU D 461 -3.19 -29.47 18.95
N THR D 462 -2.71 -30.71 19.07
CA THR D 462 -2.79 -31.41 20.35
C THR D 462 -1.90 -30.76 21.39
N GLY D 463 -0.73 -30.25 21.00
CA GLY D 463 0.10 -29.53 21.94
C GLY D 463 -0.59 -28.29 22.50
N GLY D 464 -1.26 -27.54 21.62
CA GLY D 464 -2.04 -26.41 22.10
C GLY D 464 -3.14 -26.82 23.06
N LEU D 465 -3.87 -27.89 22.72
CA LEU D 465 -4.93 -28.38 23.61
C LEU D 465 -4.36 -28.79 24.96
N ARG D 466 -3.21 -29.46 24.97
CA ARG D 466 -2.62 -29.90 26.23
C ARG D 466 -2.16 -28.71 27.06
N ALA D 467 -1.65 -27.66 26.40
CA ALA D 467 -1.31 -26.44 27.13
C ALA D 467 -2.53 -25.83 27.80
N ALA D 468 -3.65 -25.78 27.07
CA ALA D 468 -4.90 -25.28 27.67
C ALA D 468 -5.32 -26.13 28.86
N MET D 469 -5.21 -27.46 28.72
CA MET D 469 -5.58 -28.35 29.81
C MET D 469 -4.69 -28.12 31.04
N GLY D 470 -3.40 -27.89 30.82
CA GLY D 470 -2.51 -27.57 31.93
C GLY D 470 -2.86 -26.26 32.60
N TYR D 471 -3.21 -25.25 31.81
CA TYR D 471 -3.57 -23.95 32.39
C TYR D 471 -4.85 -24.02 33.21
N THR D 472 -5.85 -24.76 32.74
CA THR D 472 -7.12 -24.84 33.45
C THR D 472 -7.16 -25.90 34.53
N GLY D 473 -6.11 -26.71 34.66
CA GLY D 473 -6.13 -27.82 35.60
C GLY D 473 -7.08 -28.94 35.25
N SER D 474 -7.18 -29.28 33.97
CA SER D 474 -8.10 -30.32 33.49
C SER D 474 -7.29 -31.57 33.18
N ALA D 475 -7.52 -32.64 33.96
CA ALA D 475 -6.86 -33.91 33.71
C ALA D 475 -7.47 -34.65 32.53
N THR D 476 -8.77 -34.48 32.30
CA THR D 476 -9.47 -35.13 31.20
C THR D 476 -10.24 -34.08 30.41
N ILE D 477 -10.72 -34.48 29.23
CA ILE D 477 -11.56 -33.58 28.43
C ILE D 477 -12.87 -33.29 29.14
N GLU D 478 -13.38 -34.27 29.89
CA GLU D 478 -14.60 -34.05 30.66
C GLU D 478 -14.42 -32.96 31.71
N GLN D 479 -13.25 -32.91 32.35
CA GLN D 479 -12.97 -31.80 33.27
C GLN D 479 -12.80 -30.49 32.51
N LEU D 480 -12.18 -30.52 31.32
CA LEU D 480 -12.06 -29.31 30.54
C LEU D 480 -13.42 -28.73 30.14
N GLN D 481 -14.42 -29.60 30.01
CA GLN D 481 -15.77 -29.14 29.70
C GLN D 481 -16.40 -28.32 30.82
N GLN D 482 -15.78 -28.27 32.01
CA GLN D 482 -16.29 -27.48 33.13
C GLN D 482 -15.54 -26.16 33.33
N ALA D 483 -14.63 -25.81 32.44
CA ALA D 483 -13.82 -24.61 32.64
C ALA D 483 -14.64 -23.34 32.41
N GLN D 484 -14.12 -22.21 32.89
CA GLN D 484 -14.81 -20.93 32.85
C GLN D 484 -14.16 -19.99 31.84
N PHE D 485 -14.99 -19.14 31.24
CA PHE D 485 -14.56 -18.12 30.29
C PHE D 485 -14.51 -16.75 30.96
N VAL D 486 -13.68 -15.88 30.38
CA VAL D 486 -13.77 -14.44 30.57
C VAL D 486 -14.13 -13.83 29.22
N GLN D 487 -15.09 -12.90 29.22
CA GLN D 487 -15.46 -12.18 28.01
C GLN D 487 -14.59 -10.94 27.86
N ILE D 488 -14.00 -10.77 26.68
CA ILE D 488 -13.14 -9.64 26.41
C ILE D 488 -13.86 -8.65 25.51
N THR D 489 -13.40 -7.40 25.56
CA THR D 489 -13.98 -6.33 24.76
C THR D 489 -13.26 -6.21 23.42
N ALA D 490 -13.73 -5.27 22.59
CA ALA D 490 -13.11 -5.05 21.29
C ALA D 490 -11.66 -4.59 21.43
N ALA D 491 -11.36 -3.81 22.47
CA ALA D 491 -9.99 -3.33 22.67
C ALA D 491 -9.02 -4.49 22.87
N GLY D 492 -9.50 -5.63 23.34
CA GLY D 492 -8.66 -6.80 23.49
C GLY D 492 -8.32 -7.51 22.20
N LEU D 493 -8.92 -7.08 21.08
CA LEU D 493 -8.65 -7.66 19.78
C LEU D 493 -7.76 -6.77 18.91
N LYS D 494 -7.34 -5.61 19.41
CA LYS D 494 -6.57 -4.66 18.63
C LYS D 494 -5.08 -5.00 18.69
N GLU D 495 -4.48 -5.21 17.53
CA GLU D 495 -3.04 -5.48 17.46
C GLU D 495 -2.23 -4.24 17.81
N VAL E 12 39.68 -4.10 -30.95
CA VAL E 12 39.43 -5.47 -31.41
C VAL E 12 38.29 -6.16 -30.64
N PRO E 13 38.29 -6.11 -29.30
CA PRO E 13 37.18 -6.72 -28.57
C PRO E 13 35.87 -6.00 -28.81
N VAL E 14 34.79 -6.78 -28.80
CA VAL E 14 33.44 -6.21 -28.88
C VAL E 14 33.17 -5.42 -27.60
N PRO E 15 32.54 -4.24 -27.68
CA PRO E 15 32.27 -3.48 -26.45
C PRO E 15 31.43 -4.24 -25.42
N THR E 16 30.54 -5.12 -25.85
CA THR E 16 29.73 -5.89 -24.92
C THR E 16 30.36 -7.23 -24.55
N GLY E 17 31.56 -7.53 -25.04
CA GLY E 17 32.28 -8.71 -24.60
C GLY E 17 32.61 -9.69 -25.71
N GLY E 18 33.74 -10.36 -25.57
CA GLY E 18 34.16 -11.35 -26.54
C GLY E 18 34.77 -10.73 -27.78
N ASP E 19 35.06 -11.60 -28.76
CA ASP E 19 35.65 -11.19 -30.02
C ASP E 19 34.72 -11.36 -31.21
N ASP E 20 33.56 -11.99 -31.04
CA ASP E 20 32.63 -12.21 -32.13
C ASP E 20 31.65 -11.05 -32.20
N PRO E 21 31.69 -10.24 -33.26
CA PRO E 21 30.72 -9.12 -33.36
C PRO E 21 29.30 -9.56 -33.70
N THR E 22 29.10 -10.80 -34.14
CA THR E 22 27.77 -11.30 -34.43
C THR E 22 27.14 -12.05 -33.26
N LYS E 23 27.85 -12.18 -32.14
CA LYS E 23 27.28 -12.88 -30.99
C LYS E 23 26.02 -12.19 -30.49
N VAL E 24 26.06 -10.87 -30.36
CA VAL E 24 24.88 -10.06 -30.08
C VAL E 24 24.42 -9.50 -31.42
N ALA E 25 23.43 -10.17 -32.02
CA ALA E 25 23.12 -9.94 -33.43
C ALA E 25 22.57 -8.53 -33.68
N MET E 26 21.65 -8.06 -32.82
CA MET E 26 20.97 -6.81 -33.11
C MET E 26 20.33 -6.28 -31.82
N LEU E 27 19.86 -5.04 -31.91
CA LEU E 27 19.10 -4.41 -30.83
C LEU E 27 17.61 -4.49 -31.16
N GLY E 28 16.84 -5.11 -30.27
CA GLY E 28 15.44 -5.35 -30.51
C GLY E 28 14.56 -4.24 -29.98
N LEU E 29 13.69 -3.72 -30.85
CA LEU E 29 12.72 -2.70 -30.47
C LEU E 29 11.34 -3.33 -30.31
N THR E 30 10.66 -2.97 -29.22
CA THR E 30 9.27 -3.32 -29.02
C THR E 30 8.39 -2.10 -29.29
N PHE E 31 7.07 -2.26 -29.09
CA PHE E 31 6.12 -1.20 -29.45
C PHE E 31 6.34 0.06 -28.62
N ASP E 32 6.76 -0.09 -27.36
CA ASP E 32 6.98 1.06 -26.48
C ASP E 32 8.22 1.87 -26.86
N ASP E 33 9.12 1.30 -27.65
CA ASP E 33 10.35 1.99 -28.03
C ASP E 33 10.14 3.09 -29.07
N VAL E 34 9.05 3.07 -29.82
CA VAL E 34 8.92 3.93 -30.99
C VAL E 34 7.57 4.64 -30.98
N LEU E 35 7.53 5.73 -31.74
CA LEU E 35 6.29 6.47 -32.01
C LEU E 35 6.26 6.82 -33.50
N LEU E 36 5.05 6.97 -34.03
CA LEU E 36 4.87 7.43 -35.40
C LEU E 36 5.05 8.94 -35.47
N LEU E 37 5.85 9.39 -36.44
CA LEU E 37 6.08 10.82 -36.65
C LEU E 37 4.96 11.43 -37.49
N PRO E 38 4.48 12.62 -37.12
CA PRO E 38 3.52 13.33 -37.99
C PRO E 38 4.15 13.69 -39.33
N ALA E 39 3.35 13.64 -40.38
CA ALA E 39 3.81 13.92 -41.73
C ALA E 39 2.75 14.72 -42.48
N ALA E 40 3.13 15.29 -43.62
CA ALA E 40 2.23 16.08 -44.43
C ALA E 40 1.01 15.25 -44.82
N SER E 41 -0.18 15.79 -44.54
CA SER E 41 -1.40 15.01 -44.61
C SER E 41 -2.55 15.83 -45.17
N ASP E 42 -3.22 15.27 -46.18
CA ASP E 42 -4.54 15.74 -46.60
C ASP E 42 -5.62 14.71 -46.30
N VAL E 43 -5.33 13.76 -45.42
CA VAL E 43 -6.20 12.64 -45.14
C VAL E 43 -7.12 12.98 -43.98
N VAL E 44 -8.39 12.65 -44.12
CA VAL E 44 -9.38 12.78 -43.06
C VAL E 44 -9.58 11.42 -42.42
N PRO E 45 -9.58 11.31 -41.09
CA PRO E 45 -9.75 9.99 -40.46
C PRO E 45 -11.03 9.28 -40.88
N ALA E 46 -12.12 10.02 -41.09
CA ALA E 46 -13.35 9.40 -41.55
C ALA E 46 -13.22 8.84 -42.97
N THR E 47 -12.35 9.40 -43.79
CA THR E 47 -12.23 9.03 -45.19
C THR E 47 -11.14 7.98 -45.45
N ALA E 48 -10.32 7.66 -44.45
CA ALA E 48 -9.20 6.75 -44.67
C ALA E 48 -9.69 5.35 -45.04
N ASP E 49 -8.92 4.70 -45.90
CA ASP E 49 -9.22 3.34 -46.37
C ASP E 49 -8.38 2.36 -45.56
N THR E 50 -9.03 1.56 -44.73
CA THR E 50 -8.35 0.61 -43.85
C THR E 50 -8.28 -0.81 -44.42
N SER E 51 -8.66 -1.00 -45.68
CA SER E 51 -8.60 -2.33 -46.27
C SER E 51 -7.16 -2.76 -46.50
N SER E 52 -6.92 -4.07 -46.38
CA SER E 52 -5.57 -4.62 -46.45
C SER E 52 -5.64 -6.09 -46.85
N GLN E 53 -4.51 -6.60 -47.34
CA GLN E 53 -4.40 -7.99 -47.75
C GLN E 53 -4.16 -8.88 -46.55
N LEU E 54 -5.04 -9.87 -46.34
CA LEU E 54 -4.76 -10.93 -45.38
C LEU E 54 -3.81 -11.95 -45.98
N THR E 55 -4.12 -12.43 -47.19
CA THR E 55 -3.23 -13.31 -47.93
C THR E 55 -3.02 -12.72 -49.32
N LYS E 56 -2.40 -13.49 -50.21
CA LYS E 56 -2.19 -13.01 -51.57
C LYS E 56 -3.50 -12.89 -52.33
N ARG E 57 -4.56 -13.58 -51.90
CA ARG E 57 -5.83 -13.59 -52.60
C ARG E 57 -6.98 -12.98 -51.82
N ILE E 58 -6.88 -12.86 -50.49
CA ILE E 58 -7.99 -12.43 -49.65
C ILE E 58 -7.67 -11.03 -49.10
N ARG E 59 -8.59 -10.09 -49.34
CA ARG E 59 -8.45 -8.73 -48.86
C ARG E 59 -9.56 -8.43 -47.85
N LEU E 60 -9.19 -7.89 -46.70
CA LEU E 60 -10.13 -7.55 -45.65
C LEU E 60 -10.44 -6.07 -45.68
N ARG E 61 -11.67 -5.71 -45.28
CA ARG E 61 -12.03 -4.31 -45.12
C ARG E 61 -11.48 -3.72 -43.83
N VAL E 62 -11.36 -4.53 -42.78
CA VAL E 62 -10.76 -4.14 -41.52
C VAL E 62 -9.59 -5.07 -41.26
N PRO E 63 -8.36 -4.57 -41.13
CA PRO E 63 -7.16 -5.43 -41.14
C PRO E 63 -6.91 -6.15 -39.83
N LEU E 64 -7.95 -6.79 -39.29
CA LEU E 64 -7.88 -7.45 -38.00
C LEU E 64 -8.38 -8.88 -38.11
N VAL E 65 -7.70 -9.78 -37.41
CA VAL E 65 -8.04 -11.20 -37.38
C VAL E 65 -8.01 -11.65 -35.93
N SER E 66 -8.96 -12.50 -35.55
CA SER E 66 -9.03 -13.00 -34.19
C SER E 66 -8.15 -14.24 -34.03
N SER E 67 -7.59 -14.40 -32.83
CA SER E 67 -6.59 -15.42 -32.57
C SER E 67 -7.22 -16.81 -32.45
N ALA E 68 -6.42 -17.83 -32.77
CA ALA E 68 -6.87 -19.22 -32.71
C ALA E 68 -6.66 -19.81 -31.31
N MET E 69 -7.29 -19.16 -30.33
CA MET E 69 -7.23 -19.60 -28.95
C MET E 69 -8.61 -20.06 -28.51
N ASP E 70 -8.64 -21.05 -27.61
CA ASP E 70 -9.91 -21.62 -27.20
C ASP E 70 -10.71 -20.70 -26.29
N THR E 71 -10.11 -19.61 -25.78
CA THR E 71 -10.84 -18.57 -25.08
C THR E 71 -11.25 -17.42 -25.99
N VAL E 72 -11.01 -17.51 -27.29
CA VAL E 72 -11.27 -16.37 -28.18
C VAL E 72 -12.22 -16.72 -29.30
N THR E 73 -11.84 -17.66 -30.17
CA THR E 73 -12.51 -17.85 -31.45
C THR E 73 -13.21 -19.20 -31.53
N GLU E 74 -14.53 -19.17 -31.62
CA GLU E 74 -15.35 -20.28 -32.10
C GLU E 74 -16.31 -19.72 -33.14
N SER E 75 -17.33 -20.49 -33.52
CA SER E 75 -18.22 -20.08 -34.60
C SER E 75 -18.80 -18.69 -34.38
N ARG E 76 -19.22 -18.40 -33.15
CA ARG E 76 -19.85 -17.12 -32.84
C ARG E 76 -18.87 -15.96 -33.06
N MET E 77 -17.65 -16.10 -32.54
CA MET E 77 -16.64 -15.07 -32.74
C MET E 77 -16.26 -14.94 -34.22
N ALA E 78 -16.16 -16.07 -34.92
CA ALA E 78 -15.80 -16.02 -36.33
C ALA E 78 -16.85 -15.29 -37.16
N ILE E 79 -18.13 -15.57 -36.90
CA ILE E 79 -19.21 -14.87 -37.60
C ILE E 79 -19.16 -13.39 -37.29
N ALA E 80 -18.99 -13.04 -36.01
CA ALA E 80 -18.96 -11.62 -35.64
C ALA E 80 -17.77 -10.90 -36.26
N MET E 81 -16.60 -11.54 -36.29
CA MET E 81 -15.42 -10.93 -36.89
C MET E 81 -15.58 -10.75 -38.39
N ALA E 82 -16.15 -11.74 -39.07
CA ALA E 82 -16.36 -11.60 -40.50
C ALA E 82 -17.35 -10.50 -40.82
N ARG E 83 -18.42 -10.38 -40.02
CA ARG E 83 -19.40 -9.33 -40.26
C ARG E 83 -18.80 -7.94 -40.06
N ALA E 84 -17.87 -7.79 -39.11
CA ALA E 84 -17.22 -6.51 -38.86
C ALA E 84 -16.19 -6.13 -39.93
N GLY E 85 -15.86 -7.03 -40.85
CA GLY E 85 -14.91 -6.75 -41.90
C GLY E 85 -13.56 -7.42 -41.74
N GLY E 86 -13.36 -8.20 -40.70
CA GLY E 86 -12.16 -8.98 -40.50
C GLY E 86 -12.39 -10.45 -40.78
N MET E 87 -11.68 -11.30 -40.03
CA MET E 87 -11.88 -12.74 -40.13
C MET E 87 -11.50 -13.38 -38.80
N GLY E 88 -12.03 -14.58 -38.58
CA GLY E 88 -11.70 -15.37 -37.42
C GLY E 88 -10.96 -16.63 -37.83
N VAL E 89 -10.13 -17.14 -36.92
CA VAL E 89 -9.42 -18.40 -37.10
C VAL E 89 -9.84 -19.33 -35.98
N LEU E 90 -10.54 -20.40 -36.32
CA LEU E 90 -11.05 -21.33 -35.31
C LEU E 90 -9.90 -22.10 -34.66
N HIS E 91 -9.98 -22.25 -33.34
CA HIS E 91 -8.95 -22.95 -32.61
C HIS E 91 -9.03 -24.46 -32.87
N ARG E 92 -7.95 -25.16 -32.52
CA ARG E 92 -7.82 -26.57 -32.81
C ARG E 92 -7.74 -27.45 -31.57
N ASN E 93 -7.99 -26.90 -30.38
CA ASN E 93 -8.01 -27.67 -29.14
C ASN E 93 -9.37 -28.35 -28.94
N LEU E 94 -9.72 -29.20 -29.91
CA LEU E 94 -11.00 -29.91 -29.91
C LEU E 94 -10.96 -30.95 -31.03
N PRO E 95 -11.83 -31.95 -30.96
CA PRO E 95 -11.81 -33.02 -31.97
C PRO E 95 -12.12 -32.49 -33.38
N VAL E 96 -11.64 -33.25 -34.36
CA VAL E 96 -11.74 -32.84 -35.76
C VAL E 96 -13.19 -32.61 -36.16
N ALA E 97 -14.09 -33.50 -35.72
CA ALA E 97 -15.50 -33.37 -36.10
C ALA E 97 -16.10 -32.09 -35.56
N GLU E 98 -15.75 -31.72 -34.33
CA GLU E 98 -16.28 -30.48 -33.76
C GLU E 98 -15.77 -29.26 -34.52
N GLN E 99 -14.49 -29.22 -34.87
CA GLN E 99 -13.95 -28.09 -35.61
C GLN E 99 -14.56 -27.98 -37.00
N ALA E 100 -14.76 -29.12 -37.67
CA ALA E 100 -15.42 -29.09 -38.97
C ALA E 100 -16.88 -28.63 -38.85
N GLY E 101 -17.56 -29.04 -37.77
CA GLY E 101 -18.90 -28.55 -37.53
C GLY E 101 -18.94 -27.05 -37.30
N GLN E 102 -17.94 -26.51 -36.60
CA GLN E 102 -17.86 -25.07 -36.42
C GLN E 102 -17.59 -24.34 -37.74
N VAL E 103 -16.77 -24.93 -38.60
CA VAL E 103 -16.56 -24.36 -39.93
C VAL E 103 -17.87 -24.33 -40.71
N GLU E 104 -18.61 -25.44 -40.68
CA GLU E 104 -19.90 -25.49 -41.39
C GLU E 104 -20.90 -24.51 -40.80
N THR E 105 -20.88 -24.32 -39.48
CA THR E 105 -21.72 -23.32 -38.85
C THR E 105 -21.41 -21.93 -39.37
N VAL E 106 -20.12 -21.59 -39.48
CA VAL E 106 -19.76 -20.27 -39.99
C VAL E 106 -20.18 -20.13 -41.45
N LYS E 107 -19.94 -21.15 -42.27
CA LYS E 107 -20.24 -21.04 -43.69
C LYS E 107 -21.73 -21.01 -43.99
N ARG E 108 -22.57 -21.46 -43.05
CA ARG E 108 -24.01 -21.49 -43.24
C ARG E 108 -24.72 -20.27 -42.66
N SER E 109 -23.98 -19.33 -42.08
CA SER E 109 -24.61 -18.20 -41.39
C SER E 109 -25.47 -17.38 -42.35
N GLU E 110 -24.95 -17.08 -43.54
CA GLU E 110 -25.71 -16.39 -44.56
C GLU E 110 -25.15 -16.73 -45.93
N ALA E 111 -25.94 -16.42 -46.96
CA ALA E 111 -25.56 -16.72 -48.33
C ALA E 111 -26.40 -15.87 -49.28
N GLY E 112 -25.97 -15.82 -50.54
CA GLY E 112 -26.84 -15.29 -51.57
C GLY E 112 -28.02 -16.20 -51.85
N MET E 113 -27.79 -17.51 -51.85
CA MET E 113 -28.85 -18.49 -51.99
C MET E 113 -28.48 -19.74 -51.21
N VAL E 114 -29.42 -20.24 -50.41
CA VAL E 114 -29.20 -21.46 -49.63
C VAL E 114 -29.26 -22.66 -50.56
N THR E 115 -28.10 -23.20 -50.92
CA THR E 115 -28.04 -24.24 -51.93
C THR E 115 -28.46 -25.61 -51.42
N ASP E 116 -28.52 -25.81 -50.10
CA ASP E 116 -28.88 -27.10 -49.52
C ASP E 116 -29.90 -26.88 -48.40
N PRO E 117 -31.14 -26.53 -48.75
CA PRO E 117 -32.12 -26.17 -47.73
C PRO E 117 -32.46 -27.37 -46.83
N VAL E 118 -32.78 -27.06 -45.59
CA VAL E 118 -33.23 -28.07 -44.62
C VAL E 118 -34.71 -28.30 -44.84
N THR E 119 -35.05 -29.34 -45.59
CA THR E 119 -36.44 -29.64 -45.89
C THR E 119 -37.01 -30.59 -44.84
N CYS E 120 -38.29 -30.90 -44.97
CA CYS E 120 -38.94 -31.91 -44.13
C CYS E 120 -39.90 -32.72 -45.00
N SER E 121 -40.70 -33.56 -44.36
CA SER E 121 -41.66 -34.43 -45.02
C SER E 121 -43.03 -34.25 -44.40
N PRO E 122 -44.10 -34.45 -45.17
CA PRO E 122 -45.45 -34.25 -44.62
C PRO E 122 -45.79 -35.16 -43.46
N ASP E 123 -45.09 -36.28 -43.29
CA ASP E 123 -45.36 -37.16 -42.17
C ASP E 123 -44.70 -36.69 -40.88
N ASN E 124 -43.75 -35.77 -40.96
CA ASN E 124 -43.02 -35.35 -39.76
C ASN E 124 -43.95 -34.63 -38.80
N THR E 125 -43.74 -34.87 -37.51
CA THR E 125 -44.53 -34.20 -36.48
C THR E 125 -44.02 -32.78 -36.26
N LEU E 126 -44.83 -31.97 -35.57
CA LEU E 126 -44.45 -30.60 -35.30
C LEU E 126 -43.23 -30.55 -34.38
N ALA E 127 -43.15 -31.45 -33.40
CA ALA E 127 -41.97 -31.48 -32.54
C ALA E 127 -40.72 -31.89 -33.32
N GLU E 128 -40.87 -32.75 -34.33
CA GLU E 128 -39.72 -33.17 -35.13
C GLU E 128 -39.11 -31.98 -35.87
N VAL E 129 -39.94 -31.21 -36.58
CA VAL E 129 -39.44 -30.06 -37.30
C VAL E 129 -39.00 -28.96 -36.33
N ASP E 130 -39.63 -28.89 -35.15
CA ASP E 130 -39.19 -27.95 -34.12
C ASP E 130 -37.77 -28.28 -33.68
N ALA E 131 -37.47 -29.56 -33.47
CA ALA E 131 -36.11 -29.98 -33.13
C ALA E 131 -35.15 -29.69 -34.26
N MET E 132 -35.58 -29.91 -35.51
CA MET E 132 -34.74 -29.57 -36.65
C MET E 132 -34.40 -28.08 -36.66
N CYS E 133 -35.40 -27.23 -36.43
CA CYS E 133 -35.17 -25.79 -36.39
C CYS E 133 -34.23 -25.41 -35.25
N ALA E 134 -34.38 -26.04 -34.09
CA ALA E 134 -33.47 -25.76 -32.98
C ALA E 134 -32.05 -26.18 -33.33
N ARG E 135 -31.89 -27.33 -34.00
CA ARG E 135 -30.56 -27.80 -34.36
C ARG E 135 -29.90 -26.86 -35.36
N PHE E 136 -30.62 -26.42 -36.38
CA PHE E 136 -30.05 -25.55 -37.40
C PHE E 136 -30.20 -24.06 -37.10
N ARG E 137 -30.92 -23.69 -36.05
CA ARG E 137 -31.17 -22.29 -35.69
C ARG E 137 -31.79 -21.53 -36.86
N ILE E 138 -32.77 -22.14 -37.51
CA ILE E 138 -33.51 -21.49 -38.59
C ILE E 138 -34.99 -21.49 -38.23
N SER E 139 -35.81 -20.90 -39.09
CA SER E 139 -37.23 -20.68 -38.77
C SER E 139 -38.20 -21.42 -39.67
N GLY E 140 -37.87 -21.62 -40.94
CA GLY E 140 -38.82 -22.17 -41.89
C GLY E 140 -38.24 -23.27 -42.73
N LEU E 141 -39.06 -24.26 -43.04
CA LEU E 141 -38.64 -25.46 -43.75
C LEU E 141 -39.60 -25.74 -44.91
N PRO E 142 -39.09 -25.91 -46.13
CA PRO E 142 -39.91 -26.48 -47.19
C PRO E 142 -40.24 -27.94 -46.88
N VAL E 143 -41.23 -28.47 -47.60
CA VAL E 143 -41.65 -29.85 -47.42
C VAL E 143 -41.67 -30.54 -48.78
N VAL E 144 -41.15 -31.76 -48.81
CA VAL E 144 -40.96 -32.50 -50.05
C VAL E 144 -41.54 -33.90 -49.88
N ASP E 145 -42.11 -34.43 -50.95
CA ASP E 145 -42.63 -35.78 -50.94
C ASP E 145 -41.54 -36.79 -51.27
N ASP E 146 -41.86 -38.07 -51.08
CA ASP E 146 -40.90 -39.13 -51.33
C ASP E 146 -40.51 -39.23 -52.79
N THR E 147 -41.28 -38.62 -53.69
CA THR E 147 -40.88 -38.55 -55.10
C THR E 147 -39.80 -37.50 -55.35
N GLY E 148 -39.80 -36.42 -54.58
CA GLY E 148 -38.88 -35.32 -54.79
C GLY E 148 -39.50 -34.04 -55.29
N GLU E 149 -40.80 -33.87 -55.17
CA GLU E 149 -41.50 -32.67 -55.62
C GLU E 149 -41.88 -31.81 -54.42
N LEU E 150 -41.95 -30.50 -54.66
CA LEU E 150 -42.19 -29.53 -53.60
C LEU E 150 -43.70 -29.39 -53.39
N VAL E 151 -44.15 -29.62 -52.16
CA VAL E 151 -45.58 -29.71 -51.90
C VAL E 151 -46.03 -28.74 -50.81
N GLY E 152 -45.16 -27.83 -50.40
CA GLY E 152 -45.54 -26.83 -49.43
C GLY E 152 -44.37 -26.37 -48.59
N ILE E 153 -44.70 -25.55 -47.59
CA ILE E 153 -43.70 -24.94 -46.71
C ILE E 153 -44.33 -24.73 -45.35
N ILE E 154 -43.53 -24.83 -44.30
CA ILE E 154 -43.99 -24.62 -42.92
C ILE E 154 -43.01 -23.68 -42.23
N THR E 155 -43.55 -22.60 -41.66
CA THR E 155 -42.76 -21.55 -41.02
C THR E 155 -43.21 -21.39 -39.57
N ASN E 156 -42.50 -20.53 -38.84
CA ASN E 156 -42.79 -20.39 -37.42
C ASN E 156 -44.06 -19.60 -37.16
N ARG E 157 -44.55 -18.83 -38.14
CA ARG E 157 -45.85 -18.21 -37.97
C ARG E 157 -46.96 -19.25 -38.04
N ASP E 158 -46.79 -20.28 -38.86
CA ASP E 158 -47.74 -21.40 -38.85
C ASP E 158 -47.64 -22.17 -37.55
N MET E 159 -46.42 -22.53 -37.13
CA MET E 159 -46.26 -23.36 -35.95
C MET E 159 -46.66 -22.63 -34.67
N ARG E 160 -46.44 -21.31 -34.61
CA ARG E 160 -46.87 -20.55 -33.45
C ARG E 160 -48.39 -20.55 -33.29
N PHE E 161 -49.11 -20.38 -34.39
CA PHE E 161 -50.56 -20.34 -34.37
C PHE E 161 -51.16 -21.74 -34.40
N GLU E 162 -50.40 -22.73 -33.95
CA GLU E 162 -50.83 -24.12 -33.89
C GLU E 162 -50.51 -24.67 -32.51
N VAL E 163 -51.49 -25.31 -31.88
CA VAL E 163 -51.36 -25.78 -30.51
C VAL E 163 -51.06 -27.27 -30.44
N ASP E 164 -51.66 -28.07 -31.31
CA ASP E 164 -51.50 -29.52 -31.28
C ASP E 164 -50.11 -29.91 -31.80
N GLN E 165 -49.19 -30.20 -30.88
CA GLN E 165 -47.83 -30.56 -31.25
C GLN E 165 -47.76 -31.92 -31.94
N SER E 166 -48.68 -32.83 -31.61
CA SER E 166 -48.70 -34.15 -32.23
C SER E 166 -49.17 -34.12 -33.67
N LYS E 167 -49.60 -32.97 -34.19
CA LYS E 167 -50.09 -32.89 -35.55
C LYS E 167 -48.96 -33.20 -36.54
N PRO E 168 -49.29 -33.73 -37.70
CA PRO E 168 -48.31 -33.85 -38.78
C PRO E 168 -48.11 -32.52 -39.49
N VAL E 169 -47.06 -32.48 -40.33
CA VAL E 169 -46.78 -31.27 -41.10
C VAL E 169 -47.87 -31.01 -42.12
N SER E 170 -48.45 -32.06 -42.69
CA SER E 170 -49.44 -31.90 -43.76
C SER E 170 -50.67 -31.12 -43.31
N GLU E 171 -50.96 -31.08 -42.01
CA GLU E 171 -52.14 -30.38 -41.53
C GLU E 171 -51.90 -28.90 -41.27
N VAL E 172 -50.65 -28.46 -41.21
CA VAL E 172 -50.32 -27.09 -40.85
C VAL E 172 -49.72 -26.34 -42.04
N MET E 173 -48.93 -27.02 -42.86
CA MET E 173 -48.15 -26.37 -43.91
C MET E 173 -49.04 -25.61 -44.87
N THR E 174 -48.48 -24.53 -45.44
CA THR E 174 -49.09 -23.89 -46.60
C THR E 174 -48.83 -24.75 -47.82
N LYS E 175 -49.90 -25.33 -48.38
CA LYS E 175 -49.75 -26.30 -49.46
C LYS E 175 -49.49 -25.59 -50.79
N ALA E 176 -48.91 -26.33 -51.72
CA ALA E 176 -48.63 -25.80 -53.05
C ALA E 176 -49.93 -25.53 -53.78
N PRO E 177 -49.92 -24.65 -54.80
CA PRO E 177 -48.77 -23.96 -55.42
C PRO E 177 -48.23 -22.79 -54.60
N LEU E 178 -46.95 -22.86 -54.25
CA LEU E 178 -46.30 -21.81 -53.47
C LEU E 178 -45.77 -20.71 -54.39
N ILE E 179 -45.44 -19.58 -53.78
CA ILE E 179 -44.73 -18.51 -54.48
C ILE E 179 -43.27 -18.95 -54.58
N THR E 180 -42.87 -19.45 -55.74
CA THR E 180 -41.53 -19.95 -55.98
C THR E 180 -40.90 -19.22 -57.16
N ALA E 181 -39.64 -19.57 -57.44
CA ALA E 181 -38.89 -18.96 -58.52
C ALA E 181 -38.06 -20.03 -59.21
N LYS E 182 -37.58 -19.71 -60.41
CA LYS E 182 -36.79 -20.63 -61.20
C LYS E 182 -35.30 -20.31 -61.07
N GLU E 183 -34.47 -21.31 -61.37
CA GLU E 183 -33.03 -21.15 -61.37
C GLU E 183 -32.61 -20.02 -62.31
N GLY E 184 -31.52 -19.34 -61.95
CA GLY E 184 -31.02 -18.22 -62.72
C GLY E 184 -31.72 -16.91 -62.50
N VAL E 185 -32.68 -16.85 -61.57
CA VAL E 185 -33.33 -15.59 -61.25
C VAL E 185 -32.32 -14.64 -60.62
N SER E 186 -32.34 -13.38 -61.04
CA SER E 186 -31.48 -12.40 -60.42
C SER E 186 -31.90 -12.17 -58.97
N ALA E 187 -31.00 -11.57 -58.20
CA ALA E 187 -31.33 -11.23 -56.82
C ALA E 187 -32.45 -10.20 -56.77
N GLU E 188 -32.41 -9.22 -57.67
CA GLU E 188 -33.38 -8.13 -57.64
C GLU E 188 -34.80 -8.62 -57.90
N ALA E 189 -34.97 -9.54 -58.85
CA ALA E 189 -36.30 -10.08 -59.12
C ALA E 189 -36.81 -10.91 -57.95
N ALA E 190 -35.93 -11.67 -57.29
CA ALA E 190 -36.35 -12.41 -56.12
C ALA E 190 -36.78 -11.47 -54.99
N LEU E 191 -36.04 -10.37 -54.82
CA LEU E 191 -36.43 -9.37 -53.83
C LEU E 191 -37.77 -8.76 -54.19
N GLY E 192 -38.01 -8.51 -55.48
CA GLY E 192 -39.28 -7.97 -55.90
C GLY E 192 -40.44 -8.92 -55.63
N LEU E 193 -40.23 -10.22 -55.89
CA LEU E 193 -41.28 -11.20 -55.61
C LEU E 193 -41.57 -11.28 -54.11
N LEU E 194 -40.52 -11.32 -53.29
CA LEU E 194 -40.72 -11.35 -51.84
C LEU E 194 -41.44 -10.11 -51.36
N ARG E 195 -41.13 -8.95 -51.95
CA ARG E 195 -41.82 -7.72 -51.59
C ARG E 195 -43.28 -7.76 -52.01
N ARG E 196 -43.55 -8.27 -53.20
CA ARG E 196 -44.91 -8.23 -53.73
C ARG E 196 -45.84 -9.16 -52.95
N HIS E 197 -45.36 -10.35 -52.58
CA HIS E 197 -46.23 -11.33 -51.95
C HIS E 197 -46.15 -11.31 -50.43
N LYS E 198 -45.33 -10.42 -49.86
CA LYS E 198 -45.24 -10.25 -48.40
C LYS E 198 -44.88 -11.56 -47.71
N ILE E 199 -43.85 -12.23 -48.23
CA ILE E 199 -43.33 -13.46 -47.63
C ILE E 199 -41.84 -13.29 -47.44
N GLU E 200 -41.28 -14.12 -46.56
CA GLU E 200 -39.86 -14.05 -46.24
C GLU E 200 -39.03 -15.18 -46.84
N LYS E 201 -39.66 -16.17 -47.48
CA LYS E 201 -38.96 -17.31 -48.04
C LYS E 201 -39.42 -17.57 -49.46
N LEU E 202 -38.47 -17.93 -50.32
CA LEU E 202 -38.73 -18.14 -51.74
C LEU E 202 -38.00 -19.41 -52.15
N PRO E 203 -38.70 -20.53 -52.25
CA PRO E 203 -38.06 -21.74 -52.81
C PRO E 203 -37.67 -21.52 -54.26
N ILE E 204 -36.53 -22.10 -54.64
CA ILE E 204 -36.02 -22.03 -55.99
C ILE E 204 -36.03 -23.44 -56.55
N VAL E 205 -36.71 -23.63 -57.67
CA VAL E 205 -36.96 -24.94 -58.25
C VAL E 205 -36.32 -25.01 -59.63
N ASP E 206 -36.12 -26.23 -60.11
CA ASP E 206 -35.51 -26.47 -61.40
C ASP E 206 -36.58 -26.58 -62.49
N GLY E 207 -36.18 -27.07 -63.67
CA GLY E 207 -37.12 -27.21 -64.76
C GLY E 207 -38.21 -28.24 -64.52
N HIS E 208 -37.95 -29.23 -63.66
CA HIS E 208 -38.89 -30.31 -63.42
C HIS E 208 -39.64 -30.15 -62.10
N GLY E 209 -39.54 -29.00 -61.43
CA GLY E 209 -40.18 -28.81 -60.17
C GLY E 209 -39.43 -29.32 -58.96
N LYS E 210 -38.18 -29.76 -59.15
CA LYS E 210 -37.37 -30.21 -58.02
C LYS E 210 -36.76 -29.01 -57.31
N LEU E 211 -36.81 -29.04 -55.98
CA LEU E 211 -36.26 -27.94 -55.19
C LEU E 211 -34.74 -27.90 -55.33
N THR E 212 -34.21 -26.73 -55.68
CA THR E 212 -32.77 -26.57 -55.85
C THR E 212 -32.19 -25.41 -55.04
N GLY E 213 -32.99 -24.67 -54.30
CA GLY E 213 -32.44 -23.63 -53.45
C GLY E 213 -33.52 -22.93 -52.65
N LEU E 214 -33.09 -21.94 -51.86
CA LEU E 214 -34.00 -21.14 -51.06
C LEU E 214 -33.40 -19.76 -50.86
N ILE E 215 -34.18 -18.73 -51.14
CA ILE E 215 -33.77 -17.34 -50.97
C ILE E 215 -34.61 -16.72 -49.86
N THR E 216 -33.95 -16.04 -48.93
CA THR E 216 -34.63 -15.37 -47.83
C THR E 216 -34.38 -13.87 -47.91
N VAL E 217 -35.36 -13.09 -47.46
CA VAL E 217 -35.19 -11.65 -47.36
C VAL E 217 -34.24 -11.29 -46.24
N LYS E 218 -34.08 -12.17 -45.24
CA LYS E 218 -33.13 -11.91 -44.17
C LYS E 218 -31.71 -11.77 -44.69
N ASP E 219 -31.38 -12.45 -45.79
CA ASP E 219 -30.03 -12.32 -46.35
C ASP E 219 -29.82 -10.93 -46.94
N PHE E 220 -30.83 -10.39 -47.63
CA PHE E 220 -30.76 -8.99 -48.08
C PHE E 220 -30.64 -8.04 -46.89
N VAL E 221 -31.41 -8.31 -45.84
CA VAL E 221 -31.36 -7.47 -44.64
C VAL E 221 -29.97 -7.49 -44.04
N LYS E 222 -29.36 -8.68 -43.96
CA LYS E 222 -28.01 -8.81 -43.42
C LYS E 222 -27.00 -8.08 -44.28
N THR E 223 -27.10 -8.24 -45.60
CA THR E 223 -26.20 -7.53 -46.50
C THR E 223 -26.27 -6.03 -46.29
N GLU E 224 -27.48 -5.50 -46.12
CA GLU E 224 -27.61 -4.07 -45.81
C GLU E 224 -27.04 -3.74 -44.43
N GLN E 225 -27.26 -4.61 -43.45
CA GLN E 225 -26.91 -4.33 -42.06
C GLN E 225 -25.42 -4.42 -41.81
N PHE E 226 -24.70 -5.25 -42.57
CA PHE E 226 -23.27 -5.47 -42.40
C PHE E 226 -22.59 -5.24 -43.74
N PRO E 227 -22.40 -3.98 -44.13
CA PRO E 227 -21.84 -3.71 -45.47
C PRO E 227 -20.37 -4.06 -45.61
N LEU E 228 -19.64 -4.25 -44.53
CA LEU E 228 -18.21 -4.54 -44.58
C LEU E 228 -17.89 -6.04 -44.55
N SER E 229 -18.91 -6.90 -44.61
CA SER E 229 -18.71 -8.32 -44.38
C SER E 229 -17.67 -8.91 -45.33
N THR E 230 -16.84 -9.81 -44.79
CA THR E 230 -15.84 -10.54 -45.57
C THR E 230 -16.49 -11.80 -46.13
N LYS E 231 -16.70 -11.84 -47.44
CA LYS E 231 -17.51 -12.86 -48.08
C LYS E 231 -16.81 -13.40 -49.33
N ASP E 232 -17.21 -14.60 -49.73
CA ASP E 232 -16.70 -15.20 -50.95
C ASP E 232 -17.62 -14.87 -52.13
N SER E 233 -17.40 -15.54 -53.26
CA SER E 233 -18.17 -15.26 -54.47
C SER E 233 -19.65 -15.62 -54.30
N ASP E 234 -19.98 -16.54 -53.42
CA ASP E 234 -21.37 -16.94 -53.19
C ASP E 234 -22.00 -16.24 -52.00
N GLY E 235 -21.39 -15.19 -51.47
CA GLY E 235 -21.98 -14.44 -50.39
C GLY E 235 -21.86 -15.06 -49.02
N ARG E 236 -21.08 -16.13 -48.87
CA ARG E 236 -20.89 -16.75 -47.57
C ARG E 236 -19.66 -16.17 -46.88
N LEU E 237 -19.73 -16.11 -45.56
CA LEU E 237 -18.66 -15.50 -44.77
C LEU E 237 -17.39 -16.33 -44.83
N LEU E 238 -16.25 -15.64 -44.99
CA LEU E 238 -14.96 -16.32 -44.95
C LEU E 238 -14.61 -16.75 -43.55
N VAL E 239 -13.86 -17.85 -43.44
CA VAL E 239 -13.44 -18.39 -42.15
C VAL E 239 -12.11 -19.10 -42.32
N GLY E 240 -11.30 -19.06 -41.26
CA GLY E 240 -10.04 -19.77 -41.23
C GLY E 240 -10.01 -20.77 -40.09
N ALA E 241 -9.06 -21.71 -40.12
CA ALA E 241 -8.92 -22.66 -39.03
C ALA E 241 -7.45 -23.05 -38.89
N ALA E 242 -7.10 -23.51 -37.69
CA ALA E 242 -5.72 -23.85 -37.36
C ALA E 242 -5.51 -25.36 -37.37
N VAL E 243 -4.37 -25.78 -37.90
CA VAL E 243 -3.96 -27.19 -37.87
C VAL E 243 -2.51 -27.25 -37.40
N GLY E 244 -2.14 -28.40 -36.85
CA GLY E 244 -0.78 -28.63 -36.40
C GLY E 244 0.09 -29.31 -37.45
N VAL E 245 0.99 -30.19 -37.00
CA VAL E 245 1.86 -30.94 -37.89
C VAL E 245 1.73 -32.42 -37.57
N GLY E 246 1.72 -33.25 -38.62
CA GLY E 246 1.66 -34.68 -38.48
C GLY E 246 0.60 -35.28 -39.38
N ASP E 247 0.21 -36.52 -39.07
CA ASP E 247 -0.81 -37.23 -39.83
C ASP E 247 -2.21 -36.96 -39.31
N ASP E 248 -2.35 -36.86 -37.98
CA ASP E 248 -3.60 -36.37 -37.42
C ASP E 248 -3.92 -34.98 -37.95
N ALA E 249 -2.89 -34.13 -38.04
CA ALA E 249 -3.06 -32.79 -38.61
C ALA E 249 -3.47 -32.87 -40.07
N TRP E 250 -2.91 -33.81 -40.83
CA TRP E 250 -3.27 -33.93 -42.23
C TRP E 250 -4.74 -34.33 -42.39
N THR E 251 -5.18 -35.31 -41.61
CA THR E 251 -6.59 -35.70 -41.66
C THR E 251 -7.50 -34.54 -41.25
N ARG E 252 -7.10 -33.81 -40.21
CA ARG E 252 -7.88 -32.65 -39.77
C ARG E 252 -7.97 -31.61 -40.88
N ALA E 253 -6.86 -31.32 -41.54
CA ALA E 253 -6.85 -30.33 -42.62
C ALA E 253 -7.75 -30.75 -43.76
N MET E 254 -7.70 -32.04 -44.13
CA MET E 254 -8.57 -32.52 -45.21
C MET E 254 -10.04 -32.38 -44.83
N THR E 255 -10.39 -32.73 -43.59
CA THR E 255 -11.77 -32.57 -43.16
C THR E 255 -12.20 -31.11 -43.18
N LEU E 256 -11.33 -30.21 -42.74
CA LEU E 256 -11.66 -28.78 -42.77
C LEU E 256 -11.83 -28.27 -44.19
N VAL E 257 -11.00 -28.74 -45.12
CA VAL E 257 -11.18 -28.36 -46.52
C VAL E 257 -12.53 -28.85 -47.03
N ASP E 258 -12.91 -30.08 -46.67
CA ASP E 258 -14.21 -30.59 -47.09
C ASP E 258 -15.36 -29.77 -46.51
N ALA E 259 -15.22 -29.32 -45.25
CA ALA E 259 -16.25 -28.47 -44.65
C ALA E 259 -16.35 -27.09 -45.28
N GLY E 260 -15.38 -26.70 -46.10
CA GLY E 260 -15.43 -25.43 -46.78
C GLY E 260 -14.59 -24.32 -46.18
N VAL E 261 -13.51 -24.64 -45.47
CA VAL E 261 -12.65 -23.61 -44.90
C VAL E 261 -12.01 -22.80 -46.03
N ASP E 262 -11.74 -21.54 -45.76
CA ASP E 262 -11.12 -20.64 -46.72
C ASP E 262 -9.63 -20.45 -46.51
N VAL E 263 -9.17 -20.47 -45.26
CA VAL E 263 -7.76 -20.30 -44.92
C VAL E 263 -7.38 -21.40 -43.94
N LEU E 264 -6.25 -22.04 -44.19
CA LEU E 264 -5.63 -22.95 -43.22
C LEU E 264 -4.39 -22.28 -42.65
N ILE E 265 -4.25 -22.36 -41.33
CA ILE E 265 -3.11 -21.78 -40.63
C ILE E 265 -2.35 -22.90 -39.96
N VAL E 266 -1.15 -23.18 -40.47
CA VAL E 266 -0.25 -24.12 -39.81
C VAL E 266 0.28 -23.43 -38.55
N ASP E 267 -0.21 -23.85 -37.38
CA ASP E 267 -0.14 -23.09 -36.15
C ASP E 267 0.87 -23.73 -35.21
N THR E 268 2.08 -23.19 -35.18
CA THR E 268 3.15 -23.73 -34.34
C THR E 268 3.84 -22.59 -33.60
N ALA E 269 4.46 -22.94 -32.47
CA ALA E 269 5.25 -21.97 -31.73
C ALA E 269 6.53 -21.60 -32.47
N HIS E 270 7.06 -22.50 -33.30
CA HIS E 270 8.36 -22.30 -33.93
C HIS E 270 8.29 -22.88 -35.35
N ALA E 271 8.07 -22.02 -36.34
CA ALA E 271 7.90 -22.48 -37.70
C ALA E 271 9.21 -22.75 -38.43
N HIS E 272 10.34 -22.28 -37.91
CA HIS E 272 11.64 -22.55 -38.53
C HIS E 272 12.05 -23.98 -38.20
N ASN E 273 11.35 -24.91 -38.84
CA ASN E 273 11.46 -26.33 -38.55
C ASN E 273 11.03 -27.10 -39.79
N ARG E 274 11.73 -28.19 -40.10
CA ARG E 274 11.56 -28.87 -41.38
C ARG E 274 10.16 -29.50 -41.50
N GLY E 275 9.63 -30.01 -40.39
CA GLY E 275 8.30 -30.58 -40.43
C GLY E 275 7.23 -29.56 -40.78
N VAL E 276 7.34 -28.36 -40.23
CA VAL E 276 6.36 -27.30 -40.53
C VAL E 276 6.44 -26.90 -42.00
N LEU E 277 7.65 -26.73 -42.53
CA LEU E 277 7.80 -26.35 -43.92
C LEU E 277 7.29 -27.44 -44.85
N ASP E 278 7.54 -28.70 -44.51
CA ASP E 278 7.00 -29.80 -45.30
C ASP E 278 5.48 -29.83 -45.26
N MET E 279 4.89 -29.58 -44.09
CA MET E 279 3.43 -29.52 -43.99
C MET E 279 2.87 -28.41 -44.86
N VAL E 280 3.52 -27.24 -44.86
CA VAL E 280 3.08 -26.13 -45.69
C VAL E 280 3.13 -26.51 -47.16
N SER E 281 4.24 -27.12 -47.59
CA SER E 281 4.37 -27.50 -49.00
C SER E 281 3.33 -28.54 -49.40
N ARG E 282 3.11 -29.54 -48.54
CA ARG E 282 2.13 -30.58 -48.83
C ARG E 282 0.73 -30.00 -48.96
N LEU E 283 0.34 -29.14 -48.01
CA LEU E 283 -0.98 -28.54 -48.08
C LEU E 283 -1.13 -27.67 -49.33
N LYS E 284 -0.10 -26.89 -49.65
CA LYS E 284 -0.17 -26.03 -50.83
C LYS E 284 -0.31 -26.86 -52.10
N GLN E 285 0.37 -28.01 -52.15
CA GLN E 285 0.25 -28.86 -53.34
C GLN E 285 -1.13 -29.51 -53.42
N ALA E 286 -1.63 -30.04 -52.31
CA ALA E 286 -2.90 -30.78 -52.35
C ALA E 286 -4.08 -29.86 -52.57
N VAL E 287 -4.19 -28.77 -51.81
CA VAL E 287 -5.42 -27.98 -51.79
C VAL E 287 -5.14 -26.51 -52.00
N GLY E 288 -3.93 -26.17 -52.43
CA GLY E 288 -3.55 -24.77 -52.55
C GLY E 288 -4.34 -23.98 -53.57
N GLU E 289 -4.96 -24.65 -54.53
CA GLU E 289 -5.76 -23.94 -55.54
C GLU E 289 -7.10 -23.47 -54.99
N ARG E 290 -7.58 -24.07 -53.91
CA ARG E 290 -8.84 -23.69 -53.29
C ARG E 290 -8.68 -22.91 -51.99
N VAL E 291 -7.66 -23.24 -51.21
CA VAL E 291 -7.51 -22.75 -49.84
C VAL E 291 -6.16 -22.07 -49.71
N ASP E 292 -6.14 -20.93 -49.03
CA ASP E 292 -4.88 -20.28 -48.69
C ASP E 292 -4.22 -20.99 -47.52
N VAL E 293 -2.89 -21.03 -47.55
CA VAL E 293 -2.10 -21.68 -46.50
C VAL E 293 -1.19 -20.65 -45.87
N VAL E 294 -1.32 -20.45 -44.56
CA VAL E 294 -0.55 -19.49 -43.80
C VAL E 294 0.41 -20.25 -42.89
N GLY E 295 1.66 -19.82 -42.86
CA GLY E 295 2.68 -20.50 -42.09
C GLY E 295 2.87 -19.90 -40.70
N GLY E 296 3.34 -20.74 -39.79
CA GLY E 296 3.38 -20.46 -38.37
C GLY E 296 4.32 -19.33 -38.00
N ASN E 297 4.55 -19.22 -36.69
CA ASN E 297 5.16 -18.03 -36.13
C ASN E 297 6.67 -18.03 -36.31
N VAL E 298 7.19 -16.92 -36.87
CA VAL E 298 8.61 -16.72 -37.07
C VAL E 298 8.98 -15.39 -36.42
N ALA E 299 10.28 -15.19 -36.24
CA ALA E 299 10.77 -13.93 -35.70
C ALA E 299 12.05 -13.45 -36.38
N THR E 300 12.54 -14.13 -37.40
CA THR E 300 13.77 -13.76 -38.09
C THR E 300 13.53 -13.70 -39.59
N ARG E 301 14.43 -13.01 -40.28
CA ARG E 301 14.36 -12.91 -41.74
C ARG E 301 14.55 -14.27 -42.40
N ALA E 302 15.49 -15.07 -41.90
CA ALA E 302 15.75 -16.38 -42.50
C ALA E 302 14.54 -17.30 -42.40
N ALA E 303 13.87 -17.30 -41.25
CA ALA E 303 12.68 -18.13 -41.09
C ALA E 303 11.55 -17.69 -42.02
N ALA E 304 11.34 -16.38 -42.15
CA ALA E 304 10.33 -15.88 -43.06
C ALA E 304 10.65 -16.25 -44.50
N ALA E 305 11.92 -16.14 -44.88
CA ALA E 305 12.32 -16.53 -46.23
C ALA E 305 12.09 -18.01 -46.47
N ALA E 306 12.36 -18.85 -45.46
CA ALA E 306 12.09 -20.27 -45.59
C ALA E 306 10.59 -20.53 -45.79
N LEU E 307 9.75 -19.85 -45.02
CA LEU E 307 8.31 -20.02 -45.19
C LEU E 307 7.85 -19.56 -46.56
N VAL E 308 8.40 -18.45 -47.06
CA VAL E 308 8.05 -17.99 -48.40
C VAL E 308 8.47 -19.00 -49.45
N GLU E 309 9.69 -19.54 -49.33
CA GLU E 309 10.17 -20.53 -50.28
C GLU E 309 9.30 -21.78 -50.27
N ALA E 310 8.82 -22.18 -49.09
CA ALA E 310 7.93 -23.33 -48.99
C ALA E 310 6.56 -23.09 -49.62
N GLY E 311 6.22 -21.86 -49.97
CA GLY E 311 4.98 -21.57 -50.66
C GLY E 311 3.85 -21.02 -49.80
N ALA E 312 4.14 -20.46 -48.64
CA ALA E 312 3.09 -19.91 -47.79
C ALA E 312 2.45 -18.69 -48.45
N ASP E 313 1.14 -18.54 -48.23
CA ASP E 313 0.40 -17.38 -48.72
C ASP E 313 0.48 -16.19 -47.78
N ALA E 314 0.86 -16.40 -46.53
CA ALA E 314 1.11 -15.33 -45.58
C ALA E 314 2.03 -15.89 -44.50
N VAL E 315 2.69 -14.97 -43.78
CA VAL E 315 3.63 -15.35 -42.74
C VAL E 315 3.21 -14.66 -41.44
N LYS E 316 3.02 -15.44 -40.39
CA LYS E 316 2.63 -14.93 -39.08
C LYS E 316 3.87 -14.75 -38.23
N VAL E 317 3.96 -13.60 -37.55
CA VAL E 317 5.18 -13.17 -36.88
C VAL E 317 4.93 -13.06 -35.40
N GLY E 318 5.84 -13.61 -34.61
CA GLY E 318 5.88 -13.40 -33.18
C GLY E 318 6.26 -14.63 -32.38
N VAL E 319 7.34 -14.52 -31.63
CA VAL E 319 7.89 -15.59 -30.82
C VAL E 319 8.39 -14.95 -29.53
N GLY E 320 7.69 -15.18 -28.43
CA GLY E 320 7.97 -14.50 -27.19
C GLY E 320 7.91 -12.98 -27.30
N PRO E 321 6.81 -12.43 -27.85
CA PRO E 321 6.74 -10.98 -28.01
C PRO E 321 6.40 -10.23 -26.72
N GLY E 322 5.81 -10.88 -25.73
CA GLY E 322 5.47 -10.20 -24.49
C GLY E 322 6.70 -9.99 -23.63
N SER E 323 6.63 -8.95 -22.78
CA SER E 323 7.81 -8.55 -22.03
C SER E 323 8.22 -9.61 -21.01
N ILE E 324 7.31 -10.03 -20.16
CA ILE E 324 7.62 -11.06 -19.18
C ILE E 324 6.94 -12.39 -19.50
N CYS E 325 6.71 -12.64 -20.79
CA CYS E 325 6.01 -13.85 -21.20
C CYS E 325 6.74 -15.09 -20.70
N THR E 326 6.00 -16.20 -20.67
CA THR E 326 6.53 -17.45 -20.15
C THR E 326 7.72 -17.94 -20.98
N THR E 327 7.66 -17.81 -22.30
CA THR E 327 8.78 -18.23 -23.13
C THR E 327 10.08 -17.53 -22.75
N ARG E 328 10.03 -16.20 -22.53
CA ARG E 328 11.22 -15.46 -22.14
C ARG E 328 11.74 -15.91 -20.77
N VAL E 329 10.85 -16.07 -19.80
CA VAL E 329 11.29 -16.38 -18.44
C VAL E 329 11.82 -17.82 -18.36
N VAL E 330 11.10 -18.76 -18.94
CA VAL E 330 11.43 -20.17 -18.76
C VAL E 330 12.52 -20.61 -19.72
N ALA E 331 12.39 -20.29 -21.01
CA ALA E 331 13.35 -20.74 -22.01
C ALA E 331 14.43 -19.73 -22.32
N GLY E 332 14.25 -18.46 -21.94
CA GLY E 332 15.19 -17.42 -22.32
C GLY E 332 15.16 -17.03 -23.77
N VAL E 333 14.07 -17.31 -24.49
CA VAL E 333 13.97 -17.12 -25.92
C VAL E 333 12.91 -16.05 -26.20
N GLY E 334 13.20 -15.17 -27.15
CA GLY E 334 12.21 -14.18 -27.55
C GLY E 334 12.75 -13.29 -28.64
N ALA E 335 11.91 -12.35 -29.06
CA ALA E 335 12.27 -11.33 -30.04
C ALA E 335 11.34 -10.12 -29.92
N PRO E 336 11.88 -8.93 -29.68
CA PRO E 336 11.04 -7.73 -29.70
C PRO E 336 10.32 -7.57 -31.03
N GLN E 337 9.04 -7.19 -30.95
CA GLN E 337 8.11 -7.42 -32.05
C GLN E 337 8.33 -6.46 -33.22
N ILE E 338 8.73 -5.21 -32.96
CA ILE E 338 8.92 -4.27 -34.06
C ILE E 338 10.09 -4.70 -34.94
N THR E 339 11.21 -5.08 -34.33
CA THR E 339 12.35 -5.57 -35.10
C THR E 339 12.01 -6.85 -35.84
N ALA E 340 11.29 -7.76 -35.19
CA ALA E 340 10.89 -9.00 -35.84
C ALA E 340 10.02 -8.74 -37.06
N ILE E 341 9.06 -7.81 -36.94
CA ILE E 341 8.22 -7.46 -38.07
C ILE E 341 9.06 -6.87 -39.20
N LEU E 342 9.99 -5.96 -38.86
CA LEU E 342 10.82 -5.35 -39.90
C LEU E 342 11.62 -6.40 -40.66
N GLU E 343 12.23 -7.35 -39.94
CA GLU E 343 13.02 -8.38 -40.60
C GLU E 343 12.14 -9.30 -41.45
N ALA E 344 10.99 -9.70 -40.92
CA ALA E 344 10.09 -10.56 -41.69
C ALA E 344 9.59 -9.85 -42.95
N VAL E 345 9.29 -8.57 -42.84
CA VAL E 345 8.84 -7.82 -44.01
C VAL E 345 9.96 -7.71 -45.03
N ALA E 346 11.20 -7.50 -44.57
CA ALA E 346 12.33 -7.50 -45.48
C ALA E 346 12.42 -8.80 -46.26
N ALA E 347 12.08 -9.92 -45.61
CA ALA E 347 12.09 -11.19 -46.33
C ALA E 347 10.86 -11.39 -47.24
N CYS E 348 9.69 -10.89 -46.84
CA CYS E 348 8.43 -11.24 -47.50
C CYS E 348 7.97 -10.27 -48.56
N LYS E 349 8.25 -8.97 -48.40
CA LYS E 349 7.71 -7.95 -49.30
C LYS E 349 8.15 -8.11 -50.75
N PRO E 350 9.39 -8.46 -51.08
CA PRO E 350 9.74 -8.62 -52.51
C PRO E 350 8.91 -9.67 -53.23
N TYR E 351 8.35 -10.64 -52.52
CA TYR E 351 7.54 -11.68 -53.13
C TYR E 351 6.04 -11.41 -53.04
N GLY E 352 5.64 -10.28 -52.47
CA GLY E 352 4.22 -10.00 -52.34
C GLY E 352 3.47 -10.86 -51.35
N VAL E 353 4.15 -11.38 -50.34
CA VAL E 353 3.54 -12.23 -49.32
C VAL E 353 3.22 -11.37 -48.10
N PRO E 354 1.95 -11.26 -47.69
CA PRO E 354 1.61 -10.42 -46.54
C PRO E 354 2.13 -11.00 -45.23
N VAL E 355 2.34 -10.10 -44.26
CA VAL E 355 2.83 -10.46 -42.93
C VAL E 355 1.73 -10.17 -41.93
N ILE E 356 1.49 -11.12 -41.03
CA ILE E 356 0.50 -10.98 -39.97
C ILE E 356 1.24 -10.78 -38.65
N ALA E 357 0.96 -9.68 -37.97
CA ALA E 357 1.55 -9.39 -36.67
C ALA E 357 0.71 -10.06 -35.58
N ASP E 358 1.34 -10.91 -34.78
CA ASP E 358 0.65 -11.78 -33.83
C ASP E 358 1.33 -11.71 -32.47
N GLY E 359 0.79 -10.91 -31.56
CA GLY E 359 1.23 -10.94 -30.19
C GLY E 359 1.84 -9.64 -29.68
N GLY E 360 1.59 -9.33 -28.41
CA GLY E 360 2.14 -8.15 -27.78
C GLY E 360 1.34 -6.87 -27.96
N LEU E 361 0.22 -6.91 -28.67
CA LEU E 361 -0.57 -5.72 -28.93
C LEU E 361 -1.47 -5.44 -27.73
N GLN E 362 -1.30 -4.25 -27.13
CA GLN E 362 -2.14 -3.84 -26.00
C GLN E 362 -3.14 -2.76 -26.38
N TYR E 363 -2.75 -1.79 -27.19
CA TYR E 363 -3.59 -0.65 -27.53
C TYR E 363 -3.73 -0.53 -29.04
N SER E 364 -4.69 0.30 -29.46
CA SER E 364 -4.88 0.55 -30.89
C SER E 364 -3.68 1.26 -31.50
N GLY E 365 -2.97 2.07 -30.72
CA GLY E 365 -1.72 2.64 -31.19
C GLY E 365 -0.69 1.58 -31.54
N ASP E 366 -0.71 0.46 -30.83
CA ASP E 366 0.20 -0.63 -31.17
C ASP E 366 -0.18 -1.30 -32.48
N ILE E 367 -1.48 -1.38 -32.78
CA ILE E 367 -1.90 -1.87 -34.10
C ILE E 367 -1.39 -0.93 -35.18
N ALA E 368 -1.52 0.38 -34.97
CA ALA E 368 -0.99 1.34 -35.94
C ALA E 368 0.51 1.16 -36.13
N LYS E 369 1.25 1.00 -35.02
CA LYS E 369 2.69 0.80 -35.12
C LYS E 369 3.04 -0.48 -35.86
N ALA E 370 2.30 -1.57 -35.58
CA ALA E 370 2.58 -2.84 -36.25
C ALA E 370 2.36 -2.74 -37.74
N LEU E 371 1.27 -2.09 -38.17
CA LEU E 371 1.03 -1.94 -39.59
C LEU E 371 2.07 -1.03 -40.24
N ALA E 372 2.45 0.06 -39.55
CA ALA E 372 3.47 0.96 -40.08
C ALA E 372 4.83 0.28 -40.21
N ALA E 373 5.10 -0.74 -39.38
CA ALA E 373 6.35 -1.46 -39.50
C ALA E 373 6.39 -2.38 -40.71
N GLY E 374 5.28 -2.58 -41.41
CA GLY E 374 5.23 -3.38 -42.61
C GLY E 374 4.22 -4.52 -42.59
N ALA E 375 3.61 -4.83 -41.45
CA ALA E 375 2.60 -5.87 -41.41
C ALA E 375 1.34 -5.42 -42.14
N SER E 376 0.59 -6.38 -42.66
CA SER E 376 -0.65 -6.10 -43.37
C SER E 376 -1.88 -6.30 -42.51
N THR E 377 -1.85 -7.24 -41.56
CA THR E 377 -2.96 -7.46 -40.64
C THR E 377 -2.39 -7.75 -39.27
N ALA E 378 -3.24 -7.63 -38.25
CA ALA E 378 -2.85 -7.88 -36.88
C ALA E 378 -3.79 -8.91 -36.25
N MET E 379 -3.22 -9.85 -35.51
CA MET E 379 -3.98 -10.85 -34.79
C MET E 379 -4.11 -10.40 -33.34
N LEU E 380 -5.34 -10.40 -32.82
CA LEU E 380 -5.64 -9.63 -31.61
C LEU E 380 -5.49 -10.44 -30.32
N GLY E 381 -6.25 -11.52 -30.16
CA GLY E 381 -6.04 -12.35 -28.99
C GLY E 381 -6.72 -11.86 -27.72
N SER E 382 -5.93 -11.52 -26.71
CA SER E 382 -6.47 -11.24 -25.38
C SER E 382 -7.34 -9.99 -25.34
N LEU E 383 -7.20 -9.09 -26.31
CA LEU E 383 -8.11 -7.95 -26.39
C LEU E 383 -9.55 -8.38 -26.61
N LEU E 384 -9.78 -9.57 -27.17
CA LEU E 384 -11.12 -10.03 -27.51
C LEU E 384 -11.67 -11.09 -26.56
N ALA E 385 -10.90 -11.50 -25.56
CA ALA E 385 -11.24 -12.69 -24.79
C ALA E 385 -12.52 -12.51 -23.98
N GLY E 386 -12.76 -11.32 -23.46
CA GLY E 386 -13.90 -11.13 -22.59
C GLY E 386 -15.19 -10.68 -23.25
N THR E 387 -15.26 -10.67 -24.57
CA THR E 387 -16.40 -10.09 -25.27
C THR E 387 -17.60 -11.03 -25.25
N ALA E 388 -18.74 -10.51 -25.70
CA ALA E 388 -19.98 -11.28 -25.71
C ALA E 388 -19.86 -12.51 -26.60
N GLU E 389 -19.22 -12.37 -27.77
CA GLU E 389 -19.14 -13.43 -28.76
C GLU E 389 -18.05 -14.45 -28.47
N SER E 390 -17.13 -14.15 -27.55
CA SER E 390 -16.08 -15.11 -27.22
C SER E 390 -16.67 -16.28 -26.42
N PRO E 391 -16.01 -17.43 -26.43
CA PRO E 391 -16.51 -18.57 -25.66
C PRO E 391 -16.50 -18.28 -24.17
N GLY E 392 -17.37 -18.99 -23.46
CA GLY E 392 -17.56 -18.79 -22.04
C GLY E 392 -18.95 -18.32 -21.69
N GLU E 393 -19.39 -18.59 -20.47
CA GLU E 393 -20.74 -18.30 -20.03
C GLU E 393 -20.74 -17.07 -19.15
N LEU E 394 -21.74 -16.20 -19.34
CA LEU E 394 -21.84 -14.96 -18.60
C LEU E 394 -22.41 -15.21 -17.21
N ILE E 395 -21.71 -14.73 -16.19
CA ILE E 395 -22.16 -14.83 -14.81
C ILE E 395 -22.16 -13.43 -14.20
N PHE E 396 -22.94 -13.28 -13.12
CA PHE E 396 -23.08 -12.00 -12.43
C PHE E 396 -22.59 -12.17 -11.00
N VAL E 397 -21.50 -11.46 -10.67
CA VAL E 397 -20.83 -11.60 -9.38
C VAL E 397 -20.52 -10.22 -8.82
N ASN E 398 -20.88 -10.00 -7.56
CA ASN E 398 -20.53 -8.78 -6.83
C ASN E 398 -20.91 -7.51 -7.59
N GLY E 399 -22.11 -7.52 -8.18
CA GLY E 399 -22.58 -6.34 -8.87
C GLY E 399 -21.98 -6.10 -10.24
N LYS E 400 -21.22 -7.06 -10.78
CA LYS E 400 -20.57 -6.91 -12.07
C LYS E 400 -20.82 -8.16 -12.92
N GLN E 401 -20.48 -8.06 -14.19
CA GLN E 401 -20.57 -9.18 -15.12
C GLN E 401 -19.18 -9.77 -15.33
N PHE E 402 -19.13 -11.09 -15.46
CA PHE E 402 -17.88 -11.81 -15.69
C PHE E 402 -18.14 -12.95 -16.66
N LYS E 403 -17.06 -13.51 -17.18
CA LYS E 403 -17.11 -14.64 -18.10
C LYS E 403 -16.40 -15.82 -17.47
N SER E 404 -17.05 -16.98 -17.48
CA SER E 404 -16.49 -18.16 -16.82
C SER E 404 -16.46 -19.33 -17.78
N TYR E 405 -15.47 -20.20 -17.61
CA TYR E 405 -15.25 -21.35 -18.48
C TYR E 405 -15.69 -22.67 -17.85
N ARG E 406 -16.75 -22.63 -17.04
CA ARG E 406 -17.21 -23.78 -16.27
C ARG E 406 -17.64 -24.95 -17.16
N ARG E 427 -24.70 -29.19 -8.27
CA ARG E 427 -24.08 -30.26 -9.04
C ARG E 427 -24.84 -31.57 -8.86
N TYR E 428 -24.30 -32.65 -9.42
CA TYR E 428 -25.05 -33.91 -9.46
C TYR E 428 -25.28 -34.46 -8.05
N PHE E 429 -24.21 -34.60 -7.27
CA PHE E 429 -24.33 -35.23 -5.95
C PHE E 429 -24.52 -34.23 -4.82
N GLN E 430 -24.53 -32.93 -5.13
CA GLN E 430 -24.74 -31.89 -4.10
C GLN E 430 -26.23 -31.54 -4.09
N ASP E 431 -26.99 -32.35 -3.36
CA ASP E 431 -28.44 -32.29 -3.37
C ASP E 431 -29.04 -31.53 -2.20
N ASP E 432 -28.21 -30.83 -1.42
CA ASP E 432 -28.71 -30.02 -0.30
C ASP E 432 -29.15 -28.66 -0.84
N VAL E 433 -30.44 -28.36 -0.71
CA VAL E 433 -31.00 -27.14 -1.27
C VAL E 433 -30.59 -25.88 -0.52
N LEU E 434 -29.97 -26.00 0.65
CA LEU E 434 -29.52 -24.85 1.41
C LEU E 434 -28.00 -24.77 1.53
N SER E 435 -27.27 -25.61 0.82
CA SER E 435 -25.81 -25.60 0.90
C SER E 435 -25.26 -24.30 0.29
N GLU E 436 -24.05 -23.94 0.70
CA GLU E 436 -23.47 -22.66 0.28
C GLU E 436 -23.24 -22.61 -1.21
N ASP E 437 -23.00 -23.74 -1.86
CA ASP E 437 -22.83 -23.75 -3.31
C ASP E 437 -24.11 -23.39 -4.05
N LYS E 438 -25.27 -23.47 -3.37
CA LYS E 438 -26.51 -22.98 -3.95
C LYS E 438 -26.60 -21.45 -3.90
N LEU E 439 -25.82 -20.81 -3.04
CA LEU E 439 -25.92 -19.38 -2.82
C LEU E 439 -25.07 -18.55 -3.79
N VAL E 440 -24.02 -19.14 -4.36
CA VAL E 440 -23.13 -18.40 -5.26
C VAL E 440 -23.11 -19.10 -6.61
N PRO E 441 -22.93 -18.36 -7.71
CA PRO E 441 -22.99 -18.99 -9.03
C PRO E 441 -21.84 -19.96 -9.25
N GLU E 442 -22.11 -20.98 -10.06
CA GLU E 442 -21.03 -21.85 -10.53
C GLU E 442 -20.12 -21.09 -11.48
N GLY E 443 -18.82 -21.29 -11.34
CA GLY E 443 -17.85 -20.59 -12.14
C GLY E 443 -17.24 -19.36 -11.49
N ILE E 444 -17.42 -19.17 -10.19
CA ILE E 444 -16.97 -17.95 -9.52
C ILE E 444 -15.46 -17.78 -9.56
N GLU E 445 -14.71 -18.88 -9.70
CA GLU E 445 -13.26 -18.84 -9.63
C GLU E 445 -12.66 -18.95 -11.02
N GLY E 446 -11.63 -18.16 -11.28
CA GLY E 446 -11.04 -18.11 -12.61
C GLY E 446 -11.88 -17.39 -13.63
N ARG E 447 -12.73 -16.46 -13.20
CA ARG E 447 -13.56 -15.71 -14.11
C ARG E 447 -12.75 -14.63 -14.83
N VAL E 448 -13.32 -14.11 -15.90
CA VAL E 448 -12.69 -13.10 -16.74
C VAL E 448 -13.61 -11.88 -16.79
N PRO E 449 -13.09 -10.65 -16.78
CA PRO E 449 -13.97 -9.48 -16.90
C PRO E 449 -14.72 -9.48 -18.22
N PHE E 450 -15.98 -9.06 -18.17
CA PHE E 450 -16.84 -9.06 -19.34
C PHE E 450 -16.71 -7.74 -20.09
N ARG E 451 -16.44 -7.83 -21.38
CA ARG E 451 -16.11 -6.66 -22.19
C ARG E 451 -17.28 -6.12 -23.01
N GLY E 452 -18.33 -6.91 -23.23
CA GLY E 452 -19.44 -6.47 -24.02
C GLY E 452 -19.37 -6.95 -25.46
N PRO E 453 -20.15 -6.33 -26.34
CA PRO E 453 -20.16 -6.75 -27.74
C PRO E 453 -18.84 -6.50 -28.44
N LEU E 454 -18.53 -7.37 -29.40
CA LEU E 454 -17.27 -7.28 -30.14
C LEU E 454 -17.18 -6.02 -30.97
N GLY E 455 -18.30 -5.61 -31.59
CA GLY E 455 -18.28 -4.48 -32.50
C GLY E 455 -17.79 -3.20 -31.87
N THR E 456 -18.09 -2.98 -30.60
CA THR E 456 -17.60 -1.79 -29.91
C THR E 456 -16.08 -1.78 -29.81
N VAL E 457 -15.49 -2.92 -29.45
CA VAL E 457 -14.04 -3.02 -29.37
C VAL E 457 -13.41 -2.79 -30.74
N ILE E 458 -13.99 -3.44 -31.77
CA ILE E 458 -13.46 -3.28 -33.12
C ILE E 458 -13.55 -1.82 -33.56
N HIS E 459 -14.66 -1.15 -33.23
CA HIS E 459 -14.84 0.25 -33.60
C HIS E 459 -13.82 1.14 -32.93
N GLN E 460 -13.55 0.91 -31.64
CA GLN E 460 -12.52 1.68 -30.94
C GLN E 460 -11.15 1.50 -31.61
N LEU E 461 -10.79 0.25 -31.91
CA LEU E 461 -9.49 -0.02 -32.54
C LEU E 461 -9.39 0.66 -33.90
N THR E 462 -10.45 0.56 -34.71
CA THR E 462 -10.42 1.18 -36.03
C THR E 462 -10.37 2.70 -35.94
N GLY E 463 -11.03 3.29 -34.94
CA GLY E 463 -10.91 4.72 -34.73
C GLY E 463 -9.50 5.16 -34.43
N GLY E 464 -8.81 4.42 -33.54
CA GLY E 464 -7.41 4.72 -33.27
C GLY E 464 -6.54 4.59 -34.52
N LEU E 465 -6.77 3.54 -35.31
CA LEU E 465 -6.02 3.36 -36.54
C LEU E 465 -6.27 4.50 -37.53
N ARG E 466 -7.52 4.96 -37.63
CA ARG E 466 -7.84 6.05 -38.53
C ARG E 466 -7.22 7.36 -38.08
N ALA E 467 -7.15 7.59 -36.77
CA ALA E 467 -6.42 8.74 -36.26
C ALA E 467 -4.95 8.68 -36.65
N ALA E 468 -4.33 7.50 -36.52
CA ALA E 468 -2.93 7.36 -36.94
C ALA E 468 -2.75 7.63 -38.42
N MET E 469 -3.66 7.11 -39.25
CA MET E 469 -3.58 7.35 -40.69
C MET E 469 -3.72 8.83 -41.00
N GLY E 470 -4.62 9.53 -40.30
CA GLY E 470 -4.73 10.96 -40.49
C GLY E 470 -3.46 11.69 -40.10
N TYR E 471 -2.83 11.28 -39.01
CA TYR E 471 -1.61 11.96 -38.56
C TYR E 471 -0.45 11.74 -39.51
N THR E 472 -0.35 10.56 -40.11
CA THR E 472 0.78 10.26 -40.98
C THR E 472 0.54 10.59 -42.45
N GLY E 473 -0.65 11.07 -42.80
CA GLY E 473 -0.97 11.32 -44.20
C GLY E 473 -1.09 10.06 -45.04
N SER E 474 -1.65 9.00 -44.48
CA SER E 474 -1.74 7.71 -45.16
C SER E 474 -3.18 7.52 -45.61
N ALA E 475 -3.40 7.60 -46.93
CA ALA E 475 -4.73 7.34 -47.47
C ALA E 475 -5.08 5.86 -47.45
N THR E 476 -4.08 4.98 -47.58
CA THR E 476 -4.28 3.55 -47.58
C THR E 476 -3.30 2.90 -46.61
N ILE E 477 -3.56 1.62 -46.30
CA ILE E 477 -2.65 0.84 -45.47
C ILE E 477 -1.28 0.71 -46.13
N GLU E 478 -1.27 0.57 -47.45
CA GLU E 478 0.00 0.49 -48.18
C GLU E 478 0.81 1.77 -48.01
N GLN E 479 0.14 2.92 -47.94
CA GLN E 479 0.85 4.17 -47.67
C GLN E 479 1.29 4.25 -46.20
N LEU E 480 0.49 3.69 -45.29
CA LEU E 480 0.87 3.68 -43.88
C LEU E 480 2.11 2.83 -43.64
N GLN E 481 2.31 1.78 -44.44
CA GLN E 481 3.47 0.92 -44.30
C GLN E 481 4.77 1.62 -44.66
N GLN E 482 4.70 2.86 -45.15
CA GLN E 482 5.88 3.65 -45.48
C GLN E 482 6.21 4.71 -44.44
N ALA E 483 5.44 4.82 -43.36
CA ALA E 483 5.65 5.87 -42.39
C ALA E 483 6.90 5.63 -41.56
N GLN E 484 7.42 6.71 -40.98
CA GLN E 484 8.67 6.70 -40.23
C GLN E 484 8.42 6.69 -38.73
N PHE E 485 9.41 6.18 -38.00
CA PHE E 485 9.37 6.11 -36.55
C PHE E 485 10.37 7.07 -35.92
N VAL E 486 10.07 7.49 -34.70
CA VAL E 486 11.04 8.11 -33.81
C VAL E 486 11.23 7.18 -32.62
N GLN E 487 12.49 6.86 -32.33
CA GLN E 487 12.82 6.07 -31.15
C GLN E 487 12.87 6.97 -29.93
N ILE E 488 12.27 6.49 -28.83
CA ILE E 488 12.20 7.27 -27.60
C ILE E 488 13.03 6.58 -26.53
N THR E 489 13.46 7.36 -25.54
CA THR E 489 14.26 6.87 -24.43
C THR E 489 13.35 6.37 -23.30
N ALA E 490 13.97 5.84 -22.25
CA ALA E 490 13.21 5.40 -21.09
C ALA E 490 12.49 6.56 -20.40
N ALA E 491 13.10 7.75 -20.42
CA ALA E 491 12.46 8.92 -19.83
C ALA E 491 11.12 9.23 -20.48
N GLY E 492 10.94 8.83 -21.74
CA GLY E 492 9.68 9.01 -22.43
C GLY E 492 8.57 8.09 -22.01
N LEU E 493 8.87 7.09 -21.18
CA LEU E 493 7.86 6.18 -20.67
C LEU E 493 7.57 6.43 -19.19
N LYS E 494 8.10 7.50 -18.62
CA LYS E 494 7.91 7.83 -17.21
C LYS E 494 6.69 8.73 -17.06
N GLU E 495 5.74 8.32 -16.24
CA GLU E 495 4.50 9.07 -16.06
C GLU E 495 4.74 10.35 -15.25
N VAL F 12 25.19 -4.62 -43.44
CA VAL F 12 24.21 -4.11 -44.40
C VAL F 12 22.83 -3.89 -43.76
N PRO F 13 22.32 -4.85 -42.97
CA PRO F 13 21.06 -4.60 -42.26
C PRO F 13 21.21 -3.53 -41.20
N VAL F 14 20.13 -2.78 -41.01
CA VAL F 14 20.05 -1.83 -39.90
C VAL F 14 20.08 -2.58 -38.58
N PRO F 15 20.79 -2.12 -37.56
CA PRO F 15 20.83 -2.84 -36.28
C PRO F 15 19.48 -2.98 -35.60
N THR F 16 18.51 -2.11 -35.89
CA THR F 16 17.16 -2.24 -35.34
C THR F 16 16.19 -2.89 -36.31
N GLY F 17 16.68 -3.44 -37.42
CA GLY F 17 15.85 -4.26 -38.25
C GLY F 17 15.60 -3.65 -39.62
N GLY F 18 15.51 -4.50 -40.62
CA GLY F 18 15.26 -4.07 -41.99
C GLY F 18 16.51 -3.59 -42.70
N ASP F 19 16.29 -3.07 -43.90
CA ASP F 19 17.36 -2.54 -44.72
C ASP F 19 17.25 -1.04 -44.98
N ASP F 20 16.28 -0.37 -44.36
CA ASP F 20 16.09 1.07 -44.56
C ASP F 20 16.65 1.81 -43.36
N PRO F 21 17.75 2.56 -43.50
CA PRO F 21 18.28 3.32 -42.37
C PRO F 21 17.44 4.53 -41.97
N THR F 22 16.43 4.91 -42.76
CA THR F 22 15.54 6.00 -42.40
C THR F 22 14.21 5.55 -41.83
N LYS F 23 13.97 4.24 -41.70
CA LYS F 23 12.71 3.79 -41.12
C LYS F 23 12.55 4.28 -39.69
N VAL F 24 13.62 4.19 -38.89
CA VAL F 24 13.70 4.85 -37.59
C VAL F 24 14.49 6.13 -37.82
N ALA F 25 13.78 7.26 -37.91
CA ALA F 25 14.37 8.48 -38.45
C ALA F 25 15.35 9.13 -37.47
N MET F 26 15.03 9.13 -36.18
CA MET F 26 15.87 9.81 -35.21
C MET F 26 15.55 9.29 -33.81
N LEU F 27 16.36 9.73 -32.85
CA LEU F 27 16.14 9.46 -31.44
C LEU F 27 15.64 10.75 -30.77
N GLY F 28 14.42 10.68 -30.22
CA GLY F 28 13.78 11.87 -29.68
C GLY F 28 14.05 12.04 -28.20
N LEU F 29 14.55 13.22 -27.84
CA LEU F 29 14.82 13.57 -26.45
C LEU F 29 13.67 14.38 -25.88
N THR F 30 13.27 14.03 -24.66
CA THR F 30 12.29 14.81 -23.91
C THR F 30 13.01 15.63 -22.84
N PHE F 31 12.23 16.40 -22.06
CA PHE F 31 12.82 17.32 -21.09
C PHE F 31 13.65 16.58 -20.05
N ASP F 32 13.17 15.42 -19.58
CA ASP F 32 13.88 14.67 -18.56
C ASP F 32 15.16 14.00 -19.07
N ASP F 33 15.41 14.03 -20.38
CA ASP F 33 16.63 13.44 -20.91
C ASP F 33 17.85 14.34 -20.80
N VAL F 34 17.67 15.64 -20.53
CA VAL F 34 18.75 16.60 -20.67
C VAL F 34 18.81 17.49 -19.43
N LEU F 35 19.99 18.07 -19.23
CA LEU F 35 20.19 19.11 -18.22
C LEU F 35 21.00 20.24 -18.84
N LEU F 36 20.86 21.43 -18.29
CA LEU F 36 21.65 22.57 -18.73
C LEU F 36 23.00 22.56 -18.03
N LEU F 37 24.06 22.67 -18.81
CA LEU F 37 25.42 22.70 -18.27
C LEU F 37 25.77 24.10 -17.77
N PRO F 38 26.40 24.21 -16.61
CA PRO F 38 26.91 25.51 -16.16
C PRO F 38 27.99 26.03 -17.08
N ALA F 39 28.06 27.35 -17.19
CA ALA F 39 29.03 28.00 -18.05
C ALA F 39 29.50 29.29 -17.37
N ALA F 40 30.56 29.87 -17.91
CA ALA F 40 31.10 31.12 -17.35
C ALA F 40 30.01 32.18 -17.31
N SER F 41 29.85 32.80 -16.13
CA SER F 41 28.73 33.68 -15.88
C SER F 41 29.18 34.89 -15.08
N ASP F 42 28.74 36.07 -15.52
CA ASP F 42 28.72 37.27 -14.70
C ASP F 42 27.30 37.80 -14.55
N VAL F 43 26.30 36.92 -14.63
CA VAL F 43 24.91 37.30 -14.63
C VAL F 43 24.33 37.07 -13.24
N VAL F 44 23.88 38.15 -12.62
CA VAL F 44 23.12 38.06 -11.37
C VAL F 44 21.67 37.72 -11.71
N PRO F 45 21.07 36.71 -11.07
CA PRO F 45 19.69 36.33 -11.44
C PRO F 45 18.70 37.48 -11.39
N ALA F 46 18.83 38.38 -10.41
CA ALA F 46 17.89 39.49 -10.31
C ALA F 46 18.01 40.47 -11.47
N THR F 47 19.19 40.55 -12.10
CA THR F 47 19.41 41.47 -13.20
C THR F 47 19.27 40.81 -14.57
N ALA F 48 18.90 39.52 -14.62
CA ALA F 48 18.67 38.86 -15.90
C ALA F 48 17.49 39.49 -16.63
N ASP F 49 17.63 39.63 -17.95
CA ASP F 49 16.59 40.18 -18.81
C ASP F 49 15.81 39.03 -19.44
N THR F 50 14.55 38.87 -19.05
CA THR F 50 13.74 37.73 -19.46
C THR F 50 12.86 38.03 -20.67
N SER F 51 13.01 39.19 -21.29
CA SER F 51 12.14 39.56 -22.40
C SER F 51 12.48 38.77 -23.67
N SER F 52 11.45 38.50 -24.47
CA SER F 52 11.61 37.64 -25.64
C SER F 52 10.52 37.95 -26.65
N GLN F 53 10.75 37.52 -27.89
CA GLN F 53 9.80 37.73 -28.98
C GLN F 53 8.69 36.69 -28.94
N LEU F 54 7.44 37.16 -28.92
CA LEU F 54 6.32 36.24 -29.13
C LEU F 54 6.08 36.01 -30.61
N THR F 55 5.93 37.08 -31.38
CA THR F 55 5.91 37.06 -32.83
C THR F 55 7.05 37.95 -33.32
N LYS F 56 7.09 38.18 -34.63
CA LYS F 56 8.15 39.02 -35.18
C LYS F 56 8.00 40.47 -34.79
N ARG F 57 6.79 40.92 -34.43
CA ARG F 57 6.53 42.29 -34.06
C ARG F 57 6.26 42.51 -32.58
N ILE F 58 5.87 41.48 -31.83
CA ILE F 58 5.46 41.60 -30.44
C ILE F 58 6.53 41.01 -29.53
N ARG F 59 6.99 41.81 -28.57
CA ARG F 59 7.98 41.38 -27.59
C ARG F 59 7.36 41.40 -26.20
N LEU F 60 7.46 40.28 -25.49
CA LEU F 60 6.92 40.15 -24.14
C LEU F 60 8.03 40.35 -23.11
N ARG F 61 7.66 40.95 -21.97
CA ARG F 61 8.59 41.09 -20.87
C ARG F 61 8.84 39.75 -20.17
N VAL F 62 7.83 38.91 -20.07
CA VAL F 62 7.94 37.57 -19.50
C VAL F 62 7.55 36.58 -20.60
N PRO F 63 8.41 35.63 -20.95
CA PRO F 63 8.19 34.80 -22.15
C PRO F 63 7.19 33.66 -21.95
N LEU F 64 6.04 33.98 -21.37
CA LEU F 64 5.04 32.98 -21.01
C LEU F 64 3.69 33.39 -21.59
N VAL F 65 2.96 32.40 -22.10
CA VAL F 65 1.64 32.59 -22.69
C VAL F 65 0.71 31.52 -22.17
N SER F 66 -0.51 31.90 -21.80
CA SER F 66 -1.49 30.94 -21.32
C SER F 66 -2.17 30.24 -22.49
N SER F 67 -2.51 28.97 -22.26
CA SER F 67 -3.02 28.11 -23.32
C SER F 67 -4.46 28.45 -23.67
N ALA F 68 -4.83 28.17 -24.92
CA ALA F 68 -6.20 28.36 -25.42
C ALA F 68 -7.06 27.14 -25.07
N MET F 69 -7.32 26.98 -23.78
CA MET F 69 -8.16 25.91 -23.28
C MET F 69 -9.28 26.51 -22.45
N ASP F 70 -10.45 25.87 -22.49
CA ASP F 70 -11.61 26.42 -21.78
C ASP F 70 -11.50 26.26 -20.27
N THR F 71 -10.52 25.53 -19.77
CA THR F 71 -10.21 25.51 -18.34
C THR F 71 -9.08 26.44 -17.96
N VAL F 72 -8.54 27.22 -18.90
CA VAL F 72 -7.40 28.07 -18.59
C VAL F 72 -7.67 29.55 -18.88
N THR F 73 -7.92 29.90 -20.13
CA THR F 73 -7.92 31.31 -20.54
C THR F 73 -9.32 31.77 -20.96
N GLU F 74 -9.89 32.67 -20.17
CA GLU F 74 -10.97 33.56 -20.57
C GLU F 74 -10.52 34.98 -20.24
N SER F 75 -11.43 35.95 -20.25
CA SER F 75 -11.04 37.35 -20.14
C SER F 75 -10.19 37.62 -18.90
N ARG F 76 -10.59 37.08 -17.75
CA ARG F 76 -9.88 37.37 -16.51
C ARG F 76 -8.44 36.86 -16.56
N MET F 77 -8.25 35.65 -17.08
CA MET F 77 -6.91 35.09 -17.22
C MET F 77 -6.09 35.91 -18.21
N ALA F 78 -6.68 36.33 -19.32
CA ALA F 78 -5.96 37.13 -20.30
C ALA F 78 -5.49 38.46 -19.72
N ILE F 79 -6.37 39.12 -18.97
CA ILE F 79 -5.99 40.37 -18.30
C ILE F 79 -4.84 40.14 -17.33
N ALA F 80 -4.95 39.07 -16.52
CA ALA F 80 -3.90 38.80 -15.55
C ALA F 80 -2.57 38.47 -16.22
N MET F 81 -2.61 37.69 -17.30
CA MET F 81 -1.39 37.34 -18.01
C MET F 81 -0.75 38.56 -18.65
N ALA F 82 -1.57 39.43 -19.25
CA ALA F 82 -1.02 40.64 -19.84
C ALA F 82 -0.40 41.54 -18.79
N ARG F 83 -1.04 41.67 -17.63
CA ARG F 83 -0.48 42.50 -16.57
C ARG F 83 0.82 41.92 -16.04
N ALA F 84 0.91 40.60 -15.91
CA ALA F 84 2.12 39.97 -15.41
C ALA F 84 3.29 40.06 -16.38
N GLY F 85 3.07 40.46 -17.62
CA GLY F 85 4.14 40.61 -18.60
C GLY F 85 4.11 39.59 -19.72
N GLY F 86 3.14 38.68 -19.74
CA GLY F 86 2.98 37.75 -20.83
C GLY F 86 1.78 38.10 -21.69
N MET F 87 1.05 37.08 -22.14
CA MET F 87 -0.15 37.28 -22.92
C MET F 87 -1.05 36.06 -22.76
N GLY F 88 -2.32 36.24 -23.07
CA GLY F 88 -3.28 35.15 -23.04
C GLY F 88 -3.86 34.89 -24.41
N VAL F 89 -4.18 33.64 -24.69
CA VAL F 89 -4.85 33.23 -25.91
C VAL F 89 -6.22 32.70 -25.53
N LEU F 90 -7.27 33.44 -25.90
CA LEU F 90 -8.63 33.05 -25.55
C LEU F 90 -9.04 31.79 -26.30
N HIS F 91 -9.68 30.87 -25.58
CA HIS F 91 -10.13 29.62 -26.17
C HIS F 91 -11.32 29.88 -27.10
N ARG F 92 -11.57 28.92 -27.99
CA ARG F 92 -12.59 29.07 -29.03
C ARG F 92 -13.72 28.06 -28.89
N ASN F 93 -13.86 27.42 -27.73
CA ASN F 93 -14.95 26.46 -27.51
C ASN F 93 -16.20 27.16 -26.99
N LEU F 94 -16.74 28.05 -27.81
CA LEU F 94 -17.87 28.90 -27.45
C LEU F 94 -18.33 29.68 -28.67
N PRO F 95 -19.52 30.29 -28.64
CA PRO F 95 -20.00 31.03 -29.81
C PRO F 95 -19.10 32.21 -30.16
N VAL F 96 -19.15 32.61 -31.44
CA VAL F 96 -18.33 33.71 -31.93
C VAL F 96 -18.60 34.99 -31.16
N ALA F 97 -19.88 35.27 -30.89
CA ALA F 97 -20.24 36.51 -30.20
C ALA F 97 -19.61 36.57 -28.80
N GLU F 98 -19.61 35.44 -28.09
CA GLU F 98 -18.99 35.40 -26.77
C GLU F 98 -17.48 35.63 -26.85
N GLN F 99 -16.82 35.01 -27.83
CA GLN F 99 -15.37 35.18 -27.94
C GLN F 99 -15.00 36.62 -28.28
N ALA F 100 -15.76 37.24 -29.19
CA ALA F 100 -15.51 38.64 -29.51
C ALA F 100 -15.81 39.55 -28.33
N GLY F 101 -16.85 39.22 -27.56
CA GLY F 101 -17.12 39.98 -26.34
C GLY F 101 -15.99 39.89 -25.34
N GLN F 102 -15.40 38.70 -25.19
CA GLN F 102 -14.28 38.53 -24.28
C GLN F 102 -13.05 39.31 -24.78
N VAL F 103 -12.84 39.35 -26.10
CA VAL F 103 -11.77 40.17 -26.65
C VAL F 103 -12.01 41.64 -26.31
N GLU F 104 -13.24 42.12 -26.50
CA GLU F 104 -13.57 43.50 -26.16
C GLU F 104 -13.35 43.78 -24.69
N THR F 105 -13.74 42.84 -23.83
CA THR F 105 -13.56 43.00 -22.39
C THR F 105 -12.08 43.14 -22.03
N VAL F 106 -11.23 42.32 -22.63
CA VAL F 106 -9.79 42.44 -22.36
C VAL F 106 -9.26 43.77 -22.88
N LYS F 107 -9.66 44.18 -24.08
CA LYS F 107 -9.11 45.39 -24.69
C LYS F 107 -9.53 46.65 -23.94
N ARG F 108 -10.65 46.62 -23.23
CA ARG F 108 -11.19 47.76 -22.52
C ARG F 108 -10.73 47.84 -21.06
N SER F 109 -9.93 46.87 -20.60
CA SER F 109 -9.57 46.82 -19.19
C SER F 109 -8.86 48.09 -18.75
N GLU F 110 -7.83 48.50 -19.48
CA GLU F 110 -7.16 49.76 -19.21
C GLU F 110 -6.71 50.39 -20.53
N ALA F 111 -6.45 51.69 -20.48
CA ALA F 111 -6.03 52.44 -21.65
C ALA F 111 -5.32 53.70 -21.19
N GLY F 112 -4.58 54.31 -22.12
CA GLY F 112 -4.06 55.64 -21.84
C GLY F 112 -5.16 56.68 -21.76
N MET F 113 -6.11 56.63 -22.70
CA MET F 113 -7.30 57.47 -22.68
C MET F 113 -8.47 56.65 -23.20
N VAL F 114 -9.60 56.72 -22.52
CA VAL F 114 -10.83 56.06 -22.99
C VAL F 114 -11.37 56.90 -24.14
N THR F 115 -11.16 56.44 -25.38
CA THR F 115 -11.59 57.21 -26.53
C THR F 115 -13.09 57.08 -26.81
N ASP F 116 -13.76 56.09 -26.22
CA ASP F 116 -15.19 55.87 -26.44
C ASP F 116 -15.88 55.64 -25.09
N PRO F 117 -16.00 56.67 -24.27
CA PRO F 117 -16.54 56.48 -22.92
C PRO F 117 -18.02 56.14 -22.95
N VAL F 118 -18.48 55.53 -21.86
CA VAL F 118 -19.91 55.25 -21.67
C VAL F 118 -20.59 56.49 -21.12
N THR F 119 -21.52 57.05 -21.89
CA THR F 119 -22.25 58.24 -21.50
C THR F 119 -23.66 57.87 -21.06
N CYS F 120 -24.27 58.78 -20.29
CA CYS F 120 -25.66 58.66 -19.89
C CYS F 120 -26.41 59.93 -20.27
N SER F 121 -27.70 59.97 -19.97
CA SER F 121 -28.55 61.11 -20.27
C SER F 121 -29.32 61.52 -19.03
N PRO F 122 -29.67 62.81 -18.90
CA PRO F 122 -30.39 63.25 -17.70
C PRO F 122 -31.70 62.54 -17.48
N ASP F 123 -32.39 62.13 -18.55
CA ASP F 123 -33.66 61.44 -18.43
C ASP F 123 -33.52 60.06 -17.78
N ASN F 124 -32.31 59.55 -17.65
CA ASN F 124 -32.09 58.23 -17.07
C ASN F 124 -32.31 58.26 -15.57
N THR F 125 -32.82 57.15 -15.03
CA THR F 125 -33.01 56.98 -13.60
C THR F 125 -31.71 56.46 -12.98
N LEU F 126 -31.67 56.47 -11.64
CA LEU F 126 -30.50 55.97 -10.94
C LEU F 126 -30.30 54.47 -11.19
N ALA F 127 -31.39 53.71 -11.22
CA ALA F 127 -31.27 52.27 -11.47
C ALA F 127 -30.75 52.00 -12.88
N GLU F 128 -31.10 52.86 -13.84
CA GLU F 128 -30.61 52.68 -15.21
C GLU F 128 -29.09 52.80 -15.27
N VAL F 129 -28.54 53.88 -14.72
CA VAL F 129 -27.09 54.07 -14.76
C VAL F 129 -26.40 53.06 -13.86
N ASP F 130 -27.06 52.62 -12.78
CA ASP F 130 -26.51 51.55 -11.97
C ASP F 130 -26.38 50.25 -12.77
N ALA F 131 -27.41 49.92 -13.56
CA ALA F 131 -27.33 48.75 -14.42
C ALA F 131 -26.21 48.89 -15.45
N MET F 132 -26.08 50.08 -16.04
CA MET F 132 -25.02 50.29 -17.02
C MET F 132 -23.64 50.13 -16.38
N CYS F 133 -23.47 50.66 -15.18
CA CYS F 133 -22.19 50.52 -14.47
C CYS F 133 -21.90 49.06 -14.18
N ALA F 134 -22.89 48.32 -13.67
CA ALA F 134 -22.68 46.91 -13.38
C ALA F 134 -22.33 46.14 -14.64
N ARG F 135 -22.98 46.47 -15.76
CA ARG F 135 -22.69 45.79 -17.03
C ARG F 135 -21.26 46.05 -17.48
N PHE F 136 -20.83 47.32 -17.48
CA PHE F 136 -19.49 47.65 -17.92
C PHE F 136 -18.44 47.63 -16.81
N ARG F 137 -18.85 47.44 -15.55
CA ARG F 137 -17.92 47.39 -14.42
C ARG F 137 -17.10 48.67 -14.31
N ILE F 138 -17.75 49.81 -14.48
CA ILE F 138 -17.15 51.12 -14.28
C ILE F 138 -17.91 51.84 -13.17
N SER F 139 -17.36 52.98 -12.74
CA SER F 139 -17.88 53.69 -11.59
C SER F 139 -18.56 55.01 -11.94
N GLY F 140 -18.17 55.67 -13.03
CA GLY F 140 -18.69 56.98 -13.33
C GLY F 140 -18.97 57.14 -14.82
N LEU F 141 -19.97 57.98 -15.10
CA LEU F 141 -20.45 58.21 -16.45
C LEU F 141 -20.56 59.72 -16.68
N PRO F 142 -20.02 60.23 -17.77
CA PRO F 142 -20.42 61.57 -18.21
C PRO F 142 -21.87 61.53 -18.67
N VAL F 143 -22.50 62.71 -18.65
CA VAL F 143 -23.90 62.83 -19.05
C VAL F 143 -23.97 63.84 -20.19
N VAL F 144 -24.78 63.51 -21.20
CA VAL F 144 -24.87 64.30 -22.42
C VAL F 144 -26.33 64.64 -22.70
N ASP F 145 -26.52 65.70 -23.48
CA ASP F 145 -27.83 66.09 -23.96
C ASP F 145 -28.10 65.48 -25.33
N ASP F 146 -29.33 65.68 -25.81
CA ASP F 146 -29.70 65.18 -27.13
C ASP F 146 -28.92 65.86 -28.24
N THR F 147 -28.35 67.04 -27.98
CA THR F 147 -27.40 67.63 -28.92
C THR F 147 -26.07 66.91 -28.89
N GLY F 148 -25.66 66.43 -27.72
CA GLY F 148 -24.38 65.77 -27.54
C GLY F 148 -23.39 66.53 -26.69
N GLU F 149 -23.75 67.72 -26.22
CA GLU F 149 -22.85 68.52 -25.41
C GLU F 149 -22.83 68.04 -23.97
N LEU F 150 -21.66 68.08 -23.35
CA LEU F 150 -21.50 67.53 -22.01
C LEU F 150 -22.19 68.45 -21.00
N VAL F 151 -22.98 67.87 -20.11
CA VAL F 151 -23.75 68.68 -19.17
C VAL F 151 -23.49 68.27 -17.72
N GLY F 152 -22.56 67.36 -17.50
CA GLY F 152 -22.22 66.96 -16.14
C GLY F 152 -21.66 65.55 -16.10
N ILE F 153 -21.51 65.06 -14.87
CA ILE F 153 -20.91 63.76 -14.60
C ILE F 153 -21.58 63.17 -13.36
N ILE F 154 -21.78 61.86 -13.38
CA ILE F 154 -22.34 61.14 -12.24
C ILE F 154 -21.40 59.98 -11.89
N THR F 155 -20.99 59.91 -10.63
CA THR F 155 -20.09 58.87 -10.15
C THR F 155 -20.74 58.11 -9.01
N ASN F 156 -20.02 57.11 -8.49
CA ASN F 156 -20.59 56.26 -7.46
C ASN F 156 -20.60 56.93 -6.10
N ARG F 157 -19.81 57.99 -5.90
CA ARG F 157 -19.93 58.77 -4.67
C ARG F 157 -21.22 59.57 -4.66
N ASP F 158 -21.69 60.01 -5.82
CA ASP F 158 -23.01 60.62 -5.92
C ASP F 158 -24.10 59.59 -5.66
N MET F 159 -23.99 58.42 -6.26
CA MET F 159 -25.03 57.41 -6.18
C MET F 159 -25.06 56.71 -4.83
N ARG F 160 -23.96 56.74 -4.08
CA ARG F 160 -23.93 56.10 -2.77
C ARG F 160 -24.70 56.91 -1.74
N PHE F 161 -24.72 58.23 -1.89
CA PHE F 161 -25.37 59.11 -0.92
C PHE F 161 -26.81 59.44 -1.28
N GLU F 162 -27.28 58.97 -2.43
CA GLU F 162 -28.68 59.12 -2.82
C GLU F 162 -29.39 57.81 -2.55
N VAL F 163 -30.47 57.86 -1.78
CA VAL F 163 -31.15 56.66 -1.34
C VAL F 163 -32.19 56.18 -2.36
N ASP F 164 -32.91 57.11 -2.99
CA ASP F 164 -33.99 56.74 -3.89
C ASP F 164 -33.41 56.26 -5.22
N GLN F 165 -33.61 54.98 -5.52
CA GLN F 165 -33.14 54.43 -6.79
C GLN F 165 -34.01 54.86 -7.96
N SER F 166 -35.10 55.59 -7.70
CA SER F 166 -36.00 56.10 -8.72
C SER F 166 -35.66 57.51 -9.19
N LYS F 167 -34.65 58.15 -8.60
CA LYS F 167 -34.36 59.53 -8.94
C LYS F 167 -33.70 59.61 -10.31
N PRO F 168 -34.00 60.67 -11.07
CA PRO F 168 -33.33 60.84 -12.36
C PRO F 168 -31.90 61.34 -12.21
N VAL F 169 -31.12 61.15 -13.28
CA VAL F 169 -29.71 61.51 -13.28
C VAL F 169 -29.53 63.02 -13.05
N SER F 170 -30.42 63.82 -13.64
CA SER F 170 -30.27 65.28 -13.57
C SER F 170 -30.30 65.79 -12.13
N GLU F 171 -31.01 65.09 -11.24
CA GLU F 171 -31.09 65.54 -9.85
C GLU F 171 -29.80 65.28 -9.07
N VAL F 172 -28.92 64.42 -9.58
CA VAL F 172 -27.78 63.95 -8.80
C VAL F 172 -26.46 64.31 -9.48
N MET F 173 -26.49 64.46 -10.80
CA MET F 173 -25.25 64.71 -11.54
C MET F 173 -24.61 66.02 -11.11
N THR F 174 -23.29 66.00 -10.95
CA THR F 174 -22.54 67.24 -10.80
C THR F 174 -22.68 68.03 -12.08
N LYS F 175 -23.49 69.08 -12.06
CA LYS F 175 -23.88 69.76 -13.29
C LYS F 175 -22.70 70.50 -13.91
N ALA F 176 -22.84 70.81 -15.20
CA ALA F 176 -21.83 71.56 -15.91
C ALA F 176 -21.79 73.00 -15.39
N PRO F 177 -20.66 73.69 -15.56
CA PRO F 177 -19.40 73.26 -16.21
C PRO F 177 -18.57 72.35 -15.33
N LEU F 178 -17.79 71.48 -15.94
CA LEU F 178 -16.97 70.50 -15.23
C LEU F 178 -15.49 70.85 -15.37
N ILE F 179 -14.69 70.30 -14.46
CA ILE F 179 -13.24 70.30 -14.64
C ILE F 179 -12.93 69.38 -15.82
N THR F 180 -12.57 69.95 -16.96
CA THR F 180 -12.38 69.20 -18.18
C THR F 180 -11.11 69.67 -18.88
N ALA F 181 -10.68 68.89 -19.87
CA ALA F 181 -9.55 69.24 -20.70
C ALA F 181 -9.92 69.05 -22.17
N LYS F 182 -9.23 69.78 -23.03
CA LYS F 182 -9.47 69.68 -24.47
C LYS F 182 -8.78 68.45 -25.04
N GLU F 183 -9.07 68.15 -26.30
CA GLU F 183 -8.33 67.12 -27.02
C GLU F 183 -6.87 67.52 -27.14
N GLY F 184 -6.01 66.50 -27.21
CA GLY F 184 -4.59 66.74 -27.27
C GLY F 184 -3.92 67.00 -25.94
N VAL F 185 -4.70 67.02 -24.84
CA VAL F 185 -4.13 67.25 -23.53
C VAL F 185 -3.09 66.18 -23.24
N SER F 186 -1.90 66.62 -22.82
CA SER F 186 -0.84 65.70 -22.50
C SER F 186 -1.21 64.85 -21.29
N ALA F 187 -0.49 63.75 -21.11
CA ALA F 187 -0.72 62.90 -19.95
C ALA F 187 -0.40 63.65 -18.65
N GLU F 188 0.69 64.40 -18.63
CA GLU F 188 1.07 65.14 -17.44
C GLU F 188 0.08 66.25 -17.12
N ALA F 189 -0.43 66.94 -18.15
CA ALA F 189 -1.44 67.96 -17.90
C ALA F 189 -2.71 67.36 -17.32
N ALA F 190 -3.16 66.23 -17.86
CA ALA F 190 -4.32 65.55 -17.31
C ALA F 190 -4.09 65.13 -15.86
N LEU F 191 -2.91 64.57 -15.58
CA LEU F 191 -2.60 64.14 -14.23
C LEU F 191 -2.57 65.34 -13.28
N GLY F 192 -2.02 66.45 -13.74
CA GLY F 192 -1.99 67.65 -12.90
C GLY F 192 -3.37 68.21 -12.61
N LEU F 193 -4.25 68.24 -13.62
CA LEU F 193 -5.61 68.71 -13.37
C LEU F 193 -6.32 67.80 -12.38
N LEU F 194 -6.20 66.47 -12.58
CA LEU F 194 -6.83 65.53 -11.68
C LEU F 194 -6.31 65.69 -10.25
N ARG F 195 -5.01 65.94 -10.10
CA ARG F 195 -4.43 66.13 -8.78
C ARG F 195 -4.93 67.42 -8.14
N ARG F 196 -4.89 68.51 -8.90
CA ARG F 196 -5.27 69.82 -8.36
C ARG F 196 -6.71 69.84 -7.89
N HIS F 197 -7.63 69.27 -8.68
CA HIS F 197 -9.05 69.41 -8.39
C HIS F 197 -9.61 68.24 -7.60
N LYS F 198 -8.76 67.28 -7.21
CA LYS F 198 -9.15 66.18 -6.32
C LYS F 198 -10.33 65.39 -6.88
N ILE F 199 -10.22 65.03 -8.16
CA ILE F 199 -11.23 64.22 -8.83
C ILE F 199 -10.53 63.06 -9.52
N GLU F 200 -11.28 61.97 -9.71
CA GLU F 200 -10.73 60.75 -10.32
C GLU F 200 -10.95 60.68 -11.82
N LYS F 201 -11.86 61.50 -12.37
CA LYS F 201 -12.20 61.45 -13.78
C LYS F 201 -11.95 62.82 -14.41
N LEU F 202 -11.67 62.82 -15.70
CA LEU F 202 -11.40 64.06 -16.43
C LEU F 202 -11.96 63.89 -17.84
N PRO F 203 -13.14 64.45 -18.10
CA PRO F 203 -13.70 64.38 -19.45
C PRO F 203 -12.85 65.13 -20.45
N ILE F 204 -12.88 64.67 -21.70
CA ILE F 204 -12.13 65.26 -22.80
C ILE F 204 -13.13 65.61 -23.88
N VAL F 205 -13.13 66.87 -24.32
CA VAL F 205 -14.11 67.38 -25.25
C VAL F 205 -13.40 67.89 -26.50
N ASP F 206 -14.15 67.95 -27.59
CA ASP F 206 -13.62 68.41 -28.87
C ASP F 206 -13.61 69.93 -28.89
N GLY F 207 -13.39 70.51 -30.07
CA GLY F 207 -13.40 71.95 -30.23
C GLY F 207 -14.77 72.58 -30.16
N HIS F 208 -15.83 71.77 -30.17
CA HIS F 208 -17.20 72.26 -30.08
C HIS F 208 -17.89 71.87 -28.78
N GLY F 209 -17.14 71.35 -27.81
CA GLY F 209 -17.72 70.98 -26.52
C GLY F 209 -18.39 69.64 -26.46
N LYS F 210 -18.23 68.80 -27.49
CA LYS F 210 -18.77 67.45 -27.48
C LYS F 210 -17.74 66.51 -26.88
N LEU F 211 -18.20 65.62 -26.00
CA LEU F 211 -17.31 64.67 -25.33
C LEU F 211 -16.66 63.72 -26.33
N THR F 212 -15.33 63.69 -26.33
CA THR F 212 -14.60 62.77 -27.20
C THR F 212 -13.62 61.88 -26.45
N GLY F 213 -13.58 61.94 -25.13
CA GLY F 213 -12.66 61.07 -24.40
C GLY F 213 -12.84 61.22 -22.91
N LEU F 214 -12.02 60.47 -22.17
CA LEU F 214 -12.08 60.48 -20.72
C LEU F 214 -10.78 59.91 -20.18
N ILE F 215 -10.09 60.68 -19.34
CA ILE F 215 -8.85 60.25 -18.71
C ILE F 215 -9.11 60.04 -17.23
N THR F 216 -8.73 58.86 -16.72
CA THR F 216 -8.94 58.52 -15.32
C THR F 216 -7.60 58.32 -14.62
N VAL F 217 -7.57 58.63 -13.33
CA VAL F 217 -6.35 58.48 -12.55
C VAL F 217 -6.05 57.00 -12.30
N LYS F 218 -7.09 56.15 -12.30
CA LYS F 218 -6.87 54.73 -12.10
C LYS F 218 -5.99 54.14 -13.18
N ASP F 219 -6.00 54.72 -14.39
CA ASP F 219 -5.09 54.24 -15.43
C ASP F 219 -3.65 54.49 -15.05
N PHE F 220 -3.34 55.70 -14.54
CA PHE F 220 -1.99 55.99 -14.08
C PHE F 220 -1.60 55.05 -12.94
N VAL F 221 -2.54 54.81 -12.01
CA VAL F 221 -2.27 53.92 -10.89
C VAL F 221 -1.98 52.50 -11.40
N LYS F 222 -2.73 52.03 -12.39
CA LYS F 222 -2.49 50.71 -12.96
C LYS F 222 -1.13 50.65 -13.65
N THR F 223 -0.77 51.71 -14.38
CA THR F 223 0.53 51.73 -15.06
C THR F 223 1.67 51.67 -14.05
N GLU F 224 1.54 52.38 -12.92
CA GLU F 224 2.54 52.30 -11.86
C GLU F 224 2.54 50.92 -11.21
N GLN F 225 1.36 50.33 -11.04
CA GLN F 225 1.21 49.07 -10.31
C GLN F 225 1.66 47.87 -11.13
N PHE F 226 1.57 47.95 -12.46
CA PHE F 226 1.93 46.85 -13.36
C PHE F 226 2.94 47.35 -14.39
N PRO F 227 4.18 47.57 -13.97
CA PRO F 227 5.18 48.13 -14.90
C PRO F 227 5.55 47.21 -16.06
N LEU F 228 5.26 45.91 -15.98
CA LEU F 228 5.65 44.97 -17.04
C LEU F 228 4.52 44.67 -18.01
N SER F 229 3.42 45.43 -17.97
CA SER F 229 2.24 45.08 -18.75
C SER F 229 2.54 45.04 -20.24
N THR F 230 1.90 44.08 -20.92
CA THR F 230 1.97 43.97 -22.37
C THR F 230 0.89 44.85 -22.97
N LYS F 231 1.30 45.91 -23.69
CA LYS F 231 0.37 46.92 -24.15
C LYS F 231 0.68 47.29 -25.59
N ASP F 232 -0.35 47.80 -26.28
CA ASP F 232 -0.16 48.32 -27.63
C ASP F 232 0.20 49.80 -27.57
N SER F 233 0.18 50.47 -28.72
CA SER F 233 0.59 51.87 -28.78
C SER F 233 -0.34 52.78 -27.99
N ASP F 234 -1.63 52.45 -27.93
CA ASP F 234 -2.59 53.25 -27.19
C ASP F 234 -2.63 52.91 -25.70
N GLY F 235 -1.78 52.00 -25.23
CA GLY F 235 -1.77 51.65 -23.83
C GLY F 235 -2.80 50.63 -23.42
N ARG F 236 -3.38 49.90 -24.35
CA ARG F 236 -4.34 48.85 -24.06
C ARG F 236 -3.64 47.49 -24.06
N LEU F 237 -4.08 46.60 -23.16
CA LEU F 237 -3.48 45.28 -23.06
C LEU F 237 -3.61 44.50 -24.37
N LEU F 238 -2.55 43.79 -24.73
CA LEU F 238 -2.60 42.87 -25.85
C LEU F 238 -3.31 41.59 -25.45
N VAL F 239 -3.95 40.95 -26.43
CA VAL F 239 -4.63 39.67 -26.22
C VAL F 239 -4.60 38.89 -27.53
N GLY F 240 -4.72 37.56 -27.40
CA GLY F 240 -4.79 36.69 -28.55
C GLY F 240 -6.00 35.79 -28.49
N ALA F 241 -6.38 35.26 -29.65
CA ALA F 241 -7.54 34.38 -29.75
C ALA F 241 -7.27 33.29 -30.78
N ALA F 242 -7.82 32.11 -30.51
CA ALA F 242 -7.64 30.93 -31.35
C ALA F 242 -8.79 30.78 -32.33
N VAL F 243 -8.46 30.29 -33.53
CA VAL F 243 -9.46 29.95 -34.55
C VAL F 243 -9.08 28.61 -35.17
N GLY F 244 -10.08 27.97 -35.77
CA GLY F 244 -9.89 26.72 -36.49
C GLY F 244 -9.70 26.93 -37.98
N VAL F 245 -10.18 25.97 -38.76
CA VAL F 245 -10.09 26.02 -40.22
C VAL F 245 -11.47 25.83 -40.82
N GLY F 246 -11.78 26.61 -41.85
CA GLY F 246 -13.04 26.54 -42.56
C GLY F 246 -13.72 27.89 -42.66
N ASP F 247 -14.94 27.87 -43.23
CA ASP F 247 -15.69 29.09 -43.43
C ASP F 247 -16.16 29.70 -42.11
N ASP F 248 -16.67 28.87 -41.20
CA ASP F 248 -17.05 29.39 -39.88
C ASP F 248 -15.83 29.97 -39.16
N ALA F 249 -14.67 29.36 -39.36
CA ALA F 249 -13.44 29.89 -38.79
C ALA F 249 -13.10 31.25 -39.39
N TRP F 250 -13.37 31.44 -40.69
CA TRP F 250 -13.13 32.74 -41.30
C TRP F 250 -14.05 33.80 -40.75
N THR F 251 -15.34 33.47 -40.57
CA THR F 251 -16.26 34.41 -39.95
C THR F 251 -15.81 34.77 -38.54
N ARG F 252 -15.41 33.76 -37.76
CA ARG F 252 -14.94 33.99 -36.40
C ARG F 252 -13.72 34.89 -36.38
N ALA F 253 -12.76 34.64 -37.28
CA ALA F 253 -11.54 35.43 -37.32
C ALA F 253 -11.84 36.88 -37.69
N MET F 254 -12.73 37.09 -38.67
CA MET F 254 -13.06 38.45 -39.06
C MET F 254 -13.74 39.20 -37.91
N THR F 255 -14.64 38.52 -37.19
CA THR F 255 -15.26 39.14 -36.02
C THR F 255 -14.21 39.49 -34.96
N LEU F 256 -13.28 38.57 -34.70
CA LEU F 256 -12.24 38.84 -33.69
C LEU F 256 -11.35 40.00 -34.11
N VAL F 257 -11.03 40.10 -35.39
CA VAL F 257 -10.23 41.23 -35.87
C VAL F 257 -11.00 42.54 -35.69
N ASP F 258 -12.31 42.53 -35.96
CA ASP F 258 -13.12 43.71 -35.71
C ASP F 258 -13.10 44.09 -34.23
N ALA F 259 -13.18 43.09 -33.34
CA ALA F 259 -13.16 43.35 -31.91
C ALA F 259 -11.83 43.90 -31.41
N GLY F 260 -10.78 43.85 -32.22
CA GLY F 260 -9.50 44.42 -31.85
C GLY F 260 -8.47 43.45 -31.32
N VAL F 261 -8.55 42.17 -31.68
CA VAL F 261 -7.56 41.19 -31.23
C VAL F 261 -6.21 41.51 -31.84
N ASP F 262 -5.14 41.18 -31.12
CA ASP F 262 -3.78 41.47 -31.55
C ASP F 262 -3.09 40.30 -32.22
N VAL F 263 -3.40 39.07 -31.81
CA VAL F 263 -2.78 37.87 -32.34
C VAL F 263 -3.87 36.85 -32.63
N LEU F 264 -3.84 36.27 -33.83
CA LEU F 264 -4.70 35.16 -34.18
C LEU F 264 -3.87 33.89 -34.24
N ILE F 265 -4.32 32.86 -33.54
CA ILE F 265 -3.66 31.56 -33.53
C ILE F 265 -4.54 30.57 -34.28
N VAL F 266 -4.09 30.11 -35.44
CA VAL F 266 -4.75 29.03 -36.14
C VAL F 266 -4.44 27.74 -35.38
N ASP F 267 -5.43 27.19 -34.70
CA ASP F 267 -5.23 26.28 -33.57
C ASP F 267 -5.72 24.88 -33.95
N THR F 268 -4.79 24.00 -34.31
CA THR F 268 -5.12 22.65 -34.74
C THR F 268 -4.13 21.67 -34.13
N ALA F 269 -4.54 20.40 -34.10
CA ALA F 269 -3.66 19.33 -33.61
C ALA F 269 -2.53 19.02 -34.59
N HIS F 270 -2.79 19.17 -35.89
CA HIS F 270 -1.84 18.75 -36.92
C HIS F 270 -1.86 19.80 -38.02
N ALA F 271 -0.90 20.73 -37.99
CA ALA F 271 -0.85 21.84 -38.93
C ALA F 271 -0.17 21.50 -40.25
N HIS F 272 0.50 20.35 -40.36
CA HIS F 272 1.11 19.93 -41.62
C HIS F 272 0.02 19.40 -42.55
N ASN F 273 -0.80 20.35 -43.03
CA ASN F 273 -2.03 20.05 -43.72
C ASN F 273 -2.36 21.22 -44.63
N ARG F 274 -2.82 20.92 -45.84
CA ARG F 274 -2.97 21.97 -46.86
C ARG F 274 -3.98 23.01 -46.43
N GLY F 275 -5.08 22.58 -45.80
CA GLY F 275 -6.10 23.53 -45.38
C GLY F 275 -5.60 24.52 -44.35
N VAL F 276 -4.83 24.04 -43.37
CA VAL F 276 -4.28 24.93 -42.35
C VAL F 276 -3.34 25.96 -42.98
N LEU F 277 -2.48 25.51 -43.89
CA LEU F 277 -1.55 26.43 -44.54
C LEU F 277 -2.29 27.45 -45.39
N ASP F 278 -3.34 27.03 -46.08
CA ASP F 278 -4.14 27.96 -46.87
C ASP F 278 -4.85 28.97 -45.97
N MET F 279 -5.35 28.52 -44.82
CA MET F 279 -5.95 29.44 -43.86
C MET F 279 -4.94 30.48 -43.39
N VAL F 280 -3.73 30.03 -43.07
CA VAL F 280 -2.68 30.95 -42.61
C VAL F 280 -2.38 31.98 -43.70
N SER F 281 -2.25 31.53 -44.95
CA SER F 281 -1.98 32.46 -46.04
C SER F 281 -3.12 33.44 -46.26
N ARG F 282 -4.36 32.95 -46.22
CA ARG F 282 -5.52 33.82 -46.39
C ARG F 282 -5.56 34.89 -45.31
N LEU F 283 -5.40 34.50 -44.05
CA LEU F 283 -5.42 35.48 -42.96
C LEU F 283 -4.28 36.47 -43.09
N LYS F 284 -3.08 35.99 -43.43
CA LYS F 284 -1.94 36.88 -43.57
C LYS F 284 -2.16 37.90 -44.68
N GLN F 285 -2.82 37.49 -45.77
CA GLN F 285 -3.09 38.45 -46.84
C GLN F 285 -4.20 39.42 -46.45
N ALA F 286 -5.22 38.95 -45.73
CA ALA F 286 -6.37 39.80 -45.41
C ALA F 286 -6.05 40.81 -44.32
N VAL F 287 -5.54 40.34 -43.18
CA VAL F 287 -5.38 41.18 -41.99
C VAL F 287 -3.94 41.21 -41.50
N GLY F 288 -2.99 40.80 -42.35
CA GLY F 288 -1.60 40.71 -41.92
C GLY F 288 -0.99 42.04 -41.52
N GLU F 289 -1.42 43.13 -42.15
CA GLU F 289 -0.86 44.44 -41.81
C GLU F 289 -1.27 44.89 -40.41
N ARG F 290 -2.36 44.36 -39.87
CA ARG F 290 -2.88 44.75 -38.57
C ARG F 290 -2.61 43.72 -37.49
N VAL F 291 -2.75 42.44 -37.80
CA VAL F 291 -2.76 41.36 -36.80
C VAL F 291 -1.64 40.38 -37.13
N ASP F 292 -0.99 39.86 -36.10
CA ASP F 292 -0.05 38.76 -36.26
C ASP F 292 -0.83 37.44 -36.37
N VAL F 293 -0.28 36.52 -37.15
CA VAL F 293 -0.88 35.22 -37.40
C VAL F 293 0.10 34.14 -36.97
N VAL F 294 -0.38 33.20 -36.16
CA VAL F 294 0.43 32.12 -35.59
C VAL F 294 -0.14 30.80 -36.10
N GLY F 295 0.74 29.92 -36.58
CA GLY F 295 0.34 28.64 -37.12
C GLY F 295 0.42 27.51 -36.10
N GLY F 296 -0.46 26.55 -36.27
CA GLY F 296 -0.70 25.50 -35.29
C GLY F 296 0.44 24.56 -35.00
N ASN F 297 0.14 23.42 -34.40
CA ASN F 297 1.17 22.61 -33.74
C ASN F 297 1.86 21.71 -34.73
N VAL F 298 3.18 21.82 -34.80
CA VAL F 298 4.03 21.00 -35.65
C VAL F 298 5.04 20.29 -34.76
N ALA F 299 5.68 19.27 -35.32
CA ALA F 299 6.70 18.53 -34.58
C ALA F 299 7.92 18.16 -35.40
N THR F 300 7.99 18.55 -36.67
CA THR F 300 9.12 18.23 -37.53
C THR F 300 9.63 19.48 -38.21
N ARG F 301 10.84 19.37 -38.78
CA ARG F 301 11.44 20.49 -39.50
C ARG F 301 10.63 20.84 -40.74
N ALA F 302 10.14 19.84 -41.47
CA ALA F 302 9.43 20.08 -42.72
C ALA F 302 8.11 20.83 -42.47
N ALA F 303 7.38 20.46 -41.42
CA ALA F 303 6.11 21.14 -41.12
C ALA F 303 6.35 22.58 -40.71
N ALA F 304 7.39 22.84 -39.92
CA ALA F 304 7.73 24.20 -39.55
C ALA F 304 8.13 25.01 -40.77
N ALA F 305 8.88 24.40 -41.68
CA ALA F 305 9.26 25.08 -42.92
C ALA F 305 8.03 25.42 -43.75
N ALA F 306 7.07 24.50 -43.82
CA ALA F 306 5.83 24.79 -44.55
C ALA F 306 5.06 25.95 -43.91
N LEU F 307 4.98 25.96 -42.58
CA LEU F 307 4.31 27.06 -41.90
C LEU F 307 5.01 28.39 -42.16
N VAL F 308 6.34 28.39 -42.16
CA VAL F 308 7.09 29.60 -42.47
C VAL F 308 6.81 30.05 -43.90
N GLU F 309 6.78 29.11 -44.84
CA GLU F 309 6.50 29.43 -46.24
C GLU F 309 5.11 30.03 -46.40
N ALA F 310 4.12 29.50 -45.67
CA ALA F 310 2.77 30.04 -45.73
C ALA F 310 2.66 31.46 -45.19
N GLY F 311 3.66 31.94 -44.48
CA GLY F 311 3.66 33.30 -43.97
C GLY F 311 3.39 33.45 -42.48
N ALA F 312 3.67 32.44 -41.68
CA ALA F 312 3.37 32.51 -40.26
C ALA F 312 4.33 33.45 -39.53
N ASP F 313 3.78 34.23 -38.61
CA ASP F 313 4.61 35.10 -37.77
C ASP F 313 5.27 34.32 -36.63
N ALA F 314 4.68 33.22 -36.20
CA ALA F 314 5.28 32.33 -35.21
C ALA F 314 4.78 30.92 -35.47
N VAL F 315 5.51 29.95 -34.93
CA VAL F 315 5.23 28.53 -35.13
C VAL F 315 5.13 27.87 -33.76
N LYS F 316 3.99 27.26 -33.48
CA LYS F 316 3.77 26.57 -32.21
C LYS F 316 4.12 25.09 -32.37
N VAL F 317 4.82 24.54 -31.39
CA VAL F 317 5.46 23.24 -31.50
C VAL F 317 4.90 22.29 -30.45
N GLY F 318 4.50 21.11 -30.88
CA GLY F 318 4.16 20.02 -29.98
C GLY F 318 2.98 19.18 -30.40
N VAL F 319 3.24 17.88 -30.57
CA VAL F 319 2.27 16.90 -31.05
C VAL F 319 2.49 15.65 -30.22
N GLY F 320 1.58 15.35 -29.30
CA GLY F 320 1.77 14.28 -28.36
C GLY F 320 3.06 14.39 -27.56
N PRO F 321 3.30 15.54 -26.91
CA PRO F 321 4.55 15.69 -26.15
C PRO F 321 4.56 14.98 -24.81
N GLY F 322 3.40 14.67 -24.24
CA GLY F 322 3.35 14.00 -22.95
C GLY F 322 3.62 12.50 -23.08
N SER F 323 4.13 11.93 -21.99
CA SER F 323 4.68 10.58 -22.05
C SER F 323 3.59 9.53 -22.32
N ILE F 324 2.51 9.54 -21.55
CA ILE F 324 1.45 8.56 -21.74
C ILE F 324 0.18 9.22 -22.24
N CYS F 325 0.33 10.29 -23.02
CA CYS F 325 -0.82 11.06 -23.46
C CYS F 325 -1.73 10.22 -24.36
N THR F 326 -2.97 10.69 -24.51
CA THR F 326 -3.97 9.94 -25.26
C THR F 326 -3.56 9.76 -26.71
N THR F 327 -2.93 10.77 -27.31
CA THR F 327 -2.51 10.64 -28.70
C THR F 327 -1.51 9.49 -28.88
N ARG F 328 -0.55 9.35 -27.97
CA ARG F 328 0.42 8.27 -28.06
C ARG F 328 -0.21 6.91 -27.84
N VAL F 329 -1.12 6.79 -26.88
CA VAL F 329 -1.69 5.49 -26.54
C VAL F 329 -2.69 5.05 -27.61
N VAL F 330 -3.50 5.97 -28.11
CA VAL F 330 -4.61 5.62 -29.00
C VAL F 330 -4.18 5.62 -30.46
N ALA F 331 -3.40 6.61 -30.89
CA ALA F 331 -2.98 6.68 -32.28
C ALA F 331 -1.56 6.17 -32.50
N GLY F 332 -0.76 6.03 -31.44
CA GLY F 332 0.63 5.68 -31.60
C GLY F 332 1.50 6.79 -32.16
N VAL F 333 1.05 8.03 -32.05
CA VAL F 333 1.70 9.18 -32.69
C VAL F 333 2.28 10.06 -31.59
N GLY F 334 3.46 10.60 -31.83
CA GLY F 334 4.03 11.56 -30.91
C GLY F 334 5.40 12.03 -31.37
N ALA F 335 5.93 12.98 -30.62
CA ALA F 335 7.29 13.47 -30.82
C ALA F 335 7.84 14.01 -29.51
N PRO F 336 8.96 13.49 -29.01
CA PRO F 336 9.59 14.08 -27.82
C PRO F 336 9.93 15.55 -28.06
N GLN F 337 9.71 16.36 -27.02
CA GLN F 337 9.58 17.81 -27.22
C GLN F 337 10.91 18.51 -27.45
N ILE F 338 11.99 18.07 -26.81
CA ILE F 338 13.28 18.74 -27.01
C ILE F 338 13.75 18.58 -28.46
N THR F 339 13.69 17.36 -28.99
CA THR F 339 14.07 17.13 -30.38
C THR F 339 13.16 17.88 -31.33
N ALA F 340 11.86 17.90 -31.06
CA ALA F 340 10.92 18.63 -31.91
C ALA F 340 11.24 20.12 -31.93
N ILE F 341 11.55 20.70 -30.77
CA ILE F 341 11.92 22.11 -30.72
C ILE F 341 13.20 22.36 -31.51
N LEU F 342 14.18 21.47 -31.37
CA LEU F 342 15.44 21.67 -32.09
C LEU F 342 15.21 21.65 -33.60
N GLU F 343 14.41 20.71 -34.09
CA GLU F 343 14.11 20.65 -35.53
C GLU F 343 13.35 21.89 -35.99
N ALA F 344 12.32 22.28 -35.24
CA ALA F 344 11.51 23.44 -35.63
C ALA F 344 12.35 24.70 -35.64
N VAL F 345 13.25 24.86 -34.67
CA VAL F 345 14.14 26.02 -34.66
C VAL F 345 15.07 25.97 -35.86
N ALA F 346 15.59 24.79 -36.20
CA ALA F 346 16.40 24.67 -37.40
C ALA F 346 15.65 25.17 -38.63
N ALA F 347 14.34 24.94 -38.68
CA ALA F 347 13.56 25.45 -39.82
C ALA F 347 13.27 26.95 -39.70
N CYS F 348 13.04 27.46 -38.50
CA CYS F 348 12.47 28.80 -38.33
C CYS F 348 13.51 29.90 -38.14
N LYS F 349 14.62 29.60 -37.46
CA LYS F 349 15.59 30.63 -37.10
C LYS F 349 16.19 31.37 -38.29
N PRO F 350 16.52 30.74 -39.42
CA PRO F 350 17.07 31.51 -40.55
C PRO F 350 16.13 32.58 -41.07
N TYR F 351 14.82 32.47 -40.84
CA TYR F 351 13.85 33.45 -41.31
C TYR F 351 13.38 34.39 -40.21
N GLY F 352 13.93 34.29 -39.00
CA GLY F 352 13.54 35.18 -37.94
C GLY F 352 12.16 34.95 -37.36
N VAL F 353 11.63 33.74 -37.47
CA VAL F 353 10.28 33.42 -36.99
C VAL F 353 10.40 32.73 -35.63
N PRO F 354 9.84 33.31 -34.56
CA PRO F 354 9.98 32.71 -33.23
C PRO F 354 9.19 31.40 -33.10
N VAL F 355 9.67 30.54 -32.20
CA VAL F 355 9.06 29.25 -31.92
C VAL F 355 8.43 29.28 -30.54
N ILE F 356 7.18 28.84 -30.45
CA ILE F 356 6.46 28.72 -29.18
C ILE F 356 6.40 27.24 -28.81
N ALA F 357 6.92 26.90 -27.64
CA ALA F 357 6.91 25.52 -27.16
C ALA F 357 5.64 25.26 -26.37
N ASP F 358 4.85 24.28 -26.80
CA ASP F 358 3.51 24.06 -26.26
C ASP F 358 3.36 22.61 -25.80
N GLY F 359 3.35 22.40 -24.49
CA GLY F 359 3.04 21.09 -23.96
C GLY F 359 4.24 20.41 -23.32
N GLY F 360 3.94 19.50 -22.39
CA GLY F 360 4.95 18.71 -21.73
C GLY F 360 5.65 19.38 -20.56
N LEU F 361 5.28 20.60 -20.20
CA LEU F 361 5.96 21.35 -19.15
C LEU F 361 5.36 21.01 -17.80
N GLN F 362 6.22 20.66 -16.84
CA GLN F 362 5.78 20.38 -15.48
C GLN F 362 6.48 21.23 -14.42
N TYR F 363 7.67 21.77 -14.70
CA TYR F 363 8.41 22.58 -13.76
C TYR F 363 9.05 23.75 -14.50
N SER F 364 9.56 24.72 -13.73
CA SER F 364 10.20 25.87 -14.34
C SER F 364 11.52 25.49 -15.01
N GLY F 365 12.19 24.45 -14.51
CA GLY F 365 13.36 23.94 -15.19
C GLY F 365 13.06 23.51 -16.61
N ASP F 366 11.86 22.96 -16.83
CA ASP F 366 11.47 22.57 -18.18
C ASP F 366 11.30 23.80 -19.08
N ILE F 367 10.81 24.91 -18.53
CA ILE F 367 10.73 26.15 -19.29
C ILE F 367 12.12 26.61 -19.69
N ALA F 368 13.06 26.58 -18.74
CA ALA F 368 14.45 26.93 -19.06
C ALA F 368 15.02 26.02 -20.15
N LYS F 369 14.76 24.72 -20.05
CA LYS F 369 15.25 23.78 -21.06
C LYS F 369 14.65 24.07 -22.43
N ALA F 370 13.35 24.35 -22.48
CA ALA F 370 12.68 24.60 -23.75
C ALA F 370 13.22 25.86 -24.40
N LEU F 371 13.46 26.91 -23.61
CA LEU F 371 14.02 28.12 -24.18
C LEU F 371 15.45 27.91 -24.65
N ALA F 372 16.24 27.14 -23.90
CA ALA F 372 17.62 26.88 -24.29
C ALA F 372 17.69 26.05 -25.57
N ALA F 373 16.68 25.21 -25.82
CA ALA F 373 16.64 24.44 -27.06
C ALA F 373 16.32 25.30 -28.27
N GLY F 374 15.95 26.56 -28.07
CA GLY F 374 15.75 27.50 -29.16
C GLY F 374 14.38 28.13 -29.22
N ALA F 375 13.42 27.71 -28.40
CA ALA F 375 12.13 28.35 -28.38
C ALA F 375 12.26 29.77 -27.82
N SER F 376 11.31 30.63 -28.20
CA SER F 376 11.29 32.00 -27.68
C SER F 376 10.28 32.21 -26.57
N THR F 377 9.19 31.45 -26.57
CA THR F 377 8.19 31.50 -25.51
C THR F 377 7.70 30.09 -25.22
N ALA F 378 6.99 29.96 -24.09
CA ALA F 378 6.37 28.70 -23.71
C ALA F 378 4.90 28.92 -23.43
N MET F 379 4.07 27.98 -23.87
CA MET F 379 2.65 27.97 -23.55
C MET F 379 2.44 27.03 -22.38
N LEU F 380 1.66 27.49 -21.39
CA LEU F 380 1.68 26.83 -20.07
C LEU F 380 0.58 25.77 -19.90
N GLY F 381 -0.68 26.16 -19.96
CA GLY F 381 -1.73 25.16 -19.85
C GLY F 381 -2.04 24.74 -18.42
N SER F 382 -1.79 23.47 -18.10
CA SER F 382 -2.28 22.89 -16.86
C SER F 382 -1.61 23.49 -15.63
N LEU F 383 -0.45 24.13 -15.79
CA LEU F 383 0.16 24.81 -14.65
C LEU F 383 -0.72 25.96 -14.14
N LEU F 384 -1.67 26.43 -14.95
CA LEU F 384 -2.49 27.58 -14.60
C LEU F 384 -3.96 27.24 -14.41
N ALA F 385 -4.34 25.96 -14.50
CA ALA F 385 -5.75 25.60 -14.58
C ALA F 385 -6.49 25.88 -13.28
N GLY F 386 -5.84 25.69 -12.14
CA GLY F 386 -6.50 25.87 -10.87
C GLY F 386 -6.39 27.24 -10.23
N THR F 387 -5.81 28.22 -10.93
CA THR F 387 -5.58 29.53 -10.33
C THR F 387 -6.88 30.31 -10.19
N ALA F 388 -6.83 31.37 -9.39
CA ALA F 388 -8.02 32.18 -9.13
C ALA F 388 -8.57 32.84 -10.39
N GLU F 389 -7.69 33.18 -11.33
CA GLU F 389 -8.09 33.88 -12.54
C GLU F 389 -8.63 32.95 -13.62
N SER F 390 -8.37 31.65 -13.52
CA SER F 390 -8.84 30.71 -14.52
C SER F 390 -10.34 30.45 -14.36
N PRO F 391 -11.01 30.03 -15.42
CA PRO F 391 -12.46 29.81 -15.34
C PRO F 391 -12.81 28.70 -14.37
N GLY F 392 -14.04 28.78 -13.85
CA GLY F 392 -14.49 27.90 -12.81
C GLY F 392 -14.91 28.67 -11.57
N GLU F 393 -15.47 27.92 -10.62
CA GLU F 393 -16.00 28.50 -9.40
C GLU F 393 -15.32 27.87 -8.19
N LEU F 394 -14.97 28.69 -7.22
CA LEU F 394 -14.25 28.25 -6.04
C LEU F 394 -15.23 27.68 -5.02
N ILE F 395 -14.97 26.44 -4.58
CA ILE F 395 -15.82 25.75 -3.61
C ILE F 395 -14.96 25.27 -2.45
N PHE F 396 -15.59 25.12 -1.30
CA PHE F 396 -14.92 24.69 -0.08
C PHE F 396 -15.44 23.31 0.31
N VAL F 397 -14.58 22.30 0.18
CA VAL F 397 -14.92 20.91 0.44
C VAL F 397 -13.88 20.31 1.37
N ASN F 398 -14.33 19.65 2.44
CA ASN F 398 -13.49 18.84 3.31
C ASN F 398 -12.28 19.63 3.83
N GLY F 399 -12.55 20.84 4.30
CA GLY F 399 -11.49 21.66 4.85
C GLY F 399 -10.52 22.24 3.84
N LYS F 400 -10.87 22.24 2.56
CA LYS F 400 -9.93 22.65 1.51
C LYS F 400 -10.67 23.42 0.44
N GLN F 401 -9.91 24.17 -0.35
CA GLN F 401 -10.45 24.91 -1.49
C GLN F 401 -10.21 24.12 -2.77
N PHE F 402 -11.25 24.01 -3.59
CA PHE F 402 -11.17 23.37 -4.90
C PHE F 402 -11.84 24.27 -5.94
N LYS F 403 -11.58 23.95 -7.20
CA LYS F 403 -12.17 24.67 -8.32
C LYS F 403 -13.07 23.72 -9.09
N SER F 404 -14.29 24.15 -9.40
CA SER F 404 -15.28 23.30 -10.01
C SER F 404 -15.84 23.96 -11.26
N TYR F 405 -16.06 23.16 -12.29
CA TYR F 405 -16.54 23.65 -13.58
C TYR F 405 -18.04 23.42 -13.73
N ARG F 406 -18.78 23.53 -12.63
CA ARG F 406 -20.23 23.43 -12.61
C ARG F 406 -20.88 24.54 -13.42
N ARG F 427 -31.37 22.88 -7.02
CA ARG F 427 -31.77 23.01 -8.40
C ARG F 427 -33.22 23.45 -8.51
N TYR F 428 -33.72 23.51 -9.76
CA TYR F 428 -35.10 23.93 -9.98
C TYR F 428 -36.08 22.96 -9.35
N PHE F 429 -35.90 21.65 -9.58
CA PHE F 429 -36.88 20.67 -9.17
C PHE F 429 -36.58 20.03 -7.82
N GLN F 430 -35.47 20.39 -7.18
CA GLN F 430 -35.08 19.82 -5.89
C GLN F 430 -35.46 20.82 -4.80
N ASP F 431 -36.71 20.77 -4.36
CA ASP F 431 -37.26 21.71 -3.40
C ASP F 431 -37.20 21.21 -1.95
N ASP F 432 -36.63 20.03 -1.71
CA ASP F 432 -36.57 19.46 -0.37
C ASP F 432 -35.49 20.18 0.44
N VAL F 433 -35.89 20.87 1.50
CA VAL F 433 -34.96 21.70 2.26
C VAL F 433 -34.02 20.87 3.13
N LEU F 434 -34.38 19.64 3.48
CA LEU F 434 -33.52 18.79 4.28
C LEU F 434 -32.81 17.72 3.45
N SER F 435 -32.91 17.80 2.13
CA SER F 435 -32.29 16.81 1.26
C SER F 435 -30.76 16.93 1.30
N GLU F 436 -30.08 15.80 1.14
CA GLU F 436 -28.63 15.77 1.28
C GLU F 436 -27.94 16.66 0.26
N ASP F 437 -28.54 16.86 -0.91
CA ASP F 437 -27.95 17.74 -1.91
C ASP F 437 -27.79 19.17 -1.38
N LYS F 438 -28.59 19.56 -0.39
CA LYS F 438 -28.43 20.86 0.25
C LYS F 438 -27.29 20.89 1.25
N LEU F 439 -26.79 19.73 1.68
CA LEU F 439 -25.77 19.66 2.71
C LEU F 439 -24.35 19.56 2.17
N VAL F 440 -24.19 19.50 0.85
CA VAL F 440 -22.86 19.44 0.24
C VAL F 440 -22.79 20.44 -0.90
N PRO F 441 -21.62 21.03 -1.16
CA PRO F 441 -21.51 22.00 -2.24
C PRO F 441 -21.80 21.38 -3.60
N GLU F 442 -22.41 22.18 -4.47
CA GLU F 442 -22.62 21.76 -5.86
C GLU F 442 -21.31 21.85 -6.62
N GLY F 443 -21.09 20.91 -7.53
CA GLY F 443 -19.85 20.84 -8.26
C GLY F 443 -18.75 20.08 -7.56
N ILE F 444 -19.09 19.24 -6.57
CA ILE F 444 -18.09 18.53 -5.80
C ILE F 444 -17.36 17.47 -6.60
N GLU F 445 -17.88 17.11 -7.78
CA GLU F 445 -17.34 16.01 -8.56
C GLU F 445 -16.57 16.56 -9.76
N GLY F 446 -15.36 16.05 -9.97
CA GLY F 446 -14.48 16.61 -10.98
C GLY F 446 -13.82 17.91 -10.59
N ARG F 447 -13.71 18.18 -9.29
CA ARG F 447 -13.14 19.44 -8.85
C ARG F 447 -11.63 19.46 -9.02
N VAL F 448 -11.11 20.65 -9.33
CA VAL F 448 -9.68 20.88 -9.52
C VAL F 448 -9.14 21.54 -8.25
N PRO F 449 -7.96 21.16 -7.77
CA PRO F 449 -7.39 21.87 -6.61
C PRO F 449 -7.15 23.34 -6.92
N PHE F 450 -7.36 24.17 -5.90
CA PHE F 450 -7.20 25.61 -6.05
C PHE F 450 -5.74 25.99 -5.84
N ARG F 451 -5.21 26.83 -6.75
CA ARG F 451 -3.80 27.14 -6.77
C ARG F 451 -3.46 28.52 -6.21
N GLY F 452 -4.45 29.40 -6.05
CA GLY F 452 -4.19 30.74 -5.59
C GLY F 452 -4.07 31.73 -6.73
N PRO F 453 -3.55 32.93 -6.44
CA PRO F 453 -3.40 33.94 -7.49
C PRO F 453 -2.35 33.56 -8.52
N LEU F 454 -2.58 34.02 -9.76
CA LEU F 454 -1.71 33.69 -10.89
C LEU F 454 -0.32 34.29 -10.73
N GLY F 455 -0.25 35.53 -10.23
CA GLY F 455 1.03 36.22 -10.14
C GLY F 455 2.07 35.48 -9.32
N THR F 456 1.62 34.76 -8.29
CA THR F 456 2.56 33.95 -7.51
C THR F 456 3.16 32.82 -8.34
N VAL F 457 2.32 32.14 -9.14
CA VAL F 457 2.82 31.08 -10.01
C VAL F 457 3.80 31.64 -11.03
N ILE F 458 3.45 32.78 -11.63
CA ILE F 458 4.34 33.41 -12.62
C ILE F 458 5.66 33.79 -11.96
N HIS F 459 5.60 34.30 -10.73
CA HIS F 459 6.82 34.71 -10.03
C HIS F 459 7.72 33.51 -9.76
N GLN F 460 7.13 32.39 -9.34
CA GLN F 460 7.94 31.19 -9.12
C GLN F 460 8.60 30.72 -10.42
N LEU F 461 7.83 30.64 -11.51
CA LEU F 461 8.39 30.19 -12.77
C LEU F 461 9.50 31.12 -13.26
N THR F 462 9.30 32.43 -13.14
CA THR F 462 10.31 33.38 -13.57
C THR F 462 11.55 33.33 -12.70
N GLY F 463 11.39 33.08 -11.39
CA GLY F 463 12.55 32.90 -10.55
C GLY F 463 13.38 31.70 -10.96
N GLY F 464 12.72 30.60 -11.31
CA GLY F 464 13.46 29.45 -11.83
C GLY F 464 14.20 29.77 -13.12
N LEU F 465 13.52 30.47 -14.05
CA LEU F 465 14.17 30.85 -15.30
C LEU F 465 15.38 31.75 -15.06
N ARG F 466 15.26 32.71 -14.14
CA ARG F 466 16.37 33.60 -13.83
C ARG F 466 17.53 32.83 -13.20
N ALA F 467 17.25 31.84 -12.35
CA ALA F 467 18.32 31.02 -11.80
C ALA F 467 19.04 30.26 -12.89
N ALA F 468 18.31 29.71 -13.86
CA ALA F 468 18.96 29.04 -14.99
C ALA F 468 19.81 30.00 -15.79
N MET F 469 19.31 31.22 -16.03
CA MET F 469 20.09 32.22 -16.74
C MET F 469 21.36 32.59 -15.98
N GLY F 470 21.28 32.63 -14.65
CA GLY F 470 22.48 32.84 -13.85
C GLY F 470 23.48 31.72 -13.99
N TYR F 471 23.01 30.48 -13.97
CA TYR F 471 23.92 29.34 -14.08
C TYR F 471 24.57 29.26 -15.46
N THR F 472 23.86 29.65 -16.51
CA THR F 472 24.39 29.51 -17.87
C THR F 472 25.11 30.77 -18.36
N GLY F 473 25.14 31.83 -17.58
CA GLY F 473 25.74 33.08 -18.04
C GLY F 473 24.98 33.77 -19.16
N SER F 474 23.65 33.72 -19.12
CA SER F 474 22.81 34.28 -20.17
C SER F 474 22.21 35.59 -19.66
N ALA F 475 22.67 36.71 -20.21
CA ALA F 475 22.09 38.00 -19.88
C ALA F 475 20.71 38.18 -20.51
N THR F 476 20.49 37.60 -21.68
CA THR F 476 19.22 37.71 -22.39
C THR F 476 18.74 36.32 -22.77
N ILE F 477 17.49 36.25 -23.22
CA ILE F 477 16.94 34.98 -23.71
C ILE F 477 17.65 34.56 -24.99
N GLU F 478 18.07 35.51 -25.82
CA GLU F 478 18.84 35.18 -27.02
C GLU F 478 20.15 34.50 -26.66
N GLN F 479 20.78 34.89 -25.55
CA GLN F 479 21.99 34.21 -25.10
C GLN F 479 21.68 32.86 -24.49
N LEU F 480 20.52 32.72 -23.83
CA LEU F 480 20.12 31.43 -23.28
C LEU F 480 19.82 30.42 -24.37
N GLN F 481 19.36 30.89 -25.53
CA GLN F 481 19.12 30.00 -26.65
C GLN F 481 20.40 29.41 -27.24
N GLN F 482 21.57 29.91 -26.83
CA GLN F 482 22.85 29.37 -27.26
C GLN F 482 23.48 28.40 -26.26
N ALA F 483 22.79 28.06 -25.18
CA ALA F 483 23.37 27.21 -24.14
C ALA F 483 23.42 25.75 -24.56
N GLN F 484 24.27 24.99 -23.88
CA GLN F 484 24.51 23.59 -24.19
C GLN F 484 23.84 22.67 -23.18
N PHE F 485 23.47 21.47 -23.63
CA PHE F 485 22.88 20.44 -22.81
C PHE F 485 23.88 19.33 -22.50
N VAL F 486 23.61 18.61 -21.43
CA VAL F 486 24.24 17.32 -21.14
C VAL F 486 23.14 16.27 -21.09
N GLN F 487 23.33 15.18 -21.82
CA GLN F 487 22.38 14.08 -21.79
C GLN F 487 22.69 13.17 -20.59
N ILE F 488 21.64 12.67 -19.95
CA ILE F 488 21.77 11.85 -18.76
C ILE F 488 21.13 10.49 -19.02
N THR F 489 21.53 9.50 -18.22
CA THR F 489 21.05 8.15 -18.37
C THR F 489 19.85 7.90 -17.45
N ALA F 490 19.28 6.70 -17.55
CA ALA F 490 18.11 6.36 -16.75
C ALA F 490 18.46 6.33 -15.26
N ALA F 491 19.66 5.89 -14.91
CA ALA F 491 20.13 5.96 -13.53
C ALA F 491 20.06 7.38 -13.00
N GLY F 492 20.24 8.37 -13.87
CA GLY F 492 20.15 9.76 -13.46
C GLY F 492 18.77 10.22 -13.06
N LEU F 493 17.74 9.43 -13.34
CA LEU F 493 16.37 9.80 -13.02
C LEU F 493 15.81 9.09 -11.79
N LYS F 494 16.60 8.22 -11.15
CA LYS F 494 16.08 7.37 -10.08
C LYS F 494 16.28 8.04 -8.72
N GLU F 495 15.21 8.09 -7.94
CA GLU F 495 15.25 8.71 -6.62
C GLU F 495 15.92 7.79 -5.61
N VAL G 12 23.89 15.01 -42.20
CA VAL G 12 24.09 16.34 -41.62
C VAL G 12 23.32 16.52 -40.30
N PRO G 13 22.02 16.18 -40.25
CA PRO G 13 21.29 16.33 -38.99
C PRO G 13 21.87 15.46 -37.89
N VAL G 14 21.89 16.01 -36.68
CA VAL G 14 22.24 15.24 -35.49
C VAL G 14 21.15 14.21 -35.22
N PRO G 15 21.49 12.99 -34.78
CA PRO G 15 20.43 12.00 -34.51
C PRO G 15 19.42 12.46 -33.47
N THR G 16 19.79 13.34 -32.54
CA THR G 16 18.87 13.83 -31.53
C THR G 16 18.25 15.19 -31.87
N GLY G 17 18.50 15.70 -33.08
CA GLY G 17 17.81 16.90 -33.52
C GLY G 17 18.72 18.08 -33.81
N GLY G 18 18.34 18.89 -34.79
CA GLY G 18 19.10 20.07 -35.13
C GLY G 18 20.29 19.79 -36.01
N ASP G 19 21.07 20.85 -36.25
CA ASP G 19 22.26 20.78 -37.07
C ASP G 19 23.55 21.04 -36.33
N ASP G 20 23.50 21.23 -35.01
CA ASP G 20 24.67 21.55 -34.22
C ASP G 20 25.08 20.32 -33.42
N PRO G 21 26.18 19.64 -33.77
CA PRO G 21 26.58 18.44 -33.03
C PRO G 21 27.12 18.72 -31.63
N THR G 22 27.33 19.98 -31.26
CA THR G 22 27.77 20.33 -29.92
C THR G 22 26.63 20.82 -29.03
N LYS G 23 25.39 20.85 -29.52
CA LYS G 23 24.27 21.29 -28.70
C LYS G 23 24.09 20.38 -27.49
N VAL G 24 24.00 19.08 -27.71
CA VAL G 24 24.13 18.10 -26.65
C VAL G 24 25.61 17.74 -26.58
N ALA G 25 26.29 18.29 -25.57
CA ALA G 25 27.75 18.24 -25.55
C ALA G 25 28.26 16.85 -25.23
N MET G 26 27.67 16.16 -24.27
CA MET G 26 28.21 14.90 -23.79
C MET G 26 27.12 14.09 -23.13
N LEU G 27 27.43 12.83 -22.85
CA LEU G 27 26.56 11.93 -22.10
C LEU G 27 27.12 11.79 -20.69
N GLY G 28 26.33 12.19 -19.70
CA GLY G 28 26.80 12.25 -18.33
C GLY G 28 26.54 10.98 -17.56
N LEU G 29 27.59 10.43 -16.96
CA LEU G 29 27.49 9.25 -16.12
C LEU G 29 27.43 9.66 -14.66
N THR G 30 26.53 9.04 -13.92
CA THR G 30 26.46 9.18 -12.47
C THR G 30 27.04 7.93 -11.81
N PHE G 31 27.03 7.92 -10.47
CA PHE G 31 27.63 6.81 -9.74
C PHE G 31 26.96 5.49 -10.06
N ASP G 32 25.63 5.50 -10.19
CA ASP G 32 24.89 4.28 -10.48
C ASP G 32 25.15 3.74 -11.88
N ASP G 33 25.80 4.49 -12.75
CA ASP G 33 26.03 4.05 -14.11
C ASP G 33 27.24 3.14 -14.27
N VAL G 34 28.15 3.10 -13.29
CA VAL G 34 29.43 2.43 -13.46
C VAL G 34 29.73 1.53 -12.28
N LEU G 35 30.61 0.56 -12.53
CA LEU G 35 31.18 -0.29 -11.49
C LEU G 35 32.69 -0.39 -11.69
N LEU G 36 33.40 -0.70 -10.61
CA LEU G 36 34.84 -0.93 -10.70
C LEU G 36 35.13 -2.37 -11.13
N LEU G 37 35.97 -2.52 -12.13
CA LEU G 37 36.38 -3.84 -12.58
C LEU G 37 37.47 -4.40 -11.69
N PRO G 38 37.38 -5.68 -11.30
CA PRO G 38 38.49 -6.31 -10.59
C PRO G 38 39.73 -6.40 -11.48
N ALA G 39 40.90 -6.37 -10.85
CA ALA G 39 42.17 -6.41 -11.56
C ALA G 39 43.16 -7.25 -10.75
N ALA G 40 44.36 -7.40 -11.29
CA ALA G 40 45.39 -8.20 -10.62
C ALA G 40 45.80 -7.53 -9.31
N SER G 41 45.79 -8.30 -8.22
CA SER G 41 45.95 -7.74 -6.90
C SER G 41 46.83 -8.63 -6.03
N ASP G 42 47.75 -8.00 -5.31
CA ASP G 42 48.39 -8.59 -4.14
C ASP G 42 48.14 -7.74 -2.90
N VAL G 43 47.07 -6.95 -2.91
CA VAL G 43 46.78 -6.01 -1.83
C VAL G 43 45.82 -6.66 -0.85
N VAL G 44 46.19 -6.66 0.42
CA VAL G 44 45.28 -7.03 1.51
C VAL G 44 44.56 -5.77 1.94
N PRO G 45 43.22 -5.79 2.07
CA PRO G 45 42.50 -4.57 2.48
C PRO G 45 43.00 -3.98 3.79
N ALA G 46 43.38 -4.81 4.76
CA ALA G 46 43.87 -4.30 6.03
C ALA G 46 45.19 -3.56 5.90
N THR G 47 45.96 -3.81 4.84
CA THR G 47 47.25 -3.19 4.65
C THR G 47 47.25 -2.13 3.54
N ALA G 48 46.09 -1.81 2.98
CA ALA G 48 46.02 -0.73 2.00
C ALA G 48 46.24 0.62 2.66
N ASP G 49 46.89 1.52 1.93
CA ASP G 49 47.22 2.85 2.41
C ASP G 49 46.21 3.85 1.83
N THR G 50 45.42 4.47 2.70
CA THR G 50 44.32 5.33 2.27
C THR G 50 44.65 6.81 2.36
N SER G 51 45.91 7.16 2.55
CA SER G 51 46.27 8.58 2.62
C SER G 51 46.20 9.24 1.25
N SER G 52 45.86 10.52 1.26
CA SER G 52 45.66 11.26 0.02
C SER G 52 45.85 12.75 0.29
N GLN G 53 46.08 13.51 -0.79
CA GLN G 53 46.27 14.96 -0.68
C GLN G 53 44.92 15.65 -0.59
N LEU G 54 44.73 16.45 0.46
CA LEU G 54 43.60 17.38 0.46
C LEU G 54 43.90 18.60 -0.41
N THR G 55 45.08 19.20 -0.21
CA THR G 55 45.55 20.28 -1.06
C THR G 55 46.94 19.93 -1.55
N LYS G 56 47.62 20.89 -2.18
CA LYS G 56 48.99 20.65 -2.63
C LYS G 56 49.97 20.50 -1.47
N ARG G 57 49.58 20.93 -0.26
CA ARG G 57 50.47 20.86 0.90
C ARG G 57 49.95 19.98 2.04
N ILE G 58 48.66 19.70 2.11
CA ILE G 58 48.06 18.99 3.23
C ILE G 58 47.69 17.58 2.77
N ARG G 59 48.13 16.58 3.53
CA ARG G 59 47.84 15.19 3.25
C ARG G 59 47.08 14.58 4.42
N LEU G 60 45.96 13.94 4.13
CA LEU G 60 45.13 13.29 5.13
C LEU G 60 45.45 11.80 5.20
N ARG G 61 45.27 11.22 6.39
CA ARG G 61 45.37 9.76 6.52
C ARG G 61 44.12 9.07 6.01
N VAL G 62 42.96 9.69 6.15
CA VAL G 62 41.69 9.19 5.63
C VAL G 62 41.14 10.24 4.70
N PRO G 63 40.84 9.91 3.43
CA PRO G 63 40.54 10.92 2.41
C PRO G 63 39.10 11.45 2.45
N LEU G 64 38.68 11.94 3.61
CA LEU G 64 37.30 12.36 3.82
C LEU G 64 37.29 13.71 4.52
N VAL G 65 36.31 14.53 4.17
CA VAL G 65 36.13 15.87 4.74
C VAL G 65 34.66 16.09 5.00
N SER G 66 34.32 16.62 6.18
CA SER G 66 32.93 16.92 6.49
C SER G 66 32.50 18.24 5.85
N SER G 67 31.22 18.30 5.48
CA SER G 67 30.71 19.40 4.67
C SER G 67 30.50 20.67 5.47
N ALA G 68 30.59 21.80 4.79
CA ALA G 68 30.39 23.12 5.40
C ALA G 68 28.89 23.48 5.47
N MET G 69 28.15 22.64 6.19
CA MET G 69 26.72 22.82 6.37
C MET G 69 26.43 23.00 7.85
N ASP G 70 25.47 23.88 8.17
CA ASP G 70 25.19 24.19 9.56
C ASP G 70 24.55 23.03 10.32
N THR G 71 24.13 21.98 9.62
CA THR G 71 23.68 20.75 10.25
C THR G 71 24.76 19.67 10.25
N VAL G 72 25.99 20.00 9.87
CA VAL G 72 27.04 19.00 9.78
C VAL G 72 28.26 19.36 10.62
N THR G 73 28.88 20.51 10.36
CA THR G 73 30.22 20.79 10.89
C THR G 73 30.22 22.04 11.78
N GLU G 74 30.48 21.83 13.06
CA GLU G 74 30.93 22.86 13.99
C GLU G 74 32.16 22.33 14.71
N SER G 75 32.60 22.99 15.79
CA SER G 75 33.87 22.65 16.43
C SER G 75 33.94 21.18 16.80
N ARG G 76 32.86 20.64 17.36
CA ARG G 76 32.83 19.25 17.80
C ARG G 76 33.08 18.30 16.63
N MET G 77 32.37 18.52 15.52
CA MET G 77 32.56 17.70 14.34
C MET G 77 33.95 17.88 13.75
N ALA G 78 34.46 19.11 13.74
CA ALA G 78 35.79 19.34 13.18
C ALA G 78 36.86 18.61 13.97
N ILE G 79 36.77 18.66 15.30
CA ILE G 79 37.71 17.93 16.15
C ILE G 79 37.61 16.43 15.89
N ALA G 80 36.38 15.91 15.85
CA ALA G 80 36.22 14.47 15.65
C ALA G 80 36.77 14.03 14.29
N MET G 81 36.52 14.83 13.25
CA MET G 81 36.99 14.48 11.91
C MET G 81 38.52 14.53 11.84
N ALA G 82 39.14 15.53 12.47
CA ALA G 82 40.59 15.61 12.47
C ALA G 82 41.20 14.44 13.24
N ARG G 83 40.58 14.03 14.35
CA ARG G 83 41.08 12.88 15.10
C ARG G 83 41.00 11.60 14.28
N ALA G 84 39.95 11.44 13.49
CA ALA G 84 39.75 10.24 12.70
C ALA G 84 40.66 10.14 11.47
N GLY G 85 41.44 11.18 11.18
CA GLY G 85 42.32 11.18 10.03
C GLY G 85 41.88 12.07 8.89
N GLY G 86 40.72 12.69 8.97
CA GLY G 86 40.22 13.58 7.94
C GLY G 86 40.36 15.04 8.31
N MET G 87 39.33 15.82 8.04
CA MET G 87 39.28 17.23 8.42
C MET G 87 37.85 17.73 8.29
N GLY G 88 37.54 18.78 9.02
CA GLY G 88 36.24 19.42 8.97
C GLY G 88 36.33 20.82 8.42
N VAL G 89 35.30 21.23 7.67
CA VAL G 89 35.17 22.60 7.18
C VAL G 89 33.98 23.24 7.89
N LEU G 90 34.26 24.25 8.70
CA LEU G 90 33.22 24.93 9.45
C LEU G 90 32.30 25.72 8.52
N HIS G 91 30.99 25.62 8.77
CA HIS G 91 30.03 26.37 7.98
C HIS G 91 30.12 27.86 8.31
N ARG G 92 29.64 28.68 7.38
CA ARG G 92 29.73 30.13 7.51
C ARG G 92 28.39 30.81 7.77
N ASN G 93 27.34 30.05 8.08
CA ASN G 93 26.02 30.61 8.35
C ASN G 93 25.91 31.06 9.81
N LEU G 94 26.76 32.02 10.17
CA LEU G 94 26.84 32.54 11.53
C LEU G 94 27.79 33.74 11.51
N PRO G 95 27.73 34.60 12.53
CA PRO G 95 28.57 35.80 12.53
C PRO G 95 30.06 35.45 12.51
N VAL G 96 30.85 36.43 12.05
CA VAL G 96 32.29 36.24 11.88
C VAL G 96 32.93 35.85 13.20
N ALA G 97 32.54 36.51 14.30
CA ALA G 97 33.15 36.23 15.60
C ALA G 97 32.88 34.80 16.05
N GLU G 98 31.66 34.31 15.85
CA GLU G 98 31.35 32.94 16.23
C GLU G 98 32.17 31.92 15.44
N GLN G 99 32.32 32.15 14.14
CA GLN G 99 33.12 31.23 13.33
C GLN G 99 34.58 31.27 13.74
N ALA G 100 35.12 32.46 14.02
CA ALA G 100 36.49 32.56 14.48
C ALA G 100 36.67 31.89 15.84
N GLY G 101 35.67 32.02 16.72
CA GLY G 101 35.75 31.34 18.00
C GLY G 101 35.72 29.83 17.86
N GLN G 102 34.93 29.32 16.92
CA GLN G 102 34.93 27.88 16.66
C GLN G 102 36.28 27.42 16.13
N VAL G 103 36.90 28.22 15.25
CA VAL G 103 38.25 27.91 14.79
C VAL G 103 39.22 27.84 15.96
N GLU G 104 39.14 28.82 16.87
CA GLU G 104 40.01 28.82 18.04
C GLU G 104 39.75 27.61 18.93
N THR G 105 38.49 27.22 19.10
CA THR G 105 38.16 26.04 19.88
C THR G 105 38.78 24.79 19.28
N VAL G 106 38.71 24.64 17.95
CA VAL G 106 39.33 23.48 17.32
C VAL G 106 40.84 23.51 17.48
N LYS G 107 41.45 24.68 17.32
CA LYS G 107 42.91 24.76 17.39
C LYS G 107 43.44 24.54 18.80
N ARG G 108 42.62 24.76 19.82
CA ARG G 108 43.03 24.63 21.21
C ARG G 108 42.70 23.26 21.81
N SER G 109 42.10 22.35 21.02
CA SER G 109 41.65 21.08 21.58
C SER G 109 42.83 20.26 22.12
N GLU G 110 43.92 20.20 21.36
CA GLU G 110 45.13 19.57 21.85
C GLU G 110 46.33 20.23 21.18
N ALA G 111 47.51 19.97 21.73
CA ALA G 111 48.74 20.56 21.23
C ALA G 111 49.92 19.76 21.76
N GLY G 112 51.07 19.91 21.10
CA GLY G 112 52.29 19.37 21.67
C GLY G 112 52.69 20.07 22.94
N MET G 113 52.61 21.40 22.96
CA MET G 113 52.80 22.21 24.14
C MET G 113 51.82 23.37 24.09
N VAL G 114 51.19 23.67 25.22
CA VAL G 114 50.26 24.80 25.31
C VAL G 114 51.08 26.08 25.42
N THR G 115 51.10 26.87 24.36
CA THR G 115 51.90 28.10 24.36
C THR G 115 51.29 29.20 25.20
N ASP G 116 49.96 29.22 25.35
CA ASP G 116 49.26 30.34 26.00
C ASP G 116 48.32 29.84 27.08
N PRO G 117 48.86 29.30 28.16
CA PRO G 117 48.00 28.70 29.19
C PRO G 117 47.13 29.74 29.87
N VAL G 118 45.96 29.30 30.32
CA VAL G 118 45.00 30.15 31.03
C VAL G 118 45.50 30.30 32.47
N THR G 119 46.10 31.45 32.78
CA THR G 119 46.67 31.71 34.10
C THR G 119 45.68 32.51 34.94
N CYS G 120 45.84 32.40 36.27
CA CYS G 120 45.02 33.13 37.22
C CYS G 120 45.90 33.79 38.27
N SER G 121 45.27 34.46 39.23
CA SER G 121 45.94 35.21 40.27
C SER G 121 45.55 34.67 41.65
N PRO G 122 46.41 34.83 42.67
CA PRO G 122 46.07 34.34 44.00
C PRO G 122 44.86 35.03 44.60
N ASP G 123 44.51 36.23 44.13
CA ASP G 123 43.35 36.94 44.64
C ASP G 123 42.05 36.48 44.00
N ASN G 124 42.11 35.63 42.98
CA ASN G 124 40.90 35.04 42.41
C ASN G 124 40.23 34.12 43.42
N THR G 125 38.90 34.12 43.42
CA THR G 125 38.13 33.19 44.22
C THR G 125 37.92 31.88 43.46
N LEU G 126 37.39 30.88 44.17
CA LEU G 126 37.18 29.58 43.56
C LEU G 126 36.06 29.61 42.54
N ALA G 127 35.06 30.47 42.74
CA ALA G 127 34.01 30.63 41.73
C ALA G 127 34.59 31.20 40.44
N GLU G 128 35.52 32.15 40.55
CA GLU G 128 36.12 32.76 39.37
C GLU G 128 36.88 31.72 38.54
N VAL G 129 37.73 30.93 39.19
CA VAL G 129 38.50 29.92 38.47
C VAL G 129 37.58 28.81 37.97
N ASP G 130 36.53 28.46 38.70
CA ASP G 130 35.60 27.45 38.21
C ASP G 130 34.88 27.92 36.96
N ALA G 131 34.43 29.18 36.94
CA ALA G 131 33.78 29.72 35.76
C ALA G 131 34.75 29.79 34.59
N MET G 132 36.01 30.16 34.85
CA MET G 132 37.02 30.12 33.79
C MET G 132 37.21 28.71 33.25
N CYS G 133 37.23 27.71 34.14
CA CYS G 133 37.39 26.33 33.70
C CYS G 133 36.22 25.89 32.83
N ALA G 134 35.00 26.28 33.20
CA ALA G 134 33.86 26.01 32.34
C ALA G 134 33.94 26.78 31.02
N ARG G 135 34.62 27.93 31.03
CA ARG G 135 34.73 28.74 29.82
C ARG G 135 35.73 28.15 28.83
N PHE G 136 36.89 27.70 29.30
CA PHE G 136 37.93 27.18 28.42
C PHE G 136 37.91 25.66 28.28
N ARG G 137 37.09 24.94 29.05
CA ARG G 137 37.08 23.49 29.07
C ARG G 137 38.48 22.93 29.37
N ILE G 138 39.00 23.31 30.53
CA ILE G 138 40.28 22.80 31.03
C ILE G 138 40.12 22.46 32.51
N SER G 139 41.15 21.81 33.06
CA SER G 139 41.09 21.33 34.44
C SER G 139 42.04 22.04 35.39
N GLY G 140 43.10 22.67 34.90
CA GLY G 140 44.13 23.19 35.78
C GLY G 140 44.67 24.50 35.27
N LEU G 141 45.08 25.35 36.21
CA LEU G 141 45.53 26.70 35.92
C LEU G 141 46.82 26.99 36.69
N PRO G 142 47.90 27.39 36.02
CA PRO G 142 49.00 28.03 36.75
C PRO G 142 48.54 29.38 37.26
N VAL G 143 49.16 29.83 38.36
CA VAL G 143 48.74 31.05 39.04
C VAL G 143 49.90 32.03 39.03
N VAL G 144 49.60 33.28 38.67
CA VAL G 144 50.61 34.32 38.52
C VAL G 144 50.20 35.54 39.35
N ASP G 145 51.19 36.26 39.84
CA ASP G 145 50.96 37.45 40.66
C ASP G 145 50.81 38.67 39.76
N ASP G 146 50.70 39.85 40.39
CA ASP G 146 50.50 41.09 39.65
C ASP G 146 51.74 41.46 38.83
N THR G 147 52.93 41.06 39.29
CA THR G 147 54.12 41.21 38.45
C THR G 147 54.18 40.14 37.36
N GLY G 148 53.73 38.92 37.66
CA GLY G 148 53.74 37.88 36.65
C GLY G 148 54.66 36.70 36.93
N GLU G 149 54.83 36.36 38.20
CA GLU G 149 55.71 35.27 38.61
C GLU G 149 54.88 34.07 39.04
N LEU G 150 55.30 32.89 38.59
CA LEU G 150 54.53 31.67 38.84
C LEU G 150 54.68 31.28 40.29
N VAL G 151 53.57 31.33 41.05
CA VAL G 151 53.59 31.09 42.49
C VAL G 151 52.72 29.90 42.88
N GLY G 152 52.28 29.10 41.91
CA GLY G 152 51.54 27.91 42.24
C GLY G 152 50.76 27.39 41.06
N ILE G 153 50.14 26.24 41.27
CA ILE G 153 49.26 25.62 40.29
C ILE G 153 48.03 25.08 41.02
N ILE G 154 46.85 25.37 40.48
CA ILE G 154 45.59 24.91 41.06
C ILE G 154 44.92 23.97 40.06
N THR G 155 44.59 22.76 40.50
CA THR G 155 43.94 21.77 39.68
C THR G 155 42.61 21.37 40.31
N ASN G 156 41.86 20.51 39.62
CA ASN G 156 40.51 20.19 40.07
C ASN G 156 40.51 19.19 41.21
N ARG G 157 41.60 18.46 41.45
CA ARG G 157 41.68 17.64 42.66
C ARG G 157 41.65 18.52 43.90
N ASP G 158 42.37 19.65 43.88
CA ASP G 158 42.32 20.59 44.99
C ASP G 158 40.93 21.16 45.17
N MET G 159 40.35 21.71 44.09
CA MET G 159 39.06 22.38 44.20
C MET G 159 37.95 21.42 44.57
N ARG G 160 38.07 20.14 44.19
CA ARG G 160 37.07 19.16 44.55
C ARG G 160 37.02 18.92 46.04
N PHE G 161 38.12 19.16 46.75
CA PHE G 161 38.23 18.87 48.17
C PHE G 161 38.07 20.10 49.07
N GLU G 162 37.74 21.25 48.49
CA GLU G 162 37.50 22.47 49.26
C GLU G 162 36.05 22.88 49.08
N VAL G 163 35.33 23.03 50.19
CA VAL G 163 33.91 23.32 50.14
C VAL G 163 33.63 24.81 50.01
N ASP G 164 34.39 25.64 50.71
CA ASP G 164 34.14 27.08 50.75
C ASP G 164 34.57 27.71 49.43
N GLN G 165 33.60 28.01 48.57
CA GLN G 165 33.88 28.53 47.24
C GLN G 165 34.40 29.97 47.25
N SER G 166 34.26 30.68 48.38
CA SER G 166 34.76 32.05 48.49
C SER G 166 36.25 32.12 48.78
N LYS G 167 36.92 30.99 48.95
CA LYS G 167 38.31 30.99 49.34
C LYS G 167 39.19 31.57 48.22
N PRO G 168 40.27 32.26 48.59
CA PRO G 168 41.26 32.66 47.59
C PRO G 168 42.05 31.47 47.08
N VAL G 169 42.64 31.64 45.89
CA VAL G 169 43.44 30.57 45.30
C VAL G 169 44.66 30.29 46.16
N SER G 170 45.24 31.34 46.77
CA SER G 170 46.47 31.18 47.54
C SER G 170 46.29 30.21 48.71
N GLU G 171 45.10 30.14 49.29
CA GLU G 171 44.87 29.22 50.40
C GLU G 171 44.63 27.79 49.94
N VAL G 172 44.38 27.57 48.65
CA VAL G 172 44.08 26.24 48.14
C VAL G 172 45.16 25.72 47.21
N MET G 173 45.81 26.60 46.45
CA MET G 173 46.77 26.20 45.43
C MET G 173 47.96 25.46 46.05
N THR G 174 48.55 24.57 45.25
CA THR G 174 49.84 24.00 45.60
C THR G 174 50.91 25.07 45.39
N LYS G 175 51.58 25.46 46.47
CA LYS G 175 52.52 26.57 46.43
C LYS G 175 53.83 26.14 45.78
N ALA G 176 54.57 27.14 45.28
CA ALA G 176 55.86 26.92 44.66
C ALA G 176 56.88 26.51 45.73
N PRO G 177 58.02 25.91 45.33
CA PRO G 177 58.51 25.62 43.96
C PRO G 177 57.82 24.44 43.30
N LEU G 178 57.20 24.68 42.15
CA LEU G 178 56.48 23.65 41.43
C LEU G 178 57.46 22.82 40.58
N ILE G 179 57.02 21.62 40.22
CA ILE G 179 57.75 20.82 39.26
C ILE G 179 57.66 21.52 37.90
N THR G 180 58.74 22.14 37.47
CA THR G 180 58.76 22.95 36.26
C THR G 180 59.97 22.56 35.41
N ALA G 181 59.90 22.93 34.14
CA ALA G 181 60.98 22.67 33.19
C ALA G 181 61.30 23.93 32.42
N LYS G 182 62.53 24.00 31.92
CA LYS G 182 63.01 25.14 31.15
C LYS G 182 62.54 25.03 29.70
N GLU G 183 62.69 26.13 28.96
CA GLU G 183 62.33 26.12 27.54
C GLU G 183 63.24 25.17 26.77
N GLY G 184 62.72 24.71 25.63
CA GLY G 184 63.47 23.75 24.85
C GLY G 184 63.47 22.35 25.43
N VAL G 185 62.68 22.11 26.46
CA VAL G 185 62.63 20.78 27.07
C VAL G 185 62.09 19.76 26.07
N SER G 186 62.85 18.70 25.86
CA SER G 186 62.40 17.62 24.98
C SER G 186 61.18 16.93 25.56
N ALA G 187 60.35 16.39 24.67
CA ALA G 187 59.14 15.71 25.12
C ALA G 187 59.47 14.53 26.03
N GLU G 188 60.60 13.87 25.78
CA GLU G 188 61.00 12.75 26.64
C GLU G 188 61.30 13.23 28.06
N ALA G 189 61.97 14.37 28.19
CA ALA G 189 62.22 14.92 29.52
C ALA G 189 60.92 15.29 30.23
N ALA G 190 59.99 15.92 29.50
CA ALA G 190 58.73 16.33 30.11
C ALA G 190 57.93 15.12 30.58
N LEU G 191 57.87 14.07 29.76
CA LEU G 191 57.13 12.88 30.15
C LEU G 191 57.83 12.15 31.30
N GLY G 192 59.16 12.13 31.30
CA GLY G 192 59.88 11.54 32.41
C GLY G 192 59.62 12.26 33.72
N LEU G 193 59.62 13.59 33.68
CA LEU G 193 59.30 14.37 34.87
C LEU G 193 57.89 14.08 35.35
N LEU G 194 56.91 14.13 34.44
CA LEU G 194 55.53 13.91 34.84
C LEU G 194 55.32 12.49 35.38
N ARG G 195 56.09 11.53 34.86
CA ARG G 195 55.98 10.16 35.35
C ARG G 195 56.62 9.99 36.72
N ARG G 196 57.77 10.63 36.95
CA ARG G 196 58.45 10.52 38.23
C ARG G 196 57.59 11.09 39.37
N HIS G 197 57.05 12.28 39.18
CA HIS G 197 56.38 13.00 40.25
C HIS G 197 54.88 12.69 40.33
N LYS G 198 54.39 11.78 39.49
CA LYS G 198 53.00 11.31 39.54
C LYS G 198 52.02 12.48 39.49
N ILE G 199 52.21 13.36 38.50
CA ILE G 199 51.34 14.50 38.28
C ILE G 199 50.92 14.50 36.81
N GLU G 200 50.00 15.41 36.48
CA GLU G 200 49.46 15.51 35.14
C GLU G 200 49.80 16.80 34.41
N LYS G 201 50.32 17.81 35.10
CA LYS G 201 50.63 19.09 34.49
C LYS G 201 52.06 19.49 34.81
N LEU G 202 52.67 20.23 33.87
CA LEU G 202 54.08 20.62 33.97
C LEU G 202 54.23 22.01 33.38
N PRO G 203 54.27 23.05 34.21
CA PRO G 203 54.54 24.39 33.70
C PRO G 203 55.95 24.51 33.14
N ILE G 204 56.09 25.32 32.10
CA ILE G 204 57.34 25.54 31.39
C ILE G 204 57.71 27.00 31.55
N VAL G 205 58.93 27.25 32.03
CA VAL G 205 59.40 28.59 32.37
C VAL G 205 60.64 28.92 31.56
N ASP G 206 60.87 30.23 31.40
CA ASP G 206 62.03 30.74 30.68
C ASP G 206 63.23 30.83 31.62
N GLY G 207 64.28 31.52 31.18
CA GLY G 207 65.47 31.71 32.01
C GLY G 207 65.27 32.64 33.19
N HIS G 208 64.18 33.42 33.19
CA HIS G 208 63.90 34.35 34.28
C HIS G 208 62.83 33.84 35.23
N GLY G 209 62.40 32.59 35.08
CA GLY G 209 61.34 32.06 35.90
C GLY G 209 59.94 32.44 35.44
N LYS G 210 59.81 33.13 34.32
CA LYS G 210 58.52 33.53 33.80
C LYS G 210 57.88 32.36 33.05
N LEU G 211 56.57 32.20 33.23
CA LEU G 211 55.85 31.10 32.60
C LEU G 211 55.76 31.32 31.09
N THR G 212 56.19 30.32 30.32
CA THR G 212 56.13 30.38 28.87
C THR G 212 55.53 29.13 28.24
N GLY G 213 54.97 28.23 29.03
CA GLY G 213 54.26 27.11 28.43
C GLY G 213 53.67 26.20 29.48
N LEU G 214 52.97 25.18 28.99
CA LEU G 214 52.41 24.14 29.85
C LEU G 214 52.34 22.85 29.06
N ILE G 215 52.80 21.75 29.65
CA ILE G 215 52.70 20.43 29.05
C ILE G 215 51.83 19.56 29.94
N THR G 216 50.96 18.75 29.30
CA THR G 216 50.11 17.82 30.01
C THR G 216 50.39 16.40 29.52
N VAL G 217 50.13 15.42 30.40
CA VAL G 217 50.21 14.03 29.98
C VAL G 217 49.03 13.64 29.10
N LYS G 218 47.93 14.40 29.19
CA LYS G 218 46.77 14.10 28.37
C LYS G 218 47.09 14.24 26.89
N ASP G 219 48.06 15.09 26.54
CA ASP G 219 48.43 15.24 25.14
C ASP G 219 49.11 13.98 24.62
N PHE G 220 50.04 13.42 25.40
CA PHE G 220 50.64 12.13 25.03
C PHE G 220 49.58 11.05 24.95
N VAL G 221 48.64 11.06 25.89
CA VAL G 221 47.57 10.06 25.89
C VAL G 221 46.72 10.17 24.63
N LYS G 222 46.39 11.40 24.23
CA LYS G 222 45.62 11.62 23.01
C LYS G 222 46.41 11.19 21.78
N THR G 223 47.71 11.52 21.74
CA THR G 223 48.53 11.17 20.59
C THR G 223 48.61 9.66 20.42
N GLU G 224 48.65 8.91 21.52
CA GLU G 224 48.58 7.46 21.41
C GLU G 224 47.18 6.99 21.06
N GLN G 225 46.16 7.70 21.56
CA GLN G 225 44.77 7.27 21.40
C GLN G 225 44.23 7.55 20.01
N PHE G 226 44.74 8.58 19.34
CA PHE G 226 44.32 8.96 18.00
C PHE G 226 45.55 9.09 17.12
N PRO G 227 46.15 7.97 16.71
CA PRO G 227 47.41 8.05 15.95
C PRO G 227 47.24 8.61 14.54
N LEU G 228 46.04 8.61 13.97
CA LEU G 228 45.84 9.09 12.61
C LEU G 228 45.48 10.58 12.55
N SER G 229 45.61 11.30 13.65
CA SER G 229 45.13 12.67 13.72
C SER G 229 45.79 13.55 12.66
N THR G 230 45.01 14.47 12.10
CA THR G 230 45.49 15.45 11.15
C THR G 230 45.99 16.67 11.92
N LYS G 231 47.30 16.89 11.92
CA LYS G 231 47.93 17.88 12.79
C LYS G 231 48.97 18.67 12.02
N ASP G 232 49.24 19.87 12.51
CA ASP G 232 50.29 20.72 11.96
C ASP G 232 51.62 20.44 12.66
N SER G 233 52.60 21.34 12.44
CA SER G 233 53.95 21.12 12.97
C SER G 233 54.01 21.27 14.48
N ASP G 234 53.12 22.05 15.09
CA ASP G 234 53.03 22.16 16.53
C ASP G 234 52.14 21.09 17.16
N GLY G 235 51.60 20.16 16.37
CA GLY G 235 50.74 19.14 16.92
C GLY G 235 49.33 19.58 17.21
N ARG G 236 48.87 20.68 16.62
CA ARG G 236 47.49 21.11 16.75
C ARG G 236 46.67 20.57 15.58
N LEU G 237 45.40 20.27 15.87
CA LEU G 237 44.51 19.74 14.84
C LEU G 237 44.32 20.75 13.71
N LEU G 238 44.27 20.25 12.48
CA LEU G 238 43.94 21.10 11.34
C LEU G 238 42.43 21.29 11.22
N VAL G 239 42.05 22.41 10.61
CA VAL G 239 40.64 22.74 10.44
C VAL G 239 40.52 23.68 9.25
N GLY G 240 39.35 23.65 8.59
CA GLY G 240 39.05 24.56 7.50
C GLY G 240 37.79 25.36 7.80
N ALA G 241 37.60 26.41 7.01
CA ALA G 241 36.43 27.27 7.16
C ALA G 241 36.00 27.77 5.79
N ALA G 242 34.70 28.01 5.64
CA ALA G 242 34.13 28.49 4.40
C ALA G 242 33.92 30.00 4.44
N VAL G 243 34.14 30.66 3.31
CA VAL G 243 33.85 32.08 3.15
C VAL G 243 33.10 32.27 1.84
N GLY G 244 32.39 33.40 1.75
CA GLY G 244 31.70 33.80 0.55
C GLY G 244 32.55 34.69 -0.34
N VAL G 245 31.87 35.60 -1.04
CA VAL G 245 32.54 36.61 -1.86
C VAL G 245 31.97 37.98 -1.52
N GLY G 246 32.83 39.00 -1.52
CA GLY G 246 32.47 40.35 -1.15
C GLY G 246 33.41 40.91 -0.12
N ASP G 247 33.05 42.09 0.41
CA ASP G 247 33.85 42.74 1.44
C ASP G 247 33.67 42.08 2.80
N ASP G 248 32.42 41.77 3.17
CA ASP G 248 32.17 41.01 4.38
C ASP G 248 32.93 39.70 4.36
N ALA G 249 33.00 39.05 3.20
CA ALA G 249 33.75 37.81 3.07
C ALA G 249 35.24 38.03 3.27
N TRP G 250 35.78 39.15 2.78
CA TRP G 250 37.20 39.43 2.97
C TRP G 250 37.51 39.65 4.45
N THR G 251 36.66 40.41 5.15
CA THR G 251 36.87 40.60 6.59
C THR G 251 36.76 39.28 7.33
N ARG G 252 35.79 38.44 6.96
CA ARG G 252 35.66 37.13 7.59
C ARG G 252 36.90 36.29 7.36
N ALA G 253 37.42 36.30 6.14
CA ALA G 253 38.61 35.52 5.82
C ALA G 253 39.81 35.98 6.62
N MET G 254 40.00 37.30 6.74
CA MET G 254 41.13 37.81 7.52
C MET G 254 40.98 37.43 8.99
N THR G 255 39.78 37.53 9.54
CA THR G 255 39.57 37.11 10.93
C THR G 255 39.86 35.63 11.13
N LEU G 256 39.41 34.78 10.20
CA LEU G 256 39.69 33.35 10.32
C LEU G 256 41.18 33.05 10.21
N VAL G 257 41.89 33.76 9.34
CA VAL G 257 43.33 33.60 9.26
C VAL G 257 43.97 33.99 10.58
N ASP G 258 43.49 35.07 11.20
CA ASP G 258 44.01 35.47 12.51
C ASP G 258 43.73 34.40 13.56
N ALA G 259 42.58 33.72 13.48
CA ALA G 259 42.24 32.68 14.43
C ALA G 259 43.07 31.41 14.25
N GLY G 260 43.85 31.31 13.18
CA GLY G 260 44.72 30.17 12.97
C GLY G 260 44.19 29.11 12.02
N VAL G 261 43.20 29.43 11.19
CA VAL G 261 42.64 28.43 10.28
C VAL G 261 43.72 27.98 9.30
N ASP G 262 43.63 26.72 8.88
CA ASP G 262 44.59 26.14 7.94
C ASP G 262 44.12 26.18 6.50
N VAL G 263 42.83 26.01 6.24
CA VAL G 263 42.29 25.98 4.89
C VAL G 263 41.13 26.95 4.79
N LEU G 264 41.12 27.75 3.75
CA LEU G 264 39.98 28.60 3.41
C LEU G 264 39.29 28.02 2.19
N ILE G 265 37.97 27.85 2.27
CA ILE G 265 37.17 27.35 1.18
C ILE G 265 36.27 28.48 0.70
N VAL G 266 36.48 28.93 -0.54
CA VAL G 266 35.59 29.92 -1.14
C VAL G 266 34.37 29.15 -1.65
N ASP G 267 33.23 29.37 -1.00
CA ASP G 267 32.12 28.43 -0.99
C ASP G 267 30.94 29.03 -1.74
N THR G 268 30.84 28.71 -3.04
CA THR G 268 29.76 29.22 -3.87
C THR G 268 29.10 28.05 -4.60
N ALA G 269 27.85 28.27 -5.02
CA ALA G 269 27.16 27.28 -5.84
C ALA G 269 27.76 27.18 -7.24
N HIS G 270 28.22 28.31 -7.79
CA HIS G 270 28.68 28.37 -9.17
C HIS G 270 29.97 29.19 -9.17
N ALA G 271 31.12 28.50 -9.23
CA ALA G 271 32.42 29.16 -9.13
C ALA G 271 32.96 29.62 -10.47
N HIS G 272 32.33 29.27 -11.59
CA HIS G 272 32.74 29.78 -12.89
C HIS G 272 32.23 31.21 -13.07
N ASN G 273 32.71 32.08 -12.19
CA ASN G 273 32.24 33.44 -12.06
C ASN G 273 33.44 34.32 -11.76
N ARG G 274 33.42 35.55 -12.28
CA ARG G 274 34.60 36.40 -12.19
C ARG G 274 34.87 36.84 -10.75
N GLY G 275 33.81 37.09 -9.99
CA GLY G 275 34.00 37.48 -8.59
C GLY G 275 34.66 36.40 -7.77
N VAL G 276 34.30 35.14 -7.98
CA VAL G 276 34.88 34.03 -7.23
C VAL G 276 36.36 33.87 -7.57
N LEU G 277 36.70 33.96 -8.85
CA LEU G 277 38.10 33.83 -9.26
C LEU G 277 38.94 34.98 -8.73
N ASP G 278 38.39 36.20 -8.76
CA ASP G 278 39.10 37.34 -8.17
C ASP G 278 39.29 37.17 -6.66
N MET G 279 38.26 36.65 -5.98
CA MET G 279 38.40 36.41 -4.54
C MET G 279 39.50 35.38 -4.26
N VAL G 280 39.54 34.31 -5.05
CA VAL G 280 40.59 33.30 -4.90
C VAL G 280 41.97 33.91 -5.11
N SER G 281 42.11 34.73 -6.16
CA SER G 281 43.41 35.34 -6.45
C SER G 281 43.83 36.29 -5.33
N ARG G 282 42.90 37.10 -4.84
CA ARG G 282 43.21 38.02 -3.75
C ARG G 282 43.63 37.26 -2.50
N LEU G 283 42.90 36.22 -2.13
CA LEU G 283 43.26 35.43 -0.96
C LEU G 283 44.63 34.78 -1.15
N LYS G 284 44.93 34.31 -2.36
CA LYS G 284 46.22 33.70 -2.61
C LYS G 284 47.34 34.71 -2.47
N GLN G 285 47.11 35.94 -2.92
CA GLN G 285 48.15 36.97 -2.80
C GLN G 285 48.31 37.44 -1.36
N ALA G 286 47.23 37.45 -0.57
CA ALA G 286 47.32 37.99 0.78
C ALA G 286 47.87 36.96 1.76
N VAL G 287 47.26 35.77 1.81
CA VAL G 287 47.54 34.81 2.87
C VAL G 287 48.03 33.48 2.33
N GLY G 288 48.35 33.42 1.03
CA GLY G 288 48.67 32.15 0.39
C GLY G 288 49.89 31.44 0.93
N GLU G 289 50.83 32.19 1.52
CA GLU G 289 52.03 31.55 2.04
C GLU G 289 51.79 30.79 3.34
N ARG G 290 50.69 31.08 4.04
CA ARG G 290 50.35 30.42 5.29
C ARG G 290 49.16 29.48 5.17
N VAL G 291 48.16 29.86 4.39
CA VAL G 291 46.87 29.20 4.33
C VAL G 291 46.64 28.68 2.91
N ASP G 292 45.98 27.53 2.82
CA ASP G 292 45.55 26.99 1.53
C ASP G 292 44.18 27.53 1.16
N VAL G 293 43.99 27.80 -0.13
CA VAL G 293 42.74 28.34 -0.65
C VAL G 293 42.13 27.31 -1.59
N VAL G 294 40.88 26.94 -1.33
CA VAL G 294 40.15 26.00 -2.17
C VAL G 294 39.03 26.77 -2.88
N GLY G 295 38.90 26.54 -4.18
CA GLY G 295 37.88 27.20 -4.97
C GLY G 295 36.60 26.40 -5.06
N GLY G 296 35.50 27.12 -5.26
CA GLY G 296 34.15 26.60 -5.12
C GLY G 296 33.75 25.56 -6.14
N ASN G 297 32.45 25.31 -6.26
CA ASN G 297 31.99 24.13 -6.97
C ASN G 297 31.92 24.38 -8.46
N VAL G 298 32.59 23.53 -9.23
CA VAL G 298 32.59 23.55 -10.68
C VAL G 298 32.06 22.22 -11.19
N ALA G 299 31.72 22.18 -12.47
CA ALA G 299 31.31 20.94 -13.09
C ALA G 299 31.88 20.70 -14.47
N THR G 300 32.67 21.62 -15.01
CA THR G 300 33.21 21.48 -16.35
C THR G 300 34.73 21.60 -16.31
N ARG G 301 35.36 21.18 -17.41
CA ARG G 301 36.81 21.30 -17.54
C ARG G 301 37.24 22.76 -17.57
N ALA G 302 36.49 23.60 -18.30
CA ALA G 302 36.86 25.00 -18.42
C ALA G 302 36.83 25.72 -17.07
N ALA G 303 35.82 25.43 -16.25
CA ALA G 303 35.72 26.09 -14.94
C ALA G 303 36.84 25.64 -14.02
N ALA G 304 37.17 24.35 -14.03
CA ALA G 304 38.29 23.85 -13.23
C ALA G 304 39.60 24.47 -13.68
N ALA G 305 39.79 24.62 -14.99
CA ALA G 305 40.99 25.27 -15.51
C ALA G 305 41.04 26.74 -15.08
N ALA G 306 39.90 27.43 -15.08
CA ALA G 306 39.88 28.82 -14.60
C ALA G 306 40.26 28.90 -13.13
N LEU G 307 39.74 27.99 -12.30
CA LEU G 307 40.12 27.97 -10.89
C LEU G 307 41.62 27.69 -10.71
N VAL G 308 42.16 26.77 -11.50
CA VAL G 308 43.59 26.48 -11.43
C VAL G 308 44.40 27.71 -11.83
N GLU G 309 43.98 28.40 -12.89
CA GLU G 309 44.66 29.60 -13.33
C GLU G 309 44.63 30.69 -12.27
N ALA G 310 43.50 30.82 -11.56
CA ALA G 310 43.39 31.80 -10.48
C ALA G 310 44.29 31.48 -9.29
N GLY G 311 44.84 30.28 -9.21
CA GLY G 311 45.76 29.94 -8.14
C GLY G 311 45.19 29.06 -7.03
N ALA G 312 44.09 28.36 -7.28
CA ALA G 312 43.49 27.52 -6.25
C ALA G 312 44.38 26.35 -5.90
N ASP G 313 44.45 26.02 -4.61
CA ASP G 313 45.21 24.88 -4.14
C ASP G 313 44.43 23.57 -4.22
N ALA G 314 43.12 23.63 -4.40
CA ALA G 314 42.29 22.46 -4.66
C ALA G 314 40.99 22.93 -5.29
N VAL G 315 40.33 22.03 -5.99
CA VAL G 315 39.12 22.35 -6.75
C VAL G 315 38.01 21.41 -6.30
N LYS G 316 36.91 22.00 -5.84
CA LYS G 316 35.76 21.24 -5.36
C LYS G 316 34.74 21.12 -6.48
N VAL G 317 34.19 19.92 -6.65
CA VAL G 317 33.41 19.58 -7.84
C VAL G 317 32.00 19.18 -7.42
N GLY G 318 31.01 19.74 -8.11
CA GLY G 318 29.64 19.30 -8.04
C GLY G 318 28.62 20.42 -8.09
N VAL G 319 27.75 20.34 -9.09
CA VAL G 319 26.69 21.31 -9.32
C VAL G 319 25.45 20.50 -9.67
N GLY G 320 24.50 20.43 -8.74
CA GLY G 320 23.36 19.57 -8.88
C GLY G 320 23.72 18.13 -9.23
N PRO G 321 24.46 17.44 -8.34
CA PRO G 321 24.81 16.04 -8.64
C PRO G 321 23.75 15.05 -8.23
N GLY G 322 22.83 15.45 -7.35
CA GLY G 322 21.75 14.56 -6.95
C GLY G 322 20.70 14.41 -8.04
N SER G 323 20.05 13.25 -8.06
CA SER G 323 19.12 12.94 -9.14
C SER G 323 17.91 13.87 -9.11
N ILE G 324 17.26 14.00 -7.95
CA ILE G 324 16.10 14.87 -7.85
C ILE G 324 16.40 16.15 -7.08
N CYS G 325 17.66 16.60 -7.11
CA CYS G 325 18.03 17.80 -6.37
C CYS G 325 17.20 18.99 -6.85
N THR G 326 17.13 20.01 -6.00
CA THR G 326 16.31 21.18 -6.30
C THR G 326 16.87 21.99 -7.46
N THR G 327 18.20 22.05 -7.61
CA THR G 327 18.76 22.77 -8.76
C THR G 327 18.27 22.18 -10.08
N ARG G 328 18.21 20.85 -10.19
CA ARG G 328 17.76 20.23 -11.44
C ARG G 328 16.29 20.51 -11.72
N VAL G 329 15.45 20.41 -10.70
CA VAL G 329 14.01 20.57 -10.91
C VAL G 329 13.64 22.02 -11.15
N VAL G 330 14.19 22.93 -10.35
CA VAL G 330 13.79 24.33 -10.40
C VAL G 330 14.52 25.07 -11.51
N ALA G 331 15.83 24.87 -11.65
CA ALA G 331 16.59 25.61 -12.64
C ALA G 331 16.88 24.81 -13.92
N GLY G 332 16.66 23.50 -13.91
CA GLY G 332 17.02 22.70 -15.07
C GLY G 332 18.51 22.52 -15.28
N VAL G 333 19.31 22.66 -14.22
CA VAL G 333 20.76 22.73 -14.33
C VAL G 333 21.35 21.61 -13.49
N GLY G 334 22.42 21.00 -14.00
CA GLY G 334 23.10 19.97 -13.25
C GLY G 334 24.16 19.31 -14.09
N ALA G 335 24.94 18.45 -13.43
CA ALA G 335 25.98 17.68 -14.09
C ALA G 335 26.20 16.35 -13.38
N PRO G 336 26.00 15.22 -14.05
CA PRO G 336 26.28 13.91 -13.43
C PRO G 336 27.72 13.83 -12.96
N GLN G 337 27.90 13.26 -11.76
CA GLN G 337 29.11 13.51 -10.99
C GLN G 337 30.33 12.77 -11.51
N ILE G 338 30.18 11.56 -12.04
CA ILE G 338 31.34 10.82 -12.55
C ILE G 338 31.97 11.57 -13.73
N THR G 339 31.14 12.00 -14.68
CA THR G 339 31.64 12.76 -15.83
C THR G 339 32.23 14.09 -15.38
N ALA G 340 31.58 14.77 -14.44
CA ALA G 340 32.10 16.03 -13.92
C ALA G 340 33.47 15.84 -13.31
N ILE G 341 33.66 14.78 -12.53
CA ILE G 341 34.97 14.52 -11.92
C ILE G 341 36.00 14.21 -13.00
N LEU G 342 35.64 13.41 -14.00
CA LEU G 342 36.60 13.08 -15.06
C LEU G 342 37.06 14.35 -15.78
N GLU G 343 36.13 15.25 -16.08
CA GLU G 343 36.48 16.49 -16.78
C GLU G 343 37.35 17.40 -15.90
N ALA G 344 36.94 17.58 -14.64
CA ALA G 344 37.71 18.45 -13.74
C ALA G 344 39.10 17.90 -13.51
N VAL G 345 39.24 16.58 -13.37
CA VAL G 345 40.55 15.97 -13.23
C VAL G 345 41.37 16.17 -14.50
N ALA G 346 40.73 16.06 -15.66
CA ALA G 346 41.42 16.36 -16.91
C ALA G 346 42.02 17.76 -16.88
N ALA G 347 41.29 18.73 -16.32
CA ALA G 347 41.85 20.08 -16.23
C ALA G 347 42.92 20.21 -15.14
N CYS G 348 42.78 19.50 -14.02
CA CYS G 348 43.57 19.78 -12.82
C CYS G 348 44.83 18.92 -12.69
N LYS G 349 44.80 17.67 -13.16
CA LYS G 349 45.91 16.75 -12.89
C LYS G 349 47.25 17.19 -13.45
N PRO G 350 47.37 17.77 -14.65
CA PRO G 350 48.70 18.19 -15.12
C PRO G 350 49.39 19.19 -14.21
N TYR G 351 48.64 19.99 -13.46
CA TYR G 351 49.20 21.01 -12.59
C TYR G 351 49.36 20.55 -11.14
N GLY G 352 49.05 19.29 -10.84
CA GLY G 352 49.17 18.79 -9.48
C GLY G 352 48.20 19.36 -8.49
N VAL G 353 47.01 19.75 -8.93
CA VAL G 353 45.98 20.33 -8.06
C VAL G 353 44.95 19.26 -7.76
N PRO G 354 44.74 18.90 -6.49
CA PRO G 354 43.78 17.83 -6.17
C PRO G 354 42.34 18.27 -6.44
N VAL G 355 41.48 17.28 -6.64
CA VAL G 355 40.05 17.50 -6.85
C VAL G 355 39.29 16.91 -5.67
N ILE G 356 38.40 17.70 -5.09
CA ILE G 356 37.53 17.27 -4.00
C ILE G 356 36.15 16.97 -4.58
N ALA G 357 35.66 15.75 -4.38
CA ALA G 357 34.35 15.35 -4.87
C ALA G 357 33.30 15.68 -3.82
N ASP G 358 32.33 16.52 -4.20
CA ASP G 358 31.35 17.06 -3.26
C ASP G 358 29.94 16.81 -3.79
N GLY G 359 29.26 15.80 -3.24
CA GLY G 359 27.85 15.63 -3.49
C GLY G 359 27.46 14.34 -4.18
N GLY G 360 26.28 13.83 -3.85
CA GLY G 360 25.74 12.65 -4.51
C GLY G 360 26.22 11.33 -3.95
N LEU G 361 26.92 11.32 -2.83
CA LEU G 361 27.53 10.12 -2.28
C LEU G 361 26.59 9.50 -1.26
N GLN G 362 26.09 8.31 -1.55
CA GLN G 362 25.17 7.61 -0.66
C GLN G 362 25.79 6.43 0.06
N TYR G 363 26.80 5.78 -0.54
CA TYR G 363 27.41 4.59 0.02
C TYR G 363 28.93 4.71 -0.07
N SER G 364 29.62 3.82 0.63
CA SER G 364 31.09 3.80 0.56
C SER G 364 31.57 3.39 -0.83
N GLY G 365 30.79 2.58 -1.54
CA GLY G 365 31.12 2.25 -2.91
C GLY G 365 31.17 3.47 -3.81
N ASP G 366 30.29 4.45 -3.55
CA ASP G 366 30.35 5.71 -4.29
C ASP G 366 31.63 6.47 -3.98
N ILE G 367 32.12 6.40 -2.74
CA ILE G 367 33.40 7.03 -2.42
C ILE G 367 34.52 6.37 -3.21
N ALA G 368 34.50 5.04 -3.29
CA ALA G 368 35.50 4.34 -4.08
C ALA G 368 35.42 4.74 -5.56
N LYS G 369 34.21 4.83 -6.11
CA LYS G 369 34.06 5.22 -7.51
C LYS G 369 34.54 6.66 -7.73
N ALA G 370 34.23 7.56 -6.81
CA ALA G 370 34.65 8.95 -6.95
C ALA G 370 36.16 9.08 -6.94
N LEU G 371 36.82 8.34 -6.05
CA LEU G 371 38.28 8.36 -6.02
C LEU G 371 38.87 7.75 -7.28
N ALA G 372 38.29 6.64 -7.75
CA ALA G 372 38.79 6.00 -8.97
C ALA G 372 38.62 6.90 -10.19
N ALA G 373 37.58 7.73 -10.21
CA ALA G 373 37.40 8.68 -11.29
C ALA G 373 38.46 9.77 -11.32
N GLY G 374 39.24 9.92 -10.26
CA GLY G 374 40.34 10.87 -10.23
C GLY G 374 40.30 11.86 -9.08
N ALA G 375 39.25 11.89 -8.28
CA ALA G 375 39.21 12.77 -7.13
C ALA G 375 40.23 12.32 -6.08
N SER G 376 40.70 13.26 -5.27
CA SER G 376 41.65 12.93 -4.22
C SER G 376 41.00 12.79 -2.86
N THR G 377 39.89 13.47 -2.61
CA THR G 377 39.14 13.34 -1.37
C THR G 377 37.65 13.39 -1.69
N ALA G 378 36.84 13.12 -0.67
CA ALA G 378 35.40 13.21 -0.78
C ALA G 378 34.83 14.03 0.37
N MET G 379 33.84 14.87 0.07
CA MET G 379 33.13 15.64 1.07
C MET G 379 31.77 14.98 1.28
N LEU G 380 31.41 14.75 2.55
CA LEU G 380 30.38 13.77 2.87
C LEU G 380 28.98 14.37 3.02
N GLY G 381 28.79 15.27 3.98
CA GLY G 381 27.48 15.90 4.09
C GLY G 381 26.42 15.09 4.81
N SER G 382 25.40 14.66 4.09
CA SER G 382 24.22 14.05 4.70
C SER G 382 24.54 12.74 5.43
N LEU G 383 25.66 12.09 5.11
CA LEU G 383 26.05 10.88 5.82
C LEU G 383 26.44 11.16 7.27
N LEU G 384 26.66 12.43 7.63
CA LEU G 384 27.10 12.79 8.97
C LEU G 384 26.11 13.66 9.73
N ALA G 385 24.96 13.97 9.14
CA ALA G 385 24.06 14.96 9.74
C ALA G 385 23.47 14.49 11.06
N GLY G 386 23.22 13.20 11.22
CA GLY G 386 22.62 12.68 12.43
C GLY G 386 23.57 12.13 13.47
N THR G 387 24.87 12.35 13.34
CA THR G 387 25.82 11.75 14.26
C THR G 387 25.86 12.53 15.58
N ALA G 388 26.48 11.92 16.59
CA ALA G 388 26.55 12.54 17.91
C ALA G 388 27.33 13.85 17.87
N GLU G 389 28.38 13.91 17.07
CA GLU G 389 29.24 15.10 17.00
C GLU G 389 28.65 16.21 16.14
N SER G 390 27.65 15.92 15.32
CA SER G 390 27.03 16.95 14.51
C SER G 390 26.19 17.89 15.38
N PRO G 391 25.93 19.11 14.91
CA PRO G 391 25.09 20.03 15.68
C PRO G 391 23.66 19.53 15.79
N GLY G 392 22.99 19.97 16.84
CA GLY G 392 21.64 19.53 17.15
C GLY G 392 21.52 19.04 18.57
N GLU G 393 20.29 18.67 18.94
CA GLU G 393 19.96 18.25 20.29
C GLU G 393 19.39 16.84 20.26
N LEU G 394 19.86 16.01 21.18
CA LEU G 394 19.45 14.61 21.26
C LEU G 394 18.17 14.50 22.08
N ILE G 395 17.14 13.90 21.48
CA ILE G 395 15.84 13.74 22.11
C ILE G 395 15.37 12.30 21.96
N PHE G 396 14.42 11.92 22.80
CA PHE G 396 13.89 10.56 22.85
C PHE G 396 12.41 10.60 22.55
N VAL G 397 12.02 10.00 21.43
CA VAL G 397 10.63 10.01 20.95
C VAL G 397 10.23 8.60 20.57
N ASN G 398 9.11 8.13 21.12
CA ASN G 398 8.46 6.89 20.71
C ASN G 398 9.42 5.70 20.75
N GLY G 399 10.25 5.64 21.80
CA GLY G 399 11.18 4.55 21.94
C GLY G 399 12.43 4.64 21.10
N LYS G 400 12.75 5.81 20.56
CA LYS G 400 13.89 5.97 19.65
C LYS G 400 14.60 7.27 19.95
N GLN G 401 15.84 7.36 19.47
CA GLN G 401 16.65 8.56 19.59
C GLN G 401 16.59 9.37 18.30
N PHE G 402 16.55 10.69 18.43
CA PHE G 402 16.49 11.60 17.29
C PHE G 402 17.34 12.82 17.59
N LYS G 403 17.68 13.54 16.54
CA LYS G 403 18.36 14.83 16.63
C LYS G 403 17.42 15.91 16.11
N SER G 404 17.35 17.02 16.82
CA SER G 404 16.47 18.12 16.45
C SER G 404 17.25 19.43 16.42
N TYR G 405 16.85 20.32 15.52
CA TYR G 405 17.49 21.61 15.34
C TYR G 405 16.70 22.76 15.96
N ARG G 406 16.01 22.49 17.06
CA ARG G 406 15.26 23.50 17.80
C ARG G 406 16.13 24.67 18.22
N ARG G 427 7.58 26.60 27.30
CA ARG G 427 8.34 27.82 27.04
C ARG G 427 8.11 28.87 28.13
N TYR G 428 8.49 30.11 27.82
CA TYR G 428 8.40 31.19 28.81
C TYR G 428 6.95 31.41 29.26
N PHE G 429 6.05 31.60 28.32
CA PHE G 429 4.69 31.99 28.65
C PHE G 429 3.76 30.81 28.84
N GLN G 430 4.28 29.59 28.76
CA GLN G 430 3.48 28.38 28.94
C GLN G 430 3.73 27.84 30.34
N ASP G 431 3.11 28.50 31.31
CA ASP G 431 3.28 28.16 32.73
C ASP G 431 2.37 27.04 33.20
N ASP G 432 1.52 26.51 32.33
CA ASP G 432 0.59 25.45 32.71
C ASP G 432 1.35 24.15 32.92
N VAL G 433 1.29 23.61 34.15
CA VAL G 433 2.10 22.46 34.50
C VAL G 433 1.54 21.15 33.95
N LEU G 434 0.27 21.10 33.58
CA LEU G 434 -0.35 19.87 33.07
C LEU G 434 -0.71 19.96 31.60
N SER G 435 -0.18 20.94 30.88
CA SER G 435 -0.50 21.09 29.47
C SER G 435 0.23 20.02 28.66
N GLU G 436 -0.26 19.78 27.44
CA GLU G 436 0.31 18.73 26.61
C GLU G 436 1.73 19.04 26.19
N ASP G 437 2.13 20.31 26.17
CA ASP G 437 3.48 20.66 25.77
C ASP G 437 4.51 20.21 26.80
N LYS G 438 4.11 20.05 28.06
CA LYS G 438 5.00 19.49 29.06
C LYS G 438 5.14 17.98 28.93
N LEU G 439 4.26 17.34 28.15
CA LEU G 439 4.27 15.88 28.04
C LEU G 439 5.08 15.38 26.86
N VAL G 440 5.58 16.26 26.01
CA VAL G 440 6.40 15.86 24.86
C VAL G 440 7.70 16.65 24.90
N PRO G 441 8.80 16.11 24.38
CA PRO G 441 10.04 16.90 24.29
C PRO G 441 9.87 18.05 23.31
N GLU G 442 10.60 19.13 23.58
CA GLU G 442 10.63 20.25 22.65
C GLU G 442 11.41 19.88 21.40
N GLY G 443 10.93 20.35 20.25
CA GLY G 443 11.58 20.04 18.99
C GLY G 443 11.20 18.72 18.37
N ILE G 444 10.03 18.18 18.72
CA ILE G 444 9.63 16.86 18.23
C ILE G 444 9.46 16.87 16.72
N GLU G 445 9.21 18.03 16.12
CA GLU G 445 8.92 18.12 14.70
C GLU G 445 10.18 18.54 13.95
N GLY G 446 10.33 18.02 12.73
CA GLY G 446 11.51 18.30 11.95
C GLY G 446 12.78 17.66 12.47
N ARG G 447 12.66 16.50 13.10
CA ARG G 447 13.77 15.83 13.74
C ARG G 447 14.48 14.88 12.78
N VAL G 448 15.80 14.78 12.95
CA VAL G 448 16.66 13.91 12.15
C VAL G 448 16.99 12.68 12.97
N PRO G 449 17.03 11.48 12.37
CA PRO G 449 17.39 10.28 13.13
C PRO G 449 18.82 10.34 13.65
N PHE G 450 19.06 9.64 14.75
CA PHE G 450 20.36 9.62 15.41
C PHE G 450 21.20 8.48 14.89
N ARG G 451 22.46 8.77 14.55
CA ARG G 451 23.36 7.81 13.94
C ARG G 451 24.42 7.26 14.87
N GLY G 452 24.65 7.88 16.01
CA GLY G 452 25.65 7.41 16.94
C GLY G 452 26.99 8.08 16.73
N PRO G 453 28.06 7.44 17.21
CA PRO G 453 29.39 8.03 17.10
C PRO G 453 29.84 8.16 15.65
N LEU G 454 30.60 9.24 15.39
CA LEU G 454 31.13 9.48 14.05
C LEU G 454 32.17 8.44 13.66
N GLY G 455 32.96 7.98 14.64
CA GLY G 455 34.04 7.04 14.34
C GLY G 455 33.53 5.75 13.71
N THR G 456 32.36 5.27 14.14
CA THR G 456 31.79 4.07 13.54
C THR G 456 31.43 4.29 12.08
N VAL G 457 30.84 5.44 11.76
CA VAL G 457 30.49 5.75 10.37
C VAL G 457 31.75 5.83 9.51
N ILE G 458 32.76 6.54 10.00
CA ILE G 458 34.01 6.68 9.25
C ILE G 458 34.66 5.31 9.06
N HIS G 459 34.58 4.45 10.08
CA HIS G 459 35.18 3.13 9.99
C HIS G 459 34.48 2.26 8.96
N GLN G 460 33.14 2.33 8.89
CA GLN G 460 32.43 1.60 7.85
C GLN G 460 32.80 2.09 6.46
N LEU G 461 32.85 3.41 6.27
CA LEU G 461 33.21 3.95 4.96
C LEU G 461 34.62 3.55 4.55
N THR G 462 35.56 3.62 5.50
CA THR G 462 36.94 3.26 5.20
C THR G 462 37.08 1.76 4.93
N GLY G 463 36.31 0.93 5.62
CA GLY G 463 36.30 -0.49 5.29
C GLY G 463 35.83 -0.74 3.87
N GLY G 464 34.77 -0.06 3.43
CA GLY G 464 34.35 -0.17 2.04
C GLY G 464 35.44 0.24 1.07
N LEU G 465 36.09 1.37 1.35
CA LEU G 465 37.17 1.85 0.48
C LEU G 465 38.32 0.84 0.42
N ARG G 466 38.69 0.25 1.55
CA ARG G 466 39.77 -0.72 1.58
C ARG G 466 39.40 -1.99 0.81
N ALA G 467 38.14 -2.41 0.89
CA ALA G 467 37.71 -3.55 0.08
C ALA G 467 37.83 -3.24 -1.41
N ALA G 468 37.43 -2.04 -1.82
CA ALA G 468 37.59 -1.66 -3.23
C ALA G 468 39.07 -1.68 -3.64
N MET G 469 39.94 -1.15 -2.77
CA MET G 469 41.37 -1.15 -3.06
C MET G 469 41.92 -2.56 -3.18
N GLY G 470 41.39 -3.48 -2.37
CA GLY G 470 41.80 -4.87 -2.49
C GLY G 470 41.35 -5.49 -3.80
N TYR G 471 40.13 -5.18 -4.22
CA TYR G 471 39.62 -5.75 -5.48
C TYR G 471 40.38 -5.22 -6.69
N THR G 472 40.76 -3.94 -6.68
CA THR G 472 41.39 -3.36 -7.87
C THR G 472 42.90 -3.46 -7.86
N GLY G 473 43.50 -4.04 -6.82
CA GLY G 473 44.95 -4.07 -6.72
C GLY G 473 45.60 -2.74 -6.52
N SER G 474 44.97 -1.85 -5.76
CA SER G 474 45.47 -0.50 -5.53
C SER G 474 46.10 -0.45 -4.14
N ALA G 475 47.43 -0.35 -4.10
CA ALA G 475 48.12 -0.21 -2.82
C ALA G 475 47.99 1.20 -2.25
N THR G 476 47.80 2.20 -3.10
CA THR G 476 47.65 3.59 -2.69
C THR G 476 46.45 4.20 -3.38
N ILE G 477 46.03 5.37 -2.89
CA ILE G 477 44.95 6.11 -3.54
C ILE G 477 45.37 6.55 -4.94
N GLU G 478 46.64 6.89 -5.11
CA GLU G 478 47.13 7.26 -6.44
C GLU G 478 47.01 6.11 -7.42
N GLN G 479 47.22 4.87 -6.96
CA GLN G 479 46.98 3.73 -7.84
C GLN G 479 45.50 3.47 -8.06
N LEU G 480 44.67 3.72 -7.04
CA LEU G 480 43.23 3.59 -7.23
C LEU G 480 42.71 4.57 -8.28
N GLN G 481 43.35 5.74 -8.41
CA GLN G 481 42.95 6.72 -9.40
C GLN G 481 43.20 6.24 -10.83
N GLN G 482 43.94 5.14 -11.02
CA GLN G 482 44.16 4.57 -12.34
C GLN G 482 43.23 3.39 -12.66
N ALA G 483 42.26 3.10 -11.81
CA ALA G 483 41.42 1.92 -12.02
C ALA G 483 40.38 2.19 -13.10
N GLN G 484 39.89 1.11 -13.69
CA GLN G 484 38.95 1.16 -14.82
C GLN G 484 37.52 0.90 -14.36
N PHE G 485 36.59 1.34 -15.19
CA PHE G 485 35.16 1.16 -14.96
C PHE G 485 34.55 0.23 -16.01
N VAL G 486 33.43 -0.37 -15.66
CA VAL G 486 32.51 -0.98 -16.61
C VAL G 486 31.17 -0.26 -16.50
N GLN G 487 30.62 0.14 -17.64
CA GLN G 487 29.31 0.78 -17.67
C GLN G 487 28.21 -0.26 -17.70
N ILE G 488 27.20 -0.09 -16.85
CA ILE G 488 26.09 -1.03 -16.76
C ILE G 488 24.83 -0.38 -17.31
N THR G 489 23.86 -1.20 -17.67
CA THR G 489 22.62 -0.75 -18.28
C THR G 489 21.52 -0.61 -17.22
N ALA G 490 20.31 -0.29 -17.69
CA ALA G 490 19.18 -0.14 -16.79
C ALA G 490 18.82 -1.45 -16.11
N ALA G 491 18.94 -2.57 -16.83
CA ALA G 491 18.69 -3.88 -16.23
C ALA G 491 19.63 -4.17 -15.08
N GLY G 492 20.85 -3.63 -15.10
CA GLY G 492 21.78 -3.82 -14.02
C GLY G 492 21.40 -3.15 -12.71
N LEU G 493 20.41 -2.25 -12.73
CA LEU G 493 19.91 -1.62 -11.51
C LEU G 493 18.52 -2.11 -11.13
N LYS G 494 18.03 -3.17 -11.79
CA LYS G 494 16.67 -3.66 -11.57
C LYS G 494 16.71 -4.80 -10.55
N GLU G 495 16.08 -4.58 -9.41
CA GLU G 495 15.98 -5.61 -8.37
C GLU G 495 15.14 -6.79 -8.85
N VAL H 12 37.81 15.23 -29.54
CA VAL H 12 38.96 14.79 -28.76
C VAL H 12 38.54 14.14 -27.43
N PRO H 13 37.65 14.77 -26.65
CA PRO H 13 37.22 14.14 -25.41
C PRO H 13 36.39 12.88 -25.66
N VAL H 14 36.48 11.96 -24.71
CA VAL H 14 35.56 10.82 -24.66
C VAL H 14 34.14 11.36 -24.46
N PRO H 15 33.11 10.78 -25.07
CA PRO H 15 31.74 11.28 -24.81
C PRO H 15 31.32 11.23 -23.35
N THR H 16 31.82 10.27 -22.58
CA THR H 16 31.47 10.18 -21.16
C THR H 16 32.41 10.96 -20.26
N GLY H 17 33.42 11.63 -20.83
CA GLY H 17 34.28 12.51 -20.06
C GLY H 17 35.73 12.07 -20.01
N GLY H 18 36.64 13.03 -19.85
CA GLY H 18 38.05 12.73 -19.81
C GLY H 18 38.66 12.61 -21.20
N ASP H 19 39.96 12.31 -21.20
CA ASP H 19 40.70 12.12 -22.44
C ASP H 19 41.11 10.66 -22.66
N ASP H 20 40.73 9.76 -21.76
CA ASP H 20 41.20 8.38 -21.80
C ASP H 20 40.09 7.49 -22.32
N PRO H 21 40.19 6.96 -23.54
CA PRO H 21 39.09 6.14 -24.09
C PRO H 21 38.95 4.77 -23.44
N THR H 22 39.92 4.32 -22.66
CA THR H 22 39.82 3.05 -21.95
C THR H 22 39.43 3.20 -20.49
N LYS H 23 39.18 4.42 -20.01
CA LYS H 23 38.79 4.60 -18.62
C LYS H 23 37.50 3.87 -18.32
N VAL H 24 36.50 4.02 -19.19
CA VAL H 24 35.31 3.18 -19.17
C VAL H 24 35.56 2.06 -20.17
N ALA H 25 35.95 0.89 -19.65
CA ALA H 25 36.50 -0.16 -20.50
C ALA H 25 35.46 -0.76 -21.44
N MET H 26 34.25 -1.01 -20.94
CA MET H 26 33.25 -1.73 -21.73
C MET H 26 31.87 -1.46 -21.16
N LEU H 27 30.86 -1.84 -21.93
CA LEU H 27 29.47 -1.82 -21.49
C LEU H 27 29.06 -3.24 -21.09
N GLY H 28 28.66 -3.41 -19.84
CA GLY H 28 28.39 -4.73 -19.30
C GLY H 28 26.94 -5.13 -19.48
N LEU H 29 26.73 -6.30 -20.07
CA LEU H 29 25.40 -6.87 -20.24
C LEU H 29 25.15 -7.91 -19.16
N THR H 30 23.95 -7.90 -18.61
CA THR H 30 23.50 -8.89 -17.65
C THR H 30 22.43 -9.77 -18.30
N PHE H 31 21.92 -10.73 -17.53
CA PHE H 31 21.00 -11.72 -18.09
C PHE H 31 19.73 -11.06 -18.64
N ASP H 32 19.24 -10.02 -17.98
CA ASP H 32 18.02 -9.36 -18.42
C ASP H 32 18.19 -8.51 -19.67
N ASP H 33 19.43 -8.26 -20.10
CA ASP H 33 19.68 -7.44 -21.29
C ASP H 33 19.53 -8.21 -22.60
N VAL H 34 19.50 -9.54 -22.57
CA VAL H 34 19.58 -10.34 -23.79
C VAL H 34 18.48 -11.38 -23.82
N LEU H 35 18.18 -11.85 -25.02
CA LEU H 35 17.32 -13.01 -25.24
C LEU H 35 17.95 -13.87 -26.33
N LEU H 36 17.61 -15.15 -26.32
CA LEU H 36 18.08 -16.05 -27.37
C LEU H 36 17.17 -15.94 -28.59
N LEU H 37 17.78 -15.85 -29.76
CA LEU H 37 17.00 -15.79 -30.99
C LEU H 37 16.63 -17.19 -31.45
N PRO H 38 15.42 -17.38 -31.97
CA PRO H 38 15.08 -18.65 -32.63
C PRO H 38 15.91 -18.85 -33.88
N ALA H 39 16.21 -20.11 -34.17
CA ALA H 39 16.98 -20.48 -35.34
C ALA H 39 16.39 -21.74 -35.97
N ALA H 40 16.90 -22.08 -37.14
CA ALA H 40 16.46 -23.30 -37.82
C ALA H 40 16.71 -24.51 -36.93
N SER H 41 15.71 -25.35 -36.76
CA SER H 41 15.72 -26.37 -35.73
C SER H 41 15.05 -27.64 -36.20
N ASP H 42 15.73 -28.77 -36.01
CA ASP H 42 15.11 -30.09 -36.09
C ASP H 42 15.17 -30.81 -34.74
N VAL H 43 15.41 -30.06 -33.67
CA VAL H 43 15.60 -30.64 -32.34
C VAL H 43 14.26 -30.74 -31.64
N VAL H 44 13.96 -31.92 -31.11
CA VAL H 44 12.80 -32.11 -30.24
C VAL H 44 13.29 -31.97 -28.80
N PRO H 45 12.63 -31.18 -27.97
CA PRO H 45 13.14 -30.93 -26.60
C PRO H 45 13.39 -32.21 -25.80
N ALA H 46 12.52 -33.21 -25.93
CA ALA H 46 12.68 -34.44 -25.17
C ALA H 46 13.89 -35.25 -25.60
N THR H 47 14.40 -35.05 -26.82
CA THR H 47 15.54 -35.81 -27.31
C THR H 47 16.84 -35.01 -27.28
N ALA H 48 16.83 -33.78 -26.76
CA ALA H 48 18.05 -32.99 -26.68
C ALA H 48 19.03 -33.60 -25.69
N ASP H 49 20.32 -33.45 -25.99
CA ASP H 49 21.40 -33.97 -25.16
C ASP H 49 21.94 -32.84 -24.30
N THR H 50 21.78 -32.97 -22.98
CA THR H 50 22.17 -31.92 -22.04
C THR H 50 23.51 -32.19 -21.37
N SER H 51 24.29 -33.15 -21.85
CA SER H 51 25.55 -33.47 -21.21
C SER H 51 26.60 -32.42 -21.56
N SER H 52 27.49 -32.15 -20.60
CA SER H 52 28.46 -31.07 -20.72
C SER H 52 29.67 -31.36 -19.85
N GLN H 53 30.79 -30.73 -20.19
CA GLN H 53 32.04 -30.90 -19.45
C GLN H 53 32.04 -30.03 -18.20
N LEU H 54 32.22 -30.65 -17.03
CA LEU H 54 32.51 -29.88 -15.83
C LEU H 54 33.95 -29.42 -15.81
N THR H 55 34.88 -30.37 -15.83
CA THR H 55 36.29 -30.10 -16.04
C THR H 55 36.72 -30.79 -17.34
N LYS H 56 38.02 -30.76 -17.62
CA LYS H 56 38.52 -31.35 -18.85
C LYS H 56 38.41 -32.87 -18.85
N ARG H 57 38.32 -33.49 -17.67
CA ARG H 57 38.25 -34.94 -17.56
C ARG H 57 36.90 -35.47 -17.06
N ILE H 58 35.99 -34.60 -16.65
CA ILE H 58 34.72 -35.02 -16.07
C ILE H 58 33.59 -34.43 -16.90
N ARG H 59 32.66 -35.28 -17.33
CA ARG H 59 31.48 -34.88 -18.08
C ARG H 59 30.23 -35.23 -17.28
N LEU H 60 29.33 -34.27 -17.15
CA LEU H 60 28.07 -34.45 -16.44
C LEU H 60 26.94 -34.73 -17.44
N ARG H 61 25.92 -35.47 -16.98
CA ARG H 61 24.72 -35.64 -17.80
C ARG H 61 23.84 -34.40 -17.76
N VAL H 62 23.77 -33.74 -16.61
CA VAL H 62 23.00 -32.52 -16.42
C VAL H 62 24.00 -31.41 -16.07
N PRO H 63 24.03 -30.30 -16.81
CA PRO H 63 25.12 -29.32 -16.68
C PRO H 63 25.00 -28.39 -15.47
N LEU H 64 24.76 -28.98 -14.30
CA LEU H 64 24.45 -28.22 -13.10
C LEU H 64 25.29 -28.69 -11.93
N VAL H 65 25.64 -27.76 -11.05
CA VAL H 65 26.45 -28.02 -9.86
C VAL H 65 25.88 -27.19 -8.72
N SER H 66 25.82 -27.77 -7.53
CA SER H 66 25.35 -27.07 -6.35
C SER H 66 26.50 -26.30 -5.69
N SER H 67 26.18 -25.12 -5.17
CA SER H 67 27.18 -24.21 -4.66
C SER H 67 27.80 -24.69 -3.35
N ALA H 68 29.02 -24.25 -3.09
CA ALA H 68 29.73 -24.56 -1.85
C ALA H 68 29.37 -23.55 -0.75
N MET H 69 28.10 -23.56 -0.37
CA MET H 69 27.59 -22.70 0.69
C MET H 69 27.05 -23.56 1.81
N ASP H 70 27.18 -23.06 3.05
CA ASP H 70 26.79 -23.85 4.21
C ASP H 70 25.29 -23.97 4.37
N THR H 71 24.49 -23.26 3.56
CA THR H 71 23.06 -23.48 3.48
C THR H 71 22.64 -24.25 2.25
N VAL H 72 23.59 -24.81 1.49
CA VAL H 72 23.26 -25.48 0.25
C VAL H 72 23.76 -26.93 0.22
N THR H 73 25.07 -27.13 0.34
CA THR H 73 25.68 -28.43 0.04
C THR H 73 26.36 -29.02 1.26
N GLU H 74 25.81 -30.14 1.73
CA GLU H 74 26.51 -31.10 2.58
C GLU H 74 26.31 -32.48 1.95
N SER H 75 26.62 -33.55 2.68
CA SER H 75 26.60 -34.90 2.09
C SER H 75 25.27 -35.19 1.39
N ARG H 76 24.16 -34.86 2.04
CA ARG H 76 22.85 -35.21 1.49
C ARG H 76 22.62 -34.55 0.13
N MET H 77 22.95 -33.26 0.04
CA MET H 77 22.80 -32.53 -1.22
C MET H 77 23.78 -33.04 -2.27
N ALA H 78 25.02 -33.36 -1.87
CA ALA H 78 25.98 -33.87 -2.83
C ALA H 78 25.52 -35.19 -3.42
N ILE H 79 25.00 -36.09 -2.58
CA ILE H 79 24.46 -37.36 -3.06
C ILE H 79 23.31 -37.13 -4.01
N ALA H 80 22.36 -36.25 -3.63
CA ALA H 80 21.20 -36.01 -4.48
C ALA H 80 21.60 -35.40 -5.82
N MET H 81 22.55 -34.45 -5.81
CA MET H 81 22.99 -33.81 -7.04
C MET H 81 23.71 -34.81 -7.94
N ALA H 82 24.55 -35.66 -7.37
CA ALA H 82 25.23 -36.66 -8.18
C ALA H 82 24.23 -37.66 -8.76
N ARG H 83 23.21 -38.04 -7.99
CA ARG H 83 22.22 -38.98 -8.50
C ARG H 83 21.36 -38.35 -9.59
N ALA H 84 21.15 -37.03 -9.54
CA ALA H 84 20.33 -36.37 -10.54
C ALA H 84 21.05 -36.12 -11.85
N GLY H 85 22.36 -36.36 -11.93
CA GLY H 85 23.12 -36.17 -13.14
C GLY H 85 24.14 -35.07 -13.09
N GLY H 86 24.14 -34.26 -12.03
CA GLY H 86 25.12 -33.21 -11.85
C GLY H 86 26.17 -33.56 -10.81
N MET H 87 26.56 -32.58 -10.00
CA MET H 87 27.54 -32.80 -8.94
C MET H 87 27.36 -31.72 -7.88
N GLY H 88 27.88 -31.98 -6.69
CA GLY H 88 27.84 -31.02 -5.60
C GLY H 88 29.23 -30.72 -5.09
N VAL H 89 29.43 -29.46 -4.68
CA VAL H 89 30.68 -29.01 -4.08
C VAL H 89 30.44 -28.74 -2.61
N LEU H 90 31.11 -29.49 -1.75
CA LEU H 90 30.94 -29.33 -0.31
C LEU H 90 31.57 -28.03 0.17
N HIS H 91 30.88 -27.35 1.08
CA HIS H 91 31.38 -26.10 1.62
C HIS H 91 32.49 -26.36 2.65
N ARG H 92 33.23 -25.31 2.96
CA ARG H 92 34.42 -25.44 3.80
C ARG H 92 34.31 -24.63 5.10
N ASN H 93 33.11 -24.29 5.53
CA ASN H 93 32.91 -23.53 6.76
C ASN H 93 32.79 -24.45 7.97
N LEU H 94 33.76 -25.34 8.14
CA LEU H 94 33.69 -26.41 9.11
C LEU H 94 35.07 -27.05 9.21
N PRO H 95 35.35 -27.77 10.30
CA PRO H 95 36.70 -28.32 10.48
C PRO H 95 37.07 -29.33 9.40
N VAL H 96 38.37 -29.53 9.24
CA VAL H 96 38.89 -30.41 8.20
C VAL H 96 38.32 -31.81 8.34
N ALA H 97 38.29 -32.33 9.57
CA ALA H 97 37.84 -33.69 9.80
C ALA H 97 36.38 -33.88 9.38
N GLU H 98 35.53 -32.90 9.69
CA GLU H 98 34.13 -33.00 9.31
C GLU H 98 33.93 -32.94 7.80
N GLN H 99 34.67 -32.07 7.10
CA GLN H 99 34.57 -32.03 5.65
C GLN H 99 35.04 -33.32 5.02
N ALA H 100 36.15 -33.88 5.51
CA ALA H 100 36.62 -35.16 4.99
C ALA H 100 35.64 -36.28 5.30
N GLY H 101 35.00 -36.24 6.47
CA GLY H 101 33.97 -37.21 6.78
C GLY H 101 32.79 -37.12 5.84
N GLN H 102 32.42 -35.89 5.45
CA GLN H 102 31.33 -35.74 4.50
C GLN H 102 31.72 -36.26 3.12
N VAL H 103 32.98 -36.05 2.72
CA VAL H 103 33.47 -36.65 1.47
C VAL H 103 33.37 -38.17 1.55
N GLU H 104 33.78 -38.74 2.68
CA GLU H 104 33.72 -40.19 2.85
C GLU H 104 32.29 -40.70 2.79
N THR H 105 31.37 -39.96 3.42
CA THR H 105 29.95 -40.33 3.35
C THR H 105 29.46 -40.34 1.92
N VAL H 106 29.80 -39.32 1.14
CA VAL H 106 29.34 -39.26 -0.25
C VAL H 106 29.91 -40.41 -1.06
N LYS H 107 31.20 -40.69 -0.89
CA LYS H 107 31.84 -41.73 -1.70
C LYS H 107 31.30 -43.12 -1.35
N ARG H 108 30.96 -43.36 -0.08
CA ARG H 108 30.51 -44.67 0.35
C ARG H 108 29.03 -44.94 0.05
N SER H 109 28.30 -43.93 -0.45
CA SER H 109 26.84 -44.05 -0.54
C SER H 109 26.42 -45.22 -1.43
N GLU H 110 27.10 -45.41 -2.56
CA GLU H 110 26.85 -46.58 -3.39
C GLU H 110 28.12 -46.89 -4.17
N ALA H 111 28.23 -48.14 -4.61
CA ALA H 111 29.41 -48.59 -5.33
C ALA H 111 29.06 -49.86 -6.09
N GLY H 112 29.91 -50.22 -7.05
CA GLY H 112 29.80 -51.51 -7.68
C GLY H 112 30.08 -52.65 -6.73
N MET H 113 31.01 -52.45 -5.80
CA MET H 113 31.35 -53.46 -4.80
C MET H 113 31.97 -52.77 -3.59
N VAL H 114 31.43 -53.06 -2.41
CA VAL H 114 32.01 -52.52 -1.18
C VAL H 114 33.35 -53.23 -0.95
N THR H 115 34.45 -52.51 -1.18
CA THR H 115 35.76 -53.13 -1.07
C THR H 115 36.22 -53.33 0.37
N ASP H 116 35.64 -52.60 1.32
CA ASP H 116 36.04 -52.68 2.73
C ASP H 116 34.79 -52.72 3.60
N PRO H 117 34.05 -53.82 3.56
CA PRO H 117 32.78 -53.87 4.29
C PRO H 117 32.99 -53.79 5.79
N VAL H 118 31.98 -53.26 6.48
CA VAL H 118 32.01 -53.17 7.93
C VAL H 118 31.70 -54.57 8.49
N THR H 119 32.72 -55.21 9.06
CA THR H 119 32.60 -56.55 9.60
C THR H 119 32.48 -56.51 11.12
N CYS H 120 31.90 -57.57 11.67
CA CYS H 120 31.73 -57.74 13.11
C CYS H 120 32.40 -59.03 13.56
N SER H 121 32.29 -59.31 14.86
CA SER H 121 32.87 -60.49 15.48
C SER H 121 31.78 -61.26 16.22
N PRO H 122 31.90 -62.58 16.31
CA PRO H 122 30.84 -63.37 16.96
C PRO H 122 30.63 -63.01 18.42
N ASP H 123 31.63 -62.42 19.08
CA ASP H 123 31.49 -62.04 20.47
C ASP H 123 30.64 -60.78 20.67
N ASN H 124 30.35 -60.04 19.59
CA ASN H 124 29.70 -58.76 19.71
C ASN H 124 28.27 -58.91 20.23
N THR H 125 27.83 -57.91 21.00
CA THR H 125 26.45 -57.85 21.42
C THR H 125 25.58 -57.31 20.27
N LEU H 126 24.27 -57.42 20.43
CA LEU H 126 23.37 -56.85 19.42
C LEU H 126 23.42 -55.33 19.46
N ALA H 127 23.66 -54.75 20.63
CA ALA H 127 23.82 -53.30 20.73
C ALA H 127 25.03 -52.81 19.94
N GLU H 128 26.13 -53.58 19.96
CA GLU H 128 27.33 -53.16 19.23
C GLU H 128 27.08 -53.11 17.73
N VAL H 129 26.53 -54.20 17.17
CA VAL H 129 26.26 -54.23 15.74
C VAL H 129 25.19 -53.22 15.37
N ASP H 130 24.20 -53.01 16.24
CA ASP H 130 23.17 -52.01 15.97
C ASP H 130 23.77 -50.60 15.95
N ALA H 131 24.68 -50.31 16.89
CA ALA H 131 25.38 -49.03 16.87
C ALA H 131 26.17 -48.86 15.59
N MET H 132 26.88 -49.90 15.15
CA MET H 132 27.63 -49.80 13.90
C MET H 132 26.70 -49.54 12.72
N CYS H 133 25.55 -50.23 12.69
CA CYS H 133 24.61 -50.06 11.58
C CYS H 133 24.05 -48.65 11.56
N ALA H 134 23.66 -48.12 12.73
CA ALA H 134 23.17 -46.75 12.77
C ALA H 134 24.26 -45.74 12.47
N ARG H 135 25.51 -46.06 12.78
CA ARG H 135 26.62 -45.16 12.46
C ARG H 135 26.83 -45.07 10.96
N PHE H 136 26.94 -46.22 10.29
CA PHE H 136 27.24 -46.26 8.86
C PHE H 136 25.99 -46.27 7.99
N ARG H 137 24.80 -46.30 8.59
CA ARG H 137 23.53 -46.28 7.86
C ARG H 137 23.43 -47.47 6.90
N ILE H 138 23.65 -48.67 7.43
CA ILE H 138 23.63 -49.90 6.66
C ILE H 138 22.69 -50.89 7.36
N SER H 139 22.56 -52.07 6.77
CA SER H 139 21.61 -53.07 7.21
C SER H 139 22.23 -54.37 7.69
N GLY H 140 23.31 -54.83 7.06
CA GLY H 140 23.85 -56.13 7.37
C GLY H 140 25.37 -56.11 7.41
N LEU H 141 25.93 -56.99 8.24
CA LEU H 141 27.36 -57.04 8.49
C LEU H 141 27.84 -58.48 8.36
N PRO H 142 28.88 -58.73 7.57
CA PRO H 142 29.56 -60.03 7.64
C PRO H 142 30.30 -60.15 8.96
N VAL H 143 30.62 -61.38 9.33
CA VAL H 143 31.33 -61.66 10.57
C VAL H 143 32.60 -62.43 10.24
N VAL H 144 33.67 -62.13 10.98
CA VAL H 144 34.92 -62.85 10.89
C VAL H 144 35.33 -63.26 12.30
N ASP H 145 36.20 -64.26 12.37
CA ASP H 145 36.78 -64.65 13.65
C ASP H 145 37.97 -63.76 13.98
N ASP H 146 38.62 -64.04 15.11
CA ASP H 146 39.77 -63.23 15.51
C ASP H 146 40.97 -63.43 14.60
N THR H 147 40.92 -64.42 13.70
CA THR H 147 41.92 -64.56 12.65
C THR H 147 41.53 -63.85 11.36
N GLY H 148 40.23 -63.63 11.13
CA GLY H 148 39.76 -63.02 9.91
C GLY H 148 38.98 -63.93 8.98
N GLU H 149 38.59 -65.11 9.42
CA GLU H 149 37.92 -66.07 8.55
C GLU H 149 36.42 -65.88 8.61
N LEU H 150 35.76 -65.97 7.46
CA LEU H 150 34.33 -65.68 7.35
C LEU H 150 33.53 -66.82 7.93
N VAL H 151 32.67 -66.52 8.90
CA VAL H 151 31.90 -67.56 9.59
C VAL H 151 30.42 -67.18 9.73
N GLY H 152 29.96 -66.22 8.95
CA GLY H 152 28.54 -65.92 8.92
C GLY H 152 28.27 -64.46 8.57
N ILE H 153 26.99 -64.12 8.59
CA ILE H 153 26.50 -62.79 8.24
C ILE H 153 25.24 -62.53 9.03
N ILE H 154 25.10 -61.30 9.52
CA ILE H 154 23.94 -60.90 10.32
C ILE H 154 23.28 -59.70 9.68
N THR H 155 21.99 -59.81 9.41
CA THR H 155 21.22 -58.74 8.78
C THR H 155 20.08 -58.31 9.69
N ASN H 156 19.36 -57.28 9.26
CA ASN H 156 18.34 -56.68 10.10
C ASN H 156 17.09 -57.55 10.21
N ARG H 157 16.88 -58.48 9.28
CA ARG H 157 15.76 -59.41 9.44
C ARG H 157 16.02 -60.36 10.60
N ASP H 158 17.28 -60.67 10.87
CA ASP H 158 17.60 -61.51 12.03
C ASP H 158 17.36 -60.76 13.34
N MET H 159 17.87 -59.54 13.45
CA MET H 159 17.70 -58.76 14.67
C MET H 159 16.26 -58.32 14.87
N ARG H 160 15.49 -58.19 13.79
CA ARG H 160 14.10 -57.79 13.90
C ARG H 160 13.30 -58.80 14.71
N PHE H 161 13.70 -60.08 14.65
CA PHE H 161 12.99 -61.17 15.29
C PHE H 161 13.64 -61.62 16.58
N GLU H 162 14.66 -60.91 17.06
CA GLU H 162 15.32 -61.21 18.32
C GLU H 162 14.96 -60.11 19.32
N VAL H 163 14.37 -60.51 20.45
CA VAL H 163 13.90 -59.52 21.42
C VAL H 163 14.94 -59.24 22.50
N ASP H 164 15.83 -60.18 22.79
CA ASP H 164 16.88 -59.95 23.78
C ASP H 164 17.96 -59.10 23.14
N GLN H 165 18.02 -57.82 23.56
CA GLN H 165 18.99 -56.89 23.00
C GLN H 165 20.43 -57.24 23.36
N SER H 166 20.66 -58.06 24.38
CA SER H 166 21.98 -58.31 24.91
C SER H 166 22.61 -59.60 24.39
N LYS H 167 22.04 -60.20 23.35
CA LYS H 167 22.55 -61.48 22.87
C LYS H 167 23.84 -61.30 22.07
N PRO H 168 24.67 -62.35 22.01
CA PRO H 168 25.84 -62.30 21.13
C PRO H 168 25.48 -62.62 19.68
N VAL H 169 26.42 -62.29 18.79
CA VAL H 169 26.18 -62.42 17.35
C VAL H 169 26.12 -63.89 16.94
N SER H 170 26.96 -64.72 17.55
CA SER H 170 27.01 -66.14 17.17
C SER H 170 25.66 -66.82 17.35
N GLU H 171 24.85 -66.36 18.30
CA GLU H 171 23.53 -66.93 18.49
C GLU H 171 22.58 -66.53 17.36
N VAL H 172 22.80 -65.37 16.76
CA VAL H 172 21.85 -64.80 15.82
C VAL H 172 22.31 -64.92 14.37
N MET H 173 23.61 -64.85 14.10
CA MET H 173 24.10 -64.84 12.74
C MET H 173 23.73 -66.12 12.00
N THR H 174 23.48 -65.98 10.70
CA THR H 174 23.38 -67.14 9.83
C THR H 174 24.76 -67.74 9.65
N LYS H 175 24.94 -68.98 10.13
CA LYS H 175 26.25 -69.58 10.18
C LYS H 175 26.73 -69.98 8.79
N ALA H 176 28.03 -70.21 8.67
CA ALA H 176 28.62 -70.65 7.42
C ALA H 176 28.25 -72.11 7.16
N PRO H 177 28.29 -72.55 5.89
CA PRO H 177 28.68 -71.81 4.68
C PRO H 177 27.58 -70.91 4.13
N LEU H 178 27.94 -69.69 3.75
CA LEU H 178 27.00 -68.72 3.22
C LEU H 178 26.96 -68.83 1.70
N ILE H 179 26.01 -68.12 1.10
CA ILE H 179 26.04 -67.89 -0.35
C ILE H 179 27.13 -66.85 -0.61
N THR H 180 28.24 -67.28 -1.18
CA THR H 180 29.39 -66.41 -1.42
C THR H 180 29.80 -66.50 -2.88
N ALA H 181 30.80 -65.69 -3.24
CA ALA H 181 31.39 -65.71 -4.57
C ALA H 181 32.85 -65.28 -4.45
N LYS H 182 33.63 -65.64 -5.46
CA LYS H 182 35.07 -65.39 -5.45
C LYS H 182 35.38 -64.01 -6.04
N GLU H 183 36.53 -63.47 -5.64
CA GLU H 183 37.05 -62.25 -6.25
C GLU H 183 37.06 -62.37 -7.77
N GLY H 184 36.87 -61.24 -8.44
CA GLY H 184 36.80 -61.23 -9.88
C GLY H 184 35.47 -61.65 -10.46
N VAL H 185 34.48 -61.95 -9.62
CA VAL H 185 33.18 -62.36 -10.12
C VAL H 185 32.53 -61.22 -10.88
N SER H 186 32.00 -61.53 -12.06
CA SER H 186 31.31 -60.54 -12.88
C SER H 186 30.02 -60.08 -12.19
N ALA H 187 29.62 -58.85 -12.51
CA ALA H 187 28.38 -58.32 -11.96
C ALA H 187 27.18 -59.16 -12.37
N GLU H 188 27.20 -59.69 -13.59
CA GLU H 188 26.11 -60.56 -14.04
C GLU H 188 26.05 -61.83 -13.21
N ALA H 189 27.21 -62.43 -12.92
CA ALA H 189 27.23 -63.65 -12.11
C ALA H 189 26.73 -63.37 -10.69
N ALA H 190 27.15 -62.26 -10.09
CA ALA H 190 26.70 -61.94 -8.74
C ALA H 190 25.21 -61.64 -8.70
N LEU H 191 24.71 -60.93 -9.72
CA LEU H 191 23.27 -60.70 -9.82
C LEU H 191 22.52 -62.02 -9.96
N GLY H 192 23.03 -62.93 -10.77
CA GLY H 192 22.38 -64.23 -10.91
C GLY H 192 22.36 -65.01 -9.62
N LEU H 193 23.46 -64.98 -8.86
CA LEU H 193 23.50 -65.68 -7.58
C LEU H 193 22.50 -65.10 -6.60
N LEU H 194 22.46 -63.76 -6.49
CA LEU H 194 21.51 -63.13 -5.59
C LEU H 194 20.08 -63.45 -6.00
N ARG H 195 19.80 -63.42 -7.32
CA ARG H 195 18.46 -63.75 -7.79
C ARG H 195 18.10 -65.20 -7.46
N ARG H 196 19.04 -66.11 -7.66
CA ARG H 196 18.80 -67.53 -7.44
C ARG H 196 18.51 -67.83 -5.98
N HIS H 197 19.28 -67.27 -5.06
CA HIS H 197 19.19 -67.67 -3.67
C HIS H 197 18.29 -66.77 -2.83
N LYS H 198 17.62 -65.79 -3.46
CA LYS H 198 16.61 -64.96 -2.81
C LYS H 198 17.17 -64.26 -1.57
N ILE H 199 18.32 -63.63 -1.73
CA ILE H 199 18.97 -62.88 -0.67
C ILE H 199 19.41 -61.53 -1.22
N GLU H 200 19.78 -60.63 -0.32
CA GLU H 200 20.14 -59.27 -0.71
C GLU H 200 21.63 -58.98 -0.65
N LYS H 201 22.42 -59.78 0.06
CA LYS H 201 23.83 -59.49 0.27
C LYS H 201 24.68 -60.67 -0.14
N LEU H 202 25.89 -60.38 -0.61
CA LEU H 202 26.78 -61.41 -1.12
C LEU H 202 28.22 -61.11 -0.71
N PRO H 203 28.78 -61.85 0.25
CA PRO H 203 30.21 -61.72 0.54
C PRO H 203 31.07 -62.13 -0.64
N ILE H 204 32.25 -61.52 -0.73
CA ILE H 204 33.22 -61.81 -1.78
C ILE H 204 34.55 -62.12 -1.11
N VAL H 205 35.14 -63.26 -1.45
CA VAL H 205 36.32 -63.79 -0.79
C VAL H 205 37.40 -64.11 -1.82
N ASP H 206 38.64 -64.17 -1.34
CA ASP H 206 39.78 -64.52 -2.18
C ASP H 206 39.91 -66.04 -2.29
N GLY H 207 41.04 -66.50 -2.82
CA GLY H 207 41.26 -67.92 -2.97
C GLY H 207 41.36 -68.68 -1.65
N HIS H 208 41.88 -68.04 -0.62
CA HIS H 208 42.02 -68.68 0.69
C HIS H 208 40.78 -68.53 1.56
N GLY H 209 39.73 -67.88 1.07
CA GLY H 209 38.53 -67.69 1.85
C GLY H 209 38.50 -66.45 2.72
N LYS H 210 39.47 -65.56 2.59
CA LYS H 210 39.45 -64.32 3.35
C LYS H 210 38.50 -63.34 2.68
N LEU H 211 37.71 -62.64 3.51
CA LEU H 211 36.72 -61.70 2.98
C LEU H 211 37.41 -60.45 2.44
N THR H 212 37.05 -60.08 1.20
CA THR H 212 37.59 -58.87 0.60
C THR H 212 36.53 -58.02 -0.10
N GLY H 213 35.25 -58.37 0.00
CA GLY H 213 34.25 -57.53 -0.64
C GLY H 213 32.85 -57.91 -0.23
N LEU H 214 31.89 -57.07 -0.68
CA LEU H 214 30.48 -57.32 -0.47
C LEU H 214 29.70 -56.68 -1.60
N ILE H 215 28.85 -57.46 -2.25
CA ILE H 215 27.98 -56.97 -3.32
C ILE H 215 26.53 -57.06 -2.86
N THR H 216 25.81 -55.95 -3.00
CA THR H 216 24.40 -55.91 -2.64
C THR H 216 23.55 -55.75 -3.90
N VAL H 217 22.29 -56.20 -3.80
CA VAL H 217 21.34 -55.98 -4.89
C VAL H 217 20.84 -54.55 -4.90
N LYS H 218 20.93 -53.85 -3.77
CA LYS H 218 20.51 -52.46 -3.72
C LYS H 218 21.35 -51.60 -4.65
N ASP H 219 22.59 -51.99 -4.91
CA ASP H 219 23.42 -51.23 -5.84
C ASP H 219 22.87 -51.33 -7.26
N PHE H 220 22.47 -52.54 -7.68
CA PHE H 220 21.85 -52.70 -8.99
C PHE H 220 20.52 -51.94 -9.04
N VAL H 221 19.76 -51.97 -7.95
CA VAL H 221 18.49 -51.25 -7.91
C VAL H 221 18.71 -49.74 -8.04
N LYS H 222 19.72 -49.21 -7.34
CA LYS H 222 20.04 -47.79 -7.44
C LYS H 222 20.52 -47.43 -8.85
N THR H 223 21.36 -48.28 -9.44
CA THR H 223 21.82 -48.04 -10.81
C THR H 223 20.64 -48.00 -11.77
N GLU H 224 19.61 -48.83 -11.54
CA GLU H 224 18.43 -48.78 -12.39
C GLU H 224 17.56 -47.56 -12.09
N GLN H 225 17.52 -47.13 -10.83
CA GLN H 225 16.64 -46.03 -10.43
C GLN H 225 17.20 -44.67 -10.81
N PHE H 226 18.52 -44.52 -10.84
CA PHE H 226 19.19 -43.25 -11.12
C PHE H 226 20.14 -43.44 -12.29
N PRO H 227 19.61 -43.56 -13.51
CA PRO H 227 20.47 -43.88 -14.66
C PRO H 227 21.40 -42.77 -15.09
N LEU H 228 21.18 -41.54 -14.65
CA LEU H 228 22.02 -40.41 -15.03
C LEU H 228 23.15 -40.14 -14.04
N SER H 229 23.35 -41.03 -13.07
CA SER H 229 24.27 -40.75 -11.96
C SER H 229 25.68 -40.45 -12.45
N THR H 230 26.32 -39.48 -11.80
CA THR H 230 27.70 -39.13 -12.04
C THR H 230 28.59 -40.04 -11.21
N LYS H 231 29.37 -40.90 -11.85
CA LYS H 231 30.13 -41.92 -11.16
C LYS H 231 31.53 -42.03 -11.74
N ASP H 232 32.44 -42.60 -10.94
CA ASP H 232 33.79 -42.91 -11.40
C ASP H 232 33.85 -44.34 -11.91
N SER H 233 35.08 -44.83 -12.16
CA SER H 233 35.26 -46.18 -12.70
C SER H 233 34.80 -47.27 -11.74
N ASP H 234 34.76 -47.00 -10.44
CA ASP H 234 34.32 -47.97 -9.45
C ASP H 234 32.82 -47.96 -9.21
N GLY H 235 32.07 -47.13 -9.94
CA GLY H 235 30.65 -47.02 -9.69
C GLY H 235 30.28 -46.16 -8.50
N ARG H 236 31.22 -45.35 -8.01
CA ARG H 236 30.96 -44.46 -6.88
C ARG H 236 30.71 -43.04 -7.35
N LEU H 237 29.81 -42.35 -6.64
CA LEU H 237 29.40 -41.01 -7.03
C LEU H 237 30.57 -40.02 -6.92
N LEU H 238 30.64 -39.10 -7.88
CA LEU H 238 31.64 -38.04 -7.83
C LEU H 238 31.20 -36.93 -6.86
N VAL H 239 32.18 -36.22 -6.33
CA VAL H 239 31.92 -35.12 -5.40
C VAL H 239 33.11 -34.19 -5.41
N GLY H 240 32.86 -32.89 -5.20
CA GLY H 240 33.89 -31.90 -5.07
C GLY H 240 33.86 -31.24 -3.70
N ALA H 241 34.93 -30.52 -3.39
CA ALA H 241 35.02 -29.80 -2.13
C ALA H 241 35.83 -28.53 -2.33
N ALA H 242 35.50 -27.50 -1.55
CA ALA H 242 36.14 -26.20 -1.63
C ALA H 242 37.28 -26.09 -0.62
N VAL H 243 38.35 -25.39 -1.02
CA VAL H 243 39.45 -25.06 -0.12
C VAL H 243 39.82 -23.60 -0.32
N GLY H 244 40.44 -23.03 0.70
CA GLY H 244 40.93 -21.66 0.66
C GLY H 244 42.38 -21.59 0.21
N VAL H 245 43.10 -20.59 0.71
CA VAL H 245 44.51 -20.41 0.43
C VAL H 245 45.26 -20.29 1.76
N GLY H 246 46.41 -20.95 1.85
CA GLY H 246 47.23 -20.96 3.04
C GLY H 246 47.73 -22.35 3.37
N ASP H 247 48.39 -22.45 4.52
CA ASP H 247 48.90 -23.74 5.01
C ASP H 247 47.79 -24.62 5.56
N ASP H 248 46.87 -24.02 6.33
CA ASP H 248 45.67 -24.75 6.74
C ASP H 248 44.91 -25.26 5.51
N ALA H 249 44.83 -24.44 4.46
CA ALA H 249 44.16 -24.86 3.25
C ALA H 249 44.89 -26.03 2.60
N TRP H 250 46.22 -26.03 2.64
CA TRP H 250 46.98 -27.13 2.06
C TRP H 250 46.73 -28.43 2.82
N THR H 251 46.76 -28.37 4.15
CA THR H 251 46.46 -29.57 4.93
C THR H 251 45.04 -30.06 4.69
N ARG H 252 44.09 -29.12 4.60
CA ARG H 252 42.71 -29.50 4.28
C ARG H 252 42.63 -30.19 2.93
N ALA H 253 43.32 -29.65 1.92
CA ALA H 253 43.29 -30.24 0.59
C ALA H 253 43.86 -31.65 0.60
N MET H 254 44.97 -31.86 1.32
CA MET H 254 45.57 -33.17 1.39
C MET H 254 44.63 -34.18 2.07
N THR H 255 43.99 -33.76 3.16
CA THR H 255 43.02 -34.62 3.82
C THR H 255 41.86 -34.98 2.88
N LEU H 256 41.34 -33.99 2.15
CA LEU H 256 40.25 -34.25 1.21
C LEU H 256 40.67 -35.23 0.12
N VAL H 257 41.89 -35.07 -0.40
CA VAL H 257 42.38 -36.01 -1.41
C VAL H 257 42.47 -37.41 -0.82
N ASP H 258 42.90 -37.53 0.43
CA ASP H 258 42.92 -38.83 1.09
C ASP H 258 41.50 -39.43 1.16
N ALA H 259 40.52 -38.61 1.54
CA ALA H 259 39.15 -39.09 1.69
C ALA H 259 38.53 -39.57 0.38
N GLY H 260 39.12 -39.25 -0.76
CA GLY H 260 38.61 -39.66 -2.04
C GLY H 260 37.90 -38.60 -2.84
N VAL H 261 38.21 -37.33 -2.62
CA VAL H 261 37.57 -36.27 -3.38
C VAL H 261 37.93 -36.38 -4.86
N ASP H 262 37.02 -35.94 -5.72
CA ASP H 262 37.23 -36.00 -7.16
C ASP H 262 37.59 -34.65 -7.76
N VAL H 263 37.06 -33.56 -7.23
CA VAL H 263 37.36 -32.21 -7.67
C VAL H 263 37.71 -31.37 -6.45
N LEU H 264 38.76 -30.58 -6.55
CA LEU H 264 39.05 -29.52 -5.59
C LEU H 264 38.78 -28.18 -6.25
N ILE H 265 38.13 -27.28 -5.51
CA ILE H 265 37.78 -25.95 -6.00
C ILE H 265 38.44 -24.94 -5.09
N VAL H 266 39.48 -24.25 -5.58
CA VAL H 266 40.09 -23.19 -4.82
C VAL H 266 39.14 -22.00 -4.84
N ASP H 267 38.57 -21.66 -3.69
CA ASP H 267 37.30 -20.94 -3.61
C ASP H 267 37.53 -19.58 -2.94
N THR H 268 37.74 -18.55 -3.75
CA THR H 268 37.99 -17.20 -3.26
C THR H 268 37.08 -16.21 -3.98
N ALA H 269 36.91 -15.04 -3.37
CA ALA H 269 36.11 -14.00 -4.00
C ALA H 269 36.84 -13.34 -5.16
N HIS H 270 38.17 -13.37 -5.15
CA HIS H 270 38.98 -12.64 -6.14
C HIS H 270 40.20 -13.50 -6.45
N ALA H 271 40.14 -14.25 -7.54
CA ALA H 271 41.18 -15.20 -7.90
C ALA H 271 42.33 -14.59 -8.68
N HIS H 272 42.21 -13.36 -9.16
CA HIS H 272 43.30 -12.70 -9.88
C HIS H 272 44.33 -12.21 -8.87
N ASN H 273 44.97 -13.17 -8.20
CA ASN H 273 45.83 -12.92 -7.06
C ASN H 273 46.94 -13.95 -7.07
N ARG H 274 48.16 -13.51 -6.75
CA ARG H 274 49.33 -14.37 -6.89
C ARG H 274 49.24 -15.59 -5.98
N GLY H 275 48.72 -15.42 -4.76
CA GLY H 275 48.57 -16.55 -3.86
C GLY H 275 47.62 -17.61 -4.39
N VAL H 276 46.49 -17.18 -4.97
CA VAL H 276 45.55 -18.13 -5.54
C VAL H 276 46.18 -18.90 -6.69
N LEU H 277 46.90 -18.21 -7.57
CA LEU H 277 47.52 -18.87 -8.71
C LEU H 277 48.60 -19.85 -8.26
N ASP H 278 49.37 -19.48 -7.24
CA ASP H 278 50.39 -20.39 -6.72
C ASP H 278 49.75 -21.59 -6.04
N MET H 279 48.64 -21.40 -5.33
CA MET H 279 47.93 -22.53 -4.74
C MET H 279 47.44 -23.49 -5.81
N VAL H 280 46.87 -22.95 -6.89
CA VAL H 280 46.41 -23.79 -8.00
C VAL H 280 47.58 -24.57 -8.60
N SER H 281 48.72 -23.90 -8.82
CA SER H 281 49.88 -24.57 -9.40
C SER H 281 50.40 -25.66 -8.47
N ARG H 282 50.48 -25.38 -7.17
CA ARG H 282 50.95 -26.39 -6.21
C ARG H 282 50.04 -27.60 -6.19
N LEU H 283 48.73 -27.37 -6.16
CA LEU H 283 47.79 -28.49 -6.16
C LEU H 283 47.91 -29.31 -7.43
N LYS H 284 48.07 -28.65 -8.58
CA LYS H 284 48.19 -29.38 -9.83
C LYS H 284 49.49 -30.19 -9.88
N GLN H 285 50.56 -29.66 -9.31
CA GLN H 285 51.81 -30.42 -9.22
C GLN H 285 51.68 -31.62 -8.30
N ALA H 286 51.02 -31.45 -7.15
CA ALA H 286 51.01 -32.51 -6.15
C ALA H 286 49.99 -33.59 -6.49
N VAL H 287 48.72 -33.23 -6.60
CA VAL H 287 47.65 -34.22 -6.70
C VAL H 287 46.94 -34.15 -8.06
N GLY H 288 47.56 -33.48 -9.03
CA GLY H 288 46.88 -33.24 -10.30
C GLY H 288 46.64 -34.47 -11.13
N GLU H 289 47.44 -35.53 -10.95
CA GLU H 289 47.25 -36.73 -11.75
C GLU H 289 46.01 -37.51 -11.33
N ARG H 290 45.45 -37.20 -10.16
CA ARG H 290 44.28 -37.88 -9.62
C ARG H 290 43.04 -37.00 -9.57
N VAL H 291 43.20 -35.75 -9.14
CA VAL H 291 42.08 -34.87 -8.82
C VAL H 291 42.12 -33.70 -9.78
N ASP H 292 40.93 -33.22 -10.17
CA ASP H 292 40.83 -31.98 -10.92
C ASP H 292 40.88 -30.77 -9.98
N VAL H 293 41.51 -29.70 -10.44
CA VAL H 293 41.63 -28.46 -9.67
C VAL H 293 40.92 -27.36 -10.45
N VAL H 294 39.96 -26.71 -9.80
CA VAL H 294 39.19 -25.61 -10.40
C VAL H 294 39.61 -24.31 -9.76
N GLY H 295 39.80 -23.28 -10.58
CA GLY H 295 40.23 -21.98 -10.10
C GLY H 295 39.06 -21.05 -9.82
N GLY H 296 39.17 -20.31 -8.72
CA GLY H 296 38.10 -19.52 -8.17
C GLY H 296 37.69 -18.36 -9.06
N ASN H 297 36.88 -17.48 -8.47
CA ASN H 297 36.02 -16.61 -9.26
C ASN H 297 36.81 -15.48 -9.91
N VAL H 298 36.59 -15.31 -11.22
CA VAL H 298 37.19 -14.25 -12.02
C VAL H 298 36.05 -13.54 -12.75
N ALA H 299 36.37 -12.38 -13.31
CA ALA H 299 35.39 -11.63 -14.07
C ALA H 299 35.94 -10.97 -15.33
N THR H 300 37.21 -11.20 -15.68
CA THR H 300 37.83 -10.57 -16.84
C THR H 300 38.56 -11.62 -17.66
N ARG H 301 38.91 -11.23 -18.89
CA ARG H 301 39.68 -12.12 -19.76
C ARG H 301 41.08 -12.36 -19.20
N ALA H 302 41.72 -11.32 -18.68
CA ALA H 302 43.09 -11.46 -18.20
C ALA H 302 43.17 -12.40 -16.99
N ALA H 303 42.20 -12.30 -16.06
CA ALA H 303 42.21 -13.17 -14.91
C ALA H 303 42.00 -14.63 -15.31
N ALA H 304 41.08 -14.88 -16.24
CA ALA H 304 40.86 -16.24 -16.72
C ALA H 304 42.10 -16.77 -17.42
N ALA H 305 42.78 -15.93 -18.20
CA ALA H 305 44.03 -16.33 -18.83
C ALA H 305 45.09 -16.67 -17.79
N ALA H 306 45.14 -15.90 -16.70
CA ALA H 306 46.07 -16.20 -15.62
C ALA H 306 45.76 -17.56 -14.99
N LEU H 307 44.48 -17.84 -14.75
CA LEU H 307 44.11 -19.14 -14.20
C LEU H 307 44.46 -20.28 -15.15
N VAL H 308 44.23 -20.09 -16.45
CA VAL H 308 44.58 -21.11 -17.42
C VAL H 308 46.09 -21.34 -17.44
N GLU H 309 46.87 -20.25 -17.40
CA GLU H 309 48.32 -20.37 -17.33
C GLU H 309 48.76 -21.13 -16.09
N ALA H 310 48.14 -20.86 -14.95
CA ALA H 310 48.49 -21.54 -13.71
C ALA H 310 48.18 -23.03 -13.73
N GLY H 311 47.29 -23.48 -14.61
CA GLY H 311 46.98 -24.88 -14.76
C GLY H 311 45.61 -25.34 -14.31
N ALA H 312 44.63 -24.44 -14.25
CA ALA H 312 43.30 -24.82 -13.78
C ALA H 312 42.61 -25.74 -14.78
N ASP H 313 41.85 -26.70 -14.25
CA ASP H 313 41.04 -27.58 -15.08
C ASP H 313 39.68 -26.99 -15.42
N ALA H 314 39.24 -25.96 -14.70
CA ALA H 314 38.04 -25.21 -15.03
C ALA H 314 38.15 -23.85 -14.34
N VAL H 315 37.40 -22.89 -14.87
CA VAL H 315 37.46 -21.51 -14.40
C VAL H 315 36.05 -21.08 -14.02
N LYS H 316 35.88 -20.66 -12.77
CA LYS H 316 34.58 -20.22 -12.28
C LYS H 316 34.48 -18.70 -12.40
N VAL H 317 33.34 -18.23 -12.89
CA VAL H 317 33.16 -16.84 -13.28
C VAL H 317 32.10 -16.19 -12.41
N GLY H 318 32.39 -15.00 -11.92
CA GLY H 318 31.41 -14.14 -11.29
C GLY H 318 31.93 -13.39 -10.09
N VAL H 319 31.87 -12.07 -10.16
CA VAL H 319 32.33 -11.17 -9.12
C VAL H 319 31.28 -10.07 -9.01
N GLY H 320 30.50 -10.08 -7.94
CA GLY H 320 29.38 -9.20 -7.81
C GLY H 320 28.43 -9.24 -8.99
N PRO H 321 27.94 -10.43 -9.36
CA PRO H 321 27.04 -10.49 -10.53
C PRO H 321 25.61 -10.06 -10.26
N GLY H 322 25.19 -10.02 -9.00
CA GLY H 322 23.85 -9.55 -8.68
C GLY H 322 23.74 -8.04 -8.76
N SER H 323 22.52 -7.57 -9.04
CA SER H 323 22.32 -6.15 -9.31
C SER H 323 22.61 -5.31 -8.08
N ILE H 324 21.99 -5.62 -6.94
CA ILE H 324 22.14 -4.82 -5.73
C ILE H 324 22.95 -5.58 -4.68
N CYS H 325 23.83 -6.47 -5.12
CA CYS H 325 24.59 -7.30 -4.20
C CYS H 325 25.47 -6.44 -3.30
N THR H 326 25.90 -7.06 -2.19
CA THR H 326 26.68 -6.35 -1.19
C THR H 326 28.01 -5.84 -1.75
N THR H 327 28.68 -6.63 -2.60
CA THR H 327 29.95 -6.20 -3.16
C THR H 327 29.79 -4.90 -3.95
N ARG H 328 28.74 -4.80 -4.78
CA ARG H 328 28.51 -3.59 -5.55
C ARG H 328 28.20 -2.40 -4.66
N VAL H 329 27.35 -2.58 -3.65
CA VAL H 329 26.94 -1.46 -2.82
C VAL H 329 28.09 -0.98 -1.92
N VAL H 330 28.83 -1.90 -1.33
CA VAL H 330 29.83 -1.54 -0.33
C VAL H 330 31.18 -1.23 -0.96
N ALA H 331 31.68 -2.09 -1.85
CA ALA H 331 32.98 -1.85 -2.47
C ALA H 331 32.90 -1.12 -3.80
N GLY H 332 31.72 -1.04 -4.41
CA GLY H 332 31.61 -0.45 -5.73
C GLY H 332 32.17 -1.30 -6.85
N VAL H 333 32.26 -2.61 -6.65
CA VAL H 333 32.98 -3.51 -7.54
C VAL H 333 32.00 -4.55 -8.07
N GLY H 334 32.11 -4.86 -9.36
CA GLY H 334 31.25 -5.87 -9.93
C GLY H 334 31.49 -5.99 -11.41
N ALA H 335 30.79 -6.95 -12.01
CA ALA H 335 30.85 -7.22 -13.44
C ALA H 335 29.56 -7.89 -13.90
N PRO H 336 28.83 -7.29 -14.83
CA PRO H 336 27.65 -7.97 -15.37
C PRO H 336 27.99 -9.31 -16.00
N GLN H 337 27.15 -10.31 -15.72
CA GLN H 337 27.57 -11.70 -15.85
C GLN H 337 27.71 -12.16 -17.30
N ILE H 338 26.85 -11.66 -18.21
CA ILE H 338 26.94 -12.10 -19.61
C ILE H 338 28.27 -11.67 -20.22
N THR H 339 28.64 -10.41 -20.03
CA THR H 339 29.93 -9.92 -20.54
C THR H 339 31.09 -10.65 -19.89
N ALA H 340 31.02 -10.88 -18.58
CA ALA H 340 32.08 -11.61 -17.89
C ALA H 340 32.24 -13.00 -18.47
N ILE H 341 31.14 -13.69 -18.74
CA ILE H 341 31.24 -15.04 -19.32
C ILE H 341 31.83 -14.97 -20.72
N LEU H 342 31.40 -14.00 -21.53
CA LEU H 342 31.96 -13.88 -22.88
C LEU H 342 33.47 -13.66 -22.84
N GLU H 343 33.94 -12.79 -21.94
CA GLU H 343 35.38 -12.52 -21.85
C GLU H 343 36.14 -13.74 -21.36
N ALA H 344 35.63 -14.40 -20.31
CA ALA H 344 36.31 -15.57 -19.77
C ALA H 344 36.37 -16.69 -20.79
N VAL H 345 35.28 -16.88 -21.56
CA VAL H 345 35.28 -17.90 -22.60
C VAL H 345 36.28 -17.54 -23.69
N ALA H 346 36.36 -16.25 -24.05
CA ALA H 346 37.39 -15.82 -25.01
C ALA H 346 38.78 -16.21 -24.53
N ALA H 347 39.00 -16.15 -23.21
CA ALA H 347 40.30 -16.57 -22.69
C ALA H 347 40.46 -18.09 -22.68
N CYS H 348 39.41 -18.83 -22.33
CA CYS H 348 39.55 -20.24 -21.97
C CYS H 348 39.33 -21.22 -23.12
N LYS H 349 38.42 -20.90 -24.04
CA LYS H 349 38.05 -21.85 -25.10
C LYS H 349 39.22 -22.31 -25.96
N PRO H 350 40.19 -21.48 -26.35
CA PRO H 350 41.31 -21.99 -27.15
C PRO H 350 42.09 -23.11 -26.49
N TYR H 351 42.08 -23.20 -25.16
CA TYR H 351 42.81 -24.24 -24.45
C TYR H 351 41.92 -25.39 -23.98
N GLY H 352 40.64 -25.37 -24.32
CA GLY H 352 39.75 -26.44 -23.94
C GLY H 352 39.43 -26.50 -22.46
N VAL H 353 39.51 -25.38 -21.76
CA VAL H 353 39.20 -25.31 -20.34
C VAL H 353 37.75 -24.87 -20.18
N PRO H 354 36.88 -25.67 -19.58
CA PRO H 354 35.48 -25.27 -19.41
C PRO H 354 35.34 -24.10 -18.45
N VAL H 355 34.26 -23.35 -18.64
CA VAL H 355 33.91 -22.21 -17.79
C VAL H 355 32.66 -22.56 -17.00
N ILE H 356 32.67 -22.23 -15.71
CA ILE H 356 31.54 -22.44 -14.82
C ILE H 356 30.93 -21.09 -14.48
N ALA H 357 29.65 -20.91 -14.77
CA ALA H 357 28.95 -19.66 -14.48
C ALA H 357 28.38 -19.72 -13.07
N ASP H 358 28.78 -18.78 -12.22
CA ASP H 358 28.49 -18.84 -10.79
C ASP H 358 27.87 -17.53 -10.32
N GLY H 359 26.55 -17.51 -10.17
CA GLY H 359 25.90 -16.40 -9.52
C GLY H 359 25.04 -15.59 -10.47
N GLY H 360 23.99 -14.97 -9.90
CA GLY H 360 23.09 -14.14 -10.66
C GLY H 360 22.01 -14.89 -11.42
N LEU H 361 21.85 -16.19 -11.21
CA LEU H 361 20.89 -17.00 -11.94
C LEU H 361 19.59 -17.07 -11.15
N GLN H 362 18.49 -16.64 -11.76
CA GLN H 362 17.18 -16.66 -11.12
C GLN H 362 16.20 -17.63 -11.75
N TYR H 363 16.29 -17.87 -13.06
CA TYR H 363 15.37 -18.77 -13.74
C TYR H 363 16.14 -19.72 -14.65
N SER H 364 15.42 -20.70 -15.19
CA SER H 364 16.01 -21.62 -16.17
C SER H 364 16.42 -20.89 -17.45
N GLY H 365 15.70 -19.83 -17.81
CA GLY H 365 16.12 -19.01 -18.93
C GLY H 365 17.50 -18.41 -18.73
N ASP H 366 17.81 -18.03 -17.49
CA ASP H 366 19.15 -17.53 -17.19
C ASP H 366 20.20 -18.62 -17.40
N ILE H 367 19.88 -19.86 -17.04
CA ILE H 367 20.81 -20.97 -17.27
C ILE H 367 21.05 -21.16 -18.76
N ALA H 368 19.98 -21.12 -19.56
CA ALA H 368 20.14 -21.25 -21.00
C ALA H 368 20.99 -20.11 -21.56
N LYS H 369 20.78 -18.89 -21.06
CA LYS H 369 21.57 -17.76 -21.53
C LYS H 369 23.04 -17.92 -21.14
N ALA H 370 23.31 -18.38 -19.91
CA ALA H 370 24.69 -18.56 -19.47
C ALA H 370 25.41 -19.61 -20.33
N LEU H 371 24.74 -20.73 -20.62
CA LEU H 371 25.35 -21.74 -21.47
C LEU H 371 25.54 -21.23 -22.91
N ALA H 372 24.59 -20.43 -23.40
CA ALA H 372 24.73 -19.87 -24.74
C ALA H 372 25.84 -18.84 -24.83
N ALA H 373 26.08 -18.09 -23.76
CA ALA H 373 27.20 -17.16 -23.74
C ALA H 373 28.56 -17.86 -23.78
N GLY H 374 28.60 -19.15 -23.46
CA GLY H 374 29.83 -19.90 -23.59
C GLY H 374 30.22 -20.75 -22.41
N ALA H 375 29.48 -20.65 -21.30
CA ALA H 375 29.76 -21.49 -20.15
C ALA H 375 29.39 -22.95 -20.44
N SER H 376 30.06 -23.87 -19.75
CA SER H 376 29.76 -25.29 -19.88
C SER H 376 28.82 -25.80 -18.81
N THR H 377 28.92 -25.31 -17.58
CA THR H 377 28.03 -25.67 -16.48
C THR H 377 27.62 -24.41 -15.75
N ALA H 378 26.61 -24.55 -14.89
CA ALA H 378 26.15 -23.48 -14.03
C ALA H 378 26.15 -23.91 -12.57
N MET H 379 26.56 -23.03 -11.68
CA MET H 379 26.50 -23.25 -10.24
C MET H 379 25.28 -22.51 -9.71
N LEU H 380 24.45 -23.20 -8.93
CA LEU H 380 23.10 -22.69 -8.67
C LEU H 380 23.00 -21.87 -7.38
N GLY H 381 23.22 -22.49 -6.22
CA GLY H 381 23.15 -21.71 -5.00
C GLY H 381 21.75 -21.50 -4.45
N SER H 382 21.29 -20.24 -4.47
CA SER H 382 20.06 -19.88 -3.77
C SER H 382 18.83 -20.64 -4.26
N LEU H 383 18.83 -21.09 -5.51
CA LEU H 383 17.69 -21.85 -6.01
C LEU H 383 17.49 -23.16 -5.25
N LEU H 384 18.54 -23.72 -4.67
CA LEU H 384 18.48 -24.99 -3.98
C LEU H 384 18.41 -24.86 -2.47
N ALA H 385 18.43 -23.63 -1.94
CA ALA H 385 18.71 -23.42 -0.52
C ALA H 385 17.65 -24.06 0.37
N GLY H 386 16.39 -23.97 -0.01
CA GLY H 386 15.31 -24.47 0.84
C GLY H 386 14.82 -25.88 0.56
N THR H 387 15.53 -26.66 -0.25
CA THR H 387 15.03 -27.98 -0.63
C THR H 387 15.21 -28.97 0.51
N ALA H 388 14.64 -30.16 0.34
CA ALA H 388 14.68 -31.18 1.38
C ALA H 388 16.09 -31.67 1.65
N GLU H 389 16.94 -31.74 0.62
CA GLU H 389 18.27 -32.27 0.78
C GLU H 389 19.28 -31.24 1.27
N SER H 390 18.91 -29.96 1.31
CA SER H 390 19.81 -28.93 1.78
C SER H 390 19.89 -28.94 3.31
N PRO H 391 20.96 -28.41 3.88
CA PRO H 391 21.08 -28.38 5.34
C PRO H 391 20.03 -27.49 5.98
N GLY H 392 19.69 -27.82 7.23
CA GLY H 392 18.61 -27.16 7.94
C GLY H 392 17.53 -28.12 8.39
N GLU H 393 16.72 -27.70 9.35
CA GLU H 393 15.67 -28.54 9.92
C GLU H 393 14.31 -28.05 9.46
N LEU H 394 13.45 -28.99 9.05
CA LEU H 394 12.10 -28.64 8.60
C LEU H 394 11.20 -28.40 9.80
N ILE H 395 10.50 -27.27 9.79
CA ILE H 395 9.56 -26.89 10.83
C ILE H 395 8.23 -26.51 10.18
N PHE H 396 7.18 -26.53 11.00
CA PHE H 396 5.83 -26.21 10.55
C PHE H 396 5.31 -25.00 11.35
N VAL H 397 5.14 -23.88 10.65
CA VAL H 397 4.71 -22.63 11.28
C VAL H 397 3.55 -22.07 10.48
N ASN H 398 2.46 -21.72 11.16
CA ASN H 398 1.34 -20.99 10.58
C ASN H 398 0.81 -21.65 9.30
N GLY H 399 0.64 -22.96 9.36
CA GLY H 399 0.07 -23.68 8.25
C GLY H 399 1.00 -23.90 7.07
N LYS H 400 2.29 -23.58 7.21
CA LYS H 400 3.24 -23.73 6.12
C LYS H 400 4.52 -24.38 6.63
N GLN H 401 5.32 -24.89 5.71
CA GLN H 401 6.58 -25.52 6.03
C GLN H 401 7.75 -24.57 5.75
N PHE H 402 8.73 -24.59 6.65
CA PHE H 402 9.90 -23.73 6.55
C PHE H 402 11.14 -24.53 6.91
N LYS H 403 12.29 -24.02 6.51
CA LYS H 403 13.58 -24.61 6.88
C LYS H 403 14.33 -23.62 7.77
N SER H 404 14.84 -24.12 8.90
CA SER H 404 15.46 -23.26 9.90
C SER H 404 16.88 -23.74 10.20
N TYR H 405 17.77 -22.78 10.43
CA TYR H 405 19.17 -23.02 10.73
C TYR H 405 19.49 -22.83 12.21
N ARG H 406 18.53 -23.14 13.08
CA ARG H 406 18.69 -22.95 14.52
C ARG H 406 19.88 -23.74 15.09
N ARG H 427 14.57 -25.10 26.66
CA ARG H 427 16.01 -25.30 26.65
C ARG H 427 16.48 -25.93 27.95
N TYR H 428 17.81 -25.95 28.15
CA TYR H 428 18.39 -26.58 29.32
C TYR H 428 17.85 -25.96 30.61
N PHE H 429 17.91 -24.64 30.71
CA PHE H 429 17.50 -23.97 31.95
C PHE H 429 16.05 -23.51 31.92
N GLN H 430 15.39 -23.59 30.77
CA GLN H 430 13.99 -23.18 30.63
C GLN H 430 13.10 -24.41 30.80
N ASP H 431 12.86 -24.77 32.05
CA ASP H 431 12.12 -25.98 32.39
C ASP H 431 10.63 -25.73 32.64
N ASP H 432 10.17 -24.49 32.53
CA ASP H 432 8.75 -24.18 32.72
C ASP H 432 7.91 -24.85 31.63
N VAL H 433 7.02 -25.76 32.05
CA VAL H 433 6.23 -26.53 31.10
C VAL H 433 5.18 -25.68 30.37
N LEU H 434 4.77 -24.56 30.94
CA LEU H 434 3.70 -23.75 30.33
C LEU H 434 4.19 -22.42 29.78
N SER H 435 5.50 -22.22 29.66
CA SER H 435 6.00 -20.96 29.15
C SER H 435 5.77 -20.85 27.63
N GLU H 436 5.69 -19.61 27.15
CA GLU H 436 5.30 -19.39 25.75
C GLU H 436 6.30 -20.00 24.77
N ASP H 437 7.57 -20.12 25.18
CA ASP H 437 8.58 -20.69 24.29
C ASP H 437 8.24 -22.13 23.91
N LYS H 438 7.58 -22.87 24.80
CA LYS H 438 7.16 -24.24 24.48
C LYS H 438 6.04 -24.28 23.44
N LEU H 439 5.35 -23.17 23.21
CA LEU H 439 4.21 -23.15 22.31
C LEU H 439 4.60 -22.94 20.85
N VAL H 440 5.81 -22.47 20.58
CA VAL H 440 6.24 -22.19 19.21
C VAL H 440 7.53 -22.95 18.93
N PRO H 441 7.74 -23.40 17.69
CA PRO H 441 8.96 -24.14 17.38
C PRO H 441 10.21 -23.28 17.52
N GLU H 442 11.31 -23.93 17.87
CA GLU H 442 12.60 -23.26 17.91
C GLU H 442 13.06 -22.94 16.48
N GLY H 443 13.83 -21.87 16.35
CA GLY H 443 14.27 -21.44 15.03
C GLY H 443 13.21 -20.69 14.25
N ILE H 444 12.15 -20.23 14.91
CA ILE H 444 11.04 -19.58 14.23
C ILE H 444 11.47 -18.30 13.53
N GLU H 445 12.63 -17.75 13.88
CA GLU H 445 13.13 -16.51 13.31
C GLU H 445 14.22 -16.81 12.30
N GLY H 446 14.17 -16.13 11.15
CA GLY H 446 15.13 -16.38 10.10
C GLY H 446 14.92 -17.66 9.32
N ARG H 447 13.73 -18.23 9.38
CA ARG H 447 13.45 -19.46 8.64
C ARG H 447 13.31 -19.18 7.15
N VAL H 448 13.60 -20.20 6.35
CA VAL H 448 13.62 -20.11 4.89
C VAL H 448 12.48 -20.96 4.35
N PRO H 449 11.76 -20.51 3.32
CA PRO H 449 10.65 -21.32 2.79
C PRO H 449 11.12 -22.68 2.32
N PHE H 450 10.28 -23.69 2.58
CA PHE H 450 10.58 -25.06 2.17
C PHE H 450 10.22 -25.25 0.71
N ARG H 451 11.17 -25.78 -0.08
CA ARG H 451 11.00 -25.89 -1.52
C ARG H 451 10.60 -27.28 -1.98
N GLY H 452 10.77 -28.30 -1.15
CA GLY H 452 10.43 -29.65 -1.53
C GLY H 452 11.65 -30.43 -1.99
N PRO H 453 11.42 -31.56 -2.65
CA PRO H 453 12.56 -32.38 -3.13
C PRO H 453 13.35 -31.70 -4.22
N LEU H 454 14.65 -32.00 -4.26
CA LEU H 454 15.57 -31.38 -5.20
C LEU H 454 15.31 -31.83 -6.64
N GLY H 455 14.87 -33.09 -6.81
CA GLY H 455 14.66 -33.62 -8.13
C GLY H 455 13.64 -32.83 -8.95
N THR H 456 12.58 -32.35 -8.30
CA THR H 456 11.59 -31.54 -9.00
C THR H 456 12.18 -30.23 -9.50
N VAL H 457 13.00 -29.57 -8.66
CA VAL H 457 13.65 -28.33 -9.07
C VAL H 457 14.55 -28.58 -10.27
N ILE H 458 15.38 -29.63 -10.19
CA ILE H 458 16.28 -29.94 -11.30
C ILE H 458 15.49 -30.27 -12.55
N HIS H 459 14.36 -30.98 -12.40
CA HIS H 459 13.53 -31.33 -13.54
C HIS H 459 12.96 -30.10 -14.22
N GLN H 460 12.48 -29.13 -13.44
CA GLN H 460 11.97 -27.89 -14.02
C GLN H 460 13.07 -27.15 -14.78
N LEU H 461 14.25 -27.03 -14.16
CA LEU H 461 15.35 -26.32 -14.80
C LEU H 461 15.77 -26.99 -16.11
N THR H 462 15.86 -28.32 -16.09
CA THR H 462 16.22 -29.07 -17.30
C THR H 462 15.15 -28.92 -18.38
N GLY H 463 13.88 -28.88 -18.00
CA GLY H 463 12.83 -28.62 -18.98
C GLY H 463 13.00 -27.27 -19.66
N GLY H 464 13.28 -26.24 -18.87
CA GLY H 464 13.56 -24.93 -19.47
C GLY H 464 14.73 -24.98 -20.44
N LEU H 465 15.83 -25.63 -20.03
CA LEU H 465 17.00 -25.70 -20.90
C LEU H 465 16.71 -26.44 -22.18
N ARG H 466 15.95 -27.54 -22.10
CA ARG H 466 15.62 -28.30 -23.31
C ARG H 466 14.72 -27.50 -24.24
N ALA H 467 13.80 -26.71 -23.68
CA ALA H 467 12.99 -25.85 -24.53
C ALA H 467 13.86 -24.81 -25.25
N ALA H 468 14.85 -24.26 -24.55
CA ALA H 468 15.76 -23.33 -25.21
C ALA H 468 16.52 -24.02 -26.34
N MET H 469 17.00 -25.24 -26.10
CA MET H 469 17.72 -25.97 -27.14
C MET H 469 16.83 -26.24 -28.34
N GLY H 470 15.55 -26.56 -28.09
CA GLY H 470 14.62 -26.76 -29.19
C GLY H 470 14.39 -25.49 -29.99
N TYR H 471 14.27 -24.35 -29.31
CA TYR H 471 14.07 -23.09 -30.02
C TYR H 471 15.30 -22.71 -30.86
N THR H 472 16.49 -22.96 -30.35
CA THR H 472 17.70 -22.55 -31.05
C THR H 472 18.24 -23.62 -31.99
N GLY H 473 17.62 -24.80 -32.02
CA GLY H 473 18.12 -25.88 -32.85
C GLY H 473 19.44 -26.44 -32.40
N SER H 474 19.65 -26.56 -31.09
CA SER H 474 20.89 -27.07 -30.53
C SER H 474 20.65 -28.52 -30.10
N ALA H 475 21.30 -29.45 -30.80
CA ALA H 475 21.23 -30.85 -30.41
C ALA H 475 22.09 -31.16 -29.20
N THR H 476 23.14 -30.37 -28.97
CA THR H 476 24.07 -30.57 -27.86
C THR H 476 24.34 -29.22 -27.18
N ILE H 477 24.96 -29.29 -26.01
CA ILE H 477 25.38 -28.06 -25.32
C ILE H 477 26.41 -27.31 -26.14
N GLU H 478 27.30 -28.02 -26.81
CA GLU H 478 28.31 -27.35 -27.63
C GLU H 478 27.68 -26.59 -28.79
N GLN H 479 26.56 -27.08 -29.33
CA GLN H 479 25.84 -26.32 -30.34
C GLN H 479 25.10 -25.14 -29.71
N LEU H 480 24.57 -25.31 -28.50
CA LEU H 480 23.93 -24.20 -27.80
C LEU H 480 24.92 -23.07 -27.54
N GLN H 481 26.19 -23.40 -27.34
CA GLN H 481 27.20 -22.38 -27.10
C GLN H 481 27.46 -21.52 -28.33
N GLN H 482 26.94 -21.88 -29.50
CA GLN H 482 27.08 -21.08 -30.71
C GLN H 482 25.85 -20.24 -31.02
N ALA H 483 24.83 -20.24 -30.16
CA ALA H 483 23.61 -19.50 -30.43
C ALA H 483 23.85 -17.98 -30.30
N GLN H 484 22.97 -17.22 -30.92
CA GLN H 484 23.05 -15.76 -30.96
C GLN H 484 22.08 -15.13 -29.97
N PHE H 485 22.42 -13.91 -29.54
CA PHE H 485 21.57 -13.10 -28.69
C PHE H 485 20.96 -11.94 -29.46
N VAL H 486 19.82 -11.47 -28.99
CA VAL H 486 19.28 -10.16 -29.31
C VAL H 486 19.26 -9.32 -28.04
N GLN H 487 19.79 -8.10 -28.12
CA GLN H 487 19.78 -7.19 -26.99
C GLN H 487 18.47 -6.39 -26.96
N ILE H 488 17.89 -6.25 -25.78
CA ILE H 488 16.61 -5.57 -25.62
C ILE H 488 16.82 -4.29 -24.82
N THR H 489 15.90 -3.34 -25.02
CA THR H 489 15.96 -2.06 -24.36
C THR H 489 15.25 -2.13 -22.99
N ALA H 490 15.13 -0.98 -22.33
CA ALA H 490 14.45 -0.93 -21.04
C ALA H 490 12.97 -1.27 -21.16
N ALA H 491 12.33 -0.82 -22.24
CA ALA H 491 10.89 -1.03 -22.41
C ALA H 491 10.53 -2.51 -22.49
N GLY H 492 11.49 -3.36 -22.87
CA GLY H 492 11.25 -4.79 -22.91
C GLY H 492 11.19 -5.45 -21.56
N LEU H 493 11.62 -4.77 -20.49
CA LEU H 493 11.53 -5.30 -19.14
C LEU H 493 10.38 -4.73 -18.33
N LYS H 494 9.56 -3.86 -18.92
CA LYS H 494 8.45 -3.25 -18.20
C LYS H 494 7.22 -4.14 -18.32
N GLU H 495 6.70 -4.59 -17.18
CA GLU H 495 5.58 -5.51 -17.14
C GLU H 495 4.30 -4.89 -17.68
PG ATP I . -43.12 -9.00 -38.64
O1G ATP I . -42.31 -7.84 -39.20
O2G ATP I . -43.27 -8.95 -37.14
O3G ATP I . -42.63 -10.35 -39.13
PB ATP I . -45.79 -7.73 -39.05
O1B ATP I . -45.82 -7.25 -37.65
O2B ATP I . -45.74 -6.75 -40.15
O3B ATP I . -44.61 -8.79 -39.22
PA ATP I . -48.62 -8.44 -39.23
O1A ATP I . -48.86 -7.17 -38.49
O2A ATP I . -49.31 -9.67 -38.78
O3A ATP I . -47.05 -8.70 -39.29
O5' ATP I . -48.96 -8.17 -40.75
C5' ATP I . -48.72 -9.18 -41.76
C4' ATP I . -49.55 -8.89 -42.99
O4' ATP I . -50.96 -9.07 -42.69
C3' ATP I . -49.43 -7.49 -43.56
O3' ATP I . -49.58 -7.49 -44.97
C2' ATP I . -50.59 -6.75 -42.88
O2' ATP I . -51.02 -5.62 -43.64
C1' ATP I . -51.65 -7.85 -42.84
N9 ATP I . -52.59 -7.72 -41.73
C8 ATP I . -52.30 -7.37 -40.44
N7 ATP I . -53.35 -7.37 -39.64
C5 ATP I . -54.39 -7.74 -40.47
C6 ATP I . -55.77 -7.93 -40.24
N6 ATP I . -56.34 -7.76 -39.04
N1 ATP I . -56.53 -8.30 -41.28
C2 ATP I . -55.96 -8.49 -42.47
N3 ATP I . -54.67 -8.33 -42.81
C4 ATP I . -53.94 -7.96 -41.76
PG GTP J . -44.32 -8.76 -32.94
O1G GTP J . -44.62 -10.18 -32.52
O2G GTP J . -44.23 -8.59 -34.44
O3G GTP J . -43.13 -8.18 -32.21
O3B GTP J . -45.55 -7.82 -32.47
PB GTP J . -46.66 -6.82 -33.08
O1B GTP J . -46.25 -6.46 -34.46
O2B GTP J . -47.99 -7.40 -32.84
O3A GTP J . -46.44 -5.57 -32.12
PA GTP J . -46.96 -4.05 -32.13
O1A GTP J . -45.82 -3.16 -32.40
O2A GTP J . -48.17 -3.98 -32.99
O5' GTP J . -47.41 -3.88 -30.61
C5' GTP J . -46.42 -3.83 -29.56
C4' GTP J . -47.11 -3.53 -28.26
O4' GTP J . -47.58 -2.17 -28.26
C3' GTP J . -48.32 -4.42 -27.95
O3' GTP J . -48.07 -5.29 -26.85
C2' GTP J . -49.45 -3.42 -27.60
O2' GTP J . -50.14 -3.78 -26.41
C1' GTP J . -48.71 -2.10 -27.42
N9 GTP J . -49.49 -0.92 -27.81
C8 GTP J . -49.83 0.15 -27.02
N7 GTP J . -50.51 1.07 -27.66
C5 GTP J . -50.64 0.57 -28.94
C6 GTP J . -51.27 1.11 -30.11
O6 GTP J . -51.88 2.18 -30.19
N1 GTP J . -51.15 0.28 -31.20
C2 GTP J . -50.50 -0.92 -31.21
N2 GTP J . -50.45 -1.57 -32.37
N3 GTP J . -49.91 -1.44 -30.13
C4 GTP J . -50.01 -0.65 -29.06
MG MG K . -43.50 -10.97 -35.81
MG MG L . -44.90 -7.24 -35.93
PG ATP M . -10.93 57.71 -1.16
O1G ATP M . -9.57 57.19 -1.57
O2G ATP M . -11.58 56.88 -0.07
O3G ATP M . -11.85 57.95 -2.34
PB ATP M . -10.60 59.79 0.99
O1B ATP M . -10.72 58.71 1.98
O2B ATP M . -9.46 60.72 1.08
O3B ATP M . -10.65 59.17 -0.48
PA ATP M . -12.58 61.78 1.88
O1A ATP M . -12.16 61.56 3.28
O2A ATP M . -14.02 61.93 1.57
O3A ATP M . -11.96 60.63 0.96
O5' ATP M . -11.79 63.06 1.34
C5' ATP M . -12.24 63.75 0.16
C4' ATP M . -11.80 65.19 0.22
O4' ATP M . -12.68 65.95 1.08
C3' ATP M . -10.38 65.43 0.73
O3' ATP M . -9.73 66.47 0.01
C2' ATP M . -10.60 65.81 2.19
O2' ATP M . -9.58 66.68 2.67
C1' ATP M . -11.94 66.55 2.13
N9 ATP M . -12.73 66.44 3.36
C8 ATP M . -12.99 65.30 4.07
N7 ATP M . -13.75 65.48 5.12
C5 ATP M . -14.01 66.85 5.10
C6 ATP M . -14.77 67.68 5.93
N6 ATP M . -15.44 67.25 7.01
N1 ATP M . -14.84 68.99 5.62
C2 ATP M . -14.18 69.43 4.55
N3 ATP M . -13.43 68.74 3.69
C4 ATP M . -13.39 67.44 4.02
PG GTP N . -13.10 54.10 2.74
O1G GTP N . -14.47 53.68 2.25
O2G GTP N . -12.40 55.05 1.78
O3G GTP N . -12.22 52.92 3.10
O3B GTP N . -13.26 54.94 4.11
PB GTP N . -12.48 56.03 4.99
O1B GTP N . -11.49 56.72 4.13
O2B GTP N . -13.48 56.84 5.74
O3A GTP N . -11.70 55.09 6.02
PA GTP N . -10.82 55.38 7.33
O1A GTP N . -9.51 54.73 7.17
O2A GTP N . -10.88 56.84 7.63
O5' GTP N . -11.64 54.59 8.45
C5' GTP N . -11.46 53.16 8.58
C4' GTP N . -12.04 52.67 9.88
O4' GTP N . -11.15 52.98 10.98
C3' GTP N . -13.42 53.23 10.25
O3' GTP N . -14.39 52.19 10.34
C2' GTP N . -13.20 53.91 11.61
O2' GTP N . -14.28 53.66 12.50
C1' GTP N . -11.94 53.21 12.12
N9 GTP N . -11.16 54.02 13.07
C8 GTP N . -10.97 53.74 14.40
N7 GTP N . -10.21 54.63 15.01
C5 GTP N . -9.88 55.53 14.02
C6 GTP N . -9.08 56.72 14.06
O6 GTP N . -8.51 57.19 15.04
N1 GTP N . -9.01 57.34 12.82
C2 GTP N . -9.62 56.89 11.68
N2 GTP N . -9.43 57.62 10.58
N3 GTP N . -10.37 55.79 11.63
C4 GTP N . -10.46 55.18 12.82
MG MG O . -13.61 55.84 -0.42
MG MG P . -11.48 56.95 1.99
PG ATP Q . 43.25 8.88 38.61
O1G ATP Q . 43.53 7.95 37.44
O2G ATP Q . 41.89 8.68 39.22
O3G ATP Q . 43.54 10.34 38.29
PB ATP Q . 44.45 7.26 40.81
O1B ATP Q . 43.17 6.51 40.86
O2B ATP Q . 45.70 6.51 40.57
O3B ATP Q . 44.32 8.43 39.73
PA ATP Q . 44.82 7.73 43.68
O1A ATP Q . 44.30 6.36 43.87
O2A ATP Q . 44.31 8.83 44.53
O3A ATP Q . 44.61 8.13 42.14
O5' ATP Q . 46.41 7.67 43.77
C5' ATP Q . 47.19 8.87 43.64
C4' ATP Q . 48.52 8.69 44.35
O4' ATP Q . 48.30 8.60 45.77
C3' ATP Q . 49.31 7.45 43.96
O3' ATP Q . 50.71 7.73 43.93
C2' ATP Q . 48.96 6.46 45.08
O2' ATP Q . 49.98 5.50 45.28
C1' ATP Q . 48.83 7.40 46.28
N9 ATP Q . 47.95 6.91 47.32
C8 ATP Q . 46.78 6.21 47.15
N7 ATP Q . 46.17 5.91 48.27
C5 ATP Q . 47.00 6.43 49.24
C6 ATP Q . 46.92 6.43 50.65
N6 ATP Q . 45.92 5.89 51.35
N1 ATP Q . 47.92 7.03 51.34
C2 ATP Q . 48.92 7.60 50.65
N3 ATP Q . 49.10 7.65 49.33
C4 ATP Q . 48.10 7.04 48.68
PG GTP R . 37.95 7.45 40.47
O1G GTP R . 37.10 8.67 40.76
O2G GTP R . 39.39 7.81 40.15
O3G GTP R . 37.35 6.54 39.42
O3B GTP R . 38.03 6.56 41.82
PB GTP R . 38.87 5.35 42.46
O1B GTP R . 40.23 5.36 41.90
O2B GTP R . 38.68 5.37 43.93
O3A GTP R . 38.08 4.10 41.86
PA GTP R . 38.24 2.53 42.12
O1A GTP R . 38.30 1.83 40.83
O2A GTP R . 39.32 2.33 43.11
O5' GTP R . 36.83 2.18 42.80
C5' GTP R . 35.62 2.25 42.02
C4' GTP R . 34.51 1.56 42.76
O4' GTP R . 34.84 0.17 42.94
C3' GTP R . 34.19 2.12 44.15
O3' GTP R . 32.88 2.66 44.20
C2' GTP R . 34.35 0.92 45.09
O2' GTP R . 33.30 0.87 46.07
C1' GTP R . 34.24 -0.26 44.14
N9 GTP R . 34.96 -1.46 44.61
C8 GTP R . 34.44 -2.67 44.96
N7 GTP R . 35.34 -3.54 45.34
C5 GTP R . 36.54 -2.86 45.23
C6 GTP R . 37.89 -3.28 45.49
O6 GTP R . 38.26 -4.37 45.90
N1 GTP R . 38.80 -2.27 45.22
C2 GTP R . 38.48 -1.02 44.77
N2 GTP R . 39.50 -0.18 44.55
N3 GTP R . 37.23 -0.61 44.53
C4 GTP R . 36.32 -1.58 44.78
MG MG S . 40.01 10.41 39.76
MG MG T . 41.24 6.19 39.99
PG ATP U . 10.94 -57.58 0.96
O1G ATP U . 10.82 -56.98 -0.44
O2G ATP U . 9.96 -56.96 1.94
O3G ATP U . 12.36 -57.59 1.47
PB ATP U . 9.11 -59.94 0.79
O1B ATP U . 8.02 -59.05 1.23
O2B ATP U . 8.98 -60.65 -0.51
O3B ATP U . 10.48 -59.12 0.80
PA ATP U . 8.57 -62.31 2.38
O1A ATP U . 7.15 -62.11 2.04
O2A ATP U . 8.93 -62.66 3.77
O3A ATP U . 9.40 -61.02 1.93
O5' ATP U . 9.15 -63.40 1.38
C5' ATP U . 10.50 -63.89 1.54
C4' ATP U . 10.62 -65.29 0.99
O4' ATP U . 10.04 -66.23 1.92
C3' ATP U . 9.94 -65.53 -0.36
O3' ATP U . 10.73 -66.37 -1.20
C2' ATP U . 8.61 -66.19 0.03
O2' ATP U . 8.15 -67.08 -0.98
C1' ATP U . 9.01 -66.96 1.29
N9 ATP U . 7.92 -67.12 2.25
C8 ATP U . 7.11 -66.13 2.73
N7 ATP U . 6.21 -66.54 3.60
C5 ATP U . 6.47 -67.91 3.70
C6 ATP U . 5.87 -68.92 4.46
N6 ATP U . 4.85 -68.72 5.31
N1 ATP U . 6.36 -70.17 4.34
C2 ATP U . 7.38 -70.38 3.50
N3 ATP U . 8.02 -69.49 2.73
C4 ATP U . 7.51 -68.27 2.87
PG GTP V . 6.86 -55.26 4.42
O1G GTP V . 7.41 -54.82 5.76
O2G GTP V . 7.82 -56.15 3.65
O3G GTP V . 6.36 -54.09 3.57
O3B GTP V . 5.54 -56.16 4.66
PB GTP V . 4.68 -57.31 3.96
O1B GTP V . 5.26 -57.61 2.64
O2B GTP V . 4.46 -58.41 4.93
O3A GTP V . 3.29 -56.55 3.75
PA GTP V . 2.03 -56.84 2.80
O1A GTP V . 2.07 -55.89 1.66
O2A GTP V . 1.98 -58.29 2.52
O5' GTP V . 0.81 -56.43 3.74
C5' GTP V . 0.60 -55.05 4.06
C4' GTP V . -0.69 -54.85 4.81
O4' GTP V . -1.81 -55.24 3.98
C3' GTP V . -0.83 -55.60 6.14
O3' GTP V . -1.03 -54.70 7.22
C2' GTP V . -2.06 -56.50 5.93
O2' GTP V . -2.87 -56.57 7.10
C1' GTP V . -2.80 -55.77 4.82
N9 GTP V . -3.67 -56.65 4.03
C8 GTP V . -5.04 -56.62 3.97
N7 GTP V . -5.54 -57.57 3.21
C5 GTP V . -4.44 -58.25 2.73
C6 GTP V . -4.34 -59.37 1.87
O6 GTP V . -5.26 -59.99 1.34
N1 GTP V . -3.02 -59.75 1.65
C2 GTP V . -1.93 -59.13 2.19
N2 GTP V . -0.74 -59.62 1.85
N3 GTP V . -2.01 -58.08 3.00
C4 GTP V . -3.28 -57.70 3.23
MG MG W . 9.97 -56.39 4.28
MG MG X . 7.29 -57.54 2.21
PG ATP Y . -42.11 -13.95 -37.95
O1G ATP Y . -42.31 -15.09 -36.98
O2G ATP Y . -40.67 -13.52 -38.08
O3G ATP Y . -43.06 -12.79 -37.69
PB ATP Y . -42.25 -15.88 -40.25
O1B ATP Y . -40.81 -16.03 -40.47
O2B ATP Y . -43.01 -17.00 -39.63
O3B ATP Y . -42.53 -14.55 -39.40
PA ATP Y . -43.00 -16.19 -43.05
O1A ATP Y . -42.00 -17.29 -43.06
O2A ATP Y . -42.95 -15.16 -44.11
O3A ATP Y . -42.96 -15.48 -41.63
O5' ATP Y . -44.44 -16.88 -43.02
C5' ATP Y . -45.64 -16.09 -43.16
C4' ATP Y . -46.65 -16.89 -43.96
O4' ATP Y . -46.24 -16.96 -45.35
C3' ATP Y . -46.84 -18.34 -43.50
O3' ATP Y . -48.23 -18.69 -43.51
C2' ATP Y . -46.04 -19.13 -44.52
O2' ATP Y . -46.53 -20.46 -44.68
C1' ATP Y . -46.28 -18.30 -45.78
N9 ATP Y . -45.28 -18.49 -46.82
C8 ATP Y . -43.92 -18.52 -46.65
N7 ATP Y . -43.24 -18.72 -47.76
C5 ATP Y . -44.23 -18.81 -48.72
C6 ATP Y . -44.17 -19.03 -50.11
N6 ATP Y . -43.04 -19.19 -50.80
N1 ATP Y . -45.35 -19.09 -50.78
C2 ATP Y . -46.49 -18.94 -50.10
N3 ATP Y . -46.66 -18.73 -48.79
C4 ATP Y . -45.49 -18.68 -48.16
PG GTP Z . -36.68 -13.09 -39.90
O1G GTP Z . -36.28 -11.68 -40.30
O2G GTP Z . -38.18 -13.25 -39.80
O3G GTP Z . -35.95 -13.58 -38.68
O3B GTP Z . -36.20 -14.11 -41.08
PB GTP Z . -36.51 -15.59 -41.59
O1B GTP Z . -37.51 -16.21 -40.70
O2B GTP Z . -36.75 -15.56 -43.05
O3A GTP Z . -35.10 -16.29 -41.33
PA GTP Z . -34.67 -17.84 -41.32
O1A GTP Z . -34.57 -18.28 -39.91
O2A GTP Z . -35.54 -18.58 -42.26
O5' GTP Z . -33.20 -17.78 -41.93
C5' GTP Z . -32.14 -17.13 -41.20
C4' GTP Z . -30.84 -17.27 -41.95
O4' GTP Z . -30.50 -18.68 -42.06
C3' GTP Z . -30.83 -16.71 -43.38
O3' GTP Z . -29.81 -15.73 -43.53
C2' GTP Z . -30.56 -17.93 -44.26
O2' GTP Z . -29.69 -17.61 -45.35
C1' GTP Z . -29.88 -18.89 -43.30
N9 GTP Z . -30.02 -20.32 -43.65
C8 GTP Z . -29.00 -21.23 -43.80
N7 GTP Z . -29.42 -22.44 -44.05
C5 GTP Z . -30.79 -22.33 -44.07
C6 GTP Z . -31.82 -23.30 -44.30
O6 GTP Z . -31.67 -24.50 -44.53
N1 GTP Z . -33.08 -22.76 -44.22
C2 GTP Z . -33.37 -21.45 -43.98
N2 GTP Z . -34.65 -21.10 -43.96
N3 GTP Z . -32.44 -20.52 -43.77
C4 GTP Z . -31.18 -21.02 -43.83
MG MG AA . -39.70 -11.59 -39.62
MG MG BA . -39.22 -15.20 -39.63
PG ATP CA . -14.93 56.48 -4.84
O1G ATP CA . -16.30 55.88 -4.59
O2G ATP CA . -14.11 55.70 -5.83
O3G ATP CA . -14.18 56.77 -3.56
PB ATP CA . -15.66 58.45 -7.00
O1B ATP CA . -15.15 57.51 -8.03
O2B ATP CA . -17.10 58.78 -6.97
O3B ATP CA . -15.22 57.91 -5.55
PA ATP CA . -14.66 60.96 -8.14
O1A ATP CA . -14.84 60.39 -9.49
O2A ATP CA . -13.45 61.76 -7.86
O3A ATP CA . -14.80 59.80 -7.06
O5' ATP CA . -15.96 61.84 -7.82
C5' ATP CA . -16.06 62.56 -6.58
C4' ATP CA . -17.14 63.61 -6.69
O4' ATP CA . -16.73 64.63 -7.62
C3' ATP CA . -18.50 63.12 -7.19
O3' ATP CA . -19.58 63.79 -6.54
C2' ATP CA . -18.46 63.41 -8.69
O2' ATP CA . -19.76 63.68 -9.21
C1' ATP CA . -17.59 64.67 -8.75
N9 ATP CA . -16.76 64.75 -9.95
C8 ATP CA . -16.04 63.73 -10.52
N7 ATP CA . -15.37 64.09 -11.59
C5 ATP CA . -15.66 65.44 -11.72
C6 ATP CA . -15.26 66.41 -12.66
N6 ATP CA . -14.46 66.15 -13.70
N1 ATP CA . -15.72 67.66 -12.50
C2 ATP CA . -16.54 67.93 -11.48
N3 ATP CA . -17.00 67.09 -10.54
C4 ATP CA . -16.52 65.86 -10.72
PG GTP DA . -11.11 54.00 -8.40
O1G GTP DA . -9.66 53.91 -7.99
O2G GTP DA . -11.92 54.88 -7.47
O3G GTP DA . -11.75 52.65 -8.63
O3B GTP DA . -11.19 54.74 -9.86
PB GTP DA . -12.27 55.34 -10.88
O1B GTP DA . -13.55 55.48 -10.17
O2B GTP DA . -11.68 56.52 -11.55
O3A GTP DA . -12.38 54.14 -11.92
PA GTP DA . -13.32 53.84 -13.18
O1A GTP DA . -14.16 52.67 -12.88
O2A GTP DA . -13.98 55.10 -13.60
O5' GTP DA . -12.26 53.43 -14.29
C5' GTP DA . -11.49 52.22 -14.11
C4' GTP DA . -10.85 51.80 -15.41
O4' GTP DA . -11.87 51.57 -16.40
C3' GTP DA . -9.85 52.78 -16.01
O3' GTP DA . -8.56 52.20 -16.12
C2' GTP DA . -10.44 53.11 -17.40
O2' GTP DA . -9.43 53.18 -18.40
C1' GTP DA . -11.36 51.91 -17.66
N9 GTP DA . -12.48 52.22 -18.55
C8 GTP DA . -12.75 51.68 -19.78
N7 GTP DA . -13.84 52.15 -20.32
C5 GTP DA . -14.33 53.05 -19.41
C6 GTP DA . -15.49 53.87 -19.43
O6 GTP DA . -16.33 53.95 -20.32
N1 GTP DA . -15.62 54.64 -18.29
C2 GTP DA . -14.74 54.63 -17.23
N2 GTP DA . -15.02 55.43 -16.20
N3 GTP DA . -13.65 53.87 -17.20
C4 GTP DA . -13.50 53.11 -18.30
MG MG EA . -11.28 55.66 -4.79
MG MG FA . -13.78 56.06 -7.91
PG ATP GA . 41.90 14.34 38.47
O1G ATP GA . 40.64 15.13 38.75
O2G ATP GA . 42.17 14.16 36.99
O3G ATP GA . 41.96 13.03 39.23
PB ATP GA . 43.88 16.60 38.64
O1B ATP GA . 43.48 17.02 37.28
O2B ATP GA . 43.77 17.57 39.75
O3B ATP GA . 43.10 15.26 39.03
PA ATP GA . 46.80 16.66 38.98
O1A ATP GA . 47.07 17.84 38.13
O2A ATP GA . 47.80 15.56 39.00
O3A ATP GA . 45.38 16.04 38.59
O5' ATP GA . 46.52 17.16 40.46
C5' ATP GA . 46.78 16.31 41.58
C4' ATP GA . 47.44 17.11 42.68
O4' ATP GA . 48.77 17.49 42.26
C3' ATP GA . 46.73 18.40 43.07
O3' ATP GA . 46.76 18.59 44.49
C2' ATP GA . 47.53 19.47 42.33
O2' ATP GA . 47.48 20.73 43.02
C1' ATP GA . 48.93 18.89 42.36
N9 ATP GA . 49.77 19.32 41.24
C8 ATP GA . 49.39 19.42 39.93
N7 ATP GA . 50.36 19.79 39.12
C5 ATP GA . 51.46 19.94 39.97
C6 ATP GA . 52.79 20.30 39.73
N6 ATP GA . 53.28 20.60 38.53
N1 ATP GA . 53.62 20.36 40.80
C2 ATP GA . 53.14 20.06 42.01
N3 ATP GA . 51.89 19.70 42.35
C4 ATP GA . 51.10 19.65 41.28
PG GTP HA . 42.77 14.15 32.81
O1G GTP HA . 43.29 12.86 32.22
O2G GTP HA . 43.00 14.24 34.30
O3G GTP HA . 41.33 14.43 32.43
O3B GTP HA . 43.61 15.39 32.17
PB GTP HA . 44.25 16.78 32.61
O1B GTP HA . 43.64 17.20 33.89
O2B GTP HA . 45.73 16.67 32.52
O3A GTP HA . 43.72 17.73 31.43
PA GTP HA . 43.69 19.32 31.26
O1A GTP HA . 42.30 19.79 31.45
O2A GTP HA . 44.78 19.91 32.07
O5' GTP HA . 44.06 19.50 29.70
C5' GTP HA . 43.26 18.84 28.70
C4' GTP HA . 43.69 19.28 27.33
O4' GTP HA . 43.43 20.69 27.17
C3' GTP HA . 45.15 19.03 26.95
O3' GTP HA . 45.27 18.26 25.77
C2' GTP HA . 45.72 20.45 26.74
O2' GTP HA . 46.66 20.49 25.66
C1' GTP HA . 44.47 21.24 26.39
N9 GTP HA . 44.56 22.68 26.69
C8 GTP HA . 44.33 23.71 25.83
N7 GTP HA . 44.46 24.90 26.40
C5 GTP HA . 44.79 24.62 27.71
C6 GTP HA . 45.04 25.48 28.81
O6 GTP HA . 45.02 26.71 28.82
N1 GTP HA . 45.34 24.78 29.97
C2 GTP HA . 45.40 23.41 30.07
N2 GTP HA . 45.69 22.91 31.27
N3 GTP HA . 45.16 22.60 29.04
C4 GTP HA . 44.86 23.26 27.91
MG MG IA . 43.06 12.45 35.90
MG MG JA . 42.96 15.71 35.75
PG ATP KA . 14.67 -56.47 4.72
O1G ATP KA . 14.73 -55.57 5.95
O2G ATP KA . 15.24 -55.81 3.49
O3G ATP KA . 13.30 -57.07 4.50
PB ATP KA . 17.24 -57.97 5.13
O1B ATP KA . 17.95 -56.81 4.57
O2B ATP KA . 17.59 -58.45 6.48
O3B ATP KA . 15.67 -57.69 5.06
PA ATP KA . 18.52 -60.25 3.79
O1A ATP KA . 19.81 -59.59 4.04
O2A ATP KA . 18.27 -60.86 2.47
O3A ATP KA . 17.35 -59.19 4.10
O5' ATP KA . 18.29 -61.31 4.97
C5' ATP KA . 17.52 -62.51 4.75
C4' ATP KA . 18.05 -63.63 5.62
O4' ATP KA . 19.13 -64.31 4.95
C3' ATP KA . 18.60 -63.21 6.99
O3' ATP KA . 18.30 -64.17 7.99
C2' ATP KA . 20.11 -63.12 6.75
O2' ATP KA . 20.84 -63.41 7.93
C1' ATP KA . 20.32 -64.21 5.70
N9 ATP KA . 21.41 -63.92 4.77
C8 ATP KA . 21.84 -62.68 4.36
N7 ATP KA . 22.83 -62.72 3.50
C5 ATP KA . 23.08 -64.07 3.33
C6 ATP KA . 24.02 -64.78 2.55
N6 ATP KA . 24.92 -64.20 1.76
N1 ATP KA . 24.00 -66.13 2.62
C2 ATP KA . 23.10 -66.72 3.41
N3 ATP KA . 22.16 -66.15 4.20
C4 ATP KA . 22.21 -64.82 4.11
PG GTP LA . 17.32 -53.01 1.10
O1G GTP LA . 16.55 -53.07 -0.19
O2G GTP LA . 16.81 -53.99 2.14
O3G GTP LA . 17.44 -51.60 1.65
O3B GTP LA . 18.85 -53.48 0.82
PB GTP LA . 20.15 -54.00 1.59
O1B GTP LA . 19.75 -54.54 2.91
O2B GTP LA . 20.94 -54.86 0.67
O3A GTP LA . 20.95 -52.63 1.81
PA GTP LA . 22.13 -52.21 2.79
O1A GTP LA . 21.60 -51.27 3.79
O2A GTP LA . 22.84 -53.43 3.24
O5' GTP LA . 23.09 -51.39 1.81
C5' GTP LA . 22.73 -50.06 1.39
C4' GTP LA . 23.84 -49.44 0.58
O4' GTP LA . 25.00 -49.23 1.42
C3' GTP LA . 24.31 -50.24 -0.64
O3' GTP LA . 24.17 -49.48 -1.83
C2' GTP LA . 25.78 -50.53 -0.34
O2' GTP LA . 26.58 -50.46 -1.52
C1' GTP LA . 26.14 -49.39 0.61
N9 GTP LA . 27.29 -49.68 1.48
C8 GTP LA . 28.48 -49.02 1.50
N7 GTP LA . 29.34 -49.52 2.36
C5 GTP LA . 28.67 -50.60 2.93
C6 GTP LA . 29.07 -51.53 3.92
O6 GTP LA . 30.15 -51.59 4.50
N1 GTP LA . 28.08 -52.46 4.20
C2 GTP LA . 26.84 -52.48 3.61
N2 GTP LA . 26.00 -53.44 4.02
N3 GTP LA . 26.45 -51.61 2.69
C4 GTP LA . 27.40 -50.70 2.39
MG MG MA . 14.76 -55.31 1.63
MG MG NA . 17.73 -54.92 3.79
#